data_2FV4
#
_entry.id   2FV4
#
loop_
_entity.id
_entity.type
_entity.pdbx_description
1 polymer 'Hypothetical 25.2 kDa protein in AFG3-SEB2 intergenic region'
2 polymer 'Hypothetical 24.6 kDa protein in ILV2-ADE17 intergenic region'
#
loop_
_entity_poly.entity_id
_entity_poly.type
_entity_poly.pdbx_seq_one_letter_code
_entity_poly.pdbx_strand_id
1 'polypeptide(L)'
;GSHMAAQSGNDAAEVALYERLLQLRVLPGASDVHDVRFVFGDDSRCWIEVAMHGDHVIGNSHPALDPKSRATLEHVLTVQ
GDLAAFLVVARDMLLASL
;
A
2 'polypeptide(L)' MAKVIEPELEEQSAVTPEANENILKLKLYRSLGVILDLENDQVLINRKNDGNIDILPLDNNLSDFYKTKYIWERLGK B
#
# COMPACT_ATOMS: atom_id res chain seq x y z
N ASN A 10 -8.32 -18.47 -7.76
CA ASN A 10 -8.24 -17.90 -9.14
C ASN A 10 -7.66 -16.49 -9.08
N ASP A 11 -7.29 -15.94 -10.20
CA ASP A 11 -6.70 -14.57 -10.20
C ASP A 11 -7.60 -13.61 -9.40
N ALA A 12 -8.89 -13.73 -9.56
CA ALA A 12 -9.81 -12.82 -8.82
C ALA A 12 -9.77 -13.11 -7.32
N ALA A 13 -9.51 -14.34 -6.96
CA ALA A 13 -9.46 -14.69 -5.50
C ALA A 13 -8.23 -14.02 -4.86
N GLU A 14 -7.08 -14.11 -5.47
CA GLU A 14 -5.88 -13.47 -4.89
C GLU A 14 -6.09 -11.95 -4.89
N VAL A 15 -6.59 -11.43 -5.98
CA VAL A 15 -6.83 -9.96 -6.07
C VAL A 15 -7.79 -9.53 -4.95
N ALA A 16 -8.68 -10.39 -4.55
CA ALA A 16 -9.62 -10.01 -3.46
C ALA A 16 -8.85 -9.94 -2.14
N LEU A 17 -8.04 -10.91 -1.87
CA LEU A 17 -7.23 -10.88 -0.61
C LEU A 17 -6.23 -9.73 -0.69
N TYR A 18 -5.76 -9.43 -1.87
CA TYR A 18 -4.78 -8.32 -2.04
C TYR A 18 -5.43 -6.99 -1.63
N GLU A 19 -6.58 -6.69 -2.19
CA GLU A 19 -7.24 -5.40 -1.84
C GLU A 19 -7.91 -5.46 -0.47
N ARG A 20 -8.62 -6.51 -0.21
CA ARG A 20 -9.32 -6.64 1.10
C ARG A 20 -8.36 -6.39 2.26
N LEU A 21 -7.16 -6.93 2.20
CA LEU A 21 -6.22 -6.73 3.34
C LEU A 21 -5.30 -5.50 3.13
N LEU A 22 -4.99 -5.14 1.92
CA LEU A 22 -4.09 -3.95 1.73
C LEU A 22 -4.88 -2.66 1.88
N GLN A 23 -6.19 -2.73 1.81
CA GLN A 23 -6.99 -1.49 1.95
C GLN A 23 -6.44 -0.45 0.99
N LEU A 24 -5.87 -0.90 -0.09
CA LEU A 24 -5.30 0.03 -1.10
C LEU A 24 -5.65 -0.49 -2.49
N ARG A 25 -6.20 0.37 -3.32
CA ARG A 25 -6.59 -0.07 -4.69
C ARG A 25 -5.99 0.87 -5.73
N VAL A 26 -5.63 0.35 -6.86
CA VAL A 26 -5.07 1.21 -7.94
C VAL A 26 -6.21 1.57 -8.89
N LEU A 27 -6.53 2.83 -8.95
CA LEU A 27 -7.64 3.29 -9.83
C LEU A 27 -7.06 4.23 -10.92
N PRO A 28 -6.74 3.72 -12.10
CA PRO A 28 -6.16 4.59 -13.16
C PRO A 28 -7.16 5.65 -13.63
N GLY A 29 -6.71 6.84 -13.85
CA GLY A 29 -7.64 7.92 -14.31
C GLY A 29 -7.79 7.85 -15.83
N ALA A 30 -9.00 7.77 -16.31
CA ALA A 30 -9.22 7.71 -17.79
C ALA A 30 -9.66 9.08 -18.31
N SER A 31 -9.12 9.50 -19.41
CA SER A 31 -9.51 10.83 -19.97
C SER A 31 -8.66 11.13 -21.21
N ASP A 32 -7.41 11.42 -21.02
CA ASP A 32 -6.52 11.71 -22.18
C ASP A 32 -5.06 11.65 -21.72
N VAL A 33 -4.84 11.58 -20.44
CA VAL A 33 -3.46 11.52 -19.89
C VAL A 33 -3.36 10.35 -18.90
N HIS A 34 -2.27 9.64 -18.91
CA HIS A 34 -2.13 8.49 -17.97
C HIS A 34 -2.07 9.02 -16.54
N ASP A 35 -2.86 8.46 -15.66
CA ASP A 35 -2.84 8.94 -14.25
C ASP A 35 -3.15 7.78 -13.30
N VAL A 36 -2.55 7.77 -12.14
CA VAL A 36 -2.79 6.67 -11.16
C VAL A 36 -3.38 7.26 -9.87
N ARG A 37 -4.54 6.79 -9.48
CA ARG A 37 -5.18 7.31 -8.24
C ARG A 37 -5.12 6.24 -7.14
N PHE A 38 -4.32 6.45 -6.13
CA PHE A 38 -4.26 5.45 -5.02
C PHE A 38 -5.46 5.67 -4.10
N VAL A 39 -6.26 4.66 -3.88
CA VAL A 39 -7.46 4.84 -3.00
C VAL A 39 -7.37 3.97 -1.74
N PHE A 40 -7.49 4.57 -0.58
CA PHE A 40 -7.43 3.76 0.68
C PHE A 40 -8.86 3.38 1.11
N GLY A 41 -9.18 2.11 1.18
CA GLY A 41 -10.57 1.71 1.57
C GLY A 41 -10.80 1.98 3.07
N ASP A 42 -11.28 3.15 3.47
CA ASP A 42 -11.49 3.39 4.92
C ASP A 42 -12.62 4.40 5.16
N ASP A 43 -13.84 3.93 5.28
CA ASP A 43 -15.04 4.81 5.52
C ASP A 43 -14.86 6.23 4.97
N SER A 44 -14.10 7.09 5.63
CA SER A 44 -13.94 8.47 5.09
C SER A 44 -13.52 8.42 3.62
N ARG A 45 -13.08 7.27 3.15
CA ARG A 45 -12.65 7.18 1.73
C ARG A 45 -11.56 8.20 1.49
N CYS A 46 -10.32 7.76 1.44
CA CYS A 46 -9.21 8.72 1.21
C CYS A 46 -8.41 8.31 -0.02
N TRP A 47 -7.91 9.26 -0.77
CA TRP A 47 -7.11 8.89 -1.97
C TRP A 47 -6.16 10.02 -2.37
N ILE A 48 -5.10 9.67 -3.05
CA ILE A 48 -4.12 10.69 -3.52
C ILE A 48 -3.76 10.41 -4.99
N GLU A 49 -3.62 11.44 -5.78
CA GLU A 49 -3.30 11.24 -7.23
C GLU A 49 -1.81 11.44 -7.48
N VAL A 50 -1.14 10.46 -8.03
CA VAL A 50 0.32 10.59 -8.32
C VAL A 50 0.81 9.34 -9.03
N ALA A 51 1.89 9.43 -9.76
CA ALA A 51 2.41 8.24 -10.47
C ALA A 51 3.93 8.34 -10.61
N MET A 52 4.60 7.23 -10.78
CA MET A 52 6.08 7.26 -10.94
C MET A 52 6.43 7.43 -12.41
N HIS A 53 5.45 7.58 -13.25
CA HIS A 53 5.73 7.74 -14.71
C HIS A 53 6.01 9.22 -15.00
N GLY A 54 5.05 9.92 -15.56
CA GLY A 54 5.25 11.36 -15.88
C GLY A 54 4.69 12.22 -14.74
N ASP A 55 4.71 13.52 -14.91
CA ASP A 55 4.18 14.40 -13.84
C ASP A 55 3.56 15.64 -14.48
N HIS A 56 2.36 16.00 -14.06
CA HIS A 56 1.70 17.20 -14.64
C HIS A 56 0.92 17.92 -13.54
N VAL A 57 0.07 18.84 -13.90
CA VAL A 57 -0.72 19.58 -12.87
C VAL A 57 -1.52 18.59 -12.04
N ILE A 58 -1.50 17.33 -12.41
CA ILE A 58 -2.26 16.30 -11.65
C ILE A 58 -1.88 16.38 -10.17
N GLY A 59 -2.53 17.23 -9.43
CA GLY A 59 -2.23 17.36 -7.97
C GLY A 59 -3.52 17.32 -7.17
N ASN A 60 -3.96 16.15 -6.79
CA ASN A 60 -5.23 16.03 -6.00
C ASN A 60 -4.94 15.27 -4.70
N SER A 61 -5.45 15.76 -3.59
CA SER A 61 -5.19 15.09 -2.29
C SER A 61 -6.50 15.02 -1.50
N HIS A 62 -6.83 13.85 -0.99
CA HIS A 62 -8.08 13.71 -0.20
C HIS A 62 -7.79 12.85 1.05
N PRO A 63 -7.15 13.44 2.05
CA PRO A 63 -6.81 12.72 3.30
C PRO A 63 -7.99 12.72 4.29
N ALA A 64 -7.98 13.59 5.27
CA ALA A 64 -9.09 13.64 6.27
C ALA A 64 -8.60 14.38 7.52
N LEU A 65 -7.71 15.31 7.35
CA LEU A 65 -7.20 16.08 8.52
C LEU A 65 -6.64 17.42 8.05
N ASP A 66 -5.45 17.44 7.49
CA ASP A 66 -4.87 18.72 7.02
C ASP A 66 -3.90 18.46 5.85
N PRO A 67 -3.55 19.46 5.08
CA PRO A 67 -2.62 19.27 3.94
C PRO A 67 -1.25 18.72 4.38
N LYS A 68 -0.90 18.90 5.63
CA LYS A 68 0.41 18.38 6.12
C LYS A 68 0.60 16.95 5.65
N SER A 69 -0.46 16.17 5.62
CA SER A 69 -0.31 14.76 5.15
C SER A 69 0.19 14.76 3.71
N ARG A 70 -0.50 15.42 2.82
CA ARG A 70 -0.04 15.44 1.41
C ARG A 70 1.37 16.03 1.36
N ALA A 71 1.68 16.92 2.25
CA ALA A 71 3.04 17.53 2.25
C ALA A 71 4.09 16.51 2.72
N THR A 72 4.05 16.15 3.97
CA THR A 72 5.06 15.17 4.49
C THR A 72 5.07 13.91 3.62
N LEU A 73 3.95 13.50 3.13
CA LEU A 73 3.91 12.28 2.27
C LEU A 73 4.73 12.53 0.99
N GLU A 74 4.54 13.66 0.38
CA GLU A 74 5.30 13.96 -0.87
C GLU A 74 6.80 14.10 -0.53
N HIS A 75 7.13 14.99 0.37
CA HIS A 75 8.56 15.17 0.73
C HIS A 75 9.14 13.82 1.14
N VAL A 76 8.36 13.00 1.77
CA VAL A 76 8.86 11.67 2.21
C VAL A 76 9.32 10.83 1.02
N LEU A 77 8.49 10.68 0.03
CA LEU A 77 8.89 9.84 -1.14
C LEU A 77 10.10 10.42 -1.87
N THR A 78 10.13 11.70 -2.10
CA THR A 78 11.29 12.28 -2.84
C THR A 78 12.53 12.36 -1.94
N VAL A 79 12.33 12.44 -0.65
CA VAL A 79 13.49 12.55 0.27
C VAL A 79 14.02 11.17 0.73
N GLN A 80 13.17 10.20 0.98
CA GLN A 80 13.68 8.89 1.47
C GLN A 80 14.10 7.98 0.32
N GLY A 81 13.44 8.04 -0.79
CA GLY A 81 13.81 7.15 -1.92
C GLY A 81 13.48 5.70 -1.55
N ASP A 82 12.73 5.52 -0.50
CA ASP A 82 12.33 4.15 -0.07
C ASP A 82 10.81 4.04 -0.16
N LEU A 83 10.32 3.71 -1.31
CA LEU A 83 8.86 3.63 -1.50
C LEU A 83 8.22 2.84 -0.35
N ALA A 84 9.01 2.17 0.42
CA ALA A 84 8.42 1.40 1.57
C ALA A 84 8.04 2.37 2.67
N ALA A 85 8.90 3.28 3.00
CA ALA A 85 8.56 4.25 4.08
C ALA A 85 7.38 5.11 3.64
N PHE A 86 7.08 5.15 2.37
CA PHE A 86 5.91 5.96 1.93
C PHE A 86 4.60 5.18 2.18
N LEU A 87 4.33 4.07 1.52
CA LEU A 87 3.06 3.34 1.78
C LEU A 87 2.97 2.99 3.27
N VAL A 88 4.08 2.74 3.92
CA VAL A 88 4.02 2.38 5.37
C VAL A 88 3.56 3.63 6.17
N VAL A 89 4.14 4.76 5.91
CA VAL A 89 3.74 6.00 6.64
C VAL A 89 2.34 6.45 6.15
N ALA A 90 2.00 6.17 4.91
CA ALA A 90 0.66 6.56 4.40
C ALA A 90 -0.41 5.83 5.21
N ARG A 91 -0.13 4.58 5.52
CA ARG A 91 -1.09 3.79 6.33
C ARG A 91 -1.20 4.40 7.72
N ASP A 92 -0.09 4.57 8.39
CA ASP A 92 -0.14 5.17 9.76
C ASP A 92 -0.78 6.57 9.69
N MET A 93 -0.58 7.27 8.62
CA MET A 93 -1.17 8.64 8.50
C MET A 93 -2.68 8.54 8.25
N LEU A 94 -3.10 7.61 7.43
CA LEU A 94 -4.56 7.48 7.17
C LEU A 94 -5.27 7.14 8.48
N LEU A 95 -4.60 6.44 9.36
CA LEU A 95 -5.21 6.07 10.66
C LEU A 95 -5.32 7.32 11.54
N ALA A 96 -4.26 8.07 11.64
CA ALA A 96 -4.28 9.29 12.48
C ALA A 96 -5.47 10.18 12.07
N SER A 97 -5.86 10.12 10.82
CA SER A 97 -7.01 10.95 10.37
C SER A 97 -8.27 10.53 11.13
N LEU A 98 -8.44 9.26 11.37
CA LEU A 98 -9.65 8.79 12.11
C LEU A 98 -9.60 9.33 13.54
N ASN B 20 -4.08 -8.70 -16.68
CA ASN B 20 -3.01 -7.85 -17.27
C ASN B 20 -2.33 -7.04 -16.18
N GLU B 21 -2.87 -5.89 -15.86
CA GLU B 21 -2.25 -5.03 -14.80
C GLU B 21 -2.05 -5.84 -13.51
N ASN B 22 -2.51 -7.06 -13.48
CA ASN B 22 -2.35 -7.88 -12.25
C ASN B 22 -0.86 -7.88 -11.83
N ILE B 23 0.03 -7.89 -12.78
CA ILE B 23 1.48 -7.90 -12.43
C ILE B 23 1.86 -6.56 -11.78
N LEU B 24 1.21 -5.49 -12.18
CA LEU B 24 1.53 -4.16 -11.58
C LEU B 24 1.10 -4.14 -10.11
N LYS B 25 -0.06 -4.68 -9.83
CA LYS B 25 -0.53 -4.70 -8.41
C LYS B 25 0.39 -5.61 -7.58
N LEU B 26 0.65 -6.79 -8.08
CA LEU B 26 1.55 -7.71 -7.35
C LEU B 26 2.93 -7.08 -7.24
N LYS B 27 3.33 -6.32 -8.22
CA LYS B 27 4.66 -5.66 -8.16
C LYS B 27 4.66 -4.66 -7.01
N LEU B 28 3.54 -4.01 -6.78
CA LEU B 28 3.48 -3.02 -5.68
C LEU B 28 3.64 -3.76 -4.34
N TYR B 29 2.71 -4.62 -3.99
CA TYR B 29 2.84 -5.35 -2.71
C TYR B 29 4.20 -6.06 -2.66
N ARG B 30 4.62 -6.61 -3.76
CA ARG B 30 5.94 -7.31 -3.78
C ARG B 30 7.05 -6.29 -3.48
N SER B 31 6.86 -5.07 -3.91
CA SER B 31 7.90 -4.04 -3.64
C SER B 31 7.97 -3.77 -2.13
N LEU B 32 6.89 -3.98 -1.43
CA LEU B 32 6.91 -3.75 0.03
C LEU B 32 7.60 -4.92 0.73
N GLY B 33 7.96 -5.93 -0.01
CA GLY B 33 8.65 -7.09 0.60
C GLY B 33 7.63 -8.16 1.01
N VAL B 34 6.44 -8.10 0.47
CA VAL B 34 5.39 -9.14 0.81
C VAL B 34 5.29 -10.13 -0.35
N ILE B 35 5.17 -11.40 -0.07
CA ILE B 35 5.04 -12.42 -1.16
C ILE B 35 3.84 -13.31 -0.82
N LEU B 36 2.67 -12.86 -1.13
CA LEU B 36 1.44 -13.64 -0.82
C LEU B 36 1.48 -15.00 -1.50
N ASP B 37 0.91 -16.00 -0.88
CA ASP B 37 0.92 -17.36 -1.49
C ASP B 37 -0.36 -18.11 -1.09
N LEU B 38 -1.21 -18.38 -2.03
CA LEU B 38 -2.48 -19.10 -1.71
C LEU B 38 -2.22 -20.60 -1.79
N GLU B 39 -1.00 -20.98 -1.93
CA GLU B 39 -0.66 -22.43 -2.02
C GLU B 39 -0.80 -23.05 -0.64
N ASN B 40 -1.22 -22.26 0.30
CA ASN B 40 -1.40 -22.75 1.69
C ASN B 40 -2.05 -21.64 2.53
N ASP B 41 -2.80 -20.76 1.91
CA ASP B 41 -3.44 -19.65 2.68
C ASP B 41 -2.43 -19.03 3.63
N GLN B 42 -1.33 -18.55 3.10
CA GLN B 42 -0.29 -17.93 3.98
C GLN B 42 0.37 -16.75 3.27
N VAL B 43 0.90 -15.84 4.05
CA VAL B 43 1.59 -14.65 3.47
C VAL B 43 3.08 -14.82 3.72
N LEU B 44 3.89 -14.71 2.70
CA LEU B 44 5.36 -14.85 2.91
C LEU B 44 5.92 -13.45 3.01
N ILE B 45 7.05 -13.30 3.62
CA ILE B 45 7.62 -11.93 3.76
C ILE B 45 9.13 -11.92 3.79
N ASN B 46 9.67 -10.77 3.48
CA ASN B 46 11.14 -10.60 3.48
C ASN B 46 11.50 -9.31 4.22
N ARG B 47 12.31 -9.39 5.23
CA ARG B 47 12.71 -8.16 6.00
C ARG B 47 13.93 -7.53 5.32
N LYS B 48 13.77 -6.37 4.75
CA LYS B 48 14.91 -5.70 4.06
C LYS B 48 16.06 -5.46 5.04
N ASN B 49 15.80 -4.82 6.15
CA ASN B 49 16.89 -4.54 7.12
C ASN B 49 17.14 -5.78 7.99
N ASP B 50 18.38 -6.18 8.11
CA ASP B 50 18.71 -7.37 8.95
C ASP B 50 17.71 -8.50 8.68
N GLY B 51 17.72 -9.52 9.50
CA GLY B 51 16.77 -10.65 9.30
C GLY B 51 16.89 -11.17 7.87
N ASN B 52 16.07 -12.12 7.52
CA ASN B 52 16.11 -12.68 6.14
C ASN B 52 14.68 -12.84 5.62
N ILE B 53 14.14 -14.02 5.67
CA ILE B 53 12.75 -14.25 5.17
C ILE B 53 11.84 -14.63 6.33
N ASP B 54 10.58 -14.26 6.26
CA ASP B 54 9.61 -14.60 7.35
C ASP B 54 8.32 -15.13 6.73
N ILE B 55 7.54 -15.86 7.48
CA ILE B 55 6.27 -16.41 6.95
C ILE B 55 5.13 -16.11 7.93
N LEU B 56 3.94 -15.88 7.42
CA LEU B 56 2.79 -15.58 8.32
C LEU B 56 1.54 -16.30 7.79
N PRO B 57 0.97 -17.25 8.52
CA PRO B 57 -0.24 -17.98 8.05
C PRO B 57 -1.51 -17.13 8.17
N LEU B 58 -2.44 -17.32 7.27
CA LEU B 58 -3.70 -16.52 7.33
C LEU B 58 -4.66 -17.18 8.32
N ASP B 59 -5.17 -16.42 9.25
CA ASP B 59 -6.12 -17.01 10.25
C ASP B 59 -7.06 -15.92 10.74
N ASN B 60 -8.28 -16.27 11.05
CA ASN B 60 -9.24 -15.24 11.53
C ASN B 60 -8.60 -14.46 12.68
N ASN B 61 -7.96 -15.14 13.60
CA ASN B 61 -7.30 -14.46 14.74
C ASN B 61 -8.22 -13.37 15.30
N LEU B 62 -7.71 -12.51 16.14
CA LEU B 62 -8.55 -11.44 16.73
C LEU B 62 -8.67 -10.28 15.74
N SER B 63 -7.57 -9.88 15.14
CA SER B 63 -7.62 -8.76 14.17
C SER B 63 -6.60 -9.00 13.05
N ASP B 64 -6.98 -9.74 12.04
CA ASP B 64 -6.03 -10.01 10.93
C ASP B 64 -5.55 -8.67 10.35
N PHE B 65 -6.38 -7.67 10.38
CA PHE B 65 -5.97 -6.34 9.84
C PHE B 65 -4.78 -5.82 10.64
N TYR B 66 -4.78 -6.02 11.93
CA TYR B 66 -3.65 -5.55 12.77
C TYR B 66 -2.41 -6.36 12.43
N LYS B 67 -2.56 -7.65 12.23
CA LYS B 67 -1.39 -8.50 11.89
C LYS B 67 -0.75 -7.98 10.60
N THR B 68 -1.56 -7.64 9.62
CA THR B 68 -1.00 -7.13 8.34
C THR B 68 -0.31 -5.79 8.58
N LYS B 69 -0.83 -4.98 9.45
CA LYS B 69 -0.17 -3.67 9.73
C LYS B 69 1.10 -3.93 10.55
N TYR B 70 1.18 -5.07 11.16
CA TYR B 70 2.38 -5.41 11.98
C TYR B 70 3.56 -5.76 11.06
N ILE B 71 3.37 -6.71 10.18
CA ILE B 71 4.48 -7.10 9.26
C ILE B 71 4.81 -5.93 8.35
N TRP B 72 3.82 -5.24 7.89
CA TRP B 72 4.04 -4.11 6.98
C TRP B 72 4.79 -2.99 7.70
N GLU B 73 4.49 -2.75 8.94
CA GLU B 73 5.22 -1.69 9.69
C GLU B 73 6.69 -2.10 9.85
N ARG B 74 6.93 -3.37 10.05
CA ARG B 74 8.34 -3.83 10.23
C ARG B 74 9.02 -3.91 8.85
N LEU B 75 8.29 -4.22 7.83
CA LEU B 75 8.90 -4.30 6.48
C LEU B 75 9.48 -2.93 6.16
N GLY B 76 8.79 -1.90 6.57
CA GLY B 76 9.32 -0.52 6.32
C GLY B 76 10.75 -0.46 6.87
N LYS B 77 11.20 -1.48 7.56
CA LYS B 77 12.58 -1.47 8.10
C LYS B 77 13.13 -2.90 8.10
N ASN A 10 -8.59 -19.22 -7.22
CA ASN A 10 -8.27 -18.78 -8.61
C ASN A 10 -7.67 -17.37 -8.58
N ASP A 11 -7.43 -16.80 -9.72
CA ASP A 11 -6.85 -15.43 -9.77
C ASP A 11 -7.73 -14.47 -8.96
N ALA A 12 -9.01 -14.72 -8.90
CA ALA A 12 -9.90 -13.81 -8.13
C ALA A 12 -9.70 -14.01 -6.63
N ALA A 13 -9.27 -15.16 -6.21
CA ALA A 13 -9.06 -15.38 -4.75
C ALA A 13 -7.78 -14.65 -4.30
N GLU A 14 -6.71 -14.77 -5.05
CA GLU A 14 -5.46 -14.08 -4.65
C GLU A 14 -5.66 -12.56 -4.75
N VAL A 15 -6.25 -12.10 -5.82
CA VAL A 15 -6.47 -10.63 -5.97
C VAL A 15 -7.44 -10.14 -4.91
N ALA A 16 -8.32 -11.00 -4.49
CA ALA A 16 -9.32 -10.59 -3.46
C ALA A 16 -8.59 -10.33 -2.14
N LEU A 17 -7.74 -11.22 -1.73
CA LEU A 17 -7.01 -11.00 -0.46
C LEU A 17 -6.04 -9.82 -0.64
N TYR A 18 -5.54 -9.63 -1.83
CA TYR A 18 -4.62 -8.49 -2.07
C TYR A 18 -5.34 -7.18 -1.74
N GLU A 19 -6.51 -6.99 -2.28
CA GLU A 19 -7.24 -5.71 -2.01
C GLU A 19 -7.88 -5.72 -0.62
N ARG A 20 -8.66 -6.71 -0.31
CA ARG A 20 -9.34 -6.75 1.01
C ARG A 20 -8.37 -6.40 2.14
N LEU A 21 -7.15 -6.86 2.08
CA LEU A 21 -6.18 -6.55 3.18
C LEU A 21 -5.33 -5.30 2.90
N LEU A 22 -4.99 -5.01 1.66
CA LEU A 22 -4.14 -3.82 1.39
C LEU A 22 -4.93 -2.52 1.61
N GLN A 23 -6.23 -2.58 1.61
CA GLN A 23 -7.03 -1.34 1.81
C GLN A 23 -6.50 -0.29 0.83
N LEU A 24 -6.02 -0.73 -0.29
CA LEU A 24 -5.49 0.20 -1.32
C LEU A 24 -5.97 -0.27 -2.68
N ARG A 25 -6.53 0.64 -3.46
CA ARG A 25 -7.04 0.26 -4.81
C ARG A 25 -6.42 1.19 -5.86
N VAL A 26 -6.02 0.63 -6.97
CA VAL A 26 -5.42 1.48 -8.04
C VAL A 26 -6.52 1.92 -8.99
N LEU A 27 -6.75 3.20 -9.04
CA LEU A 27 -7.80 3.75 -9.94
C LEU A 27 -7.16 4.66 -11.00
N PRO A 28 -6.78 4.13 -12.15
CA PRO A 28 -6.16 4.97 -13.20
C PRO A 28 -7.14 5.98 -13.78
N GLY A 29 -6.68 7.18 -14.03
CA GLY A 29 -7.59 8.23 -14.59
C GLY A 29 -7.61 8.12 -16.12
N ALA A 30 -8.23 9.06 -16.77
CA ALA A 30 -8.27 9.03 -18.26
C ALA A 30 -6.87 8.83 -18.82
N SER A 31 -6.76 8.29 -20.01
CA SER A 31 -5.42 8.06 -20.61
C SER A 31 -4.70 9.41 -20.77
N ASP A 32 -4.39 9.78 -21.99
CA ASP A 32 -3.69 11.08 -22.20
C ASP A 32 -2.48 11.17 -21.28
N VAL A 33 -2.67 11.73 -20.11
CA VAL A 33 -1.53 11.84 -19.14
C VAL A 33 -1.63 10.71 -18.12
N HIS A 34 -0.56 10.01 -17.87
CA HIS A 34 -0.59 8.90 -16.89
C HIS A 34 -1.12 9.43 -15.55
N ASP A 35 -2.37 9.15 -15.25
CA ASP A 35 -2.95 9.62 -13.96
C ASP A 35 -3.28 8.40 -13.09
N VAL A 36 -2.65 8.30 -11.95
CA VAL A 36 -2.90 7.13 -11.04
C VAL A 36 -3.51 7.65 -9.73
N ARG A 37 -4.66 7.14 -9.37
CA ARG A 37 -5.32 7.58 -8.11
C ARG A 37 -5.27 6.45 -7.06
N PHE A 38 -4.50 6.64 -6.02
CA PHE A 38 -4.43 5.60 -4.95
C PHE A 38 -5.61 5.81 -4.00
N VAL A 39 -6.47 4.84 -3.86
CA VAL A 39 -7.66 5.00 -2.97
C VAL A 39 -7.49 4.13 -1.70
N PHE A 40 -7.62 4.74 -0.55
CA PHE A 40 -7.50 3.96 0.72
C PHE A 40 -8.91 3.58 1.21
N GLY A 41 -9.20 2.30 1.30
CA GLY A 41 -10.56 1.87 1.74
C GLY A 41 -10.77 2.26 3.20
N ASP A 42 -10.68 3.52 3.52
CA ASP A 42 -10.90 3.96 4.93
C ASP A 42 -12.29 4.58 5.06
N ASP A 43 -12.50 5.37 6.08
CA ASP A 43 -13.83 6.01 6.25
C ASP A 43 -13.83 7.33 5.47
N SER A 44 -14.96 7.77 4.97
CA SER A 44 -15.00 9.05 4.21
C SER A 44 -14.29 8.88 2.86
N ARG A 45 -13.69 7.73 2.63
CA ARG A 45 -12.97 7.51 1.34
C ARG A 45 -11.78 8.47 1.28
N CYS A 46 -10.59 7.95 1.33
CA CYS A 46 -9.39 8.84 1.27
C CYS A 46 -8.54 8.45 0.07
N TRP A 47 -8.03 9.41 -0.68
CA TRP A 47 -7.23 9.04 -1.87
C TRP A 47 -6.28 10.18 -2.28
N ILE A 48 -5.21 9.83 -2.93
CA ILE A 48 -4.23 10.85 -3.42
C ILE A 48 -3.76 10.44 -4.82
N GLU A 49 -3.58 11.37 -5.73
CA GLU A 49 -3.14 10.98 -7.11
C GLU A 49 -1.72 11.46 -7.37
N VAL A 50 -0.98 10.73 -8.16
CA VAL A 50 0.42 11.14 -8.47
C VAL A 50 0.76 10.73 -9.90
N ALA A 51 1.44 11.58 -10.62
CA ALA A 51 1.80 11.22 -12.02
C ALA A 51 2.82 10.09 -12.01
N MET A 52 3.41 9.82 -10.86
CA MET A 52 4.43 8.74 -10.76
C MET A 52 5.52 8.95 -11.82
N HIS A 53 5.29 8.51 -13.02
CA HIS A 53 6.31 8.68 -14.09
C HIS A 53 6.84 10.12 -14.06
N GLY A 54 6.07 11.04 -13.57
CA GLY A 54 6.53 12.46 -13.53
C GLY A 54 5.82 13.21 -12.40
N ASP A 55 6.07 14.48 -12.28
CA ASP A 55 5.41 15.28 -11.21
C ASP A 55 5.34 16.75 -11.65
N HIS A 56 4.17 17.34 -11.58
CA HIS A 56 4.05 18.76 -12.00
C HIS A 56 2.92 19.44 -11.22
N VAL A 57 2.21 20.32 -11.86
CA VAL A 57 1.08 21.04 -11.17
C VAL A 57 0.06 20.02 -10.65
N ILE A 58 0.05 18.83 -11.20
CA ILE A 58 -0.92 17.80 -10.73
C ILE A 58 -0.86 17.71 -9.20
N GLY A 59 -1.81 18.30 -8.53
CA GLY A 59 -1.81 18.25 -7.03
C GLY A 59 -3.22 17.92 -6.53
N ASN A 60 -3.49 16.66 -6.28
CA ASN A 60 -4.85 16.27 -5.80
C ASN A 60 -4.71 15.34 -4.58
N SER A 61 -5.09 15.82 -3.42
CA SER A 61 -5.00 14.98 -2.18
C SER A 61 -6.31 15.09 -1.42
N HIS A 62 -6.81 13.97 -0.95
CA HIS A 62 -8.10 13.99 -0.20
C HIS A 62 -8.02 13.00 0.97
N PRO A 63 -7.27 13.35 2.00
CA PRO A 63 -7.14 12.48 3.20
C PRO A 63 -8.27 12.71 4.20
N ALA A 64 -8.09 13.63 5.11
CA ALA A 64 -9.14 13.94 6.12
C ALA A 64 -8.49 14.66 7.32
N LEU A 65 -7.51 15.48 7.06
CA LEU A 65 -6.84 16.21 8.17
C LEU A 65 -6.27 17.53 7.65
N ASP A 66 -5.06 17.85 8.01
CA ASP A 66 -4.44 19.14 7.56
C ASP A 66 -3.53 18.86 6.35
N PRO A 67 -3.17 19.88 5.61
CA PRO A 67 -2.28 19.69 4.41
C PRO A 67 -0.94 19.02 4.75
N LYS A 68 -0.46 19.17 5.95
CA LYS A 68 0.84 18.54 6.32
C LYS A 68 0.84 17.10 5.84
N SER A 69 -0.31 16.53 5.61
CA SER A 69 -0.36 15.13 5.14
C SER A 69 0.22 15.06 3.71
N ARG A 70 -0.46 15.64 2.77
CA ARG A 70 0.07 15.62 1.37
C ARG A 70 1.53 16.10 1.38
N ALA A 71 1.81 17.10 2.17
CA ALA A 71 3.20 17.63 2.23
C ALA A 71 4.17 16.55 2.73
N THR A 72 4.00 16.11 3.94
CA THR A 72 4.92 15.06 4.49
C THR A 72 4.93 13.84 3.56
N LEU A 73 3.82 13.54 2.96
CA LEU A 73 3.77 12.36 2.05
C LEU A 73 4.68 12.61 0.83
N GLU A 74 4.58 13.77 0.25
CA GLU A 74 5.44 14.07 -0.92
C GLU A 74 6.91 14.16 -0.48
N HIS A 75 7.20 15.00 0.47
CA HIS A 75 8.61 15.11 0.93
C HIS A 75 9.13 13.74 1.35
N VAL A 76 8.28 12.93 1.92
CA VAL A 76 8.73 11.58 2.36
C VAL A 76 9.23 10.77 1.17
N LEU A 77 8.43 10.65 0.15
CA LEU A 77 8.86 9.83 -1.02
C LEU A 77 10.07 10.44 -1.74
N THR A 78 10.10 11.74 -1.91
CA THR A 78 11.26 12.35 -2.62
C THR A 78 12.49 12.36 -1.73
N VAL A 79 12.30 12.37 -0.44
CA VAL A 79 13.46 12.41 0.48
C VAL A 79 13.93 10.99 0.87
N GLN A 80 13.04 10.08 1.18
CA GLN A 80 13.49 8.72 1.59
C GLN A 80 13.74 7.83 0.37
N GLY A 81 13.04 8.02 -0.69
CA GLY A 81 13.26 7.18 -1.90
C GLY A 81 12.96 5.71 -1.56
N ASP A 82 12.34 5.45 -0.43
CA ASP A 82 12.02 4.05 -0.05
C ASP A 82 10.55 3.80 -0.37
N LEU A 83 10.28 2.93 -1.29
CA LEU A 83 8.87 2.64 -1.65
C LEU A 83 8.14 2.16 -0.41
N ALA A 84 8.86 1.86 0.64
CA ALA A 84 8.19 1.35 1.88
C ALA A 84 7.92 2.49 2.89
N ALA A 85 8.90 3.30 3.20
CA ALA A 85 8.64 4.38 4.20
C ALA A 85 7.47 5.24 3.74
N PHE A 86 7.18 5.24 2.47
CA PHE A 86 6.04 6.07 1.98
C PHE A 86 4.70 5.36 2.30
N LEU A 87 4.45 4.17 1.80
CA LEU A 87 3.15 3.51 2.11
C LEU A 87 3.05 3.25 3.61
N VAL A 88 4.15 2.98 4.27
CA VAL A 88 4.07 2.72 5.73
C VAL A 88 3.65 4.01 6.44
N VAL A 89 4.24 5.13 6.11
CA VAL A 89 3.85 6.41 6.77
C VAL A 89 2.46 6.84 6.25
N ALA A 90 2.14 6.50 5.03
CA ALA A 90 0.80 6.89 4.48
C ALA A 90 -0.29 6.22 5.32
N ARG A 91 -0.10 4.96 5.64
CA ARG A 91 -1.10 4.24 6.46
C ARG A 91 -1.17 4.89 7.84
N ASP A 92 -0.06 4.98 8.52
CA ASP A 92 -0.06 5.61 9.87
C ASP A 92 -0.70 7.00 9.77
N MET A 93 -0.48 7.68 8.68
CA MET A 93 -1.07 9.04 8.53
C MET A 93 -2.59 8.93 8.37
N LEU A 94 -3.05 7.92 7.69
CA LEU A 94 -4.53 7.75 7.51
C LEU A 94 -5.19 7.60 8.87
N LEU A 95 -4.66 6.75 9.72
CA LEU A 95 -5.27 6.58 11.07
C LEU A 95 -5.19 7.91 11.80
N ALA A 96 -4.11 8.60 11.63
CA ALA A 96 -3.95 9.93 12.29
C ALA A 96 -5.11 10.83 11.90
N SER A 97 -5.68 10.62 10.75
CA SER A 97 -6.81 11.48 10.30
C SER A 97 -7.96 11.34 11.30
N LEU A 98 -8.20 10.16 11.79
CA LEU A 98 -9.30 9.97 12.77
C LEU A 98 -9.10 10.91 13.96
N ASN B 20 -4.98 -7.92 -16.67
CA ASN B 20 -3.76 -7.41 -17.34
C ASN B 20 -2.89 -6.67 -16.31
N GLU B 21 -3.28 -5.48 -15.93
CA GLU B 21 -2.47 -4.71 -14.94
C GLU B 21 -2.22 -5.56 -13.69
N ASN B 22 -2.81 -6.72 -13.62
CA ASN B 22 -2.60 -7.59 -12.41
C ASN B 22 -1.09 -7.75 -12.15
N ILE B 23 -0.30 -7.93 -13.18
CA ILE B 23 1.16 -8.11 -12.96
C ILE B 23 1.73 -6.84 -12.34
N LEU B 24 1.16 -5.70 -12.62
CA LEU B 24 1.69 -4.45 -12.04
C LEU B 24 1.29 -4.38 -10.57
N LYS B 25 0.10 -4.78 -10.24
CA LYS B 25 -0.34 -4.76 -8.82
C LYS B 25 0.54 -5.70 -8.00
N LEU B 26 0.78 -6.88 -8.51
CA LEU B 26 1.63 -7.85 -7.78
C LEU B 26 3.04 -7.28 -7.65
N LYS B 27 3.53 -6.63 -8.67
CA LYS B 27 4.89 -6.04 -8.57
C LYS B 27 4.87 -5.01 -7.45
N LEU B 28 3.76 -4.36 -7.26
CA LEU B 28 3.66 -3.34 -6.17
C LEU B 28 3.80 -4.04 -4.82
N TYR B 29 2.82 -4.80 -4.42
CA TYR B 29 2.91 -5.50 -3.11
C TYR B 29 4.24 -6.23 -3.03
N ARG B 30 4.71 -6.79 -4.12
CA ARG B 30 6.01 -7.51 -4.10
C ARG B 30 7.12 -6.53 -3.72
N SER B 31 7.00 -5.29 -4.10
CA SER B 31 8.05 -4.30 -3.76
C SER B 31 7.94 -3.95 -2.27
N LEU B 32 6.79 -4.15 -1.69
CA LEU B 32 6.63 -3.86 -0.24
C LEU B 32 7.32 -4.97 0.55
N GLY B 33 7.83 -5.96 -0.14
CA GLY B 33 8.52 -7.07 0.57
C GLY B 33 7.51 -8.14 1.00
N VAL B 34 6.31 -8.08 0.47
CA VAL B 34 5.25 -9.09 0.81
C VAL B 34 5.05 -10.01 -0.40
N ILE B 35 4.86 -11.28 -0.19
CA ILE B 35 4.62 -12.19 -1.36
C ILE B 35 3.65 -13.28 -0.93
N LEU B 36 2.40 -13.13 -1.26
CA LEU B 36 1.38 -14.13 -0.83
C LEU B 36 1.59 -15.47 -1.52
N ASP B 37 1.12 -16.51 -0.90
CA ASP B 37 1.27 -17.87 -1.48
C ASP B 37 0.03 -18.70 -1.13
N LEU B 38 -0.78 -19.03 -2.09
CA LEU B 38 -2.01 -19.83 -1.80
C LEU B 38 -1.64 -21.31 -1.85
N GLU B 39 -0.37 -21.59 -1.93
CA GLU B 39 0.08 -23.01 -2.00
C GLU B 39 -0.04 -23.62 -0.61
N ASN B 40 -0.55 -22.86 0.30
CA ASN B 40 -0.73 -23.33 1.69
C ASN B 40 -1.47 -22.26 2.51
N ASP B 41 -2.27 -21.44 1.86
CA ASP B 41 -3.01 -20.37 2.61
C ASP B 41 -2.05 -19.66 3.56
N GLN B 42 -0.98 -19.11 3.05
CA GLN B 42 -0.01 -18.41 3.96
C GLN B 42 0.57 -17.17 3.28
N VAL B 43 1.05 -16.24 4.07
CA VAL B 43 1.64 -14.99 3.52
C VAL B 43 3.15 -15.07 3.72
N LEU B 44 3.95 -14.81 2.70
CA LEU B 44 5.43 -14.88 2.87
C LEU B 44 5.96 -13.46 2.89
N ILE B 45 7.02 -13.21 3.62
CA ILE B 45 7.53 -11.82 3.70
C ILE B 45 9.05 -11.75 3.78
N ASN B 46 9.55 -10.58 3.54
CA ASN B 46 11.02 -10.32 3.61
C ASN B 46 11.27 -9.10 4.50
N ARG B 47 11.96 -9.28 5.60
CA ARG B 47 12.23 -8.13 6.51
C ARG B 47 13.53 -7.42 6.11
N LYS B 48 13.44 -6.15 5.79
CA LYS B 48 14.65 -5.39 5.40
C LYS B 48 15.59 -5.28 6.60
N ASN B 49 15.05 -4.97 7.75
CA ASN B 49 15.91 -4.84 8.97
C ASN B 49 16.73 -6.11 9.17
N ASP B 50 17.35 -6.24 10.32
CA ASP B 50 18.17 -7.47 10.59
C ASP B 50 17.32 -8.72 10.39
N GLY B 51 17.21 -9.20 9.19
CA GLY B 51 16.41 -10.42 8.94
C GLY B 51 16.70 -10.95 7.55
N ASN B 52 16.05 -12.02 7.15
CA ASN B 52 16.30 -12.59 5.79
C ASN B 52 14.96 -12.96 5.14
N ILE B 53 14.09 -13.61 5.86
CA ILE B 53 12.78 -13.98 5.27
C ILE B 53 11.82 -14.41 6.38
N ASP B 54 10.55 -14.06 6.26
CA ASP B 54 9.56 -14.44 7.32
C ASP B 54 8.34 -15.11 6.66
N ILE B 55 7.71 -16.00 7.36
CA ILE B 55 6.50 -16.69 6.81
C ILE B 55 5.35 -16.49 7.78
N LEU B 56 4.14 -16.29 7.29
CA LEU B 56 2.99 -16.08 8.23
C LEU B 56 1.74 -16.81 7.70
N PRO B 57 1.45 -17.99 8.22
CA PRO B 57 0.24 -18.76 7.78
C PRO B 57 -1.03 -17.90 7.85
N LEU B 58 -2.02 -18.21 7.06
CA LEU B 58 -3.27 -17.40 7.08
C LEU B 58 -4.15 -17.87 8.24
N ASP B 59 -4.66 -16.95 9.03
CA ASP B 59 -5.54 -17.33 10.17
C ASP B 59 -6.47 -16.16 10.48
N ASN B 60 -7.71 -16.45 10.80
CA ASN B 60 -8.67 -15.36 11.12
C ASN B 60 -8.13 -14.51 12.27
N ASN B 61 -7.50 -15.12 13.23
CA ASN B 61 -6.96 -14.34 14.38
C ASN B 61 -8.03 -13.40 14.92
N LEU B 62 -7.70 -12.58 15.87
CA LEU B 62 -8.70 -11.64 16.45
C LEU B 62 -8.83 -10.43 15.51
N SER B 63 -7.74 -9.94 14.99
CA SER B 63 -7.81 -8.76 14.07
C SER B 63 -6.82 -8.97 12.92
N ASP B 64 -7.26 -9.56 11.84
CA ASP B 64 -6.35 -9.79 10.69
C ASP B 64 -5.82 -8.45 10.19
N PHE B 65 -6.64 -7.43 10.20
CA PHE B 65 -6.17 -6.09 9.73
C PHE B 65 -4.97 -5.66 10.57
N TYR B 66 -4.97 -5.96 11.83
CA TYR B 66 -3.81 -5.57 12.69
C TYR B 66 -2.59 -6.40 12.30
N LYS B 67 -2.80 -7.67 12.03
CA LYS B 67 -1.66 -8.54 11.64
C LYS B 67 -1.01 -7.99 10.36
N THR B 68 -1.81 -7.58 9.42
CA THR B 68 -1.24 -7.03 8.16
C THR B 68 -0.47 -5.74 8.46
N LYS B 69 -0.99 -4.89 9.30
CA LYS B 69 -0.28 -3.64 9.63
C LYS B 69 0.96 -3.99 10.46
N TYR B 70 0.94 -5.10 11.13
CA TYR B 70 2.11 -5.50 11.97
C TYR B 70 3.30 -5.84 11.07
N ILE B 71 3.14 -6.77 10.16
CA ILE B 71 4.29 -7.12 9.28
C ILE B 71 4.63 -5.94 8.39
N TRP B 72 3.64 -5.29 7.88
CA TRP B 72 3.88 -4.14 6.99
C TRP B 72 4.62 -3.04 7.75
N GLU B 73 4.32 -2.84 9.00
CA GLU B 73 5.05 -1.80 9.79
C GLU B 73 6.50 -2.24 9.97
N ARG B 74 6.73 -3.52 10.16
CA ARG B 74 8.12 -4.01 10.33
C ARG B 74 8.85 -4.00 8.98
N LEU B 75 8.14 -4.26 7.91
CA LEU B 75 8.79 -4.25 6.58
C LEU B 75 9.38 -2.86 6.35
N GLY B 76 8.63 -1.85 6.67
CA GLY B 76 9.14 -0.47 6.49
C GLY B 76 10.35 -0.26 7.42
N LYS B 77 10.77 -1.29 8.12
CA LYS B 77 11.96 -1.10 9.05
C LYS B 77 11.75 0.17 9.88
N ASN A 10 -7.51 -18.96 -8.71
CA ASN A 10 -7.48 -18.27 -10.04
C ASN A 10 -6.90 -16.86 -9.87
N ASP A 11 -6.48 -16.24 -10.94
CA ASP A 11 -5.92 -14.86 -10.82
C ASP A 11 -6.90 -13.97 -10.06
N ALA A 12 -8.17 -14.15 -10.28
CA ALA A 12 -9.17 -13.29 -9.57
C ALA A 12 -9.17 -13.63 -8.08
N ALA A 13 -8.90 -14.85 -7.72
CA ALA A 13 -8.89 -15.21 -6.27
C ALA A 13 -7.75 -14.47 -5.56
N GLU A 14 -6.57 -14.49 -6.11
CA GLU A 14 -5.44 -13.76 -5.46
C GLU A 14 -5.78 -12.28 -5.42
N VAL A 15 -6.35 -11.77 -6.48
CA VAL A 15 -6.71 -10.32 -6.51
C VAL A 15 -7.70 -10.03 -5.39
N ALA A 16 -8.52 -10.98 -5.03
CA ALA A 16 -9.49 -10.74 -3.93
C ALA A 16 -8.72 -10.61 -2.61
N LEU A 17 -7.80 -11.52 -2.38
CA LEU A 17 -6.98 -11.45 -1.14
C LEU A 17 -6.11 -10.20 -1.17
N TYR A 18 -5.66 -9.81 -2.34
CA TYR A 18 -4.81 -8.60 -2.47
C TYR A 18 -5.61 -7.36 -2.07
N GLU A 19 -6.82 -7.24 -2.54
CA GLU A 19 -7.63 -6.03 -2.22
C GLU A 19 -8.26 -6.13 -0.82
N ARG A 20 -8.83 -7.26 -0.50
CA ARG A 20 -9.52 -7.41 0.82
C ARG A 20 -8.55 -7.23 2.00
N LEU A 21 -7.36 -7.75 1.95
CA LEU A 21 -6.45 -7.64 3.12
C LEU A 21 -5.52 -6.41 3.05
N LEU A 22 -5.23 -5.90 1.88
CA LEU A 22 -4.30 -4.73 1.80
C LEU A 22 -5.04 -3.40 2.06
N GLN A 23 -6.35 -3.42 2.11
CA GLN A 23 -7.08 -2.14 2.35
C GLN A 23 -6.57 -1.11 1.36
N LEU A 24 -6.13 -1.57 0.23
CA LEU A 24 -5.62 -0.65 -0.83
C LEU A 24 -6.14 -1.13 -2.19
N ARG A 25 -6.81 -0.27 -2.91
CA ARG A 25 -7.36 -0.66 -4.24
C ARG A 25 -6.71 0.17 -5.33
N VAL A 26 -6.43 -0.43 -6.46
CA VAL A 26 -5.82 0.34 -7.58
C VAL A 26 -6.93 0.80 -8.50
N LEU A 27 -7.12 2.10 -8.58
CA LEU A 27 -8.19 2.66 -9.44
C LEU A 27 -7.55 3.53 -10.54
N PRO A 28 -7.32 3.01 -11.73
CA PRO A 28 -6.70 3.83 -12.81
C PRO A 28 -7.62 4.97 -13.24
N GLY A 29 -7.08 6.14 -13.41
CA GLY A 29 -7.92 7.29 -13.84
C GLY A 29 -8.61 6.96 -15.16
N ALA A 30 -9.17 7.93 -15.82
CA ALA A 30 -9.85 7.65 -17.11
C ALA A 30 -8.86 7.01 -18.08
N SER A 31 -9.33 6.19 -18.97
CA SER A 31 -8.41 5.52 -19.95
C SER A 31 -7.80 6.58 -20.87
N ASP A 32 -8.39 7.73 -20.96
CA ASP A 32 -7.85 8.79 -21.84
C ASP A 32 -6.36 9.01 -21.55
N VAL A 33 -5.99 8.95 -20.30
CA VAL A 33 -4.55 9.16 -19.94
C VAL A 33 -4.13 8.10 -18.91
N HIS A 34 -2.85 7.94 -18.69
CA HIS A 34 -2.39 6.93 -17.71
C HIS A 34 -2.27 7.57 -16.32
N ASP A 35 -3.16 7.23 -15.43
CA ASP A 35 -3.11 7.80 -14.06
C ASP A 35 -3.49 6.72 -13.05
N VAL A 36 -2.76 6.64 -11.95
CA VAL A 36 -3.07 5.59 -10.92
C VAL A 36 -3.58 6.25 -9.65
N ARG A 37 -4.75 5.85 -9.21
CA ARG A 37 -5.33 6.43 -7.98
C ARG A 37 -5.29 5.37 -6.86
N PHE A 38 -4.44 5.56 -5.88
CA PHE A 38 -4.37 4.57 -4.77
C PHE A 38 -5.49 4.89 -3.78
N VAL A 39 -6.37 3.96 -3.53
CA VAL A 39 -7.51 4.22 -2.59
C VAL A 39 -7.38 3.34 -1.34
N PHE A 40 -7.36 3.94 -0.18
CA PHE A 40 -7.25 3.14 1.08
C PHE A 40 -8.67 2.90 1.63
N GLY A 41 -9.10 1.66 1.75
CA GLY A 41 -10.47 1.43 2.29
C GLY A 41 -10.54 1.93 3.76
N ASP A 42 -11.62 1.67 4.46
CA ASP A 42 -11.73 2.11 5.90
C ASP A 42 -11.62 3.63 6.05
N ASP A 43 -10.44 4.13 6.31
CA ASP A 43 -10.23 5.61 6.51
C ASP A 43 -11.20 6.46 5.67
N SER A 44 -12.41 6.69 6.14
CA SER A 44 -13.41 7.54 5.41
C SER A 44 -13.12 7.60 3.91
N ARG A 45 -12.86 6.49 3.28
CA ARG A 45 -12.56 6.54 1.83
C ARG A 45 -11.47 7.57 1.61
N CYS A 46 -10.24 7.16 1.64
CA CYS A 46 -9.11 8.12 1.44
C CYS A 46 -8.32 7.70 0.21
N TRP A 47 -7.81 8.63 -0.56
CA TRP A 47 -7.03 8.22 -1.77
C TRP A 47 -6.06 9.32 -2.22
N ILE A 48 -5.04 8.91 -2.93
CA ILE A 48 -4.04 9.87 -3.47
C ILE A 48 -3.67 9.44 -4.89
N GLU A 49 -3.46 10.36 -5.80
CA GLU A 49 -3.12 9.98 -7.20
C GLU A 49 -1.67 10.31 -7.53
N VAL A 50 -1.06 9.53 -8.39
CA VAL A 50 0.36 9.78 -8.76
C VAL A 50 0.52 9.70 -10.28
N ALA A 51 1.14 10.68 -10.88
CA ALA A 51 1.33 10.66 -12.36
C ALA A 51 2.34 9.55 -12.72
N MET A 52 3.41 9.46 -11.99
CA MET A 52 4.42 8.41 -12.29
C MET A 52 4.80 8.47 -13.78
N HIS A 53 4.42 9.52 -14.46
CA HIS A 53 4.76 9.63 -15.90
C HIS A 53 4.46 11.05 -16.40
N GLY A 54 4.16 11.95 -15.50
CA GLY A 54 3.85 13.34 -15.93
C GLY A 54 4.05 14.29 -14.74
N ASP A 55 4.67 15.43 -14.97
CA ASP A 55 4.89 16.40 -13.87
C ASP A 55 3.75 17.41 -13.82
N HIS A 56 3.03 17.47 -12.72
CA HIS A 56 1.90 18.44 -12.61
C HIS A 56 2.13 19.34 -11.39
N VAL A 57 1.80 20.60 -11.50
CA VAL A 57 2.00 21.52 -10.35
C VAL A 57 1.12 21.10 -9.18
N ILE A 58 -0.05 20.58 -9.46
CA ILE A 58 -0.96 20.15 -8.38
C ILE A 58 -1.62 18.82 -8.76
N GLY A 59 -1.52 17.80 -7.95
CA GLY A 59 -2.17 16.51 -8.30
C GLY A 59 -3.48 16.37 -7.51
N ASN A 60 -3.80 15.19 -7.06
CA ASN A 60 -5.06 15.00 -6.29
C ASN A 60 -4.74 14.30 -4.96
N SER A 61 -5.16 14.88 -3.86
CA SER A 61 -4.89 14.27 -2.53
C SER A 61 -6.18 14.28 -1.72
N HIS A 62 -6.50 13.18 -1.08
CA HIS A 62 -7.73 13.12 -0.25
C HIS A 62 -7.45 12.33 1.03
N PRO A 63 -6.75 12.94 1.96
CA PRO A 63 -6.40 12.29 3.25
C PRO A 63 -7.50 12.49 4.31
N ALA A 64 -7.32 13.43 5.21
CA ALA A 64 -8.35 13.69 6.27
C ALA A 64 -7.68 14.49 7.40
N LEU A 65 -6.72 15.31 7.08
CA LEU A 65 -6.04 16.12 8.13
C LEU A 65 -5.54 17.43 7.52
N ASP A 66 -4.55 18.04 8.11
CA ASP A 66 -4.03 19.33 7.56
C ASP A 66 -3.08 19.03 6.39
N PRO A 67 -2.80 20.01 5.55
CA PRO A 67 -1.89 19.80 4.40
C PRO A 67 -0.53 19.21 4.81
N LYS A 68 -0.14 19.37 6.04
CA LYS A 68 1.16 18.81 6.50
C LYS A 68 1.27 17.36 6.04
N SER A 69 0.17 16.70 5.85
CA SER A 69 0.21 15.28 5.41
C SER A 69 0.70 15.21 3.95
N ARG A 70 -0.11 15.63 3.03
CA ARG A 70 0.32 15.57 1.60
C ARG A 70 1.71 16.20 1.45
N ALA A 71 2.01 17.19 2.26
CA ALA A 71 3.35 17.85 2.17
C ALA A 71 4.42 16.89 2.70
N THR A 72 4.24 16.38 3.90
CA THR A 72 5.27 15.45 4.47
C THR A 72 5.37 14.19 3.61
N LEU A 73 4.28 13.75 3.03
CA LEU A 73 4.32 12.53 2.19
C LEU A 73 5.19 12.81 0.96
N GLU A 74 5.03 13.95 0.35
CA GLU A 74 5.85 14.26 -0.84
C GLU A 74 7.32 14.33 -0.45
N HIS A 75 7.67 15.19 0.48
CA HIS A 75 9.09 15.28 0.89
C HIS A 75 9.60 13.90 1.29
N VAL A 76 8.76 13.10 1.90
CA VAL A 76 9.20 11.73 2.32
C VAL A 76 9.62 10.91 1.11
N LEU A 77 8.80 10.83 0.11
CA LEU A 77 9.14 9.99 -1.07
C LEU A 77 10.36 10.55 -1.82
N THR A 78 10.44 11.84 -2.02
CA THR A 78 11.61 12.40 -2.75
C THR A 78 12.86 12.37 -1.89
N VAL A 79 12.69 12.42 -0.59
CA VAL A 79 13.87 12.44 0.31
C VAL A 79 14.32 11.01 0.71
N GLN A 80 13.42 10.11 1.00
CA GLN A 80 13.84 8.75 1.42
C GLN A 80 14.12 7.84 0.22
N GLY A 81 13.44 8.04 -0.87
CA GLY A 81 13.67 7.17 -2.06
C GLY A 81 13.33 5.72 -1.71
N ASP A 82 12.44 5.52 -0.76
CA ASP A 82 12.06 4.13 -0.37
C ASP A 82 10.56 3.98 -0.59
N LEU A 83 10.17 3.12 -1.49
CA LEU A 83 8.73 2.94 -1.77
C LEU A 83 8.05 2.42 -0.51
N ALA A 84 8.81 2.05 0.48
CA ALA A 84 8.19 1.51 1.73
C ALA A 84 7.98 2.63 2.77
N ALA A 85 8.99 3.42 3.06
CA ALA A 85 8.80 4.49 4.09
C ALA A 85 7.65 5.41 3.68
N PHE A 86 7.32 5.47 2.43
CA PHE A 86 6.20 6.36 2.02
C PHE A 86 4.84 5.72 2.37
N LEU A 87 4.50 4.57 1.84
CA LEU A 87 3.19 3.97 2.19
C LEU A 87 3.14 3.66 3.69
N VAL A 88 4.25 3.32 4.29
CA VAL A 88 4.22 3.02 5.75
C VAL A 88 3.88 4.31 6.50
N VAL A 89 4.53 5.40 6.19
CA VAL A 89 4.22 6.69 6.89
C VAL A 89 2.85 7.20 6.43
N ALA A 90 2.43 6.87 5.23
CA ALA A 90 1.09 7.34 4.74
C ALA A 90 -0.01 6.64 5.53
N ARG A 91 0.15 5.38 5.81
CA ARG A 91 -0.87 4.63 6.57
C ARG A 91 -0.93 5.16 8.00
N ASP A 92 0.19 5.22 8.68
CA ASP A 92 0.20 5.73 10.07
C ASP A 92 -0.32 7.17 10.08
N MET A 93 -0.03 7.93 9.07
CA MET A 93 -0.51 9.34 9.04
C MET A 93 -2.03 9.37 8.81
N LEU A 94 -2.54 8.47 8.01
CA LEU A 94 -4.01 8.45 7.75
C LEU A 94 -4.75 8.09 9.04
N LEU A 95 -4.29 7.10 9.74
CA LEU A 95 -4.95 6.69 11.00
C LEU A 95 -4.84 7.80 12.03
N ALA A 96 -3.69 8.41 12.10
CA ALA A 96 -3.48 9.51 13.07
C ALA A 96 -4.55 10.59 12.85
N SER A 97 -5.07 10.68 11.66
CA SER A 97 -6.13 11.70 11.39
C SER A 97 -7.33 11.40 12.30
N LEU A 98 -7.67 10.16 12.45
CA LEU A 98 -8.83 9.81 13.33
C LEU A 98 -8.62 8.39 13.89
N ASN B 20 -2.65 -5.99 -17.77
CA ASN B 20 -1.47 -5.13 -17.45
C ASN B 20 -1.60 -4.55 -16.04
N GLU B 21 -2.69 -3.90 -15.76
CA GLU B 21 -2.86 -3.31 -14.40
C GLU B 21 -2.61 -4.39 -13.33
N ASN B 22 -2.84 -5.64 -13.65
CA ASN B 22 -2.63 -6.72 -12.65
C ASN B 22 -1.18 -6.72 -12.18
N ILE B 23 -0.23 -6.74 -13.07
CA ILE B 23 1.19 -6.76 -12.63
C ILE B 23 1.51 -5.46 -11.90
N LEU B 24 0.79 -4.41 -12.18
CA LEU B 24 1.05 -3.12 -11.48
C LEU B 24 0.74 -3.27 -9.98
N LYS B 25 -0.41 -3.78 -9.66
CA LYS B 25 -0.76 -3.96 -8.21
C LYS B 25 0.19 -4.99 -7.59
N LEU B 26 0.30 -6.14 -8.20
CA LEU B 26 1.22 -7.18 -7.64
C LEU B 26 2.59 -6.56 -7.45
N LYS B 27 3.04 -5.76 -8.39
CA LYS B 27 4.36 -5.11 -8.25
C LYS B 27 4.34 -4.24 -7.00
N LEU B 28 3.21 -3.65 -6.71
CA LEU B 28 3.11 -2.80 -5.49
C LEU B 28 3.38 -3.67 -4.26
N TYR B 29 2.50 -4.57 -3.96
CA TYR B 29 2.71 -5.44 -2.77
C TYR B 29 4.12 -6.03 -2.82
N ARG B 30 4.55 -6.45 -3.98
CA ARG B 30 5.93 -7.03 -4.09
C ARG B 30 6.96 -5.98 -3.69
N SER B 31 6.75 -4.75 -4.07
CA SER B 31 7.73 -3.69 -3.71
C SER B 31 7.81 -3.58 -2.19
N LEU B 32 6.76 -3.96 -1.50
CA LEU B 32 6.79 -3.88 -0.01
C LEU B 32 7.58 -5.07 0.53
N GLY B 33 7.99 -5.98 -0.31
CA GLY B 33 8.76 -7.15 0.17
C GLY B 33 7.78 -8.27 0.58
N VAL B 34 6.59 -8.25 0.03
CA VAL B 34 5.58 -9.31 0.37
C VAL B 34 5.49 -10.31 -0.78
N ILE B 35 5.30 -11.57 -0.47
CA ILE B 35 5.14 -12.59 -1.55
C ILE B 35 4.00 -13.51 -1.12
N LEU B 36 2.80 -13.20 -1.56
CA LEU B 36 1.61 -14.00 -1.18
C LEU B 36 1.72 -15.41 -1.75
N ASP B 37 1.22 -16.38 -1.05
CA ASP B 37 1.29 -17.78 -1.54
C ASP B 37 -0.02 -18.52 -1.22
N LEU B 38 -0.85 -18.70 -2.21
CA LEU B 38 -2.14 -19.42 -1.95
C LEU B 38 -1.89 -20.91 -2.00
N GLU B 39 -0.66 -21.29 -2.08
CA GLU B 39 -0.31 -22.74 -2.12
C GLU B 39 -0.48 -23.32 -0.73
N ASN B 40 -0.98 -22.53 0.15
CA ASN B 40 -1.20 -22.98 1.56
C ASN B 40 -1.88 -21.86 2.36
N ASP B 41 -2.62 -20.98 1.70
CA ASP B 41 -3.28 -19.87 2.43
C ASP B 41 -2.28 -19.23 3.39
N GLN B 42 -1.18 -18.73 2.89
CA GLN B 42 -0.16 -18.11 3.78
C GLN B 42 0.48 -16.90 3.11
N VAL B 43 0.94 -15.96 3.89
CA VAL B 43 1.61 -14.74 3.32
C VAL B 43 3.10 -14.86 3.65
N LEU B 44 3.97 -14.70 2.67
CA LEU B 44 5.43 -14.80 2.97
C LEU B 44 6.00 -13.39 2.90
N ILE B 45 7.00 -13.11 3.68
CA ILE B 45 7.57 -11.72 3.67
C ILE B 45 9.09 -11.76 3.77
N ASN B 46 9.71 -10.70 3.34
CA ASN B 46 11.18 -10.61 3.40
C ASN B 46 11.58 -9.31 4.10
N ARG B 47 11.64 -9.34 5.40
CA ARG B 47 12.00 -8.10 6.16
C ARG B 47 13.39 -7.62 5.73
N LYS B 48 13.56 -6.34 5.51
CA LYS B 48 14.88 -5.82 5.08
C LYS B 48 15.71 -5.46 6.30
N ASN B 49 15.42 -6.06 7.43
CA ASN B 49 16.20 -5.75 8.66
C ASN B 49 16.42 -7.04 9.46
N ASP B 50 15.83 -7.14 10.63
CA ASP B 50 16.02 -8.37 11.45
C ASP B 50 15.16 -9.50 10.89
N GLY B 51 15.43 -10.71 11.27
CA GLY B 51 14.63 -11.86 10.77
C GLY B 51 14.93 -12.09 9.29
N ASN B 52 14.89 -11.05 8.51
CA ASN B 52 15.17 -11.20 7.05
C ASN B 52 13.97 -11.84 6.35
N ILE B 53 13.72 -13.10 6.63
CA ILE B 53 12.57 -13.80 5.98
C ILE B 53 11.49 -14.12 7.01
N ASP B 54 10.26 -13.76 6.73
CA ASP B 54 9.17 -14.05 7.71
C ASP B 54 8.00 -14.74 7.00
N ILE B 55 7.26 -15.55 7.72
CA ILE B 55 6.10 -16.25 7.11
C ILE B 55 4.86 -16.03 7.99
N LEU B 56 3.72 -15.78 7.39
CA LEU B 56 2.48 -15.55 8.19
C LEU B 56 1.36 -16.46 7.66
N PRO B 57 1.11 -17.58 8.28
CA PRO B 57 0.04 -18.52 7.83
C PRO B 57 -1.35 -18.07 8.28
N LEU B 58 -2.36 -18.35 7.50
CA LEU B 58 -3.75 -17.94 7.89
C LEU B 58 -4.38 -19.05 8.72
N ASP B 59 -4.73 -18.77 9.94
CA ASP B 59 -5.37 -19.80 10.80
C ASP B 59 -6.38 -19.14 11.73
N ASN B 60 -5.91 -18.41 12.70
CA ASN B 60 -6.83 -17.73 13.65
C ASN B 60 -6.26 -16.36 14.03
N ASN B 61 -6.99 -15.31 13.76
CA ASN B 61 -6.48 -13.95 14.10
C ASN B 61 -7.66 -13.09 14.57
N LEU B 62 -7.44 -12.19 15.49
CA LEU B 62 -8.54 -11.33 15.99
C LEU B 62 -8.75 -10.16 15.01
N SER B 63 -7.81 -9.25 14.95
CA SER B 63 -7.96 -8.09 14.02
C SER B 63 -7.14 -8.33 12.75
N ASP B 64 -7.79 -8.72 11.68
CA ASP B 64 -7.04 -8.97 10.42
C ASP B 64 -6.44 -7.65 9.91
N PHE B 65 -7.17 -6.58 9.99
CA PHE B 65 -6.63 -5.27 9.52
C PHE B 65 -5.35 -4.95 10.29
N TYR B 66 -5.33 -5.20 11.57
CA TYR B 66 -4.11 -4.91 12.35
C TYR B 66 -3.00 -5.88 11.92
N LYS B 67 -3.38 -7.06 11.53
CA LYS B 67 -2.36 -8.06 11.09
C LYS B 67 -1.57 -7.51 9.91
N THR B 68 -2.25 -7.10 8.87
CA THR B 68 -1.52 -6.55 7.68
C THR B 68 -0.79 -5.26 8.06
N LYS B 69 -1.34 -4.47 8.93
CA LYS B 69 -0.64 -3.21 9.33
C LYS B 69 0.60 -3.56 10.16
N TYR B 70 0.57 -4.68 10.81
CA TYR B 70 1.74 -5.08 11.65
C TYR B 70 2.90 -5.53 10.76
N ILE B 71 2.66 -6.47 9.88
CA ILE B 71 3.77 -6.93 9.00
C ILE B 71 4.25 -5.80 8.10
N TRP B 72 3.37 -4.93 7.71
CA TRP B 72 3.78 -3.84 6.79
C TRP B 72 4.54 -2.74 7.56
N GLU B 73 4.20 -2.50 8.79
CA GLU B 73 4.93 -1.46 9.56
C GLU B 73 6.36 -1.98 9.81
N ARG B 74 6.51 -3.24 10.09
CA ARG B 74 7.87 -3.80 10.33
C ARG B 74 8.62 -3.88 9.00
N LEU B 75 7.92 -4.14 7.93
CA LEU B 75 8.58 -4.23 6.60
C LEU B 75 9.29 -2.91 6.34
N GLY B 76 8.63 -1.82 6.59
CA GLY B 76 9.25 -0.50 6.37
C GLY B 76 10.52 -0.40 7.23
N LYS B 77 10.83 -1.42 7.98
CA LYS B 77 12.05 -1.37 8.83
C LYS B 77 12.64 -2.78 8.97
N ASN A 10 -7.10 -19.28 -7.18
CA ASN A 10 -6.63 -18.92 -8.54
C ASN A 10 -6.10 -17.49 -8.54
N ASP A 11 -5.75 -16.96 -9.68
CA ASP A 11 -5.22 -15.56 -9.72
C ASP A 11 -6.27 -14.61 -9.15
N ALA A 12 -7.52 -14.81 -9.48
CA ALA A 12 -8.59 -13.91 -8.96
C ALA A 12 -8.64 -13.99 -7.44
N ALA A 13 -8.60 -15.16 -6.88
CA ALA A 13 -8.64 -15.26 -5.38
C ALA A 13 -7.41 -14.56 -4.81
N GLU A 14 -6.25 -14.82 -5.35
CA GLU A 14 -5.02 -14.14 -4.85
C GLU A 14 -5.25 -12.62 -4.92
N VAL A 15 -5.61 -12.13 -6.07
CA VAL A 15 -5.86 -10.67 -6.23
C VAL A 15 -6.94 -10.23 -5.23
N ALA A 16 -7.82 -11.11 -4.84
CA ALA A 16 -8.88 -10.71 -3.88
C ALA A 16 -8.24 -10.36 -2.54
N LEU A 17 -7.37 -11.19 -2.04
CA LEU A 17 -6.71 -10.88 -0.74
C LEU A 17 -5.77 -9.68 -0.94
N TYR A 18 -5.31 -9.45 -2.13
CA TYR A 18 -4.41 -8.30 -2.38
C TYR A 18 -5.18 -7.01 -2.12
N GLU A 19 -6.38 -6.91 -2.62
CA GLU A 19 -7.17 -5.65 -2.42
C GLU A 19 -7.78 -5.61 -1.01
N ARG A 20 -8.49 -6.63 -0.62
CA ARG A 20 -9.13 -6.64 0.72
C ARG A 20 -8.11 -6.40 1.84
N LEU A 21 -6.89 -6.81 1.66
CA LEU A 21 -5.89 -6.63 2.75
C LEU A 21 -5.14 -5.29 2.66
N LEU A 22 -4.83 -4.82 1.49
CA LEU A 22 -4.07 -3.53 1.40
C LEU A 22 -5.01 -2.32 1.52
N GLN A 23 -6.31 -2.52 1.49
CA GLN A 23 -7.22 -1.36 1.58
C GLN A 23 -6.77 -0.33 0.54
N LEU A 24 -6.25 -0.81 -0.55
CA LEU A 24 -5.76 0.09 -1.63
C LEU A 24 -6.51 -0.27 -2.92
N ARG A 25 -7.12 0.71 -3.54
CA ARG A 25 -7.88 0.46 -4.80
C ARG A 25 -7.16 1.14 -5.96
N VAL A 26 -6.82 0.39 -6.98
CA VAL A 26 -6.12 1.00 -8.15
C VAL A 26 -7.15 1.40 -9.18
N LEU A 27 -7.35 2.68 -9.37
CA LEU A 27 -8.37 3.15 -10.38
C LEU A 27 -7.79 4.30 -11.22
N PRO A 28 -8.19 4.45 -12.48
CA PRO A 28 -7.67 5.55 -13.32
C PRO A 28 -8.01 6.92 -12.74
N GLY A 29 -7.10 7.85 -12.83
CA GLY A 29 -7.38 9.22 -12.28
C GLY A 29 -8.10 10.06 -13.33
N ALA A 30 -9.22 10.64 -12.98
CA ALA A 30 -9.97 11.47 -13.98
C ALA A 30 -9.49 12.92 -13.89
N SER A 31 -10.30 13.85 -14.29
CA SER A 31 -9.90 15.29 -14.24
C SER A 31 -8.70 15.51 -15.16
N ASP A 32 -8.25 14.48 -15.83
CA ASP A 32 -7.09 14.65 -16.74
C ASP A 32 -7.03 13.46 -17.71
N VAL A 33 -6.00 13.40 -18.53
CA VAL A 33 -5.88 12.27 -19.49
C VAL A 33 -5.73 10.95 -18.72
N HIS A 34 -4.68 10.23 -18.98
CA HIS A 34 -4.47 8.93 -18.28
C HIS A 34 -3.73 9.17 -16.96
N ASP A 35 -4.01 8.40 -15.95
CA ASP A 35 -3.31 8.59 -14.64
C ASP A 35 -3.69 7.46 -13.68
N VAL A 36 -2.94 7.31 -12.62
CA VAL A 36 -3.22 6.23 -11.63
C VAL A 36 -3.74 6.84 -10.33
N ARG A 37 -4.87 6.38 -9.88
CA ARG A 37 -5.48 6.90 -8.63
C ARG A 37 -5.33 5.86 -7.52
N PHE A 38 -4.55 6.17 -6.52
CA PHE A 38 -4.37 5.23 -5.38
C PHE A 38 -5.40 5.58 -4.30
N VAL A 39 -6.43 4.78 -4.16
CA VAL A 39 -7.49 5.10 -3.15
C VAL A 39 -7.35 4.19 -1.91
N PHE A 40 -7.42 4.78 -0.75
CA PHE A 40 -7.31 3.99 0.51
C PHE A 40 -8.71 3.68 1.05
N GLY A 41 -9.05 2.41 1.18
CA GLY A 41 -10.41 2.04 1.68
C GLY A 41 -10.55 2.48 3.14
N ASP A 42 -11.72 2.33 3.74
CA ASP A 42 -11.89 2.74 5.17
C ASP A 42 -11.52 4.22 5.30
N ASP A 43 -11.98 4.86 6.34
CA ASP A 43 -11.68 6.30 6.52
C ASP A 43 -12.58 7.12 5.58
N SER A 44 -12.53 8.42 5.68
CA SER A 44 -13.38 9.29 4.80
C SER A 44 -12.95 9.11 3.34
N ARG A 45 -12.65 7.93 2.91
CA ARG A 45 -12.21 7.75 1.51
C ARG A 45 -11.04 8.68 1.27
N CYS A 46 -9.84 8.18 1.40
CA CYS A 46 -8.63 9.03 1.19
C CYS A 46 -7.91 8.56 -0.07
N TRP A 47 -7.44 9.47 -0.90
CA TRP A 47 -6.76 9.00 -2.14
C TRP A 47 -5.77 10.04 -2.68
N ILE A 48 -4.78 9.57 -3.39
CA ILE A 48 -3.77 10.49 -3.99
C ILE A 48 -3.52 10.03 -5.44
N GLU A 49 -3.53 10.96 -6.37
CA GLU A 49 -3.31 10.59 -7.80
C GLU A 49 -1.87 10.92 -8.20
N VAL A 50 -1.21 10.02 -8.88
CA VAL A 50 0.20 10.30 -9.30
C VAL A 50 0.54 9.49 -10.55
N ALA A 51 1.04 10.14 -11.57
CA ALA A 51 1.41 9.42 -12.82
C ALA A 51 2.93 9.29 -12.90
N MET A 52 3.43 8.09 -12.82
CA MET A 52 4.91 7.90 -12.89
C MET A 52 5.44 8.44 -14.22
N HIS A 53 4.65 8.40 -15.25
CA HIS A 53 5.11 8.91 -16.57
C HIS A 53 5.73 10.30 -16.40
N GLY A 54 5.15 11.12 -15.58
CA GLY A 54 5.70 12.49 -15.38
C GLY A 54 6.83 12.44 -14.35
N ASP A 55 7.66 13.46 -14.33
CA ASP A 55 8.79 13.47 -13.35
C ASP A 55 8.38 14.26 -12.11
N HIS A 56 7.17 14.76 -12.07
CA HIS A 56 6.71 15.53 -10.89
C HIS A 56 6.33 14.57 -9.77
N VAL A 57 5.94 13.37 -10.12
CA VAL A 57 5.56 12.38 -9.07
C VAL A 57 4.53 13.00 -8.12
N ILE A 58 3.72 13.90 -8.62
CA ILE A 58 2.70 14.54 -7.75
C ILE A 58 1.43 14.83 -8.56
N GLY A 59 0.30 14.84 -7.92
CA GLY A 59 -0.97 15.11 -8.65
C GLY A 59 -1.96 15.78 -7.69
N ASN A 60 -3.10 15.16 -7.48
CA ASN A 60 -4.11 15.74 -6.54
C ASN A 60 -4.10 14.94 -5.25
N SER A 61 -3.94 15.59 -4.12
CA SER A 61 -3.91 14.86 -2.82
C SER A 61 -5.22 15.11 -2.07
N HIS A 62 -5.84 14.06 -1.59
CA HIS A 62 -7.11 14.23 -0.83
C HIS A 62 -7.15 13.25 0.34
N PRO A 63 -6.37 13.49 1.35
CA PRO A 63 -6.33 12.62 2.55
C PRO A 63 -7.46 12.97 3.55
N ALA A 64 -7.17 13.84 4.49
CA ALA A 64 -8.20 14.24 5.49
C ALA A 64 -7.51 14.93 6.66
N LEU A 65 -6.45 15.66 6.39
CA LEU A 65 -5.73 16.37 7.48
C LEU A 65 -5.26 17.74 6.96
N ASP A 66 -4.26 18.31 7.57
CA ASP A 66 -3.76 19.63 7.12
C ASP A 66 -2.79 19.42 5.96
N PRO A 67 -2.49 20.46 5.21
CA PRO A 67 -1.54 20.33 4.07
C PRO A 67 -0.21 19.70 4.49
N LYS A 68 0.08 19.68 5.76
CA LYS A 68 1.35 19.08 6.25
C LYS A 68 1.37 17.59 5.91
N SER A 69 0.23 16.97 5.84
CA SER A 69 0.19 15.51 5.51
C SER A 69 0.61 15.30 4.05
N ARG A 70 -0.22 15.68 3.12
CA ARG A 70 0.15 15.50 1.69
C ARG A 70 1.57 16.00 1.46
N ALA A 71 2.00 16.95 2.24
CA ALA A 71 3.38 17.50 2.07
C ALA A 71 4.41 16.52 2.65
N THR A 72 4.19 16.04 3.84
CA THR A 72 5.17 15.10 4.45
C THR A 72 5.17 13.78 3.67
N LEU A 73 4.03 13.36 3.19
CA LEU A 73 3.98 12.09 2.42
C LEU A 73 4.75 12.27 1.11
N GLU A 74 4.53 13.36 0.42
CA GLU A 74 5.28 13.58 -0.84
C GLU A 74 6.75 13.81 -0.53
N HIS A 75 7.05 14.77 0.31
CA HIS A 75 8.47 15.03 0.66
C HIS A 75 9.12 13.73 1.12
N VAL A 76 8.38 12.89 1.76
CA VAL A 76 8.96 11.59 2.23
C VAL A 76 9.42 10.76 1.04
N LEU A 77 8.57 10.55 0.08
CA LEU A 77 8.99 9.69 -1.07
C LEU A 77 10.13 10.36 -1.87
N THR A 78 10.05 11.64 -2.12
CA THR A 78 11.14 12.29 -2.92
C THR A 78 12.42 12.38 -2.08
N VAL A 79 12.29 12.52 -0.79
CA VAL A 79 13.50 12.66 0.07
C VAL A 79 14.07 11.28 0.46
N GLN A 80 13.25 10.35 0.84
CA GLN A 80 13.77 9.02 1.27
C GLN A 80 13.87 8.03 0.10
N GLY A 81 13.14 8.24 -0.96
CA GLY A 81 13.21 7.28 -2.10
C GLY A 81 13.01 5.86 -1.56
N ASP A 82 12.28 5.71 -0.48
CA ASP A 82 12.06 4.36 0.10
C ASP A 82 10.74 3.77 -0.39
N LEU A 83 10.79 2.64 -1.03
CA LEU A 83 9.56 1.99 -1.54
C LEU A 83 8.77 1.46 -0.35
N ALA A 84 9.26 1.71 0.83
CA ALA A 84 8.56 1.22 2.06
C ALA A 84 8.24 2.36 3.04
N ALA A 85 9.21 3.08 3.55
CA ALA A 85 8.89 4.17 4.52
C ALA A 85 7.75 5.02 3.96
N PHE A 86 7.67 5.16 2.68
CA PHE A 86 6.57 5.97 2.10
C PHE A 86 5.21 5.28 2.31
N LEU A 87 5.01 4.09 1.80
CA LEU A 87 3.71 3.41 2.02
C LEU A 87 3.48 3.23 3.53
N VAL A 88 4.49 2.83 4.25
CA VAL A 88 4.30 2.63 5.72
C VAL A 88 3.85 3.94 6.36
N VAL A 89 4.49 5.04 6.03
CA VAL A 89 4.05 6.34 6.63
C VAL A 89 2.67 6.70 6.09
N ALA A 90 2.38 6.32 4.87
CA ALA A 90 1.03 6.63 4.30
C ALA A 90 -0.05 5.99 5.16
N ARG A 91 0.19 4.79 5.62
CA ARG A 91 -0.79 4.09 6.49
C ARG A 91 -0.91 4.82 7.82
N ASP A 92 0.20 5.05 8.47
CA ASP A 92 0.14 5.76 9.78
C ASP A 92 -0.62 7.08 9.59
N MET A 93 -0.45 7.72 8.47
CA MET A 93 -1.18 9.01 8.25
C MET A 93 -2.67 8.74 8.07
N LEU A 94 -3.02 7.61 7.49
CA LEU A 94 -4.45 7.27 7.28
C LEU A 94 -5.12 7.02 8.64
N LEU A 95 -4.58 6.12 9.42
CA LEU A 95 -5.18 5.82 10.75
C LEU A 95 -5.15 7.08 11.61
N ALA A 96 -4.05 7.77 11.59
CA ALA A 96 -3.92 9.01 12.38
C ALA A 96 -5.06 9.97 12.00
N SER A 97 -5.56 9.84 10.81
CA SER A 97 -6.68 10.73 10.37
C SER A 97 -7.89 10.49 11.27
N LEU A 98 -8.15 9.26 11.61
CA LEU A 98 -9.31 8.96 12.49
C LEU A 98 -9.17 9.73 13.80
N ASN B 20 -5.84 -7.05 -16.77
CA ASN B 20 -4.63 -6.23 -17.09
C ASN B 20 -4.15 -5.51 -15.82
N GLU B 21 -4.88 -4.53 -15.38
CA GLU B 21 -4.47 -3.76 -14.17
C GLU B 21 -3.95 -4.72 -13.09
N ASN B 22 -4.43 -5.93 -13.07
CA ASN B 22 -3.95 -6.91 -12.05
C ASN B 22 -2.42 -6.89 -11.98
N ILE B 23 -1.76 -6.88 -13.12
CA ILE B 23 -0.28 -6.86 -13.11
C ILE B 23 0.22 -5.64 -12.33
N LEU B 24 -0.47 -4.54 -12.43
CA LEU B 24 -0.04 -3.32 -11.68
C LEU B 24 -0.19 -3.57 -10.18
N LYS B 25 -1.25 -4.23 -9.79
CA LYS B 25 -1.45 -4.52 -8.35
C LYS B 25 -0.28 -5.37 -7.85
N LEU B 26 0.06 -6.41 -8.58
CA LEU B 26 1.18 -7.28 -8.16
C LEU B 26 2.43 -6.43 -7.93
N LYS B 27 2.75 -5.56 -8.84
CA LYS B 27 3.96 -4.70 -8.67
C LYS B 27 3.86 -3.91 -7.37
N LEU B 28 2.69 -3.45 -7.01
CA LEU B 28 2.55 -2.67 -5.75
C LEU B 28 2.92 -3.53 -4.54
N TYR B 29 2.33 -4.69 -4.42
CA TYR B 29 2.65 -5.57 -3.25
C TYR B 29 4.15 -5.84 -3.17
N ARG B 30 4.79 -6.08 -4.28
CA ARG B 30 6.26 -6.35 -4.23
C ARG B 30 6.96 -5.26 -3.43
N SER B 31 6.45 -4.05 -3.46
CA SER B 31 7.09 -2.94 -2.70
C SER B 31 6.87 -3.13 -1.20
N LEU B 32 5.93 -3.94 -0.81
CA LEU B 32 5.68 -4.16 0.64
C LEU B 32 6.59 -5.26 1.16
N GLY B 33 7.42 -5.82 0.33
CA GLY B 33 8.30 -6.91 0.80
C GLY B 33 7.44 -8.11 1.22
N VAL B 34 6.26 -8.20 0.65
CA VAL B 34 5.33 -9.33 0.99
C VAL B 34 5.26 -10.29 -0.21
N ILE B 35 5.15 -11.56 0.03
CA ILE B 35 5.02 -12.52 -1.10
C ILE B 35 3.97 -13.57 -0.70
N LEU B 36 2.75 -13.33 -1.07
CA LEU B 36 1.66 -14.25 -0.67
C LEU B 36 1.83 -15.61 -1.33
N ASP B 37 1.35 -16.65 -0.69
CA ASP B 37 1.46 -18.02 -1.25
C ASP B 37 0.18 -18.81 -0.93
N LEU B 38 -0.60 -19.11 -1.95
CA LEU B 38 -1.86 -19.87 -1.72
C LEU B 38 -1.53 -21.36 -1.68
N GLU B 39 -0.27 -21.68 -1.63
CA GLU B 39 0.14 -23.11 -1.60
C GLU B 39 -0.11 -23.66 -0.20
N ASN B 40 -0.71 -22.86 0.62
CA ASN B 40 -1.01 -23.28 2.02
C ASN B 40 -1.65 -22.12 2.79
N ASP B 41 -2.33 -21.21 2.11
CA ASP B 41 -2.96 -20.07 2.83
C ASP B 41 -1.94 -19.44 3.78
N GLN B 42 -0.79 -19.07 3.27
CA GLN B 42 0.26 -18.46 4.14
C GLN B 42 0.83 -17.20 3.48
N VAL B 43 1.17 -16.22 4.27
CA VAL B 43 1.74 -14.96 3.72
C VAL B 43 3.25 -14.98 4.01
N LEU B 44 4.08 -14.85 3.01
CA LEU B 44 5.55 -14.86 3.28
C LEU B 44 6.06 -13.43 3.25
N ILE B 45 7.07 -13.12 4.01
CA ILE B 45 7.58 -11.71 4.04
C ILE B 45 9.10 -11.66 4.13
N ASN B 46 9.64 -10.53 3.77
CA ASN B 46 11.12 -10.34 3.83
C ASN B 46 11.41 -9.02 4.55
N ARG B 47 12.27 -9.03 5.53
CA ARG B 47 12.59 -7.77 6.25
C ARG B 47 13.14 -6.74 5.25
N LYS B 48 13.21 -5.51 5.65
CA LYS B 48 13.72 -4.45 4.73
C LYS B 48 15.18 -4.74 4.36
N ASN B 49 15.42 -5.76 3.57
CA ASN B 49 16.82 -6.09 3.17
C ASN B 49 17.71 -6.20 4.41
N ASP B 50 18.94 -6.60 4.23
CA ASP B 50 19.86 -6.72 5.39
C ASP B 50 19.17 -7.49 6.51
N GLY B 51 18.38 -8.46 6.17
CA GLY B 51 17.67 -9.25 7.20
C GLY B 51 17.30 -10.63 6.64
N ASN B 52 16.53 -11.39 7.37
CA ASN B 52 16.15 -12.76 6.91
C ASN B 52 14.72 -12.73 6.35
N ILE B 53 14.05 -13.85 6.36
CA ILE B 53 12.66 -13.92 5.83
C ILE B 53 11.68 -14.25 6.95
N ASP B 54 10.45 -13.80 6.83
CA ASP B 54 9.43 -14.09 7.87
C ASP B 54 8.25 -14.81 7.22
N ILE B 55 7.54 -15.60 7.98
CA ILE B 55 6.37 -16.33 7.41
C ILE B 55 5.14 -16.11 8.31
N LEU B 56 3.98 -15.95 7.72
CA LEU B 56 2.76 -15.72 8.55
C LEU B 56 1.64 -16.65 8.06
N PRO B 57 1.38 -17.75 8.74
CA PRO B 57 0.31 -18.70 8.32
C PRO B 57 -1.09 -18.18 8.68
N LEU B 58 -2.05 -18.43 7.84
CA LEU B 58 -3.43 -17.94 8.15
C LEU B 58 -4.13 -18.92 9.10
N ASP B 59 -4.64 -20.00 8.59
CA ASP B 59 -5.33 -20.99 9.47
C ASP B 59 -6.31 -20.25 10.38
N ASN B 60 -5.95 -20.06 11.63
CA ASN B 60 -6.85 -19.35 12.58
C ASN B 60 -6.37 -17.91 12.75
N ASN B 61 -7.27 -16.96 12.76
CA ASN B 61 -6.85 -15.53 12.92
C ASN B 61 -7.98 -14.72 13.52
N LEU B 62 -7.70 -13.92 14.51
CA LEU B 62 -8.78 -13.10 15.13
C LEU B 62 -9.02 -11.86 14.25
N SER B 63 -7.99 -11.13 13.93
CA SER B 63 -8.14 -9.92 13.09
C SER B 63 -7.00 -9.86 12.06
N ASP B 64 -7.25 -10.33 10.87
CA ASP B 64 -6.18 -10.30 9.83
C ASP B 64 -5.74 -8.84 9.62
N PHE B 65 -6.64 -7.90 9.75
CA PHE B 65 -6.27 -6.48 9.55
C PHE B 65 -5.19 -6.09 10.56
N TYR B 66 -5.30 -6.52 11.79
CA TYR B 66 -4.28 -6.17 12.81
C TYR B 66 -2.97 -6.86 12.45
N LYS B 67 -3.01 -8.12 12.11
CA LYS B 67 -1.77 -8.84 11.74
C LYS B 67 -1.12 -8.17 10.54
N THR B 68 -1.89 -7.83 9.54
CA THR B 68 -1.32 -7.17 8.34
C THR B 68 -0.61 -5.89 8.76
N LYS B 69 -1.17 -5.16 9.69
CA LYS B 69 -0.51 -3.90 10.14
C LYS B 69 0.77 -4.23 10.90
N TYR B 70 0.82 -5.38 11.52
CA TYR B 70 2.04 -5.76 12.29
C TYR B 70 3.20 -6.02 11.34
N ILE B 71 3.04 -6.91 10.40
CA ILE B 71 4.16 -7.20 9.45
C ILE B 71 4.45 -5.98 8.59
N TRP B 72 3.47 -5.18 8.37
CA TRP B 72 3.65 -3.99 7.52
C TRP B 72 4.36 -2.89 8.30
N GLU B 73 4.04 -2.70 9.54
CA GLU B 73 4.76 -1.67 10.33
C GLU B 73 6.21 -2.12 10.53
N ARG B 74 6.44 -3.40 10.65
CA ARG B 74 7.82 -3.90 10.83
C ARG B 74 8.53 -3.93 9.48
N LEU B 75 7.83 -4.26 8.42
CA LEU B 75 8.47 -4.27 7.09
C LEU B 75 9.08 -2.90 6.86
N GLY B 76 8.39 -1.88 7.31
CA GLY B 76 8.93 -0.50 7.14
C GLY B 76 10.33 -0.43 7.76
N LYS B 77 10.78 -1.49 8.39
CA LYS B 77 12.13 -1.45 9.01
C LYS B 77 12.52 -2.86 9.47
N ASN A 10 -8.45 -18.63 -10.19
CA ASN A 10 -7.07 -18.61 -9.62
C ASN A 10 -6.59 -17.16 -9.51
N ASP A 11 -6.29 -16.52 -10.62
CA ASP A 11 -5.82 -15.12 -10.56
C ASP A 11 -6.85 -14.26 -9.81
N ALA A 12 -8.11 -14.49 -10.03
CA ALA A 12 -9.16 -13.68 -9.34
C ALA A 12 -9.10 -13.94 -7.84
N ALA A 13 -8.75 -15.14 -7.44
CA ALA A 13 -8.68 -15.44 -5.97
C ALA A 13 -7.59 -14.56 -5.34
N GLU A 14 -6.41 -14.56 -5.91
CA GLU A 14 -5.31 -13.73 -5.36
C GLU A 14 -5.73 -12.26 -5.40
N VAL A 15 -6.33 -11.85 -6.47
CA VAL A 15 -6.76 -10.42 -6.57
C VAL A 15 -7.79 -10.07 -5.50
N ALA A 16 -8.54 -11.02 -5.04
CA ALA A 16 -9.56 -10.70 -4.00
C ALA A 16 -8.87 -10.53 -2.64
N LEU A 17 -8.05 -11.48 -2.27
CA LEU A 17 -7.36 -11.35 -0.96
C LEU A 17 -6.34 -10.20 -1.05
N TYR A 18 -5.78 -9.98 -2.20
CA TYR A 18 -4.80 -8.88 -2.36
C TYR A 18 -5.48 -7.55 -2.09
N GLU A 19 -6.61 -7.29 -2.71
CA GLU A 19 -7.29 -5.98 -2.51
C GLU A 19 -7.92 -5.91 -1.11
N ARG A 20 -8.75 -6.85 -0.78
CA ARG A 20 -9.42 -6.81 0.55
C ARG A 20 -8.39 -6.62 1.67
N LEU A 21 -7.20 -7.14 1.50
CA LEU A 21 -6.19 -6.99 2.59
C LEU A 21 -5.34 -5.71 2.44
N LEU A 22 -5.12 -5.23 1.24
CA LEU A 22 -4.30 -4.01 1.07
C LEU A 22 -5.16 -2.75 1.29
N GLN A 23 -6.46 -2.89 1.27
CA GLN A 23 -7.32 -1.70 1.45
C GLN A 23 -6.83 -0.61 0.51
N LEU A 24 -6.27 -1.02 -0.60
CA LEU A 24 -5.76 -0.03 -1.60
C LEU A 24 -6.14 -0.52 -2.99
N ARG A 25 -6.84 0.30 -3.74
CA ARG A 25 -7.26 -0.08 -5.12
C ARG A 25 -6.64 0.87 -6.14
N VAL A 26 -6.26 0.36 -7.28
CA VAL A 26 -5.67 1.23 -8.33
C VAL A 26 -6.78 1.69 -9.26
N LEU A 27 -7.02 2.97 -9.30
CA LEU A 27 -8.09 3.52 -10.18
C LEU A 27 -7.45 4.47 -11.22
N PRO A 28 -7.18 4.02 -12.43
CA PRO A 28 -6.56 4.91 -13.45
C PRO A 28 -7.48 6.09 -13.80
N GLY A 29 -6.92 7.25 -13.96
CA GLY A 29 -7.75 8.43 -14.31
C GLY A 29 -8.53 8.15 -15.59
N ALA A 30 -7.92 8.38 -16.72
CA ALA A 30 -8.62 8.12 -18.01
C ALA A 30 -7.60 7.78 -19.09
N SER A 31 -7.98 7.02 -20.07
CA SER A 31 -7.02 6.65 -21.15
C SER A 31 -6.57 7.93 -21.87
N ASP A 32 -7.39 8.93 -21.90
CA ASP A 32 -7.01 10.20 -22.58
C ASP A 32 -5.76 10.79 -21.90
N VAL A 33 -5.64 10.61 -20.61
CA VAL A 33 -4.45 11.16 -19.89
C VAL A 33 -3.90 10.10 -18.94
N HIS A 34 -2.62 9.89 -18.93
CA HIS A 34 -2.03 8.87 -18.02
C HIS A 34 -2.12 9.39 -16.57
N ASP A 35 -2.79 8.67 -15.72
CA ASP A 35 -2.91 9.12 -14.31
C ASP A 35 -3.30 7.93 -13.41
N VAL A 36 -2.70 7.85 -12.26
CA VAL A 36 -3.02 6.72 -11.32
C VAL A 36 -3.61 7.28 -10.02
N ARG A 37 -4.79 6.83 -9.67
CA ARG A 37 -5.45 7.31 -8.43
C ARG A 37 -5.41 6.22 -7.36
N PHE A 38 -4.65 6.41 -6.32
CA PHE A 38 -4.59 5.38 -5.23
C PHE A 38 -5.78 5.61 -4.30
N VAL A 39 -6.64 4.63 -4.16
CA VAL A 39 -7.83 4.80 -3.25
C VAL A 39 -7.71 3.88 -2.04
N PHE A 40 -7.80 4.45 -0.85
CA PHE A 40 -7.71 3.61 0.39
C PHE A 40 -9.12 3.25 0.87
N GLY A 41 -9.46 1.98 0.92
CA GLY A 41 -10.83 1.59 1.38
C GLY A 41 -11.00 1.95 2.86
N ASP A 42 -10.84 3.19 3.21
CA ASP A 42 -11.01 3.60 4.63
C ASP A 42 -12.39 4.21 4.83
N ASP A 43 -12.57 4.98 5.86
CA ASP A 43 -13.89 5.62 6.08
C ASP A 43 -13.96 6.92 5.27
N SER A 44 -15.11 7.32 4.81
CA SER A 44 -15.20 8.58 4.00
C SER A 44 -14.51 8.40 2.64
N ARG A 45 -13.85 7.28 2.45
CA ARG A 45 -13.15 7.05 1.15
C ARG A 45 -12.03 8.07 1.02
N CYS A 46 -10.80 7.62 1.04
CA CYS A 46 -9.66 8.58 0.92
C CYS A 46 -8.77 8.18 -0.26
N TRP A 47 -8.22 9.13 -0.96
CA TRP A 47 -7.37 8.79 -2.14
C TRP A 47 -6.41 9.92 -2.50
N ILE A 48 -5.31 9.57 -3.11
CA ILE A 48 -4.31 10.60 -3.56
C ILE A 48 -3.90 10.25 -4.99
N GLU A 49 -3.82 11.22 -5.87
CA GLU A 49 -3.44 10.93 -7.28
C GLU A 49 -1.98 11.31 -7.55
N VAL A 50 -1.32 10.55 -8.39
CA VAL A 50 0.11 10.86 -8.71
C VAL A 50 0.33 10.72 -10.22
N ALA A 51 0.88 11.72 -10.84
CA ALA A 51 1.10 11.65 -12.31
C ALA A 51 2.47 10.99 -12.59
N MET A 52 3.25 10.78 -11.57
CA MET A 52 4.59 10.15 -11.77
C MET A 52 5.33 10.91 -12.88
N HIS A 53 6.44 10.38 -13.32
CA HIS A 53 7.22 11.07 -14.40
C HIS A 53 7.49 12.52 -13.98
N GLY A 54 8.45 12.73 -13.13
CA GLY A 54 8.76 14.11 -12.69
C GLY A 54 7.84 14.50 -11.52
N ASP A 55 7.82 15.75 -11.16
CA ASP A 55 6.94 16.19 -10.03
C ASP A 55 6.40 17.59 -10.32
N HIS A 56 5.10 17.73 -10.39
CA HIS A 56 4.49 19.05 -10.66
C HIS A 56 3.20 19.21 -9.84
N VAL A 57 2.63 20.38 -9.84
CA VAL A 57 1.37 20.57 -9.06
C VAL A 57 0.17 20.07 -9.87
N ILE A 58 -0.04 18.78 -9.89
CA ILE A 58 -1.17 18.22 -10.67
C ILE A 58 -1.67 16.94 -9.99
N GLY A 59 -2.97 16.81 -9.81
CA GLY A 59 -3.52 15.59 -9.16
C GLY A 59 -4.55 16.00 -8.11
N ASN A 60 -5.33 15.05 -7.64
CA ASN A 60 -6.35 15.36 -6.60
C ASN A 60 -5.85 14.87 -5.25
N SER A 61 -6.37 15.41 -4.18
CA SER A 61 -5.94 15.00 -2.82
C SER A 61 -7.14 15.00 -1.89
N HIS A 62 -7.50 13.86 -1.36
CA HIS A 62 -8.65 13.80 -0.43
C HIS A 62 -8.39 12.72 0.63
N PRO A 63 -7.51 13.00 1.56
CA PRO A 63 -7.17 12.04 2.64
C PRO A 63 -8.15 12.13 3.82
N ALA A 64 -7.82 12.91 4.82
CA ALA A 64 -8.73 13.05 6.00
C ALA A 64 -7.95 13.66 7.18
N LEU A 65 -6.88 14.36 6.88
CA LEU A 65 -6.06 14.98 7.96
C LEU A 65 -5.80 16.46 7.62
N ASP A 66 -4.56 16.81 7.42
CA ASP A 66 -4.22 18.22 7.08
C ASP A 66 -3.10 18.23 6.03
N PRO A 67 -2.88 19.34 5.36
CA PRO A 67 -1.81 19.42 4.34
C PRO A 67 -0.46 18.91 4.86
N LYS A 68 -0.28 18.93 6.15
CA LYS A 68 1.01 18.45 6.73
C LYS A 68 1.22 17.00 6.29
N SER A 69 0.18 16.24 6.17
CA SER A 69 0.32 14.82 5.74
C SER A 69 0.73 14.77 4.26
N ARG A 70 0.04 15.48 3.42
CA ARG A 70 0.41 15.45 1.97
C ARG A 70 1.78 16.11 1.80
N ALA A 71 2.09 17.08 2.61
CA ALA A 71 3.42 17.76 2.50
C ALA A 71 4.51 16.84 3.02
N THR A 72 4.33 16.25 4.16
CA THR A 72 5.38 15.34 4.72
C THR A 72 5.47 14.08 3.87
N LEU A 73 4.37 13.61 3.34
CA LEU A 73 4.41 12.39 2.51
C LEU A 73 5.18 12.68 1.21
N GLU A 74 4.96 13.82 0.63
CA GLU A 74 5.68 14.16 -0.63
C GLU A 74 7.18 14.31 -0.31
N HIS A 75 7.52 15.20 0.58
CA HIS A 75 8.95 15.38 0.93
C HIS A 75 9.55 14.02 1.28
N VAL A 76 8.82 13.22 1.99
CA VAL A 76 9.33 11.87 2.40
C VAL A 76 9.79 11.08 1.17
N LEU A 77 8.96 10.93 0.17
CA LEU A 77 9.36 10.13 -1.02
C LEU A 77 10.56 10.75 -1.74
N THR A 78 10.59 12.04 -1.91
CA THR A 78 11.74 12.65 -2.65
C THR A 78 13.00 12.65 -1.79
N VAL A 79 12.85 12.67 -0.49
CA VAL A 79 14.04 12.70 0.39
C VAL A 79 14.52 11.29 0.78
N GLN A 80 13.64 10.36 1.05
CA GLN A 80 14.10 9.01 1.48
C GLN A 80 14.41 8.11 0.28
N GLY A 81 13.73 8.30 -0.81
CA GLY A 81 13.99 7.43 -1.99
C GLY A 81 13.69 5.97 -1.62
N ASP A 82 12.81 5.77 -0.67
CA ASP A 82 12.43 4.39 -0.24
C ASP A 82 10.92 4.26 -0.34
N LEU A 83 10.43 3.88 -1.49
CA LEU A 83 8.97 3.77 -1.68
C LEU A 83 8.36 2.97 -0.53
N ALA A 84 9.16 2.31 0.25
CA ALA A 84 8.58 1.54 1.40
C ALA A 84 8.20 2.51 2.52
N ALA A 85 9.07 3.43 2.84
CA ALA A 85 8.76 4.38 3.94
C ALA A 85 7.58 5.27 3.54
N PHE A 86 7.25 5.34 2.28
CA PHE A 86 6.09 6.18 1.89
C PHE A 86 4.77 5.45 2.23
N LEU A 87 4.44 4.34 1.60
CA LEU A 87 3.17 3.66 1.95
C LEU A 87 3.16 3.33 3.45
N VAL A 88 4.28 2.98 4.02
CA VAL A 88 4.31 2.64 5.47
C VAL A 88 3.84 3.88 6.26
N VAL A 89 4.41 5.02 5.98
CA VAL A 89 3.99 6.26 6.69
C VAL A 89 2.57 6.68 6.22
N ALA A 90 2.20 6.33 5.02
CA ALA A 90 0.85 6.67 4.50
C ALA A 90 -0.21 5.90 5.31
N ARG A 91 0.06 4.66 5.59
CA ARG A 91 -0.89 3.84 6.39
C ARG A 91 -1.00 4.42 7.80
N ASP A 92 0.12 4.60 8.46
CA ASP A 92 0.07 5.16 9.84
C ASP A 92 -0.58 6.56 9.80
N MET A 93 -0.35 7.30 8.75
CA MET A 93 -0.94 8.66 8.66
C MET A 93 -2.45 8.57 8.39
N LEU A 94 -2.87 7.62 7.61
CA LEU A 94 -4.32 7.49 7.30
C LEU A 94 -5.07 6.96 8.53
N LEU A 95 -4.53 5.96 9.17
CA LEU A 95 -5.20 5.37 10.37
C LEU A 95 -5.20 6.40 11.49
N ALA A 96 -4.13 7.11 11.64
CA ALA A 96 -4.05 8.13 12.72
C ALA A 96 -5.16 9.16 12.52
N SER A 97 -5.67 9.27 11.32
CA SER A 97 -6.77 10.25 11.07
C SER A 97 -8.00 9.82 11.88
N LEU A 98 -8.27 8.55 11.93
CA LEU A 98 -9.45 8.07 12.71
C LEU A 98 -9.24 8.36 14.19
N ASN B 20 -4.56 -5.78 -16.85
CA ASN B 20 -3.57 -4.68 -16.86
C ASN B 20 -3.37 -4.15 -15.44
N GLU B 21 -4.32 -3.42 -14.93
CA GLU B 21 -4.17 -2.88 -13.54
C GLU B 21 -3.70 -4.00 -12.60
N ASN B 22 -3.99 -5.22 -12.93
CA ASN B 22 -3.57 -6.35 -12.05
C ASN B 22 -2.05 -6.46 -11.97
N ILE B 23 -1.38 -6.69 -13.07
CA ILE B 23 0.11 -6.82 -13.01
C ILE B 23 0.69 -5.65 -12.21
N LEU B 24 0.05 -4.52 -12.23
CA LEU B 24 0.57 -3.35 -11.46
C LEU B 24 0.36 -3.60 -9.97
N LYS B 25 -0.76 -4.16 -9.59
CA LYS B 25 -1.01 -4.42 -8.15
C LYS B 25 0.01 -5.44 -7.63
N LEU B 26 0.16 -6.57 -8.29
CA LEU B 26 1.15 -7.56 -7.79
C LEU B 26 2.53 -6.92 -7.76
N LYS B 27 2.81 -6.05 -8.69
CA LYS B 27 4.14 -5.37 -8.69
C LYS B 27 4.29 -4.59 -7.39
N LEU B 28 3.23 -3.99 -6.91
CA LEU B 28 3.33 -3.22 -5.64
C LEU B 28 3.66 -4.18 -4.49
N TYR B 29 2.92 -5.25 -4.36
CA TYR B 29 3.20 -6.23 -3.27
C TYR B 29 4.69 -6.60 -3.26
N ARG B 30 5.22 -6.92 -4.41
CA ARG B 30 6.65 -7.32 -4.47
C ARG B 30 7.53 -6.20 -3.90
N SER B 31 7.13 -4.97 -4.06
CA SER B 31 7.96 -3.85 -3.53
C SER B 31 7.87 -3.81 -2.01
N LEU B 32 6.86 -4.42 -1.42
CA LEU B 32 6.75 -4.38 0.06
C LEU B 32 7.49 -5.56 0.69
N GLY B 33 8.02 -6.45 -0.10
CA GLY B 33 8.76 -7.60 0.49
C GLY B 33 7.75 -8.64 1.00
N VAL B 34 6.56 -8.67 0.43
CA VAL B 34 5.54 -9.66 0.87
C VAL B 34 5.40 -10.75 -0.20
N ILE B 35 5.28 -11.99 0.20
CA ILE B 35 5.09 -13.11 -0.76
C ILE B 35 3.84 -13.88 -0.35
N LEU B 36 2.69 -13.38 -0.72
CA LEU B 36 1.42 -14.03 -0.32
C LEU B 36 1.36 -15.47 -0.86
N ASP B 37 0.74 -16.35 -0.13
CA ASP B 37 0.63 -17.77 -0.58
C ASP B 37 -0.77 -18.30 -0.24
N LEU B 38 -1.65 -18.30 -1.19
CA LEU B 38 -3.04 -18.79 -0.93
C LEU B 38 -3.11 -20.30 -1.18
N GLU B 39 -2.01 -20.99 -1.00
CA GLU B 39 -2.03 -22.47 -1.20
C GLU B 39 -2.11 -23.10 0.19
N ASN B 40 -2.28 -22.27 1.16
CA ASN B 40 -2.39 -22.72 2.57
C ASN B 40 -2.84 -21.54 3.44
N ASP B 41 -3.51 -20.57 2.87
CA ASP B 41 -3.98 -19.40 3.65
C ASP B 41 -2.85 -18.87 4.52
N GLN B 42 -1.75 -18.51 3.92
CA GLN B 42 -0.59 -17.98 4.72
C GLN B 42 0.10 -16.85 3.96
N VAL B 43 0.68 -15.92 4.68
CA VAL B 43 1.40 -14.78 4.03
C VAL B 43 2.89 -14.93 4.33
N LEU B 44 3.74 -14.86 3.33
CA LEU B 44 5.20 -15.00 3.59
C LEU B 44 5.82 -13.62 3.50
N ILE B 45 6.95 -13.42 4.12
CA ILE B 45 7.58 -12.07 4.05
C ILE B 45 9.10 -12.15 4.07
N ASN B 46 9.73 -11.06 3.71
CA ASN B 46 11.21 -10.99 3.70
C ASN B 46 11.67 -9.72 4.42
N ARG B 47 11.86 -9.80 5.71
CA ARG B 47 12.30 -8.60 6.48
C ARG B 47 13.68 -8.15 5.97
N LYS B 48 13.89 -6.86 5.88
CA LYS B 48 15.19 -6.34 5.37
C LYS B 48 16.35 -6.77 6.28
N ASN B 49 16.32 -6.40 7.53
CA ASN B 49 17.44 -6.76 8.45
C ASN B 49 17.11 -8.01 9.26
N ASP B 50 17.16 -7.91 10.57
CA ASP B 50 16.89 -9.08 11.44
C ASP B 50 15.64 -9.82 10.96
N GLY B 51 15.65 -11.12 11.06
CA GLY B 51 14.48 -11.92 10.63
C GLY B 51 14.71 -12.43 9.20
N ASN B 52 15.19 -11.58 8.33
CA ASN B 52 15.43 -12.01 6.93
C ASN B 52 14.13 -12.54 6.34
N ILE B 53 13.82 -13.80 6.56
CA ILE B 53 12.56 -14.37 5.99
C ILE B 53 11.57 -14.64 7.12
N ASP B 54 10.35 -14.20 6.96
CA ASP B 54 9.32 -14.44 8.03
C ASP B 54 8.06 -15.03 7.41
N ILE B 55 7.26 -15.69 8.21
CA ILE B 55 6.00 -16.29 7.67
C ILE B 55 4.84 -15.98 8.64
N LEU B 56 3.66 -15.75 8.12
CA LEU B 56 2.51 -15.44 9.01
C LEU B 56 1.27 -16.24 8.54
N PRO B 57 0.88 -17.28 9.26
CA PRO B 57 -0.30 -18.10 8.86
C PRO B 57 -1.62 -17.44 9.27
N LEU B 58 -2.65 -17.64 8.49
CA LEU B 58 -3.97 -17.02 8.82
C LEU B 58 -4.78 -18.00 9.68
N ASP B 59 -4.84 -17.77 10.96
CA ASP B 59 -5.62 -18.67 11.85
C ASP B 59 -7.03 -18.11 12.04
N ASN B 60 -7.42 -17.18 11.21
CA ASN B 60 -8.77 -16.58 11.34
C ASN B 60 -8.97 -16.10 12.78
N ASN B 61 -7.98 -15.43 13.34
CA ASN B 61 -8.10 -14.93 14.74
C ASN B 61 -8.55 -13.47 14.73
N LEU B 62 -9.19 -13.03 13.67
CA LEU B 62 -9.64 -11.63 13.60
C LEU B 62 -8.46 -10.69 13.89
N SER B 63 -8.66 -9.41 13.78
CA SER B 63 -7.54 -8.46 14.04
C SER B 63 -6.49 -8.60 12.94
N ASP B 64 -6.84 -9.29 11.88
CA ASP B 64 -5.87 -9.47 10.76
C ASP B 64 -5.34 -8.10 10.32
N PHE B 65 -6.18 -7.10 10.34
CA PHE B 65 -5.74 -5.74 9.93
C PHE B 65 -4.56 -5.31 10.80
N TYR B 66 -4.59 -5.64 12.06
CA TYR B 66 -3.47 -5.27 12.97
C TYR B 66 -2.23 -6.08 12.59
N LYS B 67 -2.42 -7.35 12.33
CA LYS B 67 -1.25 -8.20 11.95
C LYS B 67 -0.59 -7.63 10.70
N THR B 68 -1.38 -7.29 9.71
CA THR B 68 -0.81 -6.72 8.46
C THR B 68 -0.07 -5.42 8.77
N LYS B 69 -0.58 -4.62 9.66
CA LYS B 69 0.10 -3.35 10.00
C LYS B 69 1.45 -3.65 10.66
N TYR B 70 1.53 -4.76 11.35
CA TYR B 70 2.80 -5.12 12.04
C TYR B 70 3.85 -5.55 11.01
N ILE B 71 3.52 -6.45 10.13
CA ILE B 71 4.54 -6.90 9.13
C ILE B 71 4.79 -5.79 8.12
N TRP B 72 3.81 -4.99 7.84
CA TRP B 72 4.01 -3.92 6.85
C TRP B 72 4.77 -2.75 7.49
N GLU B 73 4.48 -2.43 8.71
CA GLU B 73 5.23 -1.34 9.38
C GLU B 73 6.67 -1.82 9.63
N ARG B 74 6.84 -3.08 9.91
CA ARG B 74 8.20 -3.63 10.15
C ARG B 74 8.91 -3.83 8.81
N LEU B 75 8.19 -4.23 7.79
CA LEU B 75 8.84 -4.41 6.47
C LEU B 75 9.50 -3.10 6.10
N GLY B 76 8.84 -2.01 6.37
CA GLY B 76 9.43 -0.69 6.08
C GLY B 76 10.78 -0.57 6.80
N LYS B 77 11.18 -1.58 7.53
CA LYS B 77 12.48 -1.51 8.25
C LYS B 77 12.87 -2.90 8.74
N ASN A 10 -10.16 -18.43 -8.96
CA ASN A 10 -8.68 -18.49 -8.77
C ASN A 10 -8.08 -17.08 -8.77
N ASP A 11 -7.65 -16.59 -9.90
CA ASP A 11 -7.05 -15.23 -9.96
C ASP A 11 -7.87 -14.26 -9.12
N ALA A 12 -9.14 -14.50 -9.00
CA ALA A 12 -9.99 -13.56 -8.20
C ALA A 12 -9.73 -13.77 -6.70
N ALA A 13 -9.29 -14.93 -6.30
CA ALA A 13 -9.03 -15.14 -4.84
C ALA A 13 -7.75 -14.41 -4.44
N GLU A 14 -6.70 -14.54 -5.21
CA GLU A 14 -5.45 -13.82 -4.86
C GLU A 14 -5.71 -12.32 -4.95
N VAL A 15 -6.30 -11.87 -6.03
CA VAL A 15 -6.59 -10.42 -6.19
C VAL A 15 -7.53 -9.95 -5.07
N ALA A 16 -8.35 -10.84 -4.57
CA ALA A 16 -9.28 -10.43 -3.48
C ALA A 16 -8.48 -10.08 -2.23
N LEU A 17 -7.60 -10.95 -1.81
CA LEU A 17 -6.79 -10.63 -0.60
C LEU A 17 -5.85 -9.47 -0.92
N TYR A 18 -5.47 -9.31 -2.16
CA TYR A 18 -4.57 -8.17 -2.53
C TYR A 18 -5.27 -6.85 -2.22
N GLU A 19 -6.53 -6.74 -2.56
CA GLU A 19 -7.24 -5.45 -2.30
C GLU A 19 -7.85 -5.42 -0.90
N ARG A 20 -8.64 -6.40 -0.55
CA ARG A 20 -9.29 -6.40 0.79
C ARG A 20 -8.27 -6.24 1.92
N LEU A 21 -7.08 -6.76 1.79
CA LEU A 21 -6.11 -6.63 2.92
C LEU A 21 -5.34 -5.31 2.86
N LEU A 22 -4.88 -4.90 1.70
CA LEU A 22 -4.08 -3.63 1.62
C LEU A 22 -4.98 -2.41 1.76
N GLN A 23 -6.27 -2.56 1.69
CA GLN A 23 -7.16 -1.36 1.81
C GLN A 23 -6.65 -0.30 0.83
N LEU A 24 -6.03 -0.74 -0.21
CA LEU A 24 -5.49 0.21 -1.24
C LEU A 24 -5.84 -0.33 -2.62
N ARG A 25 -6.56 0.44 -3.40
CA ARG A 25 -6.96 -0.01 -4.77
C ARG A 25 -6.34 0.91 -5.82
N VAL A 26 -5.97 0.38 -6.94
CA VAL A 26 -5.38 1.22 -8.02
C VAL A 26 -6.48 1.61 -8.99
N LEU A 27 -6.75 2.89 -9.08
CA LEU A 27 -7.80 3.39 -10.00
C LEU A 27 -7.15 4.29 -11.06
N PRO A 28 -6.81 3.76 -12.23
CA PRO A 28 -6.18 4.60 -13.28
C PRO A 28 -7.16 5.65 -13.81
N GLY A 29 -6.68 6.84 -14.06
CA GLY A 29 -7.58 7.91 -14.57
C GLY A 29 -8.34 7.40 -15.79
N ALA A 30 -9.33 8.13 -16.24
CA ALA A 30 -10.12 7.69 -17.42
C ALA A 30 -9.17 7.48 -18.62
N SER A 31 -9.59 6.71 -19.58
CA SER A 31 -8.72 6.47 -20.77
C SER A 31 -8.38 7.81 -21.44
N ASP A 32 -9.24 8.78 -21.29
CA ASP A 32 -8.97 10.11 -21.93
C ASP A 32 -7.61 10.64 -21.46
N VAL A 33 -7.27 10.40 -20.22
CA VAL A 33 -5.96 10.90 -19.70
C VAL A 33 -5.27 9.78 -18.91
N HIS A 34 -3.97 9.81 -18.84
CA HIS A 34 -3.24 8.74 -18.08
C HIS A 34 -2.89 9.24 -16.69
N ASP A 35 -3.38 8.58 -15.67
CA ASP A 35 -3.09 9.01 -14.28
C ASP A 35 -3.32 7.84 -13.33
N VAL A 36 -2.72 7.86 -12.17
CA VAL A 36 -2.91 6.74 -11.19
C VAL A 36 -3.50 7.30 -9.90
N ARG A 37 -4.64 6.80 -9.51
CA ARG A 37 -5.29 7.29 -8.25
C ARG A 37 -5.21 6.21 -7.16
N PHE A 38 -4.47 6.46 -6.12
CA PHE A 38 -4.40 5.46 -5.02
C PHE A 38 -5.59 5.69 -4.09
N VAL A 39 -6.45 4.72 -3.94
CA VAL A 39 -7.65 4.89 -3.06
C VAL A 39 -7.51 4.06 -1.78
N PHE A 40 -7.60 4.70 -0.64
CA PHE A 40 -7.49 3.96 0.65
C PHE A 40 -8.90 3.57 1.13
N GLY A 41 -9.18 2.29 1.24
CA GLY A 41 -10.54 1.86 1.68
C GLY A 41 -10.71 2.11 3.20
N ASP A 42 -11.08 3.30 3.63
CA ASP A 42 -11.22 3.50 5.10
C ASP A 42 -12.14 4.69 5.43
N ASP A 43 -13.43 4.47 5.45
CA ASP A 43 -14.40 5.55 5.82
C ASP A 43 -14.17 6.86 5.01
N SER A 44 -15.22 7.57 4.66
CA SER A 44 -15.06 8.85 3.93
C SER A 44 -14.33 8.66 2.59
N ARG A 45 -13.74 7.51 2.35
CA ARG A 45 -13.02 7.29 1.07
C ARG A 45 -11.88 8.30 0.98
N CYS A 46 -10.66 7.85 1.07
CA CYS A 46 -9.50 8.79 1.00
C CYS A 46 -8.62 8.40 -0.18
N TRP A 47 -8.09 9.36 -0.90
CA TRP A 47 -7.23 8.98 -2.08
C TRP A 47 -6.29 10.11 -2.49
N ILE A 48 -5.21 9.76 -3.14
CA ILE A 48 -4.24 10.79 -3.64
C ILE A 48 -3.84 10.43 -5.07
N GLU A 49 -3.73 11.39 -5.95
CA GLU A 49 -3.37 11.09 -7.37
C GLU A 49 -1.90 11.44 -7.64
N VAL A 50 -1.20 10.57 -8.30
CA VAL A 50 0.23 10.85 -8.62
C VAL A 50 0.58 10.23 -9.98
N ALA A 51 1.13 11.01 -10.87
CA ALA A 51 1.48 10.46 -12.22
C ALA A 51 2.97 10.08 -12.25
N MET A 52 3.29 8.92 -12.73
CA MET A 52 4.71 8.50 -12.78
C MET A 52 5.48 9.43 -13.73
N HIS A 53 4.88 9.78 -14.84
CA HIS A 53 5.56 10.69 -15.81
C HIS A 53 4.93 12.08 -15.73
N GLY A 54 5.73 13.09 -15.53
CA GLY A 54 5.17 14.47 -15.43
C GLY A 54 6.21 15.41 -14.81
N ASP A 55 6.72 16.34 -15.57
CA ASP A 55 7.73 17.28 -15.01
C ASP A 55 7.01 18.40 -14.25
N HIS A 56 5.74 18.21 -13.98
CA HIS A 56 4.97 19.25 -13.24
C HIS A 56 4.08 18.56 -12.19
N VAL A 57 3.55 19.31 -11.26
CA VAL A 57 2.67 18.69 -10.22
C VAL A 57 1.23 18.64 -10.72
N ILE A 58 0.69 17.46 -10.84
CA ILE A 58 -0.73 17.33 -11.31
C ILE A 58 -1.40 16.19 -10.53
N GLY A 59 -2.64 16.38 -10.15
CA GLY A 59 -3.35 15.31 -9.39
C GLY A 59 -4.23 15.93 -8.31
N ASN A 60 -5.13 15.17 -7.76
CA ASN A 60 -6.03 15.70 -6.68
C ASN A 60 -5.56 15.16 -5.32
N SER A 61 -6.07 15.72 -4.26
CA SER A 61 -5.67 15.26 -2.89
C SER A 61 -6.89 15.25 -1.98
N HIS A 62 -7.25 14.10 -1.46
CA HIS A 62 -8.43 14.02 -0.55
C HIS A 62 -8.13 13.03 0.57
N PRO A 63 -7.28 13.41 1.49
CA PRO A 63 -6.92 12.54 2.64
C PRO A 63 -7.95 12.66 3.78
N ALA A 64 -7.68 13.50 4.75
CA ALA A 64 -8.62 13.68 5.89
C ALA A 64 -7.87 14.33 7.06
N LEU A 65 -6.81 15.01 6.78
CA LEU A 65 -6.03 15.68 7.86
C LEU A 65 -5.49 17.02 7.34
N ASP A 66 -4.55 17.61 8.04
CA ASP A 66 -4.00 18.91 7.58
C ASP A 66 -3.06 18.70 6.39
N PRO A 67 -2.76 19.72 5.63
CA PRO A 67 -1.83 19.58 4.47
C PRO A 67 -0.48 18.98 4.85
N LYS A 68 -0.10 19.09 6.09
CA LYS A 68 1.21 18.53 6.53
C LYS A 68 1.30 17.07 6.10
N SER A 69 0.18 16.41 5.96
CA SER A 69 0.21 14.97 5.54
C SER A 69 0.59 14.89 4.06
N ARG A 70 -0.16 15.52 3.20
CA ARG A 70 0.17 15.46 1.75
C ARG A 70 1.54 16.09 1.51
N ALA A 71 1.86 17.13 2.23
CA ALA A 71 3.18 17.79 2.04
C ALA A 71 4.29 16.88 2.57
N THR A 72 4.16 16.40 3.78
CA THR A 72 5.22 15.52 4.34
C THR A 72 5.30 14.22 3.53
N LEU A 73 4.20 13.75 3.01
CA LEU A 73 4.24 12.50 2.19
C LEU A 73 5.05 12.73 0.93
N GLU A 74 4.85 13.85 0.28
CA GLU A 74 5.62 14.12 -0.97
C GLU A 74 7.09 14.32 -0.62
N HIS A 75 7.40 15.25 0.25
CA HIS A 75 8.81 15.49 0.63
C HIS A 75 9.47 14.19 1.07
N VAL A 76 8.74 13.33 1.73
CA VAL A 76 9.33 12.04 2.20
C VAL A 76 9.74 11.19 1.00
N LEU A 77 8.87 10.98 0.05
CA LEU A 77 9.22 10.12 -1.12
C LEU A 77 10.36 10.75 -1.93
N THR A 78 10.34 12.04 -2.17
CA THR A 78 11.42 12.67 -2.98
C THR A 78 12.73 12.68 -2.19
N VAL A 79 12.65 12.78 -0.90
CA VAL A 79 13.88 12.83 -0.07
C VAL A 79 14.40 11.42 0.26
N GLN A 80 13.54 10.52 0.67
CA GLN A 80 14.02 9.16 1.03
C GLN A 80 14.05 8.22 -0.19
N GLY A 81 13.25 8.47 -1.19
CA GLY A 81 13.26 7.58 -2.38
C GLY A 81 13.06 6.12 -1.94
N ASP A 82 12.45 5.90 -0.80
CA ASP A 82 12.23 4.51 -0.32
C ASP A 82 10.77 4.13 -0.49
N LEU A 83 10.50 3.04 -1.16
CA LEU A 83 9.08 2.62 -1.37
C LEU A 83 8.56 2.08 -0.05
N ALA A 84 9.39 2.06 0.95
CA ALA A 84 8.95 1.55 2.30
C ALA A 84 8.63 2.71 3.27
N ALA A 85 9.52 3.65 3.48
CA ALA A 85 9.21 4.74 4.44
C ALA A 85 7.99 5.52 3.97
N PHE A 86 7.93 5.89 2.73
CA PHE A 86 6.72 6.63 2.27
C PHE A 86 5.49 5.72 2.38
N LEU A 87 5.43 4.62 1.68
CA LEU A 87 4.24 3.72 1.80
C LEU A 87 3.91 3.49 3.29
N VAL A 88 4.87 3.14 4.10
CA VAL A 88 4.60 2.89 5.55
C VAL A 88 4.04 4.16 6.22
N VAL A 89 4.63 5.28 5.95
CA VAL A 89 4.14 6.55 6.57
C VAL A 89 2.77 6.93 5.97
N ALA A 90 2.50 6.54 4.75
CA ALA A 90 1.20 6.87 4.11
C ALA A 90 0.06 6.15 4.82
N ARG A 91 0.24 4.88 5.13
CA ARG A 91 -0.85 4.14 5.82
C ARG A 91 -0.99 4.63 7.25
N ASP A 92 0.09 4.86 7.94
CA ASP A 92 -0.02 5.35 9.35
C ASP A 92 -0.60 6.76 9.35
N MET A 93 -0.36 7.52 8.31
CA MET A 93 -0.89 8.92 8.28
C MET A 93 -2.40 8.95 8.06
N LEU A 94 -2.91 8.19 7.12
CA LEU A 94 -4.37 8.22 6.87
C LEU A 94 -5.12 7.53 8.03
N LEU A 95 -4.54 6.54 8.62
CA LEU A 95 -5.21 5.83 9.75
C LEU A 95 -5.26 6.75 10.97
N ALA A 96 -4.20 7.45 11.23
CA ALA A 96 -4.18 8.37 12.40
C ALA A 96 -5.23 9.46 12.20
N SER A 97 -5.55 9.76 10.97
CA SER A 97 -6.58 10.81 10.72
C SER A 97 -7.88 10.42 11.41
N LEU A 98 -8.24 9.17 11.34
CA LEU A 98 -9.52 8.73 11.98
C LEU A 98 -9.57 9.28 13.41
N ASN B 20 -5.04 -8.50 -16.51
CA ASN B 20 -3.75 -7.88 -16.94
C ASN B 20 -3.15 -7.05 -15.79
N GLU B 21 -3.77 -5.95 -15.46
CA GLU B 21 -3.25 -5.10 -14.35
C GLU B 21 -2.85 -5.96 -13.15
N ASN B 22 -3.28 -7.19 -13.11
CA ASN B 22 -2.92 -8.07 -11.96
C ASN B 22 -1.43 -7.94 -11.66
N ILE B 23 -0.60 -7.89 -12.67
CA ILE B 23 0.85 -7.76 -12.43
C ILE B 23 1.14 -6.42 -11.75
N LEU B 24 0.41 -5.41 -12.11
CA LEU B 24 0.64 -4.07 -11.49
C LEU B 24 0.30 -4.15 -9.99
N LYS B 25 -0.81 -4.75 -9.65
CA LYS B 25 -1.18 -4.87 -8.22
C LYS B 25 -0.10 -5.67 -7.50
N LEU B 26 0.31 -6.75 -8.09
CA LEU B 26 1.37 -7.60 -7.47
C LEU B 26 2.65 -6.78 -7.34
N LYS B 27 2.89 -5.89 -8.27
CA LYS B 27 4.11 -5.05 -8.19
C LYS B 27 4.02 -4.16 -6.94
N LEU B 28 2.86 -3.66 -6.66
CA LEU B 28 2.70 -2.80 -5.45
C LEU B 28 3.02 -3.64 -4.20
N TYR B 29 2.43 -4.80 -4.09
CA TYR B 29 2.72 -5.65 -2.90
C TYR B 29 4.22 -5.91 -2.80
N ARG B 30 4.87 -6.15 -3.91
CA ARG B 30 6.33 -6.41 -3.86
C ARG B 30 7.01 -5.22 -3.16
N SER B 31 6.52 -4.04 -3.38
CA SER B 31 7.13 -2.85 -2.72
C SER B 31 7.03 -3.01 -1.20
N LEU B 32 6.03 -3.67 -0.72
CA LEU B 32 5.89 -3.85 0.74
C LEU B 32 6.77 -5.01 1.20
N GLY B 33 7.41 -5.69 0.28
CA GLY B 33 8.27 -6.83 0.68
C GLY B 33 7.36 -7.99 1.09
N VAL B 34 6.14 -8.00 0.60
CA VAL B 34 5.20 -9.12 0.93
C VAL B 34 5.20 -10.09 -0.24
N ILE B 35 5.09 -11.37 0.02
CA ILE B 35 5.09 -12.37 -1.08
C ILE B 35 3.97 -13.38 -0.80
N LEU B 36 2.77 -13.06 -1.19
CA LEU B 36 1.62 -13.96 -0.92
C LEU B 36 1.79 -15.29 -1.63
N ASP B 37 1.27 -16.34 -1.06
CA ASP B 37 1.37 -17.69 -1.68
C ASP B 37 0.09 -18.48 -1.39
N LEU B 38 -0.69 -18.73 -2.42
CA LEU B 38 -1.95 -19.51 -2.21
C LEU B 38 -1.60 -21.00 -2.24
N GLU B 39 -0.34 -21.31 -2.15
CA GLU B 39 0.08 -22.74 -2.18
C GLU B 39 -0.25 -23.39 -0.85
N ASN B 40 -0.85 -22.65 0.00
CA ASN B 40 -1.25 -23.17 1.35
C ASN B 40 -1.89 -22.02 2.17
N ASP B 41 -2.50 -21.07 1.51
CA ASP B 41 -3.12 -19.94 2.25
C ASP B 41 -2.13 -19.35 3.24
N GLN B 42 -0.98 -18.91 2.77
CA GLN B 42 0.04 -18.32 3.70
C GLN B 42 0.63 -17.06 3.09
N VAL B 43 1.03 -16.13 3.92
CA VAL B 43 1.64 -14.87 3.39
C VAL B 43 3.14 -14.93 3.69
N LEU B 44 3.97 -14.76 2.68
CA LEU B 44 5.44 -14.83 2.91
C LEU B 44 5.95 -13.40 2.98
N ILE B 45 7.05 -13.17 3.64
CA ILE B 45 7.57 -11.77 3.74
C ILE B 45 9.08 -11.75 3.80
N ASN B 46 9.63 -10.61 3.45
CA ASN B 46 11.11 -10.43 3.48
C ASN B 46 11.45 -9.20 4.33
N ARG B 47 11.68 -9.39 5.60
CA ARG B 47 11.99 -8.24 6.50
C ARG B 47 13.39 -7.68 6.17
N LYS B 48 13.49 -6.39 5.99
CA LYS B 48 14.80 -5.78 5.67
C LYS B 48 15.52 -5.43 6.98
N ASN B 49 16.83 -5.30 6.92
CA ASN B 49 17.58 -4.95 8.17
C ASN B 49 17.47 -6.12 9.15
N ASP B 50 17.25 -5.85 10.42
CA ASP B 50 17.14 -6.96 11.40
C ASP B 50 16.20 -8.03 10.84
N GLY B 51 16.52 -9.28 11.03
CA GLY B 51 15.66 -10.35 10.49
C GLY B 51 15.93 -10.52 8.99
N ASN B 52 15.24 -11.42 8.35
CA ASN B 52 15.48 -11.60 6.88
C ASN B 52 14.19 -12.09 6.22
N ILE B 53 13.97 -13.38 6.21
CA ILE B 53 12.73 -13.92 5.58
C ILE B 53 11.71 -14.25 6.66
N ASP B 54 10.46 -13.91 6.45
CA ASP B 54 9.42 -14.19 7.48
C ASP B 54 8.23 -14.88 6.82
N ILE B 55 7.48 -15.65 7.56
CA ILE B 55 6.31 -16.35 6.98
C ILE B 55 5.11 -16.15 7.91
N LEU B 56 3.93 -15.99 7.36
CA LEU B 56 2.72 -15.78 8.23
C LEU B 56 1.54 -16.59 7.66
N PRO B 57 1.07 -17.62 8.35
CA PRO B 57 -0.07 -18.44 7.86
C PRO B 57 -1.43 -17.75 8.08
N LEU B 58 -2.33 -17.88 7.14
CA LEU B 58 -3.67 -17.24 7.31
C LEU B 58 -4.59 -18.19 8.08
N ASP B 59 -5.24 -17.68 9.10
CA ASP B 59 -6.16 -18.53 9.91
C ASP B 59 -7.56 -17.92 9.92
N ASN B 60 -8.36 -18.27 10.90
CA ASN B 60 -9.75 -17.72 10.98
C ASN B 60 -10.04 -17.28 12.41
N ASN B 61 -9.06 -16.79 13.11
CA ASN B 61 -9.29 -16.36 14.52
C ASN B 61 -9.78 -14.91 14.53
N LEU B 62 -10.24 -14.42 13.40
CA LEU B 62 -10.74 -13.02 13.35
C LEU B 62 -9.66 -12.07 13.90
N SER B 63 -8.83 -11.55 13.04
CA SER B 63 -7.76 -10.61 13.50
C SER B 63 -6.73 -10.45 12.38
N ASP B 64 -7.06 -10.87 11.19
CA ASP B 64 -6.09 -10.74 10.05
C ASP B 64 -5.67 -9.27 9.90
N PHE B 65 -6.57 -8.36 10.11
CA PHE B 65 -6.23 -6.92 9.97
C PHE B 65 -5.08 -6.57 10.91
N TYR B 66 -5.09 -7.11 12.11
CA TYR B 66 -3.99 -6.80 13.06
C TYR B 66 -2.70 -7.47 12.59
N LYS B 67 -2.79 -8.70 12.13
CA LYS B 67 -1.57 -9.40 11.65
C LYS B 67 -0.98 -8.63 10.46
N THR B 68 -1.78 -8.35 9.47
CA THR B 68 -1.26 -7.59 8.29
C THR B 68 -0.64 -6.29 8.77
N LYS B 69 -1.24 -5.64 9.72
CA LYS B 69 -0.68 -4.35 10.21
C LYS B 69 0.63 -4.62 10.97
N TYR B 70 0.76 -5.78 11.57
CA TYR B 70 2.01 -6.08 12.32
C TYR B 70 3.17 -6.31 11.36
N ILE B 71 3.02 -7.19 10.40
CA ILE B 71 4.14 -7.45 9.45
C ILE B 71 4.41 -6.21 8.61
N TRP B 72 3.41 -5.45 8.34
CA TRP B 72 3.57 -4.25 7.51
C TRP B 72 4.31 -3.15 8.30
N GLU B 73 3.97 -2.96 9.53
CA GLU B 73 4.69 -1.93 10.34
C GLU B 73 6.14 -2.39 10.54
N ARG B 74 6.35 -3.67 10.67
CA ARG B 74 7.74 -4.18 10.87
C ARG B 74 8.46 -4.24 9.52
N LEU B 75 7.74 -4.32 8.45
CA LEU B 75 8.39 -4.36 7.11
C LEU B 75 9.02 -3.01 6.87
N GLY B 76 8.33 -1.96 7.26
CA GLY B 76 8.91 -0.61 7.09
C GLY B 76 10.22 -0.53 7.87
N LYS B 77 10.61 -1.60 8.53
CA LYS B 77 11.88 -1.56 9.30
C LYS B 77 12.58 -2.92 9.19
N ASN A 10 -7.05 -18.64 -8.26
CA ASN A 10 -6.64 -18.10 -9.59
C ASN A 10 -6.19 -16.65 -9.43
N ASP A 11 -5.78 -16.01 -10.50
CA ASP A 11 -5.32 -14.60 -10.40
C ASP A 11 -6.41 -13.75 -9.76
N ALA A 12 -7.64 -13.95 -10.14
CA ALA A 12 -8.75 -13.13 -9.56
C ALA A 12 -8.88 -13.44 -8.07
N ALA A 13 -8.69 -14.67 -7.69
CA ALA A 13 -8.82 -15.01 -6.24
C ALA A 13 -7.69 -14.29 -5.47
N GLU A 14 -6.48 -14.38 -5.94
CA GLU A 14 -5.37 -13.68 -5.27
C GLU A 14 -5.70 -12.18 -5.25
N VAL A 15 -6.01 -11.63 -6.39
CA VAL A 15 -6.35 -10.19 -6.46
C VAL A 15 -7.40 -9.83 -5.41
N ALA A 16 -8.29 -10.74 -5.09
CA ALA A 16 -9.34 -10.42 -4.07
C ALA A 16 -8.71 -10.35 -2.68
N LEU A 17 -7.93 -11.33 -2.33
CA LEU A 17 -7.27 -11.32 -0.99
C LEU A 17 -6.36 -10.10 -0.95
N TYR A 18 -5.68 -9.86 -2.02
CA TYR A 18 -4.77 -8.70 -2.12
C TYR A 18 -5.52 -7.43 -1.74
N GLU A 19 -6.57 -7.12 -2.44
CA GLU A 19 -7.33 -5.87 -2.16
C GLU A 19 -8.00 -5.92 -0.79
N ARG A 20 -8.81 -6.90 -0.56
CA ARG A 20 -9.54 -6.98 0.75
C ARG A 20 -8.60 -6.68 1.92
N LEU A 21 -7.35 -7.07 1.83
CA LEU A 21 -6.42 -6.83 2.98
C LEU A 21 -5.48 -5.61 2.78
N LEU A 22 -5.39 -5.06 1.59
CA LEU A 22 -4.46 -3.88 1.41
C LEU A 22 -5.19 -2.56 1.67
N GLN A 23 -6.49 -2.54 1.72
CA GLN A 23 -7.20 -1.26 1.95
C GLN A 23 -6.67 -0.22 0.97
N LEU A 24 -6.22 -0.68 -0.17
CA LEU A 24 -5.69 0.25 -1.20
C LEU A 24 -6.15 -0.24 -2.57
N ARG A 25 -6.83 0.60 -3.31
CA ARG A 25 -7.32 0.20 -4.66
C ARG A 25 -6.72 1.14 -5.70
N VAL A 26 -6.33 0.60 -6.82
CA VAL A 26 -5.75 1.44 -7.90
C VAL A 26 -6.86 1.88 -8.83
N LEU A 27 -7.09 3.15 -8.93
CA LEU A 27 -8.15 3.68 -9.82
C LEU A 27 -7.48 4.52 -10.92
N PRO A 28 -7.18 3.96 -12.08
CA PRO A 28 -6.54 4.75 -13.16
C PRO A 28 -7.47 5.80 -13.73
N GLY A 29 -6.97 6.96 -14.03
CA GLY A 29 -7.84 8.04 -14.59
C GLY A 29 -8.60 7.49 -15.80
N ALA A 30 -9.59 8.23 -16.26
CA ALA A 30 -10.38 7.74 -17.43
C ALA A 30 -9.46 7.58 -18.64
N SER A 31 -9.92 6.91 -19.66
CA SER A 31 -9.07 6.71 -20.87
C SER A 31 -8.75 8.07 -21.49
N ASP A 32 -9.52 9.07 -21.19
CA ASP A 32 -9.27 10.43 -21.77
C ASP A 32 -7.85 10.87 -21.40
N VAL A 33 -7.43 10.65 -20.19
CA VAL A 33 -6.07 11.06 -19.76
C VAL A 33 -5.42 9.93 -18.96
N HIS A 34 -4.11 9.90 -18.91
CA HIS A 34 -3.42 8.82 -18.15
C HIS A 34 -3.11 9.33 -16.74
N ASP A 35 -3.60 8.65 -15.73
CA ASP A 35 -3.33 9.09 -14.34
C ASP A 35 -3.60 7.94 -13.36
N VAL A 36 -2.99 8.00 -12.19
CA VAL A 36 -3.18 6.92 -11.17
C VAL A 36 -3.75 7.55 -9.90
N ARG A 37 -4.89 7.08 -9.46
CA ARG A 37 -5.50 7.62 -8.21
C ARG A 37 -5.46 6.55 -7.12
N PHE A 38 -4.70 6.77 -6.08
CA PHE A 38 -4.63 5.78 -4.96
C PHE A 38 -5.82 5.98 -4.04
N VAL A 39 -6.61 4.95 -3.83
CA VAL A 39 -7.81 5.10 -2.92
C VAL A 39 -7.63 4.23 -1.67
N PHE A 40 -7.67 4.84 -0.51
CA PHE A 40 -7.52 4.06 0.76
C PHE A 40 -8.92 3.74 1.32
N GLY A 41 -9.27 2.46 1.42
CA GLY A 41 -10.62 2.13 1.95
C GLY A 41 -10.87 2.92 3.25
N ASP A 42 -10.58 2.38 4.41
CA ASP A 42 -10.81 3.15 5.67
C ASP A 42 -12.21 3.80 5.63
N ASP A 43 -12.46 4.70 6.53
CA ASP A 43 -13.79 5.37 6.57
C ASP A 43 -13.66 6.79 5.95
N SER A 44 -14.73 7.34 5.43
CA SER A 44 -14.66 8.71 4.81
C SER A 44 -14.07 8.63 3.40
N ARG A 45 -13.53 7.50 3.02
CA ARG A 45 -12.93 7.36 1.67
C ARG A 45 -11.85 8.42 1.49
N CYS A 46 -10.61 8.02 1.46
CA CYS A 46 -9.51 9.01 1.29
C CYS A 46 -8.66 8.59 0.07
N TRP A 47 -8.18 9.54 -0.68
CA TRP A 47 -7.37 9.19 -1.89
C TRP A 47 -6.39 10.30 -2.27
N ILE A 48 -5.36 9.95 -2.97
CA ILE A 48 -4.34 10.95 -3.42
C ILE A 48 -3.95 10.66 -4.87
N GLU A 49 -3.90 11.66 -5.71
CA GLU A 49 -3.57 11.43 -7.14
C GLU A 49 -2.06 11.63 -7.38
N VAL A 50 -1.41 10.63 -7.94
CA VAL A 50 0.05 10.76 -8.21
C VAL A 50 0.41 9.84 -9.38
N ALA A 51 1.05 10.37 -10.39
CA ALA A 51 1.43 9.52 -11.57
C ALA A 51 2.87 9.05 -11.43
N MET A 52 3.36 8.92 -10.23
CA MET A 52 4.76 8.46 -10.03
C MET A 52 5.71 9.21 -10.97
N HIS A 53 6.30 10.27 -10.51
CA HIS A 53 7.24 11.04 -11.39
C HIS A 53 6.46 11.58 -12.59
N GLY A 54 7.01 12.55 -13.27
CA GLY A 54 6.30 13.12 -14.46
C GLY A 54 4.99 13.75 -14.00
N ASP A 55 4.68 14.92 -14.51
CA ASP A 55 3.42 15.61 -14.12
C ASP A 55 3.21 15.48 -12.60
N HIS A 56 4.25 15.21 -11.88
CA HIS A 56 4.11 15.08 -10.39
C HIS A 56 3.58 16.39 -9.82
N VAL A 57 3.89 17.50 -10.44
CA VAL A 57 3.40 18.81 -9.94
C VAL A 57 1.88 18.90 -10.16
N ILE A 58 1.26 17.81 -10.51
CA ILE A 58 -0.21 17.81 -10.75
C ILE A 58 -0.85 16.70 -9.91
N GLY A 59 -2.02 16.94 -9.41
CA GLY A 59 -2.71 15.92 -8.58
C GLY A 59 -3.47 16.60 -7.45
N ASN A 60 -4.32 15.87 -6.77
CA ASN A 60 -5.10 16.47 -5.64
C ASN A 60 -5.02 15.54 -4.42
N SER A 61 -5.15 16.10 -3.24
CA SER A 61 -5.09 15.28 -2.01
C SER A 61 -6.44 15.28 -1.30
N HIS A 62 -6.89 14.15 -0.84
CA HIS A 62 -8.21 14.09 -0.13
C HIS A 62 -8.14 13.09 1.02
N PRO A 63 -7.44 13.44 2.07
CA PRO A 63 -7.31 12.55 3.26
C PRO A 63 -8.53 12.65 4.19
N ALA A 64 -8.47 13.51 5.17
CA ALA A 64 -9.62 13.67 6.12
C ALA A 64 -9.15 14.41 7.37
N LEU A 65 -8.23 15.33 7.21
CA LEU A 65 -7.73 16.09 8.39
C LEU A 65 -7.05 17.38 7.94
N ASP A 66 -5.83 17.31 7.51
CA ASP A 66 -5.12 18.54 7.05
C ASP A 66 -4.13 18.19 5.92
N PRO A 67 -3.70 19.15 5.15
CA PRO A 67 -2.74 18.90 4.04
C PRO A 67 -1.40 18.31 4.53
N LYS A 68 -1.15 18.39 5.81
CA LYS A 68 0.13 17.85 6.35
C LYS A 68 0.37 16.45 5.77
N SER A 69 -0.67 15.71 5.50
CA SER A 69 -0.49 14.35 4.94
C SER A 69 0.20 14.44 3.58
N ARG A 70 -0.51 14.84 2.56
CA ARG A 70 0.11 14.94 1.21
C ARG A 70 1.46 15.66 1.30
N ALA A 71 1.61 16.55 2.25
CA ALA A 71 2.91 17.27 2.38
C ALA A 71 3.99 16.33 2.91
N THR A 72 3.89 15.89 4.13
CA THR A 72 4.93 14.98 4.70
C THR A 72 5.10 13.76 3.81
N LEU A 73 4.04 13.27 3.23
CA LEU A 73 4.16 12.07 2.35
C LEU A 73 5.03 12.40 1.14
N GLU A 74 4.84 13.55 0.56
CA GLU A 74 5.66 13.92 -0.63
C GLU A 74 7.13 14.03 -0.22
N HIS A 75 7.43 14.89 0.73
CA HIS A 75 8.84 15.04 1.17
C HIS A 75 9.46 13.67 1.48
N VAL A 76 8.70 12.78 2.02
CA VAL A 76 9.25 11.42 2.34
C VAL A 76 9.69 10.71 1.07
N LEU A 77 8.84 10.65 0.09
CA LEU A 77 9.21 9.92 -1.16
C LEU A 77 10.37 10.61 -1.89
N THR A 78 10.37 11.91 -1.99
CA THR A 78 11.48 12.57 -2.73
C THR A 78 12.77 12.51 -1.90
N VAL A 79 12.64 12.51 -0.60
CA VAL A 79 13.86 12.48 0.26
C VAL A 79 14.36 11.04 0.50
N GLN A 80 13.48 10.12 0.79
CA GLN A 80 13.94 8.72 1.08
C GLN A 80 13.89 7.82 -0.17
N GLY A 81 13.11 8.17 -1.17
CA GLY A 81 13.03 7.30 -2.38
C GLY A 81 12.81 5.85 -1.94
N ASP A 82 12.15 5.64 -0.83
CA ASP A 82 11.93 4.25 -0.36
C ASP A 82 10.59 3.73 -0.88
N LEU A 83 10.63 2.63 -1.57
CA LEU A 83 9.37 2.04 -2.13
C LEU A 83 8.57 1.45 -0.98
N ALA A 84 9.01 1.66 0.22
CA ALA A 84 8.29 1.11 1.42
C ALA A 84 8.04 2.20 2.48
N ALA A 85 9.06 2.80 3.05
CA ALA A 85 8.81 3.84 4.09
C ALA A 85 7.72 4.80 3.61
N PHE A 86 7.66 5.02 2.34
CA PHE A 86 6.62 5.94 1.81
C PHE A 86 5.21 5.34 2.00
N LEU A 87 4.91 4.19 1.44
CA LEU A 87 3.56 3.63 1.63
C LEU A 87 3.33 3.31 3.11
N VAL A 88 4.34 2.82 3.79
CA VAL A 88 4.16 2.50 5.24
C VAL A 88 3.78 3.80 5.97
N VAL A 89 4.46 4.89 5.68
CA VAL A 89 4.10 6.17 6.33
C VAL A 89 2.72 6.62 5.82
N ALA A 90 2.39 6.29 4.60
CA ALA A 90 1.05 6.68 4.05
C ALA A 90 -0.04 6.09 4.96
N ARG A 91 0.16 4.87 5.40
CA ARG A 91 -0.84 4.22 6.28
C ARG A 91 -0.86 4.96 7.63
N ASP A 92 0.29 5.12 8.24
CA ASP A 92 0.30 5.85 9.55
C ASP A 92 -0.39 7.20 9.37
N MET A 93 -0.21 7.81 8.23
CA MET A 93 -0.85 9.12 7.99
C MET A 93 -2.37 8.95 7.99
N LEU A 94 -2.85 7.87 7.44
CA LEU A 94 -4.32 7.63 7.41
C LEU A 94 -4.86 7.57 8.84
N LEU A 95 -4.24 6.77 9.67
CA LEU A 95 -4.71 6.64 11.08
C LEU A 95 -4.66 8.02 11.75
N ALA A 96 -3.53 8.65 11.71
CA ALA A 96 -3.40 9.98 12.35
C ALA A 96 -4.57 10.86 11.90
N SER A 97 -5.06 10.66 10.72
CA SER A 97 -6.19 11.49 10.23
C SER A 97 -7.43 11.22 11.09
N LEU A 98 -7.64 9.99 11.48
CA LEU A 98 -8.82 9.66 12.33
C LEU A 98 -8.40 8.64 13.40
N ASN B 20 -5.75 -7.44 -16.35
CA ASN B 20 -4.49 -6.73 -16.67
C ASN B 20 -3.96 -6.02 -15.42
N GLU B 21 -4.64 -5.02 -14.96
CA GLU B 21 -4.20 -4.26 -13.74
C GLU B 21 -3.64 -5.23 -12.70
N ASN B 22 -4.06 -6.47 -12.74
CA ASN B 22 -3.55 -7.46 -11.74
C ASN B 22 -2.03 -7.36 -11.65
N ILE B 23 -1.37 -7.20 -12.77
CA ILE B 23 0.12 -7.10 -12.75
C ILE B 23 0.55 -5.88 -11.93
N LEU B 24 -0.14 -4.78 -12.06
CA LEU B 24 0.25 -3.57 -11.28
C LEU B 24 0.12 -3.85 -9.78
N LYS B 25 -0.94 -4.50 -9.37
CA LYS B 25 -1.12 -4.80 -7.93
C LYS B 25 0.04 -5.70 -7.47
N LEU B 26 0.36 -6.71 -8.22
CA LEU B 26 1.48 -7.62 -7.83
C LEU B 26 2.76 -6.81 -7.64
N LYS B 27 3.02 -5.88 -8.51
CA LYS B 27 4.26 -5.05 -8.35
C LYS B 27 4.21 -4.30 -7.03
N LEU B 28 3.06 -3.81 -6.65
CA LEU B 28 2.96 -3.07 -5.36
C LEU B 28 3.34 -4.00 -4.21
N TYR B 29 2.70 -5.13 -4.09
CA TYR B 29 3.02 -6.06 -2.99
C TYR B 29 4.52 -6.32 -2.91
N ARG B 30 5.17 -6.54 -4.01
CA ARG B 30 6.64 -6.81 -3.97
C ARG B 30 7.36 -5.63 -3.31
N SER B 31 6.90 -4.44 -3.52
CA SER B 31 7.58 -3.26 -2.93
C SER B 31 7.55 -3.34 -1.40
N LEU B 32 6.58 -4.02 -0.83
CA LEU B 32 6.52 -4.11 0.65
C LEU B 32 7.33 -5.29 1.17
N GLY B 33 7.88 -6.11 0.31
CA GLY B 33 8.67 -7.26 0.81
C GLY B 33 7.72 -8.37 1.24
N VAL B 34 6.53 -8.42 0.67
CA VAL B 34 5.56 -9.50 1.04
C VAL B 34 5.54 -10.56 -0.07
N ILE B 35 5.49 -11.82 0.28
CA ILE B 35 5.41 -12.90 -0.74
C ILE B 35 4.22 -13.79 -0.39
N LEU B 36 3.04 -13.37 -0.77
CA LEU B 36 1.82 -14.16 -0.43
C LEU B 36 1.91 -15.56 -1.06
N ASP B 37 1.37 -16.53 -0.40
CA ASP B 37 1.41 -17.92 -0.94
C ASP B 37 0.05 -18.59 -0.69
N LEU B 38 -0.77 -18.66 -1.71
CA LEU B 38 -2.12 -19.27 -1.54
C LEU B 38 -2.03 -20.79 -1.64
N GLU B 39 -0.91 -21.37 -1.28
CA GLU B 39 -0.79 -22.85 -1.34
C GLU B 39 -1.28 -23.42 -0.01
N ASN B 40 -1.80 -22.56 0.80
CA ASN B 40 -2.32 -22.97 2.14
C ASN B 40 -2.66 -21.71 2.96
N ASP B 41 -3.07 -20.63 2.32
CA ASP B 41 -3.41 -19.40 3.07
C ASP B 41 -2.23 -19.00 3.96
N GLN B 42 -1.08 -18.84 3.37
CA GLN B 42 0.14 -18.46 4.16
C GLN B 42 0.76 -17.20 3.57
N VAL B 43 1.16 -16.27 4.42
CA VAL B 43 1.79 -15.02 3.91
C VAL B 43 3.29 -15.10 4.22
N LEU B 44 4.14 -14.95 3.24
CA LEU B 44 5.60 -15.01 3.51
C LEU B 44 6.12 -13.59 3.52
N ILE B 45 7.22 -13.34 4.17
CA ILE B 45 7.74 -11.95 4.20
C ILE B 45 9.25 -11.91 4.33
N ASN B 46 9.80 -10.80 3.96
CA ASN B 46 11.27 -10.59 4.06
C ASN B 46 11.53 -9.30 4.86
N ARG B 47 12.37 -9.36 5.86
CA ARG B 47 12.65 -8.14 6.68
C ARG B 47 13.91 -7.45 6.17
N LYS B 48 13.78 -6.26 5.64
CA LYS B 48 14.97 -5.54 5.13
C LYS B 48 15.76 -4.98 6.32
N ASN B 49 17.05 -4.87 6.19
CA ASN B 49 17.87 -4.34 7.33
C ASN B 49 17.96 -5.41 8.42
N ASP B 50 19.04 -6.14 8.45
CA ASP B 50 19.19 -7.21 9.48
C ASP B 50 18.04 -8.21 9.32
N GLY B 51 17.86 -9.09 10.26
CA GLY B 51 16.76 -10.08 10.16
C GLY B 51 16.86 -10.82 8.82
N ASN B 52 16.01 -11.78 8.59
CA ASN B 52 16.06 -12.56 7.30
C ASN B 52 14.65 -12.70 6.72
N ILE B 53 14.15 -13.91 6.68
CA ILE B 53 12.79 -14.15 6.11
C ILE B 53 11.80 -14.46 7.23
N ASP B 54 10.57 -14.03 7.08
CA ASP B 54 9.53 -14.31 8.13
C ASP B 54 8.31 -14.93 7.48
N ILE B 55 7.54 -15.69 8.21
CA ILE B 55 6.33 -16.34 7.63
C ILE B 55 5.12 -16.09 8.53
N LEU B 56 3.96 -15.92 7.97
CA LEU B 56 2.74 -15.67 8.81
C LEU B 56 1.56 -16.51 8.30
N PRO B 57 1.17 -17.57 8.99
CA PRO B 57 0.03 -18.42 8.55
C PRO B 57 -1.32 -17.79 8.91
N LEU B 58 -2.29 -17.94 8.04
CA LEU B 58 -3.63 -17.37 8.31
C LEU B 58 -4.50 -18.41 9.02
N ASP B 59 -3.96 -19.56 9.29
CA ASP B 59 -4.76 -20.61 9.98
C ASP B 59 -5.14 -20.14 11.38
N ASN B 60 -4.17 -19.95 12.24
CA ASN B 60 -4.47 -19.48 13.62
C ASN B 60 -4.33 -17.96 13.68
N ASN B 61 -5.44 -17.25 13.68
CA ASN B 61 -5.36 -15.77 13.72
C ASN B 61 -6.64 -15.21 14.35
N LEU B 62 -6.75 -13.91 14.40
CA LEU B 62 -7.97 -13.28 14.98
C LEU B 62 -8.32 -12.04 14.15
N SER B 63 -7.38 -11.12 14.03
CA SER B 63 -7.62 -9.88 13.24
C SER B 63 -6.55 -9.79 12.14
N ASP B 64 -6.74 -10.51 11.07
CA ASP B 64 -5.74 -10.47 9.96
C ASP B 64 -5.45 -9.02 9.57
N PHE B 65 -6.44 -8.17 9.63
CA PHE B 65 -6.20 -6.74 9.25
C PHE B 65 -5.09 -6.16 10.12
N TYR B 66 -5.19 -6.34 11.42
CA TYR B 66 -4.14 -5.81 12.32
C TYR B 66 -2.81 -6.50 12.03
N LYS B 67 -2.84 -7.79 11.81
CA LYS B 67 -1.58 -8.52 11.52
C LYS B 67 -0.94 -7.94 10.26
N THR B 68 -1.73 -7.71 9.23
CA THR B 68 -1.16 -7.16 7.98
C THR B 68 -0.50 -5.81 8.29
N LYS B 69 -1.10 -5.03 9.13
CA LYS B 69 -0.48 -3.71 9.47
C LYS B 69 0.78 -3.96 10.31
N TYR B 70 0.82 -5.05 11.04
CA TYR B 70 2.00 -5.35 11.89
C TYR B 70 3.21 -5.69 11.01
N ILE B 71 3.08 -6.66 10.14
CA ILE B 71 4.23 -7.04 9.28
C ILE B 71 4.58 -5.90 8.34
N TRP B 72 3.60 -5.19 7.90
CA TRP B 72 3.85 -4.06 6.97
C TRP B 72 4.57 -2.92 7.70
N GLU B 73 4.22 -2.66 8.94
CA GLU B 73 4.93 -1.59 9.68
C GLU B 73 6.38 -2.01 9.90
N ARG B 74 6.61 -3.27 10.14
CA ARG B 74 8.01 -3.75 10.36
C ARG B 74 8.74 -3.83 9.02
N LEU B 75 8.06 -4.22 7.99
CA LEU B 75 8.72 -4.30 6.66
C LEU B 75 9.30 -2.94 6.36
N GLY B 76 8.60 -1.90 6.73
CA GLY B 76 9.13 -0.54 6.48
C GLY B 76 10.57 -0.46 7.00
N LYS B 77 11.01 -1.46 7.74
CA LYS B 77 12.40 -1.44 8.26
C LYS B 77 12.95 -2.86 8.33
N ASN A 10 -8.13 -19.55 -6.41
CA ASN A 10 -8.01 -19.12 -7.84
C ASN A 10 -7.34 -17.76 -7.91
N ASP A 11 -7.06 -17.28 -9.08
CA ASP A 11 -6.41 -15.94 -9.22
C ASP A 11 -7.29 -14.87 -8.59
N ALA A 12 -8.58 -14.98 -8.74
CA ALA A 12 -9.49 -13.95 -8.14
C ALA A 12 -9.40 -13.99 -6.63
N ALA A 13 -9.36 -15.16 -6.05
CA ALA A 13 -9.27 -15.23 -4.55
C ALA A 13 -7.93 -14.61 -4.10
N GLU A 14 -6.85 -14.98 -4.74
CA GLU A 14 -5.54 -14.40 -4.36
C GLU A 14 -5.62 -12.87 -4.50
N VAL A 15 -6.04 -12.41 -5.65
CA VAL A 15 -6.16 -10.94 -5.88
C VAL A 15 -7.12 -10.32 -4.87
N ALA A 16 -8.05 -11.10 -4.37
CA ALA A 16 -9.02 -10.54 -3.38
C ALA A 16 -8.26 -10.18 -2.11
N LEU A 17 -7.40 -11.05 -1.66
CA LEU A 17 -6.62 -10.74 -0.43
C LEU A 17 -5.65 -9.58 -0.74
N TYR A 18 -5.18 -9.49 -1.95
CA TYR A 18 -4.26 -8.37 -2.31
C TYR A 18 -4.97 -7.03 -2.05
N GLU A 19 -6.18 -6.89 -2.52
CA GLU A 19 -6.89 -5.60 -2.33
C GLU A 19 -7.48 -5.48 -0.93
N ARG A 20 -8.36 -6.38 -0.57
CA ARG A 20 -9.00 -6.31 0.77
C ARG A 20 -7.98 -6.10 1.89
N LEU A 21 -6.78 -6.57 1.73
CA LEU A 21 -5.77 -6.41 2.83
C LEU A 21 -4.99 -5.09 2.71
N LEU A 22 -4.76 -4.59 1.52
CA LEU A 22 -3.99 -3.33 1.39
C LEU A 22 -4.89 -2.11 1.59
N GLN A 23 -6.19 -2.29 1.60
CA GLN A 23 -7.08 -1.10 1.77
C GLN A 23 -6.63 -0.04 0.78
N LEU A 24 -6.13 -0.48 -0.34
CA LEU A 24 -5.65 0.47 -1.38
C LEU A 24 -6.29 0.06 -2.71
N ARG A 25 -6.92 0.98 -3.39
CA ARG A 25 -7.58 0.67 -4.68
C ARG A 25 -6.90 1.43 -5.80
N VAL A 26 -6.57 0.77 -6.88
CA VAL A 26 -5.91 1.47 -8.02
C VAL A 26 -6.97 1.94 -8.99
N LEU A 27 -7.10 3.24 -9.10
CA LEU A 27 -8.10 3.82 -10.03
C LEU A 27 -7.37 4.73 -11.05
N PRO A 28 -7.01 4.23 -12.21
CA PRO A 28 -6.31 5.08 -13.22
C PRO A 28 -7.23 6.19 -13.75
N GLY A 29 -6.68 7.35 -13.95
CA GLY A 29 -7.52 8.47 -14.46
C GLY A 29 -8.33 8.00 -15.66
N ALA A 30 -9.40 8.68 -15.97
CA ALA A 30 -10.25 8.26 -17.13
C ALA A 30 -9.62 8.77 -18.43
N SER A 31 -10.41 8.97 -19.44
CA SER A 31 -9.87 9.46 -20.75
C SER A 31 -9.06 10.75 -20.51
N ASP A 32 -9.37 11.47 -19.47
CA ASP A 32 -8.63 12.73 -19.19
C ASP A 32 -7.15 12.44 -19.09
N VAL A 33 -6.36 13.38 -18.66
CA VAL A 33 -4.90 13.16 -18.54
C VAL A 33 -4.64 11.83 -17.81
N HIS A 34 -3.84 10.98 -18.38
CA HIS A 34 -3.56 9.68 -17.71
C HIS A 34 -2.96 9.94 -16.33
N ASP A 35 -3.33 9.15 -15.36
CA ASP A 35 -2.79 9.35 -13.98
C ASP A 35 -3.20 8.18 -13.11
N VAL A 36 -2.59 8.06 -11.95
CA VAL A 36 -2.94 6.94 -11.03
C VAL A 36 -3.56 7.51 -9.75
N ARG A 37 -4.75 7.06 -9.42
CA ARG A 37 -5.42 7.55 -8.19
C ARG A 37 -5.40 6.45 -7.13
N PHE A 38 -4.65 6.64 -6.08
CA PHE A 38 -4.61 5.60 -5.00
C PHE A 38 -5.76 5.88 -4.04
N VAL A 39 -6.69 4.96 -3.93
CA VAL A 39 -7.86 5.18 -3.01
C VAL A 39 -7.70 4.33 -1.75
N PHE A 40 -7.84 4.95 -0.60
CA PHE A 40 -7.72 4.18 0.68
C PHE A 40 -9.12 3.76 1.14
N GLY A 41 -9.38 2.47 1.24
CA GLY A 41 -10.73 2.01 1.66
C GLY A 41 -10.90 2.21 3.19
N ASP A 42 -11.18 3.40 3.66
CA ASP A 42 -11.33 3.57 5.14
C ASP A 42 -12.22 4.78 5.49
N ASP A 43 -13.52 4.57 5.53
CA ASP A 43 -14.47 5.66 5.90
C ASP A 43 -14.20 6.96 5.11
N SER A 44 -15.24 7.75 4.88
CA SER A 44 -15.04 9.04 4.14
C SER A 44 -14.44 8.82 2.75
N ARG A 45 -13.85 7.68 2.49
CA ARG A 45 -13.23 7.45 1.16
C ARG A 45 -12.13 8.50 0.98
N CYS A 46 -10.89 8.10 1.05
CA CYS A 46 -9.78 9.09 0.89
C CYS A 46 -8.88 8.66 -0.27
N TRP A 47 -8.29 9.60 -0.97
CA TRP A 47 -7.42 9.20 -2.12
C TRP A 47 -6.41 10.29 -2.47
N ILE A 48 -5.31 9.90 -3.05
CA ILE A 48 -4.25 10.87 -3.47
C ILE A 48 -3.78 10.47 -4.88
N GLU A 49 -3.69 11.42 -5.79
CA GLU A 49 -3.28 11.08 -7.18
C GLU A 49 -1.83 11.48 -7.45
N VAL A 50 -1.16 10.74 -8.29
CA VAL A 50 0.26 11.08 -8.62
C VAL A 50 0.51 10.83 -10.11
N ALA A 51 1.33 11.65 -10.73
CA ALA A 51 1.63 11.47 -12.18
C ALA A 51 3.11 11.11 -12.36
N MET A 52 3.40 9.88 -12.68
CA MET A 52 4.82 9.48 -12.86
C MET A 52 5.26 9.76 -14.30
N HIS A 53 4.36 9.64 -15.24
CA HIS A 53 4.72 9.90 -16.66
C HIS A 53 5.38 11.27 -16.78
N GLY A 54 4.97 12.22 -15.97
CA GLY A 54 5.56 13.59 -16.02
C GLY A 54 5.95 14.03 -14.61
N ASP A 55 6.54 15.18 -14.49
CA ASP A 55 6.96 15.68 -13.14
C ASP A 55 5.73 15.77 -12.23
N HIS A 56 5.91 15.56 -10.96
CA HIS A 56 4.76 15.64 -10.02
C HIS A 56 5.23 16.17 -8.66
N VAL A 57 4.39 16.92 -7.99
CA VAL A 57 4.79 17.46 -6.65
C VAL A 57 3.53 17.71 -5.82
N ILE A 58 2.42 17.96 -6.46
CA ILE A 58 1.16 18.20 -5.71
C ILE A 58 -0.01 18.26 -6.70
N GLY A 59 -1.17 17.86 -6.26
CA GLY A 59 -2.36 17.88 -7.18
C GLY A 59 -3.60 17.42 -6.41
N ASN A 60 -4.37 16.54 -6.99
CA ASN A 60 -5.60 16.06 -6.28
C ASN A 60 -5.21 15.34 -4.98
N SER A 61 -5.56 15.93 -3.86
CA SER A 61 -5.23 15.31 -2.54
C SER A 61 -6.46 15.35 -1.64
N HIS A 62 -6.89 14.22 -1.18
CA HIS A 62 -8.10 14.18 -0.29
C HIS A 62 -7.90 13.11 0.80
N PRO A 63 -7.05 13.39 1.76
CA PRO A 63 -6.79 12.44 2.87
C PRO A 63 -7.82 12.61 4.00
N ALA A 64 -7.52 13.47 4.96
CA ALA A 64 -8.46 13.70 6.10
C ALA A 64 -7.69 14.35 7.25
N LEU A 65 -6.62 15.04 6.94
CA LEU A 65 -5.82 15.71 8.00
C LEU A 65 -5.26 17.03 7.46
N ASP A 66 -4.50 17.73 8.25
CA ASP A 66 -3.94 19.03 7.79
C ASP A 66 -2.99 18.76 6.60
N PRO A 67 -2.67 19.77 5.82
CA PRO A 67 -1.75 19.59 4.65
C PRO A 67 -0.40 18.97 5.06
N LYS A 68 -0.06 19.04 6.31
CA LYS A 68 1.23 18.45 6.76
C LYS A 68 1.27 16.97 6.36
N SER A 69 0.12 16.34 6.27
CA SER A 69 0.10 14.91 5.88
C SER A 69 0.51 14.76 4.42
N ARG A 70 -0.32 15.17 3.50
CA ARG A 70 0.04 15.03 2.06
C ARG A 70 1.43 15.64 1.82
N ALA A 71 1.79 16.66 2.56
CA ALA A 71 3.13 17.28 2.37
C ALA A 71 4.22 16.32 2.87
N THR A 72 4.16 15.92 4.11
CA THR A 72 5.20 14.99 4.64
C THR A 72 5.23 13.70 3.81
N LEU A 73 4.12 13.28 3.29
CA LEU A 73 4.09 12.04 2.47
C LEU A 73 4.93 12.27 1.21
N GLU A 74 4.69 13.36 0.52
CA GLU A 74 5.47 13.63 -0.71
C GLU A 74 6.95 13.77 -0.38
N HIS A 75 7.30 14.69 0.48
CA HIS A 75 8.74 14.87 0.84
C HIS A 75 9.34 13.54 1.27
N VAL A 76 8.56 12.71 1.92
CA VAL A 76 9.10 11.40 2.37
C VAL A 76 9.53 10.54 1.19
N LEU A 77 8.68 10.37 0.22
CA LEU A 77 9.07 9.50 -0.93
C LEU A 77 10.23 10.10 -1.73
N THR A 78 10.23 11.38 -1.98
CA THR A 78 11.35 11.97 -2.77
C THR A 78 12.63 12.04 -1.91
N VAL A 79 12.50 12.16 -0.62
CA VAL A 79 13.70 12.26 0.24
C VAL A 79 14.20 10.89 0.69
N GLN A 80 13.34 9.98 1.07
CA GLN A 80 13.80 8.64 1.54
C GLN A 80 14.07 7.70 0.38
N GLY A 81 13.37 7.87 -0.71
CA GLY A 81 13.60 6.96 -1.88
C GLY A 81 13.32 5.52 -1.46
N ASP A 82 12.53 5.32 -0.42
CA ASP A 82 12.22 3.94 0.04
C ASP A 82 10.77 3.64 -0.31
N LEU A 83 10.56 2.73 -1.22
CA LEU A 83 9.19 2.39 -1.63
C LEU A 83 8.42 1.88 -0.41
N ALA A 84 9.12 1.63 0.66
CA ALA A 84 8.43 1.11 1.89
C ALA A 84 8.15 2.23 2.92
N ALA A 85 9.13 3.02 3.29
CA ALA A 85 8.84 4.08 4.29
C ALA A 85 7.67 4.95 3.81
N PHE A 86 7.53 5.12 2.53
CA PHE A 86 6.39 5.95 2.05
C PHE A 86 5.07 5.19 2.27
N LEU A 87 4.85 4.05 1.64
CA LEU A 87 3.57 3.31 1.86
C LEU A 87 3.34 3.10 3.36
N VAL A 88 4.36 2.76 4.10
CA VAL A 88 4.17 2.52 5.56
C VAL A 88 3.67 3.82 6.23
N VAL A 89 4.30 4.92 5.94
CA VAL A 89 3.84 6.21 6.54
C VAL A 89 2.48 6.60 5.95
N ALA A 90 2.21 6.23 4.72
CA ALA A 90 0.90 6.56 4.09
C ALA A 90 -0.20 5.84 4.86
N ARG A 91 0.04 4.60 5.22
CA ARG A 91 -0.98 3.83 5.98
C ARG A 91 -1.24 4.49 7.33
N ASP A 92 -0.21 4.81 8.05
CA ASP A 92 -0.43 5.46 9.39
C ASP A 92 -0.99 6.87 9.20
N MET A 93 -0.66 7.51 8.11
CA MET A 93 -1.16 8.90 7.88
C MET A 93 -2.65 8.90 7.56
N LEU A 94 -3.10 8.02 6.70
CA LEU A 94 -4.55 8.01 6.36
C LEU A 94 -5.37 7.46 7.53
N LEU A 95 -4.86 6.45 8.18
CA LEU A 95 -5.61 5.84 9.33
C LEU A 95 -5.54 6.79 10.54
N ALA A 96 -4.41 7.41 10.76
CA ALA A 96 -4.29 8.34 11.93
C ALA A 96 -5.25 9.51 11.73
N SER A 97 -5.55 9.86 10.50
CA SER A 97 -6.48 10.99 10.26
C SER A 97 -7.80 10.71 10.98
N LEU A 98 -8.28 9.50 10.91
CA LEU A 98 -9.56 9.17 11.60
C LEU A 98 -9.25 8.55 12.97
N ASN B 20 -5.40 -6.36 -16.87
CA ASN B 20 -4.00 -6.01 -17.26
C ASN B 20 -3.32 -5.23 -16.12
N GLU B 21 -3.85 -4.09 -15.76
CA GLU B 21 -3.24 -3.30 -14.67
C GLU B 21 -3.02 -4.20 -13.44
N ASN B 22 -3.76 -5.26 -13.34
CA ASN B 22 -3.58 -6.17 -12.17
C ASN B 22 -2.10 -6.48 -11.99
N ILE B 23 -1.42 -6.83 -13.05
CA ILE B 23 0.03 -7.15 -12.93
C ILE B 23 0.75 -5.97 -12.26
N LEU B 24 0.27 -4.78 -12.46
CA LEU B 24 0.92 -3.61 -11.82
C LEU B 24 0.65 -3.66 -10.32
N LYS B 25 -0.52 -4.06 -9.94
CA LYS B 25 -0.84 -4.16 -8.48
C LYS B 25 0.12 -5.15 -7.83
N LEU B 26 0.28 -6.31 -8.41
CA LEU B 26 1.21 -7.30 -7.81
C LEU B 26 2.61 -6.71 -7.77
N LYS B 27 2.96 -5.92 -8.75
CA LYS B 27 4.31 -5.30 -8.73
C LYS B 27 4.44 -4.48 -7.46
N LEU B 28 3.39 -3.81 -7.05
CA LEU B 28 3.45 -3.03 -5.79
C LEU B 28 3.71 -4.00 -4.63
N TYR B 29 2.81 -4.92 -4.40
CA TYR B 29 3.00 -5.89 -3.29
C TYR B 29 4.42 -6.45 -3.34
N ARG B 30 4.85 -6.92 -4.48
CA ARG B 30 6.22 -7.49 -4.60
C ARG B 30 7.27 -6.45 -4.17
N SER B 31 7.01 -5.19 -4.43
CA SER B 31 7.99 -4.14 -4.05
C SER B 31 7.87 -3.83 -2.55
N LEU B 32 6.79 -4.18 -1.93
CA LEU B 32 6.63 -3.87 -0.48
C LEU B 32 7.34 -4.93 0.36
N GLY B 33 7.86 -5.96 -0.25
CA GLY B 33 8.58 -6.99 0.52
C GLY B 33 7.62 -8.11 0.96
N VAL B 34 6.44 -8.16 0.38
CA VAL B 34 5.47 -9.25 0.76
C VAL B 34 5.45 -10.31 -0.34
N ILE B 35 5.35 -11.56 0.04
CA ILE B 35 5.29 -12.66 -0.96
C ILE B 35 4.12 -13.58 -0.59
N LEU B 36 2.93 -13.24 -0.99
CA LEU B 36 1.76 -14.08 -0.63
C LEU B 36 1.87 -15.43 -1.33
N ASP B 37 1.39 -16.46 -0.70
CA ASP B 37 1.47 -17.81 -1.32
C ASP B 37 0.25 -18.66 -0.92
N LEU B 38 -0.56 -19.04 -1.87
CA LEU B 38 -1.74 -19.87 -1.54
C LEU B 38 -1.32 -21.33 -1.53
N GLU B 39 -0.05 -21.56 -1.61
CA GLU B 39 0.46 -22.97 -1.61
C GLU B 39 0.30 -23.57 -0.23
N ASN B 40 -0.31 -22.82 0.63
CA ASN B 40 -0.54 -23.28 2.03
C ASN B 40 -1.27 -22.18 2.81
N ASP B 41 -2.05 -21.35 2.14
CA ASP B 41 -2.76 -20.26 2.85
C ASP B 41 -1.79 -19.56 3.79
N GLN B 42 -0.71 -19.03 3.28
CA GLN B 42 0.28 -18.34 4.17
C GLN B 42 0.85 -17.08 3.51
N VAL B 43 1.19 -16.11 4.30
CA VAL B 43 1.77 -14.85 3.77
C VAL B 43 3.26 -14.86 4.07
N LEU B 44 4.11 -14.68 3.09
CA LEU B 44 5.57 -14.68 3.36
C LEU B 44 6.07 -13.25 3.33
N ILE B 45 7.18 -12.99 3.94
CA ILE B 45 7.70 -11.59 3.96
C ILE B 45 9.21 -11.55 4.06
N ASN B 46 9.77 -10.44 3.67
CA ASN B 46 11.24 -10.26 3.73
C ASN B 46 11.54 -8.95 4.47
N ARG B 47 12.39 -9.00 5.46
CA ARG B 47 12.74 -7.78 6.24
C ARG B 47 14.11 -7.29 5.81
N LYS B 48 14.22 -6.03 5.45
CA LYS B 48 15.53 -5.48 5.02
C LYS B 48 16.49 -5.46 6.21
N ASN B 49 16.03 -5.07 7.35
CA ASN B 49 16.91 -5.00 8.55
C ASN B 49 17.52 -6.38 8.83
N ASP B 50 16.72 -7.40 8.84
CA ASP B 50 17.26 -8.77 9.13
C ASP B 50 17.57 -9.48 7.81
N GLY B 51 18.72 -10.08 7.70
CA GLY B 51 19.10 -10.79 6.45
C GLY B 51 18.35 -12.12 6.38
N ASN B 52 17.08 -12.12 6.72
CA ASN B 52 16.30 -13.38 6.69
C ASN B 52 14.88 -13.09 6.20
N ILE B 53 14.03 -14.08 6.20
CA ILE B 53 12.62 -13.88 5.74
C ILE B 53 11.64 -14.19 6.87
N ASP B 54 10.48 -13.61 6.82
CA ASP B 54 9.46 -13.86 7.89
C ASP B 54 8.27 -14.56 7.25
N ILE B 55 7.59 -15.39 7.99
CA ILE B 55 6.41 -16.10 7.41
C ILE B 55 5.21 -15.97 8.34
N LEU B 56 4.02 -15.88 7.80
CA LEU B 56 2.82 -15.74 8.66
C LEU B 56 1.67 -16.61 8.11
N PRO B 57 1.35 -17.73 8.76
CA PRO B 57 0.26 -18.62 8.29
C PRO B 57 -1.13 -18.06 8.61
N LEU B 58 -2.09 -18.31 7.76
CA LEU B 58 -3.47 -17.80 8.01
C LEU B 58 -4.23 -18.79 8.88
N ASP B 59 -5.50 -18.57 9.07
CA ASP B 59 -6.31 -19.50 9.91
C ASP B 59 -5.98 -19.29 11.38
N ASN B 60 -5.88 -18.05 11.80
CA ASN B 60 -5.56 -17.76 13.24
C ASN B 60 -6.35 -16.54 13.70
N ASN B 61 -7.50 -16.75 14.30
CA ASN B 61 -8.32 -15.61 14.77
C ASN B 61 -8.70 -14.73 13.57
N LEU B 62 -9.75 -13.96 13.68
CA LEU B 62 -10.18 -13.10 12.55
C LEU B 62 -9.63 -11.68 12.74
N SER B 63 -8.34 -11.53 12.81
CA SER B 63 -7.74 -10.18 13.00
C SER B 63 -6.62 -9.99 11.97
N ASP B 64 -6.81 -10.48 10.77
CA ASP B 64 -5.78 -10.33 9.72
C ASP B 64 -5.52 -8.84 9.45
N PHE B 65 -6.49 -8.01 9.67
CA PHE B 65 -6.29 -6.55 9.42
C PHE B 65 -5.18 -6.02 10.33
N TYR B 66 -5.29 -6.23 11.61
CA TYR B 66 -4.23 -5.75 12.54
C TYR B 66 -2.93 -6.49 12.25
N LYS B 67 -3.01 -7.76 11.96
CA LYS B 67 -1.78 -8.54 11.67
C LYS B 67 -1.08 -7.94 10.45
N THR B 68 -1.84 -7.59 9.44
CA THR B 68 -1.22 -6.99 8.22
C THR B 68 -0.53 -5.69 8.60
N LYS B 69 -1.12 -4.93 9.47
CA LYS B 69 -0.48 -3.65 9.90
C LYS B 69 0.81 -3.96 10.66
N TYR B 70 0.86 -5.09 11.32
CA TYR B 70 2.07 -5.45 12.10
C TYR B 70 3.23 -5.79 11.15
N ILE B 71 3.03 -6.72 10.25
CA ILE B 71 4.13 -7.10 9.32
C ILE B 71 4.49 -5.91 8.44
N TRP B 72 3.57 -5.05 8.16
CA TRP B 72 3.87 -3.90 7.29
C TRP B 72 4.66 -2.83 8.05
N GLU B 73 4.36 -2.65 9.31
CA GLU B 73 5.14 -1.64 10.09
C GLU B 73 6.58 -2.14 10.23
N ARG B 74 6.75 -3.44 10.36
CA ARG B 74 8.13 -3.99 10.47
C ARG B 74 8.80 -3.93 9.10
N LEU B 75 8.07 -4.23 8.06
CA LEU B 75 8.66 -4.17 6.69
C LEU B 75 9.33 -2.81 6.51
N GLY B 76 8.67 -1.76 6.92
CA GLY B 76 9.25 -0.40 6.79
C GLY B 76 10.70 -0.43 7.25
N LYS B 77 11.09 -1.44 7.98
CA LYS B 77 12.51 -1.51 8.45
C LYS B 77 12.89 -2.98 8.71
N ASN A 10 -7.97 -18.89 -8.27
CA ASN A 10 -7.43 -18.45 -9.60
C ASN A 10 -6.88 -17.03 -9.48
N ASP A 11 -6.54 -16.42 -10.59
CA ASP A 11 -6.00 -15.04 -10.54
C ASP A 11 -6.95 -14.14 -9.75
N ALA A 12 -8.24 -14.34 -9.90
CA ALA A 12 -9.21 -13.48 -9.18
C ALA A 12 -9.15 -13.76 -7.67
N ALA A 13 -8.79 -14.95 -7.29
CA ALA A 13 -8.72 -15.25 -5.83
C ALA A 13 -7.53 -14.50 -5.20
N GLU A 14 -6.38 -14.56 -5.83
CA GLU A 14 -5.21 -13.82 -5.29
C GLU A 14 -5.51 -12.33 -5.34
N VAL A 15 -6.00 -11.88 -6.47
CA VAL A 15 -6.33 -10.43 -6.61
C VAL A 15 -7.31 -10.00 -5.53
N ALA A 16 -8.15 -10.89 -5.08
CA ALA A 16 -9.13 -10.52 -4.03
C ALA A 16 -8.38 -10.29 -2.73
N LEU A 17 -7.57 -11.23 -2.34
CA LEU A 17 -6.78 -11.08 -1.08
C LEU A 17 -5.84 -9.88 -1.23
N TYR A 18 -5.32 -9.70 -2.41
CA TYR A 18 -4.39 -8.55 -2.66
C TYR A 18 -5.08 -7.24 -2.29
N GLU A 19 -6.28 -7.04 -2.76
CA GLU A 19 -6.98 -5.75 -2.48
C GLU A 19 -7.68 -5.78 -1.13
N ARG A 20 -8.54 -6.73 -0.90
CA ARG A 20 -9.30 -6.78 0.38
C ARG A 20 -8.38 -6.54 1.59
N LEU A 21 -7.16 -7.03 1.56
CA LEU A 21 -6.29 -6.83 2.76
C LEU A 21 -5.44 -5.54 2.68
N LEU A 22 -5.16 -5.02 1.51
CA LEU A 22 -4.32 -3.78 1.46
C LEU A 22 -5.16 -2.53 1.72
N GLN A 23 -6.47 -2.63 1.72
CA GLN A 23 -7.29 -1.42 1.95
C GLN A 23 -6.80 -0.33 1.01
N LEU A 24 -6.29 -0.73 -0.11
CA LEU A 24 -5.78 0.24 -1.12
C LEU A 24 -6.41 -0.09 -2.46
N ARG A 25 -7.00 0.88 -3.10
CA ARG A 25 -7.66 0.64 -4.42
C ARG A 25 -6.94 1.46 -5.50
N VAL A 26 -6.62 0.84 -6.60
CA VAL A 26 -5.92 1.55 -7.70
C VAL A 26 -6.94 2.03 -8.72
N LEU A 27 -7.08 3.32 -8.83
CA LEU A 27 -8.04 3.90 -9.81
C LEU A 27 -7.26 4.76 -10.82
N PRO A 28 -6.82 4.17 -11.91
CA PRO A 28 -6.05 4.94 -12.93
C PRO A 28 -6.96 5.89 -13.72
N GLY A 29 -6.48 7.07 -14.00
CA GLY A 29 -7.33 8.04 -14.77
C GLY A 29 -8.17 8.86 -13.79
N ALA A 30 -8.60 10.02 -14.21
CA ALA A 30 -9.43 10.87 -13.31
C ALA A 30 -9.93 12.09 -14.09
N SER A 31 -9.11 12.62 -14.96
CA SER A 31 -9.54 13.79 -15.76
C SER A 31 -8.44 14.13 -16.78
N ASP A 32 -8.34 13.36 -17.82
CA ASP A 32 -7.28 13.64 -18.84
C ASP A 32 -5.93 13.77 -18.14
N VAL A 33 -4.89 14.02 -18.89
CA VAL A 33 -3.53 14.17 -18.28
C VAL A 33 -3.09 12.82 -17.67
N HIS A 34 -3.99 11.88 -17.55
CA HIS A 34 -3.64 10.55 -16.97
C HIS A 34 -3.11 10.74 -15.55
N ASP A 35 -3.43 9.83 -14.66
CA ASP A 35 -2.96 9.97 -13.26
C ASP A 35 -3.38 8.73 -12.45
N VAL A 36 -2.67 8.45 -11.39
CA VAL A 36 -3.02 7.25 -10.54
C VAL A 36 -3.68 7.74 -9.26
N ARG A 37 -4.85 7.24 -8.98
CA ARG A 37 -5.58 7.65 -7.75
C ARG A 37 -5.55 6.52 -6.72
N PHE A 38 -4.80 6.69 -5.66
CA PHE A 38 -4.75 5.63 -4.61
C PHE A 38 -5.91 5.85 -3.63
N VAL A 39 -6.83 4.93 -3.56
CA VAL A 39 -7.99 5.10 -2.61
C VAL A 39 -7.82 4.18 -1.40
N PHE A 40 -8.01 4.72 -0.22
CA PHE A 40 -7.88 3.89 1.02
C PHE A 40 -9.27 3.47 1.51
N GLY A 41 -9.55 2.18 1.56
CA GLY A 41 -10.89 1.73 2.02
C GLY A 41 -11.10 2.08 3.49
N ASP A 42 -11.02 3.34 3.83
CA ASP A 42 -11.21 3.74 5.26
C ASP A 42 -12.59 4.35 5.44
N ASP A 43 -12.79 5.12 6.47
CA ASP A 43 -14.11 5.74 6.68
C ASP A 43 -14.14 7.09 5.94
N SER A 44 -15.29 7.52 5.47
CA SER A 44 -15.35 8.82 4.75
C SER A 44 -14.61 8.73 3.41
N ARG A 45 -14.02 7.59 3.12
CA ARG A 45 -13.28 7.43 1.83
C ARG A 45 -12.10 8.38 1.83
N CYS A 46 -10.89 7.86 1.91
CA CYS A 46 -9.70 8.75 1.91
C CYS A 46 -8.81 8.40 0.71
N TRP A 47 -8.38 9.37 -0.05
CA TRP A 47 -7.55 9.03 -1.24
C TRP A 47 -6.61 10.17 -1.65
N ILE A 48 -5.57 9.83 -2.36
CA ILE A 48 -4.59 10.85 -2.85
C ILE A 48 -4.21 10.50 -4.30
N GLU A 49 -4.05 11.48 -5.16
CA GLU A 49 -3.71 11.18 -6.58
C GLU A 49 -2.38 11.83 -6.96
N VAL A 50 -1.58 11.15 -7.74
CA VAL A 50 -0.27 11.74 -8.16
C VAL A 50 0.17 11.09 -9.48
N ALA A 51 0.90 11.81 -10.28
CA ALA A 51 1.39 11.26 -11.58
C ALA A 51 2.87 10.91 -11.47
N MET A 52 3.24 9.70 -11.80
CA MET A 52 4.68 9.32 -11.71
C MET A 52 5.50 10.14 -12.69
N HIS A 53 4.93 10.50 -13.81
CA HIS A 53 5.69 11.32 -14.80
C HIS A 53 6.38 12.48 -14.10
N GLY A 54 5.70 13.12 -13.18
CA GLY A 54 6.32 14.26 -12.46
C GLY A 54 6.37 15.48 -13.39
N ASP A 55 5.62 15.45 -14.46
CA ASP A 55 5.62 16.60 -15.41
C ASP A 55 5.18 17.86 -14.67
N HIS A 56 4.22 17.76 -13.81
CA HIS A 56 3.74 18.96 -13.06
C HIS A 56 3.38 18.58 -11.63
N VAL A 57 3.42 19.52 -10.73
CA VAL A 57 3.08 19.22 -9.31
C VAL A 57 1.59 19.45 -9.09
N ILE A 58 0.77 18.52 -9.50
CA ILE A 58 -0.71 18.68 -9.33
C ILE A 58 -1.29 17.37 -8.78
N GLY A 59 -2.59 17.30 -8.65
CA GLY A 59 -3.23 16.07 -8.13
C GLY A 59 -4.28 16.46 -7.08
N ASN A 60 -5.08 15.53 -6.65
CA ASN A 60 -6.12 15.83 -5.63
C ASN A 60 -5.69 15.23 -4.28
N SER A 61 -6.19 15.75 -3.20
CA SER A 61 -5.81 15.22 -1.86
C SER A 61 -7.04 15.21 -0.96
N HIS A 62 -7.39 14.05 -0.45
CA HIS A 62 -8.58 13.96 0.44
C HIS A 62 -8.29 12.97 1.57
N PRO A 63 -7.45 13.34 2.50
CA PRO A 63 -7.11 12.46 3.65
C PRO A 63 -8.17 12.56 4.76
N ALA A 64 -7.96 13.43 5.72
CA ALA A 64 -8.95 13.59 6.81
C ALA A 64 -8.33 14.40 7.96
N LEU A 65 -7.39 15.26 7.65
CA LEU A 65 -6.75 16.09 8.71
C LEU A 65 -6.24 17.40 8.10
N ASP A 66 -5.10 17.37 7.45
CA ASP A 66 -4.57 18.64 6.84
C ASP A 66 -3.64 18.28 5.66
N PRO A 67 -3.38 19.22 4.78
CA PRO A 67 -2.49 18.94 3.62
C PRO A 67 -1.13 18.36 4.03
N LYS A 68 -0.82 18.40 5.29
CA LYS A 68 0.48 17.85 5.76
C LYS A 68 0.65 16.42 5.26
N SER A 69 -0.45 15.75 4.98
CA SER A 69 -0.35 14.35 4.49
C SER A 69 0.21 14.33 3.06
N ARG A 70 -0.53 14.85 2.12
CA ARG A 70 -0.03 14.83 0.71
C ARG A 70 1.32 15.56 0.64
N ALA A 71 1.53 16.55 1.46
CA ALA A 71 2.83 17.28 1.43
C ALA A 71 3.93 16.40 2.02
N THR A 72 3.78 15.96 3.24
CA THR A 72 4.83 15.11 3.87
C THR A 72 5.04 13.83 3.04
N LEU A 73 3.98 13.30 2.47
CA LEU A 73 4.13 12.06 1.67
C LEU A 73 4.98 12.34 0.43
N GLU A 74 4.76 13.45 -0.22
CA GLU A 74 5.57 13.76 -1.42
C GLU A 74 7.03 13.99 -1.01
N HIS A 75 7.27 14.89 -0.11
CA HIS A 75 8.66 15.15 0.33
C HIS A 75 9.29 13.85 0.83
N VAL A 76 8.49 12.99 1.41
CA VAL A 76 9.03 11.71 1.94
C VAL A 76 9.62 10.88 0.79
N LEU A 77 8.87 10.64 -0.25
CA LEU A 77 9.42 9.81 -1.38
C LEU A 77 10.64 10.46 -2.02
N THR A 78 10.61 11.75 -2.26
CA THR A 78 11.78 12.39 -2.93
C THR A 78 12.95 12.51 -1.94
N VAL A 79 12.66 12.58 -0.68
CA VAL A 79 13.76 12.73 0.33
C VAL A 79 14.32 11.38 0.78
N GLN A 80 13.50 10.38 0.98
CA GLN A 80 14.03 9.07 1.49
C GLN A 80 14.52 8.18 0.35
N GLY A 81 13.91 8.24 -0.79
CA GLY A 81 14.35 7.38 -1.91
C GLY A 81 14.05 5.92 -1.58
N ASP A 82 13.24 5.69 -0.58
CA ASP A 82 12.87 4.30 -0.19
C ASP A 82 11.35 4.19 -0.23
N LEU A 83 10.83 3.68 -1.31
CA LEU A 83 9.35 3.58 -1.45
C LEU A 83 8.77 2.84 -0.25
N ALA A 84 9.59 2.24 0.56
CA ALA A 84 9.02 1.52 1.75
C ALA A 84 8.59 2.54 2.81
N ALA A 85 9.40 3.53 3.05
CA ALA A 85 9.04 4.54 4.07
C ALA A 85 7.86 5.37 3.58
N PHE A 86 7.57 5.34 2.31
CA PHE A 86 6.41 6.13 1.81
C PHE A 86 5.09 5.41 2.14
N LEU A 87 4.81 4.25 1.58
CA LEU A 87 3.52 3.58 1.92
C LEU A 87 3.47 3.30 3.43
N VAL A 88 4.58 3.00 4.05
CA VAL A 88 4.55 2.73 5.50
C VAL A 88 4.09 4.00 6.23
N VAL A 89 4.67 5.13 5.93
CA VAL A 89 4.23 6.39 6.59
C VAL A 89 2.84 6.80 6.06
N ALA A 90 2.50 6.40 4.87
CA ALA A 90 1.17 6.75 4.29
C ALA A 90 0.08 6.06 5.11
N ARG A 91 0.26 4.79 5.39
CA ARG A 91 -0.76 4.05 6.19
C ARG A 91 -0.82 4.64 7.59
N ASP A 92 0.30 4.73 8.27
CA ASP A 92 0.28 5.31 9.65
C ASP A 92 -0.32 6.71 9.60
N MET A 93 -0.13 7.41 8.52
CA MET A 93 -0.67 8.80 8.42
C MET A 93 -2.18 8.74 8.18
N LEU A 94 -2.64 7.85 7.34
CA LEU A 94 -4.11 7.75 7.09
C LEU A 94 -4.82 7.49 8.42
N LEU A 95 -4.21 6.71 9.28
CA LEU A 95 -4.84 6.43 10.61
C LEU A 95 -4.79 7.69 11.48
N ALA A 96 -3.67 8.37 11.50
CA ALA A 96 -3.56 9.60 12.32
C ALA A 96 -4.67 10.57 11.94
N SER A 97 -5.08 10.56 10.70
CA SER A 97 -6.16 11.48 10.27
C SER A 97 -7.43 11.20 11.07
N LEU A 98 -7.72 9.96 11.33
CA LEU A 98 -8.95 9.63 12.11
C LEU A 98 -8.74 9.99 13.58
N ASN B 20 -2.76 -6.61 -17.06
CA ASN B 20 -1.89 -5.45 -16.78
C ASN B 20 -2.11 -4.98 -15.33
N GLU B 21 -3.27 -4.47 -15.03
CA GLU B 21 -3.53 -4.00 -13.65
C GLU B 21 -3.20 -5.11 -12.63
N ASN B 22 -3.46 -6.34 -12.98
CA ASN B 22 -3.18 -7.45 -12.01
C ASN B 22 -1.68 -7.51 -11.70
N ILE B 23 -0.84 -7.60 -12.69
CA ILE B 23 0.62 -7.67 -12.40
C ILE B 23 1.05 -6.40 -11.68
N LEU B 24 0.39 -5.30 -11.94
CA LEU B 24 0.76 -4.03 -11.26
C LEU B 24 0.58 -4.20 -9.75
N LYS B 25 -0.53 -4.75 -9.34
CA LYS B 25 -0.75 -4.95 -7.88
C LYS B 25 0.34 -5.89 -7.34
N LEU B 26 0.62 -6.94 -8.04
CA LEU B 26 1.67 -7.88 -7.59
C LEU B 26 2.97 -7.12 -7.39
N LYS B 27 3.27 -6.17 -8.24
CA LYS B 27 4.52 -5.40 -8.09
C LYS B 27 4.46 -4.60 -6.78
N LEU B 28 3.31 -4.07 -6.45
CA LEU B 28 3.19 -3.28 -5.19
C LEU B 28 3.49 -4.20 -3.99
N TYR B 29 2.76 -5.28 -3.87
CA TYR B 29 3.01 -6.22 -2.74
C TYR B 29 4.48 -6.62 -2.71
N ARG B 30 5.05 -6.93 -3.84
CA ARG B 30 6.49 -7.33 -3.87
C ARG B 30 7.35 -6.17 -3.38
N SER B 31 7.03 -4.97 -3.77
CA SER B 31 7.83 -3.80 -3.32
C SER B 31 7.77 -3.72 -1.79
N LEU B 32 6.70 -4.22 -1.22
CA LEU B 32 6.57 -4.18 0.27
C LEU B 32 7.35 -5.34 0.89
N GLY B 33 7.92 -6.19 0.09
CA GLY B 33 8.67 -7.33 0.66
C GLY B 33 7.67 -8.38 1.14
N VAL B 34 6.49 -8.41 0.57
CA VAL B 34 5.46 -9.42 0.96
C VAL B 34 5.38 -10.49 -0.12
N ILE B 35 5.29 -11.75 0.26
CA ILE B 35 5.19 -12.83 -0.76
C ILE B 35 4.02 -13.75 -0.38
N LEU B 36 2.91 -13.57 -1.03
CA LEU B 36 1.70 -14.39 -0.70
C LEU B 36 1.85 -15.81 -1.25
N ASP B 37 1.36 -16.77 -0.53
CA ASP B 37 1.42 -18.18 -0.98
C ASP B 37 0.04 -18.81 -0.71
N LEU B 38 -0.77 -18.84 -1.72
CA LEU B 38 -2.15 -19.37 -1.56
C LEU B 38 -2.14 -20.89 -1.78
N GLU B 39 -1.02 -21.52 -1.54
CA GLU B 39 -0.95 -23.00 -1.70
C GLU B 39 -1.23 -23.63 -0.36
N ASN B 40 -1.50 -22.79 0.59
CA ASN B 40 -1.80 -23.24 1.97
C ASN B 40 -2.37 -22.07 2.79
N ASP B 41 -2.91 -21.07 2.14
CA ASP B 41 -3.48 -19.90 2.86
C ASP B 41 -2.44 -19.33 3.84
N GLN B 42 -1.30 -18.93 3.35
CA GLN B 42 -0.27 -18.34 4.27
C GLN B 42 0.40 -17.13 3.60
N VAL B 43 0.85 -16.19 4.39
CA VAL B 43 1.53 -14.99 3.83
C VAL B 43 3.02 -15.10 4.13
N LEU B 44 3.87 -14.88 3.16
CA LEU B 44 5.33 -14.98 3.41
C LEU B 44 5.89 -13.56 3.40
N ILE B 45 6.98 -13.34 4.07
CA ILE B 45 7.56 -11.97 4.09
C ILE B 45 9.07 -11.99 4.17
N ASN B 46 9.67 -10.89 3.82
CA ASN B 46 11.16 -10.78 3.88
C ASN B 46 11.53 -9.43 4.52
N ARG B 47 12.50 -9.43 5.40
CA ARG B 47 12.94 -8.16 6.05
C ARG B 47 14.25 -7.70 5.41
N LYS B 48 14.27 -6.51 4.87
CA LYS B 48 15.52 -6.02 4.23
C LYS B 48 16.60 -5.81 5.29
N ASN B 49 17.84 -6.08 4.94
CA ASN B 49 18.98 -5.91 5.90
C ASN B 49 19.13 -7.16 6.76
N ASP B 50 19.61 -7.02 7.96
CA ASP B 50 19.80 -8.21 8.84
C ASP B 50 18.46 -8.95 9.00
N GLY B 51 18.37 -9.81 9.98
CA GLY B 51 17.11 -10.56 10.19
C GLY B 51 17.06 -11.77 9.26
N ASN B 52 15.94 -12.02 8.64
CA ASN B 52 15.82 -13.18 7.71
C ASN B 52 14.46 -13.12 7.02
N ILE B 53 13.86 -14.26 6.80
CA ILE B 53 12.52 -14.30 6.14
C ILE B 53 11.47 -14.56 7.22
N ASP B 54 10.26 -14.08 7.01
CA ASP B 54 9.18 -14.31 8.02
C ASP B 54 7.99 -14.96 7.36
N ILE B 55 7.22 -15.72 8.09
CA ILE B 55 6.04 -16.40 7.50
C ILE B 55 4.82 -16.19 8.41
N LEU B 56 3.67 -15.98 7.84
CA LEU B 56 2.45 -15.76 8.66
C LEU B 56 1.30 -16.65 8.13
N PRO B 57 0.98 -17.75 8.80
CA PRO B 57 -0.11 -18.65 8.36
C PRO B 57 -1.49 -18.11 8.72
N LEU B 58 -2.47 -18.33 7.89
CA LEU B 58 -3.84 -17.83 8.19
C LEU B 58 -4.62 -18.90 8.95
N ASP B 59 -3.93 -19.89 9.46
CA ASP B 59 -4.64 -20.97 10.22
C ASP B 59 -5.41 -20.36 11.39
N ASN B 60 -4.81 -19.44 12.10
CA ASN B 60 -5.51 -18.79 13.25
C ASN B 60 -5.26 -17.28 13.21
N ASN B 61 -6.30 -16.50 13.17
CA ASN B 61 -6.13 -15.02 13.13
C ASN B 61 -7.45 -14.35 13.48
N LEU B 62 -7.46 -13.52 14.50
CA LEU B 62 -8.72 -12.82 14.88
C LEU B 62 -8.93 -11.61 13.97
N SER B 63 -7.87 -10.95 13.61
CA SER B 63 -8.01 -9.75 12.72
C SER B 63 -6.82 -9.70 11.76
N ASP B 64 -6.94 -10.32 10.61
CA ASP B 64 -5.83 -10.32 9.63
C ASP B 64 -5.50 -8.86 9.25
N PHE B 65 -6.47 -7.99 9.31
CA PHE B 65 -6.20 -6.57 8.95
C PHE B 65 -5.13 -6.00 9.88
N TYR B 66 -5.23 -6.25 11.15
CA TYR B 66 -4.21 -5.72 12.10
C TYR B 66 -2.88 -6.44 11.88
N LYS B 67 -2.92 -7.74 11.72
CA LYS B 67 -1.67 -8.49 11.50
C LYS B 67 -0.99 -7.95 10.23
N THR B 68 -1.76 -7.60 9.24
CA THR B 68 -1.17 -7.06 7.98
C THR B 68 -0.54 -5.70 8.26
N LYS B 69 -1.16 -4.91 9.10
CA LYS B 69 -0.56 -3.58 9.42
C LYS B 69 0.68 -3.80 10.28
N TYR B 70 0.78 -4.96 10.87
CA TYR B 70 1.97 -5.25 11.74
C TYR B 70 3.16 -5.63 10.86
N ILE B 71 3.00 -6.59 9.98
CA ILE B 71 4.13 -6.99 9.10
C ILE B 71 4.50 -5.85 8.17
N TRP B 72 3.53 -5.06 7.83
CA TRP B 72 3.78 -3.92 6.90
C TRP B 72 4.52 -2.79 7.63
N GLU B 73 4.14 -2.49 8.84
CA GLU B 73 4.86 -1.41 9.58
C GLU B 73 6.30 -1.86 9.85
N ARG B 74 6.49 -3.14 10.07
CA ARG B 74 7.87 -3.64 10.34
C ARG B 74 8.61 -3.82 9.02
N LEU B 75 7.93 -4.22 7.99
CA LEU B 75 8.61 -4.37 6.68
C LEU B 75 9.28 -3.05 6.38
N GLY B 76 8.63 -1.98 6.76
CA GLY B 76 9.24 -0.64 6.53
C GLY B 76 10.64 -0.61 7.16
N LYS B 77 11.04 -1.67 7.84
CA LYS B 77 12.38 -1.68 8.47
C LYS B 77 12.79 -3.12 8.77
N ASN A 10 -7.90 -18.73 -7.76
CA ASN A 10 -7.83 -18.14 -9.13
C ASN A 10 -7.33 -16.69 -9.04
N ASP A 11 -6.99 -16.10 -10.15
CA ASP A 11 -6.49 -14.71 -10.12
C ASP A 11 -7.47 -13.83 -9.34
N ALA A 12 -8.75 -14.08 -9.49
CA ALA A 12 -9.75 -13.25 -8.76
C ALA A 12 -9.64 -13.51 -7.25
N ALA A 13 -9.28 -14.70 -6.87
CA ALA A 13 -9.15 -14.99 -5.41
C ALA A 13 -7.87 -14.30 -4.89
N GLU A 14 -6.79 -14.41 -5.61
CA GLU A 14 -5.52 -13.76 -5.17
C GLU A 14 -5.74 -12.25 -5.09
N VAL A 15 -6.35 -11.69 -6.09
CA VAL A 15 -6.59 -10.20 -6.06
C VAL A 15 -7.55 -9.86 -4.94
N ALA A 16 -8.40 -10.79 -4.59
CA ALA A 16 -9.37 -10.51 -3.48
C ALA A 16 -8.59 -10.35 -2.19
N LEU A 17 -7.70 -11.25 -1.91
CA LEU A 17 -6.90 -11.15 -0.66
C LEU A 17 -6.00 -9.91 -0.76
N TYR A 18 -5.52 -9.61 -1.95
CA TYR A 18 -4.66 -8.42 -2.13
C TYR A 18 -5.42 -7.17 -1.72
N GLU A 19 -6.60 -6.98 -2.26
CA GLU A 19 -7.38 -5.75 -1.94
C GLU A 19 -7.97 -5.83 -0.54
N ARG A 20 -8.66 -6.90 -0.23
CA ARG A 20 -9.30 -7.02 1.11
C ARG A 20 -8.31 -6.65 2.23
N LEU A 21 -7.07 -7.06 2.12
CA LEU A 21 -6.10 -6.74 3.22
C LEU A 21 -5.29 -5.46 2.94
N LEU A 22 -5.06 -5.09 1.70
CA LEU A 22 -4.27 -3.85 1.45
C LEU A 22 -5.16 -2.62 1.60
N GLN A 23 -6.46 -2.78 1.56
CA GLN A 23 -7.35 -1.59 1.69
C GLN A 23 -6.85 -0.55 0.71
N LEU A 24 -6.33 -0.99 -0.40
CA LEU A 24 -5.79 -0.05 -1.42
C LEU A 24 -6.26 -0.52 -2.81
N ARG A 25 -6.88 0.36 -3.56
CA ARG A 25 -7.37 -0.01 -4.91
C ARG A 25 -6.70 0.90 -5.94
N VAL A 26 -6.23 0.33 -7.03
CA VAL A 26 -5.57 1.16 -8.08
C VAL A 26 -6.61 1.58 -9.10
N LEU A 27 -6.85 2.86 -9.18
CA LEU A 27 -7.85 3.39 -10.16
C LEU A 27 -7.12 4.28 -11.18
N PRO A 28 -6.72 3.76 -12.33
CA PRO A 28 -6.03 4.58 -13.34
C PRO A 28 -6.97 5.63 -13.95
N GLY A 29 -6.48 6.81 -14.19
CA GLY A 29 -7.36 7.86 -14.78
C GLY A 29 -7.33 7.76 -16.31
N ALA A 30 -6.32 7.13 -16.84
CA ALA A 30 -6.22 6.98 -18.32
C ALA A 30 -6.37 8.35 -18.98
N SER A 31 -7.54 8.70 -19.41
CA SER A 31 -7.74 10.03 -20.06
C SER A 31 -6.66 10.24 -21.12
N ASP A 32 -6.34 11.47 -21.42
CA ASP A 32 -5.29 11.74 -22.45
C ASP A 32 -3.92 11.79 -21.77
N VAL A 33 -3.88 11.59 -20.48
CA VAL A 33 -2.57 11.63 -19.75
C VAL A 33 -2.54 10.51 -18.71
N HIS A 34 -1.40 9.89 -18.53
CA HIS A 34 -1.30 8.79 -17.55
C HIS A 34 -1.59 9.33 -16.14
N ASP A 35 -2.42 8.65 -15.39
CA ASP A 35 -2.73 9.13 -14.01
C ASP A 35 -3.12 7.94 -13.14
N VAL A 36 -2.58 7.88 -11.95
CA VAL A 36 -2.90 6.74 -11.02
C VAL A 36 -3.52 7.29 -9.74
N ARG A 37 -4.69 6.79 -9.41
CA ARG A 37 -5.39 7.24 -8.18
C ARG A 37 -5.33 6.14 -7.11
N PHE A 38 -4.66 6.39 -6.02
CA PHE A 38 -4.60 5.36 -4.94
C PHE A 38 -5.82 5.58 -4.03
N VAL A 39 -6.72 4.63 -3.98
CA VAL A 39 -7.92 4.79 -3.11
C VAL A 39 -7.79 3.91 -1.87
N PHE A 40 -7.95 4.48 -0.71
CA PHE A 40 -7.83 3.69 0.55
C PHE A 40 -9.22 3.30 1.05
N GLY A 41 -9.50 2.01 1.16
CA GLY A 41 -10.84 1.59 1.63
C GLY A 41 -11.05 2.01 3.08
N ASP A 42 -10.95 3.29 3.37
CA ASP A 42 -11.15 3.76 4.77
C ASP A 42 -12.56 4.31 4.90
N ASP A 43 -12.82 5.08 5.91
CA ASP A 43 -14.19 5.66 6.07
C ASP A 43 -14.24 6.98 5.29
N SER A 44 -15.38 7.33 4.75
CA SER A 44 -15.45 8.61 3.98
C SER A 44 -14.71 8.46 2.65
N ARG A 45 -14.12 7.32 2.39
CA ARG A 45 -13.36 7.12 1.12
C ARG A 45 -12.20 8.10 1.09
N CYS A 46 -10.99 7.61 1.17
CA CYS A 46 -9.81 8.53 1.16
C CYS A 46 -8.91 8.18 -0.03
N TRP A 47 -8.37 9.15 -0.71
CA TRP A 47 -7.51 8.80 -1.89
C TRP A 47 -6.57 9.95 -2.28
N ILE A 48 -5.51 9.63 -2.96
CA ILE A 48 -4.54 10.67 -3.42
C ILE A 48 -4.06 10.30 -4.83
N GLU A 49 -4.00 11.26 -5.72
CA GLU A 49 -3.57 10.97 -7.13
C GLU A 49 -2.12 11.42 -7.35
N VAL A 50 -1.35 10.64 -8.07
CA VAL A 50 0.07 11.03 -8.33
C VAL A 50 0.49 10.53 -9.71
N ALA A 51 1.26 11.32 -10.42
CA ALA A 51 1.71 10.89 -11.78
C ALA A 51 3.11 10.29 -11.70
N MET A 52 3.55 9.97 -10.51
CA MET A 52 4.91 9.38 -10.35
C MET A 52 5.94 10.27 -11.05
N HIS A 53 6.18 10.04 -12.32
CA HIS A 53 7.17 10.88 -13.06
C HIS A 53 6.78 12.35 -12.91
N GLY A 54 7.45 13.22 -13.63
CA GLY A 54 7.12 14.68 -13.52
C GLY A 54 7.84 15.28 -12.31
N ASP A 55 7.29 16.32 -11.74
CA ASP A 55 7.94 16.95 -10.56
C ASP A 55 6.87 17.53 -9.63
N HIS A 56 5.64 17.57 -10.08
CA HIS A 56 4.56 18.14 -9.23
C HIS A 56 4.22 17.15 -8.11
N VAL A 57 4.13 15.89 -8.42
CA VAL A 57 3.81 14.88 -7.37
C VAL A 57 2.63 15.38 -6.52
N ILE A 58 1.89 16.32 -7.03
CA ILE A 58 0.73 16.87 -6.26
C ILE A 58 -0.47 17.02 -7.19
N GLY A 59 -1.64 16.70 -6.71
CA GLY A 59 -2.86 16.82 -7.56
C GLY A 59 -4.09 16.61 -6.68
N ASN A 60 -5.07 15.89 -7.16
CA ASN A 60 -6.29 15.64 -6.33
C ASN A 60 -5.86 15.03 -5.00
N SER A 61 -6.28 15.62 -3.92
CA SER A 61 -5.91 15.08 -2.57
C SER A 61 -7.14 14.96 -1.70
N HIS A 62 -7.35 13.81 -1.11
CA HIS A 62 -8.53 13.62 -0.24
C HIS A 62 -8.09 12.81 0.99
N PRO A 63 -7.39 13.44 1.90
CA PRO A 63 -6.90 12.76 3.14
C PRO A 63 -8.00 12.68 4.21
N ALA A 64 -7.97 13.55 5.20
CA ALA A 64 -9.01 13.53 6.27
C ALA A 64 -8.49 14.31 7.48
N LEU A 65 -7.58 15.22 7.25
CA LEU A 65 -7.03 16.03 8.38
C LEU A 65 -6.39 17.30 7.83
N ASP A 66 -5.29 17.73 8.40
CA ASP A 66 -4.63 18.97 7.90
C ASP A 66 -3.74 18.62 6.69
N PRO A 67 -3.36 19.60 5.90
CA PRO A 67 -2.48 19.33 4.72
C PRO A 67 -1.11 18.77 5.11
N LYS A 68 -0.72 18.95 6.35
CA LYS A 68 0.61 18.43 6.79
C LYS A 68 0.78 17.00 6.30
N SER A 69 -0.29 16.29 6.10
CA SER A 69 -0.19 14.88 5.62
C SER A 69 0.30 14.88 4.18
N ARG A 70 -0.52 15.30 3.25
CA ARG A 70 -0.08 15.32 1.83
C ARG A 70 1.28 16.01 1.72
N ALA A 71 1.56 16.95 2.57
CA ALA A 71 2.87 17.66 2.51
C ALA A 71 3.99 16.71 3.01
N THR A 72 3.89 16.22 4.20
CA THR A 72 4.96 15.33 4.73
C THR A 72 5.09 14.08 3.86
N LEU A 73 4.00 13.61 3.31
CA LEU A 73 4.06 12.40 2.44
C LEU A 73 4.86 12.74 1.18
N GLU A 74 4.60 13.87 0.60
CA GLU A 74 5.34 14.26 -0.63
C GLU A 74 6.83 14.43 -0.32
N HIS A 75 7.15 15.30 0.59
CA HIS A 75 8.59 15.52 0.93
C HIS A 75 9.24 14.17 1.28
N VAL A 76 8.49 13.28 1.88
CA VAL A 76 9.07 11.97 2.27
C VAL A 76 9.52 11.19 1.03
N LEU A 77 8.68 11.06 0.05
CA LEU A 77 9.07 10.27 -1.15
C LEU A 77 10.22 10.94 -1.91
N THR A 78 10.20 12.24 -2.08
CA THR A 78 11.32 12.88 -2.83
C THR A 78 12.59 12.91 -1.99
N VAL A 79 12.45 12.97 -0.70
CA VAL A 79 13.67 13.01 0.17
C VAL A 79 14.19 11.60 0.48
N GLN A 80 13.34 10.67 0.81
CA GLN A 80 13.82 9.31 1.16
C GLN A 80 13.83 8.37 -0.06
N GLY A 81 13.03 8.62 -1.05
CA GLY A 81 13.02 7.74 -2.25
C GLY A 81 12.95 6.27 -1.80
N ASP A 82 12.41 6.03 -0.63
CA ASP A 82 12.32 4.64 -0.12
C ASP A 82 10.99 4.00 -0.53
N LEU A 83 11.06 2.87 -1.18
CA LEU A 83 9.81 2.17 -1.61
C LEU A 83 9.10 1.64 -0.38
N ALA A 84 9.67 1.88 0.76
CA ALA A 84 9.05 1.38 2.05
C ALA A 84 8.67 2.54 2.99
N ALA A 85 9.60 3.37 3.41
CA ALA A 85 9.23 4.47 4.34
C ALA A 85 8.05 5.25 3.77
N PHE A 86 7.97 5.38 2.49
CA PHE A 86 6.82 6.14 1.90
C PHE A 86 5.51 5.35 2.05
N LEU A 87 5.40 4.16 1.50
CA LEU A 87 4.12 3.41 1.64
C LEU A 87 3.83 3.12 3.11
N VAL A 88 4.84 2.96 3.93
CA VAL A 88 4.60 2.68 5.37
C VAL A 88 4.11 3.97 6.06
N VAL A 89 4.74 5.08 5.80
CA VAL A 89 4.29 6.35 6.43
C VAL A 89 2.93 6.75 5.83
N ALA A 90 2.73 6.49 4.56
CA ALA A 90 1.43 6.85 3.93
C ALA A 90 0.30 6.13 4.68
N ARG A 91 0.42 4.84 4.86
CA ARG A 91 -0.63 4.09 5.58
C ARG A 91 -0.85 4.72 6.96
N ASP A 92 0.20 4.90 7.71
CA ASP A 92 0.07 5.52 9.06
C ASP A 92 -0.56 6.91 8.92
N MET A 93 -0.35 7.54 7.81
CA MET A 93 -0.91 8.90 7.60
C MET A 93 -2.44 8.83 7.52
N LEU A 94 -2.95 7.84 6.84
CA LEU A 94 -4.42 7.71 6.73
C LEU A 94 -5.02 7.39 8.10
N LEU A 95 -4.38 6.52 8.83
CA LEU A 95 -4.89 6.13 10.17
C LEU A 95 -4.89 7.35 11.10
N ALA A 96 -3.79 8.04 11.15
CA ALA A 96 -3.70 9.24 12.03
C ALA A 96 -4.85 10.20 11.72
N SER A 97 -5.27 10.25 10.49
CA SER A 97 -6.38 11.18 10.12
C SER A 97 -7.65 10.75 10.85
N LEU A 98 -7.86 9.47 11.01
CA LEU A 98 -9.10 9.00 11.70
C LEU A 98 -9.10 9.52 13.14
N ASN B 20 -5.29 -7.48 -16.41
CA ASN B 20 -3.99 -7.12 -17.05
C ASN B 20 -3.13 -6.35 -16.05
N GLU B 21 -3.53 -5.16 -15.70
CA GLU B 21 -2.74 -4.33 -14.74
C GLU B 21 -2.36 -5.19 -13.52
N ASN B 22 -2.94 -6.35 -13.38
CA ASN B 22 -2.61 -7.22 -12.22
C ASN B 22 -1.10 -7.26 -12.01
N ILE B 23 -0.35 -7.30 -13.07
CA ILE B 23 1.14 -7.34 -12.93
C ILE B 23 1.63 -6.06 -12.26
N LEU B 24 1.00 -4.95 -12.56
CA LEU B 24 1.42 -3.67 -11.91
C LEU B 24 1.02 -3.71 -10.43
N LYS B 25 -0.10 -4.29 -10.14
CA LYS B 25 -0.56 -4.37 -8.72
C LYS B 25 0.40 -5.26 -7.94
N LEU B 26 0.66 -6.44 -8.44
CA LEU B 26 1.58 -7.36 -7.74
C LEU B 26 2.95 -6.70 -7.61
N LYS B 27 3.37 -6.00 -8.63
CA LYS B 27 4.70 -5.30 -8.54
C LYS B 27 4.62 -4.31 -7.38
N LEU B 28 3.46 -3.73 -7.17
CA LEU B 28 3.32 -2.76 -6.05
C LEU B 28 3.56 -3.48 -4.73
N TYR B 29 2.67 -4.35 -4.32
CA TYR B 29 2.87 -5.06 -3.03
C TYR B 29 4.27 -5.68 -3.00
N ARG B 30 4.74 -6.19 -4.11
CA ARG B 30 6.10 -6.81 -4.12
C ARG B 30 7.10 -5.81 -3.55
N SER B 31 6.84 -4.55 -3.72
CA SER B 31 7.77 -3.51 -3.18
C SER B 31 7.63 -3.48 -1.66
N LEU B 32 6.57 -4.03 -1.15
CA LEU B 32 6.36 -4.05 0.32
C LEU B 32 7.11 -5.23 0.93
N GLY B 33 7.71 -6.06 0.11
CA GLY B 33 8.44 -7.22 0.66
C GLY B 33 7.44 -8.30 1.09
N VAL B 34 6.24 -8.26 0.53
CA VAL B 34 5.20 -9.28 0.88
C VAL B 34 5.00 -10.23 -0.31
N ILE B 35 4.79 -11.50 -0.06
CA ILE B 35 4.54 -12.44 -1.21
C ILE B 35 3.47 -13.43 -0.79
N LEU B 36 2.23 -13.14 -1.11
CA LEU B 36 1.13 -14.06 -0.70
C LEU B 36 1.29 -15.43 -1.34
N ASP B 37 0.77 -16.45 -0.70
CA ASP B 37 0.88 -17.82 -1.26
C ASP B 37 -0.36 -18.64 -0.90
N LEU B 38 -1.19 -18.93 -1.87
CA LEU B 38 -2.41 -19.73 -1.57
C LEU B 38 -2.02 -21.21 -1.50
N GLU B 39 -2.94 -22.10 -1.72
CA GLU B 39 -2.58 -23.57 -1.65
C GLU B 39 -2.20 -23.89 -0.20
N ASN B 40 -2.84 -23.23 0.72
CA ASN B 40 -2.55 -23.45 2.17
C ASN B 40 -3.02 -22.22 2.95
N ASP B 41 -3.14 -21.10 2.28
CA ASP B 41 -3.59 -19.84 2.95
C ASP B 41 -2.47 -19.28 3.84
N GLN B 42 -1.36 -18.92 3.26
CA GLN B 42 -0.24 -18.37 4.09
C GLN B 42 0.36 -17.13 3.42
N VAL B 43 0.78 -16.17 4.21
CA VAL B 43 1.41 -14.94 3.65
C VAL B 43 2.90 -15.06 3.88
N LEU B 44 3.72 -14.89 2.86
CA LEU B 44 5.18 -15.01 3.06
C LEU B 44 5.77 -13.60 3.07
N ILE B 45 6.84 -13.38 3.78
CA ILE B 45 7.42 -12.02 3.84
C ILE B 45 8.95 -12.06 3.85
N ASN B 46 9.54 -10.96 3.46
CA ASN B 46 11.02 -10.87 3.44
C ASN B 46 11.46 -9.53 4.05
N ARG B 47 11.78 -9.53 5.33
CA ARG B 47 12.22 -8.26 5.99
C ARG B 47 13.65 -7.91 5.53
N LYS B 48 14.00 -6.65 5.56
CA LYS B 48 15.37 -6.24 5.12
C LYS B 48 15.57 -6.65 3.66
N ASN B 49 16.44 -5.97 2.96
CA ASN B 49 16.70 -6.32 1.54
C ASN B 49 17.18 -7.78 1.43
N ASP B 50 17.88 -8.26 2.42
CA ASP B 50 18.37 -9.66 2.36
C ASP B 50 18.73 -10.15 3.76
N GLY B 51 17.95 -9.79 4.74
CA GLY B 51 18.22 -10.23 6.13
C GLY B 51 17.68 -11.65 6.32
N ASN B 52 16.46 -11.76 6.80
CA ASN B 52 15.85 -13.09 7.01
C ASN B 52 14.46 -13.10 6.40
N ILE B 53 13.88 -14.27 6.24
CA ILE B 53 12.51 -14.35 5.63
C ILE B 53 11.49 -14.68 6.71
N ASP B 54 10.27 -14.26 6.54
CA ASP B 54 9.22 -14.54 7.57
C ASP B 54 8.03 -15.21 6.90
N ILE B 55 7.33 -16.03 7.64
CA ILE B 55 6.13 -16.72 7.07
C ILE B 55 4.96 -16.53 8.03
N LEU B 56 3.77 -16.33 7.52
CA LEU B 56 2.60 -16.13 8.42
C LEU B 56 1.39 -16.93 7.91
N PRO B 57 0.92 -17.94 8.62
CA PRO B 57 -0.25 -18.73 8.17
C PRO B 57 -1.57 -18.00 8.41
N LEU B 58 -2.46 -18.02 7.46
CA LEU B 58 -3.76 -17.32 7.65
C LEU B 58 -4.80 -18.30 8.20
N ASP B 59 -5.30 -18.03 9.38
CA ASP B 59 -6.32 -18.93 9.98
C ASP B 59 -6.88 -18.27 11.25
N ASN B 60 -7.19 -19.04 12.25
CA ASN B 60 -7.72 -18.46 13.51
C ASN B 60 -6.57 -17.85 14.32
N ASN B 61 -6.43 -16.55 14.29
CA ASN B 61 -5.31 -15.91 15.04
C ASN B 61 -5.82 -14.63 15.71
N LEU B 62 -4.94 -13.90 16.35
CA LEU B 62 -5.35 -12.64 17.02
C LEU B 62 -5.94 -11.67 16.00
N SER B 63 -6.18 -10.45 16.38
CA SER B 63 -6.76 -9.44 15.45
C SER B 63 -6.05 -9.55 14.08
N ASP B 64 -6.79 -9.88 13.05
CA ASP B 64 -6.17 -10.01 11.71
C ASP B 64 -5.71 -8.62 11.22
N PHE B 65 -6.54 -7.62 11.35
CA PHE B 65 -6.13 -6.26 10.88
C PHE B 65 -4.82 -5.86 11.55
N TYR B 66 -4.70 -6.11 12.83
CA TYR B 66 -3.42 -5.74 13.53
C TYR B 66 -2.29 -6.59 12.98
N LYS B 67 -2.57 -7.81 12.61
CA LYS B 67 -1.50 -8.70 12.07
C LYS B 67 -0.94 -8.11 10.78
N THR B 68 -1.78 -7.80 9.84
CA THR B 68 -1.28 -7.23 8.56
C THR B 68 -0.52 -5.93 8.84
N LYS B 69 -0.99 -5.14 9.77
CA LYS B 69 -0.29 -3.87 10.08
C LYS B 69 1.02 -4.19 10.83
N TYR B 70 1.10 -5.32 11.46
CA TYR B 70 2.34 -5.68 12.21
C TYR B 70 3.45 -6.02 11.23
N ILE B 71 3.21 -6.92 10.31
CA ILE B 71 4.28 -7.29 9.33
C ILE B 71 4.55 -6.11 8.40
N TRP B 72 3.55 -5.33 8.13
CA TRP B 72 3.73 -4.18 7.21
C TRP B 72 4.48 -3.05 7.93
N GLU B 73 4.17 -2.79 9.17
CA GLU B 73 4.91 -1.72 9.89
C GLU B 73 6.36 -2.16 10.09
N ARG B 74 6.60 -3.43 10.27
CA ARG B 74 8.01 -3.91 10.45
C ARG B 74 8.68 -4.03 9.09
N LEU B 75 7.93 -4.35 8.07
CA LEU B 75 8.56 -4.46 6.72
C LEU B 75 9.17 -3.12 6.40
N GLY B 76 8.50 -2.07 6.78
CA GLY B 76 9.05 -0.71 6.52
C GLY B 76 10.47 -0.62 7.07
N LYS B 77 10.93 -1.64 7.76
CA LYS B 77 12.30 -1.58 8.33
C LYS B 77 13.30 -2.09 7.29
N ASN A 10 -6.71 -18.44 -9.12
CA ASN A 10 -6.08 -17.88 -10.34
C ASN A 10 -5.68 -16.41 -10.07
N ASP A 11 -5.22 -15.72 -11.07
CA ASP A 11 -4.82 -14.29 -10.85
C ASP A 11 -5.95 -13.56 -10.13
N ALA A 12 -7.18 -13.86 -10.46
CA ALA A 12 -8.32 -13.17 -9.79
C ALA A 12 -8.40 -13.57 -8.32
N ALA A 13 -7.98 -14.76 -7.99
CA ALA A 13 -8.04 -15.20 -6.56
C ALA A 13 -7.00 -14.42 -5.75
N GLU A 14 -5.79 -14.31 -6.23
CA GLU A 14 -4.75 -13.55 -5.49
C GLU A 14 -5.14 -12.08 -5.49
N VAL A 15 -5.51 -11.57 -6.63
CA VAL A 15 -5.91 -10.13 -6.72
C VAL A 15 -7.08 -9.86 -5.77
N ALA A 16 -7.91 -10.83 -5.51
CA ALA A 16 -9.06 -10.60 -4.59
C ALA A 16 -8.54 -10.48 -3.16
N LEU A 17 -7.74 -11.41 -2.73
CA LEU A 17 -7.20 -11.33 -1.34
C LEU A 17 -6.30 -10.10 -1.24
N TYR A 18 -5.66 -9.75 -2.32
CA TYR A 18 -4.77 -8.56 -2.32
C TYR A 18 -5.58 -7.32 -1.93
N GLU A 19 -6.66 -7.10 -2.62
CA GLU A 19 -7.49 -5.88 -2.36
C GLU A 19 -8.14 -5.95 -0.97
N ARG A 20 -8.70 -7.07 -0.63
CA ARG A 20 -9.38 -7.17 0.70
C ARG A 20 -8.42 -6.82 1.84
N LEU A 21 -7.16 -7.17 1.73
CA LEU A 21 -6.21 -6.89 2.85
C LEU A 21 -5.42 -5.57 2.65
N LEU A 22 -5.20 -5.12 1.45
CA LEU A 22 -4.39 -3.87 1.28
C LEU A 22 -5.24 -2.62 1.57
N GLN A 23 -6.54 -2.73 1.64
CA GLN A 23 -7.36 -1.52 1.89
C GLN A 23 -6.92 -0.46 0.90
N LEU A 24 -6.48 -0.90 -0.24
CA LEU A 24 -6.02 0.04 -1.31
C LEU A 24 -6.76 -0.32 -2.59
N ARG A 25 -7.28 0.67 -3.27
CA ARG A 25 -8.03 0.40 -4.54
C ARG A 25 -7.35 1.16 -5.69
N VAL A 26 -7.05 0.48 -6.76
CA VAL A 26 -6.39 1.16 -7.91
C VAL A 26 -7.46 1.65 -8.87
N LEU A 27 -7.57 2.95 -8.98
CA LEU A 27 -8.58 3.54 -9.90
C LEU A 27 -7.86 4.41 -10.95
N PRO A 28 -7.56 3.89 -12.12
CA PRO A 28 -6.86 4.70 -13.16
C PRO A 28 -7.76 5.81 -13.69
N GLY A 29 -7.20 6.95 -13.95
CA GLY A 29 -8.02 8.08 -14.49
C GLY A 29 -8.78 7.62 -15.73
N ALA A 30 -9.76 8.38 -16.15
CA ALA A 30 -10.54 7.98 -17.36
C ALA A 30 -9.88 8.56 -18.61
N SER A 31 -10.67 9.02 -19.54
CA SER A 31 -10.09 9.60 -20.80
C SER A 31 -9.11 10.71 -20.44
N ASP A 32 -9.36 11.41 -19.37
CA ASP A 32 -8.44 12.52 -18.98
C ASP A 32 -6.99 12.03 -19.05
N VAL A 33 -6.05 12.91 -18.88
CA VAL A 33 -4.62 12.49 -18.95
C VAL A 33 -4.43 11.24 -18.08
N HIS A 34 -3.71 10.27 -18.59
CA HIS A 34 -3.49 9.02 -17.80
C HIS A 34 -3.08 9.38 -16.38
N ASP A 35 -3.61 8.69 -15.40
CA ASP A 35 -3.24 8.99 -14.00
C ASP A 35 -3.67 7.82 -13.10
N VAL A 36 -3.04 7.67 -11.97
CA VAL A 36 -3.40 6.56 -11.04
C VAL A 36 -3.97 7.14 -9.76
N ARG A 37 -5.15 6.72 -9.39
CA ARG A 37 -5.79 7.23 -8.15
C ARG A 37 -5.73 6.13 -7.07
N PHE A 38 -4.93 6.32 -6.06
CA PHE A 38 -4.85 5.30 -4.98
C PHE A 38 -5.95 5.59 -3.96
N VAL A 39 -6.89 4.69 -3.79
CA VAL A 39 -8.01 4.93 -2.83
C VAL A 39 -7.89 4.01 -1.61
N PHE A 40 -7.92 4.60 -0.44
CA PHE A 40 -7.85 3.77 0.82
C PHE A 40 -9.27 3.42 1.28
N GLY A 41 -9.61 2.16 1.37
CA GLY A 41 -10.99 1.79 1.79
C GLY A 41 -11.16 1.97 3.31
N ASP A 42 -11.05 3.17 3.81
CA ASP A 42 -11.21 3.34 5.29
C ASP A 42 -11.58 4.79 5.63
N ASP A 43 -10.63 5.55 6.11
CA ASP A 43 -10.89 6.96 6.51
C ASP A 43 -11.87 7.66 5.56
N SER A 44 -13.16 7.50 5.76
CA SER A 44 -14.17 8.19 4.88
C SER A 44 -13.70 8.21 3.43
N ARG A 45 -13.29 7.10 2.90
CA ARG A 45 -12.79 7.10 1.50
C ARG A 45 -11.71 8.17 1.39
N CYS A 46 -10.49 7.80 1.67
CA CYS A 46 -9.37 8.77 1.56
C CYS A 46 -8.54 8.38 0.33
N TRP A 47 -8.13 9.32 -0.47
CA TRP A 47 -7.36 8.93 -1.69
C TRP A 47 -6.41 10.03 -2.18
N ILE A 48 -5.39 9.62 -2.90
CA ILE A 48 -4.42 10.59 -3.48
C ILE A 48 -4.16 10.16 -4.94
N GLU A 49 -3.75 11.05 -5.81
CA GLU A 49 -3.53 10.65 -7.23
C GLU A 49 -2.18 11.16 -7.72
N VAL A 50 -1.49 10.38 -8.50
CA VAL A 50 -0.17 10.81 -9.02
C VAL A 50 0.36 9.77 -10.01
N ALA A 51 0.89 10.22 -11.12
CA ALA A 51 1.42 9.26 -12.13
C ALA A 51 2.91 9.04 -11.89
N MET A 52 3.32 7.81 -11.81
CA MET A 52 4.78 7.52 -11.59
C MET A 52 5.58 8.07 -12.77
N HIS A 53 5.04 8.01 -13.95
CA HIS A 53 5.76 8.53 -15.15
C HIS A 53 5.15 9.86 -15.58
N GLY A 54 5.77 10.53 -16.52
CA GLY A 54 5.21 11.83 -16.98
C GLY A 54 5.82 12.97 -16.17
N ASP A 55 6.16 14.06 -16.81
CA ASP A 55 6.75 15.21 -16.07
C ASP A 55 5.65 16.16 -15.61
N HIS A 56 4.41 15.79 -15.85
CA HIS A 56 3.28 16.66 -15.44
C HIS A 56 2.67 16.15 -14.14
N VAL A 57 2.35 17.04 -13.24
CA VAL A 57 1.76 16.61 -11.94
C VAL A 57 0.65 17.59 -11.54
N ILE A 58 -0.40 17.09 -10.94
CA ILE A 58 -1.53 17.99 -10.52
C ILE A 58 -1.92 17.65 -9.08
N GLY A 59 -2.20 18.64 -8.29
CA GLY A 59 -2.59 18.38 -6.88
C GLY A 59 -4.00 17.80 -6.83
N ASN A 60 -4.12 16.50 -6.89
CA ASN A 60 -5.47 15.85 -6.83
C ASN A 60 -5.48 14.83 -5.69
N SER A 61 -6.13 15.15 -4.59
CA SER A 61 -6.15 14.20 -3.45
C SER A 61 -7.12 14.65 -2.36
N HIS A 62 -7.66 13.70 -1.66
CA HIS A 62 -8.59 13.99 -0.55
C HIS A 62 -8.08 13.23 0.68
N PRO A 63 -7.16 13.82 1.41
CA PRO A 63 -6.58 13.16 2.61
C PRO A 63 -7.48 13.33 3.85
N ALA A 64 -7.08 14.12 4.84
CA ALA A 64 -7.95 14.31 6.04
C ALA A 64 -7.14 14.93 7.18
N LEU A 65 -6.05 15.60 6.88
CA LEU A 65 -5.24 16.26 7.95
C LEU A 65 -4.73 17.62 7.46
N ASP A 66 -3.94 18.29 8.26
CA ASP A 66 -3.42 19.63 7.85
C ASP A 66 -2.36 19.45 6.75
N PRO A 67 -2.04 20.49 6.01
CA PRO A 67 -1.04 20.39 4.92
C PRO A 67 0.32 19.84 5.39
N LYS A 68 0.62 19.98 6.66
CA LYS A 68 1.92 19.46 7.17
C LYS A 68 2.07 17.99 6.78
N SER A 69 1.07 17.20 7.08
CA SER A 69 1.14 15.75 6.74
C SER A 69 1.25 15.59 5.22
N ARG A 70 0.30 16.07 4.48
CA ARG A 70 0.37 15.94 3.00
C ARG A 70 1.74 16.43 2.51
N ALA A 71 2.25 17.47 3.13
CA ALA A 71 3.57 18.00 2.71
C ALA A 71 4.66 16.97 3.07
N THR A 72 4.59 16.39 4.24
CA THR A 72 5.62 15.40 4.64
C THR A 72 5.48 14.15 3.77
N LEU A 73 4.30 13.86 3.31
CA LEU A 73 4.10 12.65 2.45
C LEU A 73 4.82 12.85 1.11
N GLU A 74 4.65 13.98 0.50
CA GLU A 74 5.33 14.23 -0.80
C GLU A 74 6.84 14.23 -0.59
N HIS A 75 7.32 15.05 0.30
CA HIS A 75 8.79 15.09 0.54
C HIS A 75 9.30 13.69 0.88
N VAL A 76 8.50 12.91 1.56
CA VAL A 76 8.95 11.53 1.94
C VAL A 76 9.24 10.71 0.68
N LEU A 77 8.31 10.65 -0.24
CA LEU A 77 8.55 9.81 -1.45
C LEU A 77 9.72 10.35 -2.29
N THR A 78 9.83 11.63 -2.48
CA THR A 78 10.95 12.15 -3.31
C THR A 78 12.27 12.05 -2.55
N VAL A 79 12.23 12.10 -1.25
CA VAL A 79 13.48 12.04 -0.46
C VAL A 79 13.89 10.59 -0.14
N GLN A 80 12.97 9.74 0.24
CA GLN A 80 13.36 8.34 0.59
C GLN A 80 13.41 7.43 -0.65
N GLY A 81 12.59 7.69 -1.63
CA GLY A 81 12.61 6.84 -2.84
C GLY A 81 12.31 5.38 -2.48
N ASP A 82 11.70 5.15 -1.34
CA ASP A 82 11.36 3.75 -0.93
C ASP A 82 9.87 3.55 -1.10
N LEU A 83 9.49 2.66 -1.96
CA LEU A 83 8.03 2.44 -2.18
C LEU A 83 7.40 1.99 -0.87
N ALA A 84 8.21 1.67 0.10
CA ALA A 84 7.65 1.20 1.42
C ALA A 84 7.55 2.35 2.43
N ALA A 85 8.60 3.09 2.66
CA ALA A 85 8.51 4.20 3.65
C ALA A 85 7.33 5.10 3.31
N PHE A 86 6.92 5.13 2.07
CA PHE A 86 5.76 5.99 1.72
C PHE A 86 4.44 5.32 2.17
N LEU A 87 4.09 4.15 1.67
CA LEU A 87 2.82 3.51 2.10
C LEU A 87 2.82 3.30 3.62
N VAL A 88 3.97 3.03 4.20
CA VAL A 88 3.99 2.80 5.68
C VAL A 88 3.71 4.13 6.42
N VAL A 89 4.36 5.20 6.04
CA VAL A 89 4.12 6.51 6.71
C VAL A 89 2.75 7.06 6.30
N ALA A 90 2.32 6.84 5.08
CA ALA A 90 0.98 7.35 4.65
C ALA A 90 -0.09 6.67 5.51
N ARG A 91 0.09 5.41 5.78
CA ARG A 91 -0.91 4.68 6.62
C ARG A 91 -0.95 5.32 8.01
N ASP A 92 0.15 5.34 8.71
CA ASP A 92 0.13 5.96 10.08
C ASP A 92 -0.36 7.41 9.96
N MET A 93 -0.02 8.06 8.90
CA MET A 93 -0.46 9.46 8.70
C MET A 93 -1.99 9.52 8.62
N LEU A 94 -2.59 8.55 7.99
CA LEU A 94 -4.07 8.54 7.86
C LEU A 94 -4.69 8.38 9.25
N LEU A 95 -4.15 7.50 10.07
CA LEU A 95 -4.73 7.30 11.43
C LEU A 95 -4.54 8.58 12.23
N ALA A 96 -3.39 9.19 12.12
CA ALA A 96 -3.13 10.44 12.86
C ALA A 96 -4.26 11.43 12.59
N SER A 97 -4.92 11.29 11.47
CA SER A 97 -6.05 12.20 11.15
C SER A 97 -7.16 12.05 12.19
N LEU A 98 -7.40 10.84 12.60
CA LEU A 98 -8.48 10.61 13.62
C LEU A 98 -7.89 10.80 15.02
N ASN B 20 -4.91 -8.06 -16.22
CA ASN B 20 -3.71 -7.32 -16.71
C ASN B 20 -3.04 -6.59 -15.55
N GLU B 21 -3.62 -5.52 -15.08
CA GLU B 21 -3.03 -4.75 -13.96
C GLU B 21 -2.52 -5.69 -12.86
N ASN B 22 -2.91 -6.93 -12.88
CA ASN B 22 -2.45 -7.88 -11.83
C ASN B 22 -0.93 -7.73 -11.64
N ILE B 23 -0.20 -7.60 -12.71
CA ILE B 23 1.29 -7.45 -12.58
C ILE B 23 1.62 -6.20 -11.76
N LEU B 24 0.88 -5.14 -11.94
CA LEU B 24 1.17 -3.90 -11.16
C LEU B 24 0.94 -4.16 -9.67
N LYS B 25 -0.13 -4.81 -9.34
CA LYS B 25 -0.39 -5.10 -7.90
C LYS B 25 0.72 -6.02 -7.38
N LEU B 26 1.00 -7.09 -8.08
CA LEU B 26 2.09 -8.00 -7.63
C LEU B 26 3.35 -7.19 -7.42
N LYS B 27 3.57 -6.19 -8.23
CA LYS B 27 4.79 -5.35 -8.07
C LYS B 27 4.72 -4.64 -6.71
N LEU B 28 3.56 -4.18 -6.32
CA LEU B 28 3.44 -3.50 -5.00
C LEU B 28 3.82 -4.48 -3.90
N TYR B 29 3.10 -5.56 -3.76
CA TYR B 29 3.44 -6.54 -2.70
C TYR B 29 4.92 -6.92 -2.81
N ARG B 30 5.38 -7.21 -3.99
CA ARG B 30 6.82 -7.58 -4.16
C ARG B 30 7.70 -6.44 -3.64
N SER B 31 7.33 -5.21 -3.93
CA SER B 31 8.14 -4.07 -3.46
C SER B 31 7.98 -3.92 -1.94
N LEU B 32 6.86 -4.33 -1.40
CA LEU B 32 6.66 -4.22 0.07
C LEU B 32 7.39 -5.37 0.76
N GLY B 33 7.97 -6.27 0.00
CA GLY B 33 8.69 -7.41 0.63
C GLY B 33 7.67 -8.45 1.08
N VAL B 34 6.51 -8.46 0.47
CA VAL B 34 5.45 -9.45 0.86
C VAL B 34 5.30 -10.49 -0.27
N ILE B 35 5.11 -11.75 0.05
CA ILE B 35 4.93 -12.77 -1.04
C ILE B 35 3.82 -13.74 -0.59
N LEU B 36 2.61 -13.48 -1.00
CA LEU B 36 1.47 -14.36 -0.57
C LEU B 36 1.67 -15.79 -1.06
N ASP B 37 1.16 -16.73 -0.30
CA ASP B 37 1.28 -18.17 -0.68
C ASP B 37 -0.11 -18.79 -0.56
N LEU B 38 -0.88 -18.72 -1.60
CA LEU B 38 -2.27 -19.26 -1.56
C LEU B 38 -2.24 -20.77 -1.81
N GLU B 39 -1.14 -21.41 -1.48
CA GLU B 39 -1.05 -22.88 -1.67
C GLU B 39 -1.25 -23.54 -0.32
N ASN B 40 -1.60 -22.75 0.64
CA ASN B 40 -1.83 -23.25 2.02
C ASN B 40 -2.39 -22.12 2.90
N ASP B 41 -3.06 -21.15 2.30
CA ASP B 41 -3.62 -20.03 3.11
C ASP B 41 -2.52 -19.45 4.01
N GLN B 42 -1.43 -19.04 3.43
CA GLN B 42 -0.32 -18.48 4.27
C GLN B 42 0.34 -17.29 3.55
N VAL B 43 0.86 -16.35 4.30
CA VAL B 43 1.55 -15.18 3.69
C VAL B 43 3.04 -15.27 4.03
N LEU B 44 3.91 -15.03 3.09
CA LEU B 44 5.37 -15.11 3.37
C LEU B 44 5.93 -13.70 3.32
N ILE B 45 6.99 -13.43 4.04
CA ILE B 45 7.54 -12.05 4.04
C ILE B 45 9.06 -12.04 4.13
N ASN B 46 9.63 -10.91 3.82
CA ASN B 46 11.10 -10.74 3.87
C ASN B 46 11.44 -9.41 4.55
N ARG B 47 12.37 -9.43 5.47
CA ARG B 47 12.80 -8.18 6.17
C ARG B 47 14.23 -7.86 5.76
N LYS B 48 14.63 -6.61 5.84
CA LYS B 48 16.01 -6.22 5.45
C LYS B 48 16.72 -5.52 6.61
N ASN B 49 18.00 -5.74 6.75
CA ASN B 49 18.77 -5.10 7.85
C ASN B 49 18.12 -5.42 9.19
N ASP B 50 17.59 -6.60 9.34
CA ASP B 50 16.95 -6.97 10.63
C ASP B 50 16.15 -8.25 10.45
N GLY B 51 16.32 -9.21 11.33
CA GLY B 51 15.55 -10.47 11.21
C GLY B 51 16.04 -11.27 10.00
N ASN B 52 15.12 -11.64 9.14
CA ASN B 52 15.48 -12.42 7.91
C ASN B 52 14.20 -12.67 7.11
N ILE B 53 13.85 -13.91 6.89
CA ILE B 53 12.60 -14.22 6.16
C ILE B 53 11.51 -14.54 7.20
N ASP B 54 10.29 -14.11 6.97
CA ASP B 54 9.21 -14.38 7.97
C ASP B 54 8.02 -15.07 7.31
N ILE B 55 7.29 -15.85 8.05
CA ILE B 55 6.10 -16.55 7.48
C ILE B 55 4.89 -16.26 8.37
N LEU B 56 3.74 -16.05 7.78
CA LEU B 56 2.53 -15.75 8.62
C LEU B 56 1.31 -16.56 8.11
N PRO B 57 0.82 -17.51 8.88
CA PRO B 57 -0.36 -18.34 8.46
C PRO B 57 -1.68 -17.59 8.68
N LEU B 58 -2.57 -17.65 7.74
CA LEU B 58 -3.87 -16.92 7.92
C LEU B 58 -4.70 -17.62 9.01
N ASP B 59 -4.73 -18.92 9.01
CA ASP B 59 -5.52 -19.65 10.05
C ASP B 59 -6.91 -19.00 10.19
N ASN B 60 -7.54 -19.18 11.32
CA ASN B 60 -8.89 -18.59 11.53
C ASN B 60 -8.90 -17.82 12.85
N ASN B 61 -7.81 -17.18 13.18
CA ASN B 61 -7.75 -16.41 14.45
C ASN B 61 -8.27 -14.99 14.22
N LEU B 62 -8.79 -14.70 13.06
CA LEU B 62 -9.31 -13.33 12.79
C LEU B 62 -8.23 -12.30 13.14
N SER B 63 -8.56 -11.04 13.01
CA SER B 63 -7.56 -9.98 13.33
C SER B 63 -6.51 -9.91 12.22
N ASP B 64 -6.82 -10.42 11.06
CA ASP B 64 -5.85 -10.38 9.94
C ASP B 64 -5.51 -8.94 9.60
N PHE B 65 -6.45 -8.04 9.72
CA PHE B 65 -6.18 -6.61 9.39
C PHE B 65 -5.06 -6.10 10.29
N TYR B 66 -5.12 -6.39 11.57
CA TYR B 66 -4.07 -5.93 12.49
C TYR B 66 -2.74 -6.59 12.10
N LYS B 67 -2.79 -7.83 11.71
CA LYS B 67 -1.55 -8.55 11.32
C LYS B 67 -0.97 -7.90 10.06
N THR B 68 -1.80 -7.59 9.10
CA THR B 68 -1.28 -6.95 7.85
C THR B 68 -0.55 -5.66 8.18
N LYS B 69 -1.11 -4.85 9.04
CA LYS B 69 -0.41 -3.58 9.40
C LYS B 69 0.84 -3.92 10.21
N TYR B 70 0.84 -5.04 10.88
CA TYR B 70 2.02 -5.43 11.69
C TYR B 70 3.20 -5.79 10.78
N ILE B 71 3.01 -6.73 9.89
CA ILE B 71 4.12 -7.12 8.98
C ILE B 71 4.48 -5.96 8.06
N TRP B 72 3.50 -5.22 7.66
CA TRP B 72 3.76 -4.07 6.75
C TRP B 72 4.49 -2.96 7.48
N GLU B 73 4.19 -2.74 8.73
CA GLU B 73 4.92 -1.67 9.47
C GLU B 73 6.37 -2.10 9.68
N ARG B 74 6.62 -3.35 9.94
CA ARG B 74 8.02 -3.82 10.13
C ARG B 74 8.70 -3.97 8.78
N LEU B 75 7.97 -4.29 7.76
CA LEU B 75 8.59 -4.43 6.41
C LEU B 75 9.20 -3.08 6.04
N GLY B 76 8.49 -2.02 6.36
CA GLY B 76 9.03 -0.68 6.04
C GLY B 76 10.38 -0.49 6.76
N LYS B 77 10.82 -1.49 7.48
CA LYS B 77 12.13 -1.34 8.19
C LYS B 77 12.56 -2.70 8.75
N ASN A 10 -7.68 -19.55 -7.32
CA ASN A 10 -7.57 -19.00 -8.70
C ASN A 10 -6.96 -17.61 -8.65
N ASP A 11 -6.62 -17.05 -9.78
CA ASP A 11 -6.01 -15.69 -9.78
C ASP A 11 -6.97 -14.71 -9.11
N ALA A 12 -8.26 -14.88 -9.32
CA ALA A 12 -9.23 -13.94 -8.70
C ALA A 12 -9.20 -14.09 -7.17
N ALA A 13 -9.00 -15.27 -6.68
CA ALA A 13 -8.96 -15.45 -5.19
C ALA A 13 -7.69 -14.78 -4.65
N GLU A 14 -6.56 -15.02 -5.27
CA GLU A 14 -5.31 -14.37 -4.80
C GLU A 14 -5.49 -12.85 -4.88
N VAL A 15 -5.98 -12.37 -5.99
CA VAL A 15 -6.21 -10.89 -6.15
C VAL A 15 -7.26 -10.42 -5.14
N ALA A 16 -8.12 -11.30 -4.71
CA ALA A 16 -9.15 -10.87 -3.72
C ALA A 16 -8.47 -10.53 -2.41
N LEU A 17 -7.57 -11.37 -1.95
CA LEU A 17 -6.86 -11.05 -0.68
C LEU A 17 -5.95 -9.84 -0.90
N TYR A 18 -5.47 -9.66 -2.10
CA TYR A 18 -4.60 -8.49 -2.41
C TYR A 18 -5.36 -7.19 -2.12
N GLU A 19 -6.57 -7.10 -2.60
CA GLU A 19 -7.35 -5.84 -2.40
C GLU A 19 -7.92 -5.76 -0.98
N ARG A 20 -8.75 -6.70 -0.62
CA ARG A 20 -9.37 -6.67 0.73
C ARG A 20 -8.34 -6.44 1.84
N LEU A 21 -7.14 -6.93 1.69
CA LEU A 21 -6.13 -6.76 2.78
C LEU A 21 -5.29 -5.49 2.61
N LEU A 22 -5.12 -4.99 1.41
CA LEU A 22 -4.27 -3.76 1.24
C LEU A 22 -5.09 -2.50 1.51
N GLN A 23 -6.39 -2.58 1.57
CA GLN A 23 -7.19 -1.35 1.80
C GLN A 23 -6.72 -0.29 0.81
N LEU A 24 -6.29 -0.75 -0.33
CA LEU A 24 -5.80 0.17 -1.40
C LEU A 24 -6.56 -0.16 -2.68
N ARG A 25 -6.98 0.85 -3.39
CA ARG A 25 -7.73 0.63 -4.65
C ARG A 25 -7.05 1.43 -5.76
N VAL A 26 -6.70 0.79 -6.84
CA VAL A 26 -6.02 1.52 -7.95
C VAL A 26 -7.07 2.03 -8.92
N LEU A 27 -7.19 3.32 -9.00
CA LEU A 27 -8.18 3.94 -9.93
C LEU A 27 -7.42 4.77 -10.98
N PRO A 28 -7.05 4.19 -12.11
CA PRO A 28 -6.34 4.96 -13.15
C PRO A 28 -7.23 6.04 -13.77
N GLY A 29 -6.72 7.23 -13.94
CA GLY A 29 -7.55 8.31 -14.53
C GLY A 29 -8.92 8.34 -13.84
N ALA A 30 -9.85 9.09 -14.38
CA ALA A 30 -11.19 9.15 -13.75
C ALA A 30 -12.24 9.40 -14.84
N SER A 31 -11.81 9.82 -16.00
CA SER A 31 -12.78 10.08 -17.11
C SER A 31 -12.03 10.16 -18.42
N ASP A 32 -11.04 11.01 -18.52
CA ASP A 32 -10.27 11.13 -19.79
C ASP A 32 -8.89 11.74 -19.50
N VAL A 33 -8.25 11.29 -18.45
CA VAL A 33 -6.90 11.84 -18.12
C VAL A 33 -5.98 10.68 -17.72
N HIS A 34 -4.69 10.86 -17.88
CA HIS A 34 -3.73 9.78 -17.51
C HIS A 34 -3.17 10.06 -16.11
N ASP A 35 -3.42 9.16 -15.19
CA ASP A 35 -2.90 9.37 -13.81
C ASP A 35 -3.29 8.17 -12.95
N VAL A 36 -2.68 8.05 -11.79
CA VAL A 36 -2.99 6.90 -10.89
C VAL A 36 -3.56 7.43 -9.58
N ARG A 37 -4.79 7.07 -9.25
CA ARG A 37 -5.40 7.55 -7.99
C ARG A 37 -5.40 6.44 -6.94
N PHE A 38 -4.65 6.61 -5.89
CA PHE A 38 -4.63 5.57 -4.81
C PHE A 38 -5.80 5.84 -3.86
N VAL A 39 -6.73 4.92 -3.78
CA VAL A 39 -7.90 5.13 -2.87
C VAL A 39 -7.76 4.22 -1.65
N PHE A 40 -7.81 4.79 -0.47
CA PHE A 40 -7.66 3.96 0.77
C PHE A 40 -9.05 3.60 1.32
N GLY A 41 -9.36 2.33 1.43
CA GLY A 41 -10.71 1.95 1.97
C GLY A 41 -10.76 2.23 3.47
N ASP A 42 -10.83 3.47 3.89
CA ASP A 42 -10.86 3.73 5.36
C ASP A 42 -11.43 5.11 5.68
N ASP A 43 -10.63 5.95 6.30
CA ASP A 43 -11.09 7.31 6.70
C ASP A 43 -12.02 7.93 5.65
N SER A 44 -13.30 7.69 5.73
CA SER A 44 -14.24 8.31 4.75
C SER A 44 -13.68 8.22 3.34
N ARG A 45 -13.30 7.04 2.91
CA ARG A 45 -12.71 6.87 1.56
C ARG A 45 -11.76 8.02 1.29
N CYS A 46 -10.51 7.84 1.59
CA CYS A 46 -9.52 8.92 1.35
C CYS A 46 -8.66 8.53 0.15
N TRP A 47 -8.33 9.47 -0.69
CA TRP A 47 -7.51 9.13 -1.89
C TRP A 47 -6.53 10.24 -2.25
N ILE A 48 -5.46 9.88 -2.91
CA ILE A 48 -4.44 10.89 -3.32
C ILE A 48 -3.93 10.54 -4.73
N GLU A 49 -3.74 11.51 -5.57
CA GLU A 49 -3.25 11.22 -6.95
C GLU A 49 -1.73 11.29 -7.00
N VAL A 50 -1.09 10.22 -7.39
CA VAL A 50 0.40 10.23 -7.47
C VAL A 50 0.84 9.21 -8.53
N ALA A 51 1.95 9.45 -9.17
CA ALA A 51 2.43 8.50 -10.21
C ALA A 51 3.95 8.65 -10.39
N MET A 52 4.59 7.68 -10.97
CA MET A 52 6.07 7.77 -11.18
C MET A 52 6.39 9.06 -11.94
N HIS A 53 5.58 9.41 -12.89
CA HIS A 53 5.84 10.66 -13.68
C HIS A 53 4.91 11.78 -13.18
N GLY A 54 5.34 12.52 -12.20
CA GLY A 54 4.48 13.62 -11.67
C GLY A 54 5.35 14.63 -10.92
N ASP A 55 6.50 14.94 -11.44
CA ASP A 55 7.39 15.92 -10.76
C ASP A 55 6.65 17.25 -10.59
N HIS A 56 5.84 17.60 -11.55
CA HIS A 56 5.10 18.89 -11.45
C HIS A 56 3.94 18.74 -10.45
N VAL A 57 3.52 19.81 -9.84
CA VAL A 57 2.40 19.72 -8.86
C VAL A 57 1.09 19.46 -9.59
N ILE A 58 0.76 18.20 -9.83
CA ILE A 58 -0.50 17.87 -10.54
C ILE A 58 -1.15 16.68 -9.84
N GLY A 59 -2.43 16.75 -9.58
CA GLY A 59 -3.14 15.63 -8.91
C GLY A 59 -4.11 16.18 -7.87
N ASN A 60 -4.99 15.35 -7.38
CA ASN A 60 -5.99 15.81 -6.36
C ASN A 60 -5.59 15.25 -4.98
N SER A 61 -6.16 15.80 -3.94
CA SER A 61 -5.83 15.32 -2.56
C SER A 61 -7.10 15.29 -1.72
N HIS A 62 -7.41 14.17 -1.13
CA HIS A 62 -8.64 14.07 -0.30
C HIS A 62 -8.37 13.13 0.89
N PRO A 63 -7.63 13.60 1.86
CA PRO A 63 -7.30 12.79 3.06
C PRO A 63 -8.45 12.80 4.09
N ALA A 64 -8.36 13.65 5.09
CA ALA A 64 -9.45 13.71 6.11
C ALA A 64 -8.97 14.51 7.33
N LEU A 65 -8.05 15.40 7.13
CA LEU A 65 -7.55 16.22 8.28
C LEU A 65 -6.89 17.50 7.75
N ASP A 66 -5.80 17.39 7.05
CA ASP A 66 -5.14 18.62 6.52
C ASP A 66 -4.14 18.22 5.42
N PRO A 67 -3.76 19.13 4.56
CA PRO A 67 -2.80 18.81 3.47
C PRO A 67 -1.47 18.25 4.00
N LYS A 68 -1.24 18.37 5.29
CA LYS A 68 0.02 17.84 5.87
C LYS A 68 0.26 16.42 5.36
N SER A 69 -0.79 15.70 5.07
CA SER A 69 -0.61 14.31 4.57
C SER A 69 0.02 14.35 3.17
N ARG A 70 -0.60 15.03 2.24
CA ARG A 70 -0.03 15.08 0.87
C ARG A 70 1.32 15.80 0.90
N ALA A 71 1.49 16.73 1.80
CA ALA A 71 2.79 17.46 1.88
C ALA A 71 3.87 16.54 2.48
N THR A 72 3.69 16.08 3.68
CA THR A 72 4.72 15.20 4.31
C THR A 72 4.93 13.95 3.45
N LEU A 73 3.90 13.45 2.83
CA LEU A 73 4.06 12.24 1.96
C LEU A 73 4.97 12.59 0.79
N GLU A 74 4.77 13.72 0.18
CA GLU A 74 5.63 14.11 -0.98
C GLU A 74 7.07 14.28 -0.50
N HIS A 75 7.30 15.14 0.45
CA HIS A 75 8.69 15.35 0.95
C HIS A 75 9.34 14.01 1.27
N VAL A 76 8.57 13.07 1.78
CA VAL A 76 9.15 11.74 2.12
C VAL A 76 9.63 11.03 0.86
N LEU A 77 8.84 10.99 -0.17
CA LEU A 77 9.27 10.26 -1.39
C LEU A 77 10.48 10.94 -2.04
N THR A 78 10.50 12.23 -2.17
CA THR A 78 11.67 12.89 -2.81
C THR A 78 12.88 12.86 -1.89
N VAL A 79 12.66 12.85 -0.60
CA VAL A 79 13.81 12.85 0.33
C VAL A 79 14.30 11.42 0.61
N GLN A 80 13.41 10.48 0.84
CA GLN A 80 13.86 9.09 1.16
C GLN A 80 13.89 8.18 -0.08
N GLY A 81 13.16 8.50 -1.11
CA GLY A 81 13.18 7.63 -2.33
C GLY A 81 13.01 6.17 -1.90
N ASP A 82 12.37 5.94 -0.78
CA ASP A 82 12.18 4.55 -0.27
C ASP A 82 10.86 3.96 -0.78
N LEU A 83 10.92 2.82 -1.40
CA LEU A 83 9.69 2.17 -1.92
C LEU A 83 8.92 1.59 -0.73
N ALA A 84 9.39 1.86 0.46
CA ALA A 84 8.71 1.33 1.68
C ALA A 84 8.40 2.45 2.70
N ALA A 85 9.40 3.14 3.23
CA ALA A 85 9.09 4.20 4.22
C ALA A 85 7.98 5.10 3.68
N PHE A 86 7.85 5.18 2.39
CA PHE A 86 6.78 6.04 1.81
C PHE A 86 5.39 5.40 2.03
N LEU A 87 5.11 4.24 1.49
CA LEU A 87 3.77 3.66 1.70
C LEU A 87 3.58 3.33 3.18
N VAL A 88 4.63 2.98 3.88
CA VAL A 88 4.47 2.66 5.33
C VAL A 88 4.03 3.95 6.05
N VAL A 89 4.68 5.05 5.76
CA VAL A 89 4.28 6.33 6.41
C VAL A 89 2.91 6.77 5.85
N ALA A 90 2.61 6.42 4.62
CA ALA A 90 1.29 6.79 4.04
C ALA A 90 0.19 6.20 4.90
N ARG A 91 0.28 4.92 5.19
CA ARG A 91 -0.76 4.26 6.03
C ARG A 91 -0.80 4.93 7.40
N ASP A 92 0.33 5.03 8.06
CA ASP A 92 0.34 5.69 9.39
C ASP A 92 -0.32 7.06 9.27
N MET A 93 -0.19 7.67 8.11
CA MET A 93 -0.81 9.01 7.91
C MET A 93 -2.33 8.87 7.91
N LEU A 94 -2.84 7.84 7.28
CA LEU A 94 -4.32 7.66 7.26
C LEU A 94 -4.84 7.57 8.70
N LEU A 95 -4.17 6.81 9.52
CA LEU A 95 -4.62 6.67 10.94
C LEU A 95 -4.54 8.02 11.63
N ALA A 96 -3.41 8.67 11.56
CA ALA A 96 -3.26 9.99 12.23
C ALA A 96 -4.39 10.92 11.78
N SER A 97 -4.89 10.74 10.59
CA SER A 97 -5.99 11.63 10.10
C SER A 97 -7.23 11.43 10.97
N LEU A 98 -7.50 10.22 11.39
CA LEU A 98 -8.70 9.97 12.23
C LEU A 98 -8.58 10.75 13.54
N ASN B 20 -5.63 -6.01 -15.75
CA ASN B 20 -4.40 -5.25 -16.08
C ASN B 20 -3.75 -4.74 -14.80
N GLU B 21 -4.37 -3.78 -14.15
CA GLU B 21 -3.81 -3.20 -12.90
C GLU B 21 -3.17 -4.29 -12.02
N ASN B 22 -3.57 -5.52 -12.21
CA ASN B 22 -2.98 -6.62 -11.39
C ASN B 22 -1.46 -6.47 -11.32
N ILE B 23 -0.81 -6.24 -12.43
CA ILE B 23 0.68 -6.09 -12.41
C ILE B 23 1.06 -4.92 -11.50
N LEU B 24 0.32 -3.84 -11.55
CA LEU B 24 0.65 -2.67 -10.68
C LEU B 24 0.45 -3.05 -9.21
N LYS B 25 -0.61 -3.74 -8.90
CA LYS B 25 -0.85 -4.14 -7.49
C LYS B 25 0.25 -5.11 -7.06
N LEU B 26 0.47 -6.14 -7.83
CA LEU B 26 1.54 -7.13 -7.47
C LEU B 26 2.89 -6.42 -7.39
N LYS B 27 3.14 -5.47 -8.25
CA LYS B 27 4.44 -4.74 -8.18
C LYS B 27 4.56 -4.07 -6.82
N LEU B 28 3.49 -3.51 -6.33
CA LEU B 28 3.54 -2.84 -5.00
C LEU B 28 3.94 -3.89 -3.95
N TYR B 29 3.22 -4.98 -3.89
CA TYR B 29 3.56 -6.02 -2.89
C TYR B 29 5.07 -6.31 -2.92
N ARG B 30 5.62 -6.52 -4.09
CA ARG B 30 7.08 -6.80 -4.19
C ARG B 30 7.86 -5.73 -3.45
N SER B 31 7.45 -4.50 -3.59
CA SER B 31 8.17 -3.39 -2.90
C SER B 31 8.01 -3.54 -1.39
N LEU B 32 7.01 -4.26 -0.94
CA LEU B 32 6.82 -4.42 0.53
C LEU B 32 7.54 -5.67 1.04
N GLY B 33 8.12 -6.48 0.19
CA GLY B 33 8.81 -7.69 0.69
C GLY B 33 7.77 -8.73 1.12
N VAL B 34 6.60 -8.67 0.53
CA VAL B 34 5.52 -9.66 0.86
C VAL B 34 5.37 -10.64 -0.31
N ILE B 35 5.13 -11.89 -0.05
CA ILE B 35 4.93 -12.85 -1.17
C ILE B 35 3.89 -13.89 -0.75
N LEU B 36 2.68 -13.69 -1.16
CA LEU B 36 1.57 -14.61 -0.76
C LEU B 36 1.73 -15.97 -1.41
N ASP B 37 1.17 -16.98 -0.78
CA ASP B 37 1.25 -18.36 -1.33
C ASP B 37 -0.04 -19.12 -1.00
N LEU B 38 -0.84 -19.41 -1.99
CA LEU B 38 -2.10 -20.14 -1.74
C LEU B 38 -1.81 -21.65 -1.66
N GLU B 39 -0.56 -21.99 -1.57
CA GLU B 39 -0.19 -23.43 -1.50
C GLU B 39 -0.60 -24.00 -0.15
N ASN B 40 -1.25 -23.19 0.62
CA ASN B 40 -1.71 -23.63 1.96
C ASN B 40 -2.28 -22.42 2.73
N ASP B 41 -2.84 -21.46 2.03
CA ASP B 41 -3.41 -20.26 2.71
C ASP B 41 -2.37 -19.67 3.66
N GLN B 42 -1.22 -19.31 3.15
CA GLN B 42 -0.17 -18.72 4.05
C GLN B 42 0.47 -17.50 3.39
N VAL B 43 0.92 -16.56 4.18
CA VAL B 43 1.57 -15.34 3.62
C VAL B 43 3.06 -15.44 3.93
N LEU B 44 3.93 -15.24 2.96
CA LEU B 44 5.38 -15.34 3.25
C LEU B 44 5.96 -13.93 3.24
N ILE B 45 6.96 -13.66 4.02
CA ILE B 45 7.52 -12.29 4.05
C ILE B 45 9.03 -12.28 4.19
N ASN B 46 9.60 -11.16 3.87
CA ASN B 46 11.07 -10.97 3.98
C ASN B 46 11.32 -9.68 4.73
N ARG B 47 12.10 -9.72 5.79
CA ARG B 47 12.36 -8.44 6.56
C ARG B 47 13.67 -7.81 6.11
N LYS B 48 13.63 -6.56 5.72
CA LYS B 48 14.88 -5.89 5.29
C LYS B 48 15.90 -6.00 6.43
N ASN B 49 15.46 -5.76 7.63
CA ASN B 49 16.38 -5.86 8.81
C ASN B 49 16.46 -7.31 9.26
N ASP B 50 16.58 -7.54 10.54
CA ASP B 50 16.67 -8.94 11.05
C ASP B 50 15.43 -9.72 10.59
N GLY B 51 15.48 -11.02 10.64
CA GLY B 51 14.31 -11.83 10.21
C GLY B 51 14.19 -11.80 8.68
N ASN B 52 15.31 -11.78 8.01
CA ASN B 52 15.33 -11.73 6.52
C ASN B 52 14.18 -12.54 5.92
N ILE B 53 13.67 -13.51 6.63
CA ILE B 53 12.55 -14.31 6.07
C ILE B 53 11.54 -14.66 7.17
N ASP B 54 10.28 -14.36 6.96
CA ASP B 54 9.25 -14.67 7.98
C ASP B 54 8.03 -15.33 7.30
N ILE B 55 7.29 -16.11 8.05
CA ILE B 55 6.09 -16.79 7.47
C ILE B 55 4.86 -16.45 8.33
N LEU B 56 3.72 -16.22 7.72
CA LEU B 56 2.51 -15.89 8.52
C LEU B 56 1.29 -16.71 8.02
N PRO B 57 1.13 -17.92 8.52
CA PRO B 57 -0.01 -18.79 8.12
C PRO B 57 -1.36 -18.11 8.34
N LEU B 58 -2.28 -18.26 7.41
CA LEU B 58 -3.62 -17.62 7.56
C LEU B 58 -4.61 -18.63 8.12
N ASP B 59 -5.38 -18.25 9.11
CA ASP B 59 -6.37 -19.19 9.70
C ASP B 59 -7.31 -18.43 10.64
N ASN B 60 -8.12 -19.13 11.39
CA ASN B 60 -9.05 -18.45 12.33
C ASN B 60 -8.28 -17.42 13.15
N ASN B 61 -8.28 -16.18 12.72
CA ASN B 61 -7.57 -15.10 13.47
C ASN B 61 -8.58 -14.11 14.04
N LEU B 62 -8.19 -13.31 14.99
CA LEU B 62 -9.13 -12.32 15.58
C LEU B 62 -9.20 -11.09 14.68
N SER B 63 -8.08 -10.58 14.25
CA SER B 63 -8.09 -9.37 13.37
C SER B 63 -7.01 -9.50 12.31
N ASP B 64 -7.33 -10.09 11.20
CA ASP B 64 -6.33 -10.23 10.11
C ASP B 64 -5.81 -8.86 9.70
N PHE B 65 -6.67 -7.87 9.70
CA PHE B 65 -6.24 -6.50 9.31
C PHE B 65 -5.11 -6.02 10.22
N TYR B 66 -5.20 -6.29 11.49
CA TYR B 66 -4.13 -5.85 12.42
C TYR B 66 -2.87 -6.66 12.14
N LYS B 67 -3.02 -7.93 11.84
CA LYS B 67 -1.84 -8.78 11.56
C LYS B 67 -1.15 -8.27 10.29
N THR B 68 -1.92 -7.92 9.29
CA THR B 68 -1.33 -7.41 8.03
C THR B 68 -0.64 -6.07 8.30
N LYS B 69 -1.20 -5.26 9.17
CA LYS B 69 -0.57 -3.95 9.49
C LYS B 69 0.71 -4.20 10.30
N TYR B 70 0.76 -5.31 10.99
CA TYR B 70 1.97 -5.62 11.82
C TYR B 70 3.15 -6.01 10.91
N ILE B 71 2.96 -6.92 10.01
CA ILE B 71 4.09 -7.33 9.13
C ILE B 71 4.46 -6.19 8.18
N TRP B 72 3.49 -5.44 7.77
CA TRP B 72 3.77 -4.31 6.85
C TRP B 72 4.49 -3.17 7.58
N GLU B 73 4.11 -2.87 8.78
CA GLU B 73 4.82 -1.79 9.52
C GLU B 73 6.24 -2.26 9.85
N ARG B 74 6.41 -3.52 10.12
CA ARG B 74 7.77 -4.05 10.45
C ARG B 74 8.56 -4.23 9.15
N LEU B 75 7.89 -4.47 8.06
CA LEU B 75 8.61 -4.66 6.77
C LEU B 75 9.29 -3.34 6.44
N GLY B 76 8.60 -2.26 6.66
CA GLY B 76 9.20 -0.93 6.38
C GLY B 76 10.47 -0.77 7.23
N LYS B 77 10.80 -1.76 8.02
CA LYS B 77 12.03 -1.64 8.86
C LYS B 77 12.38 -2.99 9.46
N ASN A 10 -7.24 -18.61 -8.34
CA ASN A 10 -7.09 -17.97 -9.69
C ASN A 10 -6.56 -16.55 -9.52
N ASP A 11 -6.06 -15.95 -10.56
CA ASP A 11 -5.53 -14.57 -10.44
C ASP A 11 -6.55 -13.67 -9.76
N ALA A 12 -7.80 -13.84 -10.05
CA ALA A 12 -8.85 -12.98 -9.41
C ALA A 12 -8.95 -13.30 -7.93
N ALA A 13 -8.71 -14.53 -7.56
CA ALA A 13 -8.79 -14.90 -6.11
C ALA A 13 -7.66 -14.22 -5.33
N GLU A 14 -6.45 -14.27 -5.83
CA GLU A 14 -5.33 -13.60 -5.11
C GLU A 14 -5.57 -12.10 -5.12
N VAL A 15 -6.02 -11.57 -6.22
CA VAL A 15 -6.28 -10.11 -6.30
C VAL A 15 -7.33 -9.72 -5.25
N ALA A 16 -8.25 -10.61 -4.96
CA ALA A 16 -9.28 -10.29 -3.93
C ALA A 16 -8.61 -10.20 -2.57
N LEU A 17 -7.78 -11.16 -2.27
CA LEU A 17 -7.05 -11.13 -0.96
C LEU A 17 -6.11 -9.92 -0.95
N TYR A 18 -5.57 -9.59 -2.09
CA TYR A 18 -4.64 -8.42 -2.16
C TYR A 18 -5.41 -7.13 -1.86
N GLU A 19 -6.47 -6.90 -2.59
CA GLU A 19 -7.27 -5.65 -2.41
C GLU A 19 -7.72 -5.49 -0.95
N ARG A 20 -8.41 -6.46 -0.44
CA ARG A 20 -8.92 -6.35 0.97
C ARG A 20 -7.75 -6.20 1.94
N LEU A 21 -6.63 -6.77 1.65
CA LEU A 21 -5.48 -6.66 2.59
C LEU A 21 -4.94 -5.23 2.71
N LEU A 22 -4.45 -4.66 1.65
CA LEU A 22 -3.87 -3.28 1.74
C LEU A 22 -4.98 -2.23 1.79
N GLN A 23 -6.22 -2.60 1.66
CA GLN A 23 -7.29 -1.57 1.67
C GLN A 23 -6.89 -0.50 0.67
N LEU A 24 -6.29 -0.91 -0.42
CA LEU A 24 -5.86 0.05 -1.48
C LEU A 24 -6.60 -0.30 -2.76
N ARG A 25 -7.00 0.71 -3.50
CA ARG A 25 -7.71 0.46 -4.77
C ARG A 25 -7.10 1.33 -5.88
N VAL A 26 -6.79 0.74 -7.00
CA VAL A 26 -6.18 1.52 -8.10
C VAL A 26 -7.29 2.04 -9.01
N LEU A 27 -7.48 3.33 -9.01
CA LEU A 27 -8.54 3.94 -9.84
C LEU A 27 -7.89 4.88 -10.89
N PRO A 28 -7.60 4.40 -12.09
CA PRO A 28 -6.99 5.27 -13.11
C PRO A 28 -7.94 6.39 -13.54
N GLY A 29 -7.44 7.58 -13.71
CA GLY A 29 -8.33 8.71 -14.12
C GLY A 29 -8.75 8.53 -15.58
N ALA A 30 -7.84 8.72 -16.49
CA ALA A 30 -8.18 8.55 -17.94
C ALA A 30 -6.97 7.98 -18.67
N SER A 31 -7.18 6.98 -19.49
CA SER A 31 -6.03 6.38 -20.24
C SER A 31 -5.38 7.45 -21.12
N ASP A 32 -6.15 8.39 -21.59
CA ASP A 32 -5.58 9.45 -22.46
C ASP A 32 -4.42 10.17 -21.73
N VAL A 33 -4.57 10.38 -20.45
CA VAL A 33 -3.50 11.07 -19.68
C VAL A 33 -3.10 10.21 -18.49
N HIS A 34 -1.82 10.11 -18.21
CA HIS A 34 -1.36 9.28 -17.06
C HIS A 34 -2.00 9.80 -15.77
N ASP A 35 -2.98 9.10 -15.26
CA ASP A 35 -3.65 9.53 -14.01
C ASP A 35 -3.93 8.32 -13.13
N VAL A 36 -3.34 8.28 -11.95
CA VAL A 36 -3.56 7.11 -11.03
C VAL A 36 -4.07 7.62 -9.69
N ARG A 37 -5.22 7.16 -9.28
CA ARG A 37 -5.81 7.59 -7.98
C ARG A 37 -5.73 6.45 -6.96
N PHE A 38 -4.89 6.57 -5.98
CA PHE A 38 -4.80 5.51 -4.94
C PHE A 38 -5.95 5.71 -3.95
N VAL A 39 -6.82 4.74 -3.80
CA VAL A 39 -7.98 4.90 -2.87
C VAL A 39 -7.84 3.99 -1.64
N PHE A 40 -7.87 4.58 -0.47
CA PHE A 40 -7.75 3.78 0.79
C PHE A 40 -9.14 3.33 1.27
N GLY A 41 -9.37 2.04 1.38
CA GLY A 41 -10.71 1.56 1.85
C GLY A 41 -10.91 1.97 3.33
N ASP A 42 -11.81 1.33 4.06
CA ASP A 42 -12.01 1.69 5.49
C ASP A 42 -12.31 3.18 5.64
N ASP A 43 -11.29 3.96 5.95
CA ASP A 43 -11.47 5.44 6.13
C ASP A 43 -12.54 5.99 5.16
N SER A 44 -13.17 7.11 5.49
CA SER A 44 -14.24 7.69 4.59
C SER A 44 -13.75 7.85 3.15
N ARG A 45 -13.40 6.79 2.47
CA ARG A 45 -12.92 6.94 1.09
C ARG A 45 -11.85 8.01 1.05
N CYS A 46 -10.65 7.66 1.42
CA CYS A 46 -9.54 8.64 1.39
C CYS A 46 -8.65 8.31 0.20
N TRP A 47 -8.27 9.28 -0.60
CA TRP A 47 -7.43 8.95 -1.79
C TRP A 47 -6.46 10.06 -2.16
N ILE A 48 -5.40 9.69 -2.84
CA ILE A 48 -4.38 10.69 -3.31
C ILE A 48 -4.00 10.34 -4.75
N GLU A 49 -3.84 11.33 -5.60
CA GLU A 49 -3.50 11.04 -7.02
C GLU A 49 -2.03 11.37 -7.30
N VAL A 50 -1.36 10.55 -8.06
CA VAL A 50 0.07 10.82 -8.37
C VAL A 50 0.40 10.34 -9.79
N ALA A 51 1.40 10.91 -10.39
CA ALA A 51 1.78 10.49 -11.77
C ALA A 51 3.29 10.65 -11.96
N MET A 52 3.93 9.68 -12.54
CA MET A 52 5.40 9.78 -12.75
C MET A 52 5.70 10.81 -13.84
N HIS A 53 4.83 10.93 -14.81
CA HIS A 53 5.07 11.92 -15.90
C HIS A 53 4.39 13.24 -15.55
N GLY A 54 5.13 14.32 -15.54
CA GLY A 54 4.52 15.64 -15.21
C GLY A 54 5.59 16.57 -14.61
N ASP A 55 5.97 17.58 -15.33
CA ASP A 55 7.01 18.51 -14.81
C ASP A 55 6.47 19.21 -13.55
N HIS A 56 5.24 19.63 -13.57
CA HIS A 56 4.66 20.32 -12.38
C HIS A 56 3.88 19.31 -11.53
N VAL A 57 3.38 19.72 -10.40
CA VAL A 57 2.61 18.78 -9.54
C VAL A 57 1.19 18.65 -10.07
N ILE A 58 0.75 17.45 -10.36
CA ILE A 58 -0.63 17.25 -10.89
C ILE A 58 -1.32 16.16 -10.08
N GLY A 59 -2.53 16.39 -9.64
CA GLY A 59 -3.25 15.37 -8.84
C GLY A 59 -4.02 16.06 -7.71
N ASN A 60 -4.88 15.34 -7.04
CA ASN A 60 -5.67 15.93 -5.92
C ASN A 60 -5.37 15.18 -4.63
N SER A 61 -5.70 15.74 -3.50
CA SER A 61 -5.45 15.07 -2.20
C SER A 61 -6.74 15.06 -1.38
N HIS A 62 -7.14 13.92 -0.90
CA HIS A 62 -8.39 13.84 -0.08
C HIS A 62 -8.20 12.84 1.06
N PRO A 63 -7.41 13.21 2.05
CA PRO A 63 -7.15 12.34 3.22
C PRO A 63 -8.21 12.53 4.33
N ALA A 64 -7.93 13.40 5.27
CA ALA A 64 -8.90 13.64 6.38
C ALA A 64 -8.16 14.34 7.53
N LEU A 65 -7.13 15.08 7.24
CA LEU A 65 -6.39 15.78 8.31
C LEU A 65 -5.78 17.07 7.75
N ASP A 66 -4.59 17.42 8.17
CA ASP A 66 -3.96 18.68 7.66
C ASP A 66 -3.10 18.36 6.44
N PRO A 67 -2.73 19.36 5.65
CA PRO A 67 -1.89 19.11 4.45
C PRO A 67 -0.55 18.44 4.78
N LYS A 68 -0.11 18.55 6.00
CA LYS A 68 1.19 17.92 6.38
C LYS A 68 1.22 16.48 5.86
N SER A 69 0.08 15.88 5.65
CA SER A 69 0.07 14.48 5.14
C SER A 69 0.54 14.48 3.68
N ARG A 70 -0.19 15.10 2.81
CA ARG A 70 0.24 15.13 1.37
C ARG A 70 1.65 15.71 1.26
N ALA A 71 1.95 16.71 2.04
CA ALA A 71 3.31 17.33 1.97
C ALA A 71 4.35 16.34 2.49
N THR A 72 4.29 15.98 3.75
CA THR A 72 5.30 15.04 4.31
C THR A 72 5.36 13.76 3.46
N LEU A 73 4.25 13.34 2.91
CA LEU A 73 4.26 12.11 2.08
C LEU A 73 5.13 12.32 0.84
N GLU A 74 4.98 13.44 0.19
CA GLU A 74 5.81 13.70 -1.02
C GLU A 74 7.28 13.84 -0.61
N HIS A 75 7.57 14.73 0.31
CA HIS A 75 8.98 14.90 0.74
C HIS A 75 9.53 13.55 1.19
N VAL A 76 8.71 12.73 1.78
CA VAL A 76 9.18 11.40 2.26
C VAL A 76 9.70 10.57 1.09
N LEU A 77 8.92 10.42 0.07
CA LEU A 77 9.37 9.58 -1.09
C LEU A 77 10.63 10.15 -1.74
N THR A 78 10.70 11.43 -1.96
CA THR A 78 11.91 11.99 -2.62
C THR A 78 13.10 12.03 -1.65
N VAL A 79 12.82 12.09 -0.38
CA VAL A 79 13.92 12.16 0.61
C VAL A 79 14.42 10.77 1.03
N GLN A 80 13.54 9.82 1.22
CA GLN A 80 14.00 8.47 1.68
C GLN A 80 14.40 7.57 0.50
N GLY A 81 13.76 7.70 -0.61
CA GLY A 81 14.11 6.84 -1.77
C GLY A 81 13.74 5.38 -1.44
N ASP A 82 12.89 5.19 -0.47
CA ASP A 82 12.46 3.81 -0.08
C ASP A 82 10.94 3.75 -0.23
N LEU A 83 10.49 3.41 -1.40
CA LEU A 83 9.03 3.36 -1.66
C LEU A 83 8.31 2.65 -0.50
N ALA A 84 9.03 1.95 0.31
CA ALA A 84 8.37 1.24 1.45
C ALA A 84 8.05 2.24 2.56
N ALA A 85 8.98 3.08 2.92
CA ALA A 85 8.70 4.06 3.99
C ALA A 85 7.56 4.97 3.57
N PHE A 86 7.26 5.02 2.30
CA PHE A 86 6.12 5.87 1.86
C PHE A 86 4.79 5.12 2.06
N LEU A 87 4.50 4.05 1.35
CA LEU A 87 3.21 3.35 1.58
C LEU A 87 3.06 3.00 3.07
N VAL A 88 4.14 2.78 3.78
CA VAL A 88 4.02 2.43 5.21
C VAL A 88 3.61 3.68 6.02
N VAL A 89 4.28 4.79 5.81
CA VAL A 89 3.91 6.04 6.55
C VAL A 89 2.55 6.55 6.04
N ALA A 90 2.24 6.32 4.79
CA ALA A 90 0.93 6.77 4.25
C ALA A 90 -0.18 6.03 4.98
N ARG A 91 -0.02 4.73 5.11
CA ARG A 91 -1.05 3.91 5.84
C ARG A 91 -1.25 4.47 7.24
N ASP A 92 -0.20 4.65 7.99
CA ASP A 92 -0.38 5.19 9.37
C ASP A 92 -0.90 6.63 9.28
N MET A 93 -0.60 7.33 8.22
CA MET A 93 -1.05 8.73 8.09
C MET A 93 -2.56 8.82 7.82
N LEU A 94 -3.06 8.07 6.87
CA LEU A 94 -4.52 8.15 6.58
C LEU A 94 -5.33 7.53 7.71
N LEU A 95 -4.78 6.55 8.37
CA LEU A 95 -5.51 5.89 9.49
C LEU A 95 -5.62 6.85 10.68
N ALA A 96 -4.55 7.54 10.99
CA ALA A 96 -4.58 8.49 12.13
C ALA A 96 -5.60 9.59 11.85
N SER A 97 -5.86 9.87 10.59
CA SER A 97 -6.84 10.94 10.25
C SER A 97 -8.22 10.55 10.80
N LEU A 98 -8.57 9.29 10.70
CA LEU A 98 -9.90 8.85 11.22
C LEU A 98 -9.86 8.80 12.75
N ASN B 20 -4.79 -7.77 -16.39
CA ASN B 20 -3.89 -6.88 -17.15
C ASN B 20 -2.94 -6.22 -16.17
N GLU B 21 -3.26 -5.03 -15.73
CA GLU B 21 -2.38 -4.34 -14.76
C GLU B 21 -2.19 -5.23 -13.52
N ASN B 22 -2.84 -6.36 -13.47
CA ASN B 22 -2.68 -7.25 -12.28
C ASN B 22 -1.19 -7.44 -11.97
N ILE B 23 -0.38 -7.61 -12.99
CA ILE B 23 1.08 -7.79 -12.74
C ILE B 23 1.63 -6.53 -12.05
N LEU B 24 1.08 -5.40 -12.37
CA LEU B 24 1.56 -4.14 -11.73
C LEU B 24 1.15 -4.16 -10.25
N LYS B 25 -0.04 -4.60 -9.95
CA LYS B 25 -0.47 -4.64 -8.54
C LYS B 25 0.46 -5.59 -7.77
N LEU B 26 0.75 -6.73 -8.32
CA LEU B 26 1.67 -7.68 -7.61
C LEU B 26 3.00 -6.99 -7.38
N LYS B 27 3.44 -6.16 -8.30
CA LYS B 27 4.73 -5.47 -8.11
C LYS B 27 4.62 -4.55 -6.90
N LEU B 28 3.48 -3.95 -6.70
CA LEU B 28 3.30 -3.05 -5.53
C LEU B 28 3.33 -3.88 -4.24
N TYR B 29 2.47 -4.85 -4.14
CA TYR B 29 2.45 -5.72 -2.91
C TYR B 29 3.83 -6.33 -2.70
N ARG B 30 4.45 -6.82 -3.74
CA ARG B 30 5.79 -7.44 -3.60
C ARG B 30 6.84 -6.37 -3.31
N SER B 31 6.67 -5.19 -3.86
CA SER B 31 7.65 -4.10 -3.62
C SER B 31 7.75 -3.83 -2.12
N LEU B 32 6.69 -4.07 -1.39
CA LEU B 32 6.73 -3.81 0.08
C LEU B 32 7.43 -4.96 0.79
N GLY B 33 7.79 -5.99 0.08
CA GLY B 33 8.50 -7.13 0.72
C GLY B 33 7.49 -8.20 1.16
N VAL B 34 6.30 -8.16 0.63
CA VAL B 34 5.28 -9.20 0.99
C VAL B 34 5.23 -10.25 -0.13
N ILE B 35 5.07 -11.50 0.21
CA ILE B 35 5.02 -12.56 -0.85
C ILE B 35 3.88 -13.52 -0.49
N LEU B 36 2.68 -13.15 -0.83
CA LEU B 36 1.49 -13.98 -0.50
C LEU B 36 1.60 -15.36 -1.15
N ASP B 37 1.03 -16.35 -0.51
CA ASP B 37 1.06 -17.72 -1.07
C ASP B 37 -0.23 -18.45 -0.70
N LEU B 38 -1.10 -18.66 -1.66
CA LEU B 38 -2.38 -19.34 -1.36
C LEU B 38 -2.17 -20.84 -1.44
N GLU B 39 -0.96 -21.24 -1.64
CA GLU B 39 -0.65 -22.70 -1.73
C GLU B 39 -0.69 -23.28 -0.33
N ASN B 40 -1.09 -22.48 0.60
CA ASN B 40 -1.17 -22.93 2.02
C ASN B 40 -1.85 -21.84 2.86
N ASP B 41 -2.67 -21.00 2.25
CA ASP B 41 -3.36 -19.92 3.01
C ASP B 41 -2.37 -19.25 3.97
N GLN B 42 -1.27 -18.75 3.46
CA GLN B 42 -0.28 -18.10 4.35
C GLN B 42 0.38 -16.91 3.66
N VAL B 43 0.87 -15.97 4.43
CA VAL B 43 1.55 -14.78 3.84
C VAL B 43 3.05 -14.91 4.10
N LEU B 44 3.87 -14.79 3.09
CA LEU B 44 5.33 -14.89 3.33
C LEU B 44 5.88 -13.48 3.34
N ILE B 45 6.99 -13.26 3.95
CA ILE B 45 7.54 -11.89 4.01
C ILE B 45 9.05 -11.87 4.07
N ASN B 46 9.61 -10.76 3.69
CA ASN B 46 11.09 -10.59 3.73
C ASN B 46 11.43 -9.27 4.43
N ARG B 47 12.31 -9.32 5.39
CA ARG B 47 12.71 -8.08 6.13
C ARG B 47 14.09 -7.63 5.66
N LYS B 48 14.29 -6.36 5.47
CA LYS B 48 15.61 -5.86 5.02
C LYS B 48 16.57 -5.80 6.21
N ASN B 49 16.45 -6.71 7.14
CA ASN B 49 17.36 -6.69 8.32
C ASN B 49 17.40 -8.07 8.97
N ASP B 50 17.39 -8.13 10.28
CA ASP B 50 17.43 -9.44 10.97
C ASP B 50 16.28 -10.32 10.49
N GLY B 51 16.40 -11.61 10.66
CA GLY B 51 15.32 -12.53 10.21
C GLY B 51 15.56 -12.96 8.76
N ASN B 52 15.85 -12.02 7.90
CA ASN B 52 16.11 -12.36 6.47
C ASN B 52 14.81 -12.83 5.81
N ILE B 53 13.99 -13.57 6.51
CA ILE B 53 12.71 -14.04 5.90
C ILE B 53 11.69 -14.35 7.01
N ASP B 54 10.44 -14.01 6.80
CA ASP B 54 9.41 -14.30 7.85
C ASP B 54 8.15 -14.88 7.21
N ILE B 55 7.37 -15.60 7.98
CA ILE B 55 6.13 -16.21 7.42
C ILE B 55 4.95 -15.91 8.36
N LEU B 56 3.78 -15.71 7.82
CA LEU B 56 2.60 -15.40 8.70
C LEU B 56 1.35 -16.16 8.21
N PRO B 57 1.08 -17.33 8.74
CA PRO B 57 -0.12 -18.14 8.36
C PRO B 57 -1.42 -17.36 8.55
N LEU B 58 -2.39 -17.55 7.69
CA LEU B 58 -3.68 -16.81 7.84
C LEU B 58 -4.48 -17.41 9.00
N ASP B 59 -5.00 -16.57 9.87
CA ASP B 59 -5.80 -17.09 11.02
C ASP B 59 -7.28 -17.00 10.69
N ASN B 60 -7.62 -16.51 9.53
CA ASN B 60 -9.05 -16.39 9.15
C ASN B 60 -9.81 -15.64 10.25
N ASN B 61 -9.28 -14.54 10.71
CA ASN B 61 -9.97 -13.77 11.78
C ASN B 61 -9.79 -12.27 11.54
N LEU B 62 -10.60 -11.46 12.16
CA LEU B 62 -10.48 -9.98 11.97
C LEU B 62 -9.13 -9.50 12.51
N SER B 63 -8.69 -10.06 13.60
CA SER B 63 -7.39 -9.62 14.18
C SER B 63 -6.33 -9.58 13.08
N ASP B 64 -6.60 -10.21 11.96
CA ASP B 64 -5.63 -10.20 10.84
C ASP B 64 -5.27 -8.76 10.48
N PHE B 65 -6.20 -7.85 10.63
CA PHE B 65 -5.91 -6.43 10.29
C PHE B 65 -4.74 -5.93 11.14
N TYR B 66 -4.76 -6.21 12.42
CA TYR B 66 -3.64 -5.74 13.30
C TYR B 66 -2.35 -6.44 12.90
N LYS B 67 -2.39 -7.73 12.70
CA LYS B 67 -1.16 -8.47 12.31
C LYS B 67 -0.63 -7.91 10.99
N THR B 68 -1.51 -7.68 10.05
CA THR B 68 -1.07 -7.13 8.74
C THR B 68 -0.35 -5.79 8.96
N LYS B 69 -0.85 -4.98 9.86
CA LYS B 69 -0.19 -3.67 10.10
C LYS B 69 1.16 -3.91 10.79
N TYR B 70 1.28 -5.01 11.49
CA TYR B 70 2.56 -5.31 12.19
C TYR B 70 3.66 -5.66 11.18
N ILE B 71 3.40 -6.57 10.29
CA ILE B 71 4.47 -6.94 9.30
C ILE B 71 4.76 -5.77 8.37
N TRP B 72 3.76 -5.06 7.99
CA TRP B 72 3.96 -3.90 7.08
C TRP B 72 4.74 -2.79 7.79
N GLU B 73 4.47 -2.54 9.04
CA GLU B 73 5.22 -1.48 9.75
C GLU B 73 6.69 -1.91 9.87
N ARG B 74 6.94 -3.18 10.06
CA ARG B 74 8.35 -3.65 10.18
C ARG B 74 8.98 -3.74 8.79
N LEU B 75 8.23 -4.11 7.81
CA LEU B 75 8.80 -4.20 6.44
C LEU B 75 9.36 -2.83 6.09
N GLY B 76 8.68 -1.80 6.52
CA GLY B 76 9.19 -0.43 6.25
C GLY B 76 10.65 -0.33 6.70
N LYS B 77 11.14 -1.34 7.39
CA LYS B 77 12.55 -1.31 7.86
C LYS B 77 13.00 -2.72 8.23
N ASN A 10 -8.77 -19.38 -7.18
CA ASN A 10 -8.33 -19.00 -8.55
C ASN A 10 -7.67 -17.62 -8.52
N ASP A 11 -7.27 -17.11 -9.65
CA ASP A 11 -6.62 -15.77 -9.67
C ASP A 11 -7.50 -14.75 -8.95
N ALA A 12 -8.78 -14.80 -9.18
CA ALA A 12 -9.70 -13.82 -8.51
C ALA A 12 -9.61 -14.00 -6.99
N ALA A 13 -9.43 -15.21 -6.53
CA ALA A 13 -9.36 -15.41 -5.05
C ALA A 13 -8.06 -14.79 -4.52
N GLU A 14 -6.95 -15.04 -5.17
CA GLU A 14 -5.67 -14.44 -4.72
C GLU A 14 -5.81 -12.92 -4.81
N VAL A 15 -6.29 -12.43 -5.92
CA VAL A 15 -6.46 -10.95 -6.08
C VAL A 15 -7.40 -10.44 -4.98
N ALA A 16 -8.34 -11.25 -4.57
CA ALA A 16 -9.28 -10.81 -3.50
C ALA A 16 -8.48 -10.56 -2.22
N LEU A 17 -7.56 -11.43 -1.92
CA LEU A 17 -6.73 -11.24 -0.70
C LEU A 17 -5.88 -9.97 -0.87
N TYR A 18 -5.44 -9.72 -2.08
CA TYR A 18 -4.62 -8.51 -2.36
C TYR A 18 -5.43 -7.23 -2.09
N GLU A 19 -6.65 -7.17 -2.55
CA GLU A 19 -7.46 -5.93 -2.35
C GLU A 19 -7.93 -5.79 -0.91
N ARG A 20 -8.67 -6.75 -0.41
CA ARG A 20 -9.22 -6.66 0.97
C ARG A 20 -8.13 -6.49 2.03
N LEU A 21 -6.98 -7.08 1.86
CA LEU A 21 -5.93 -6.96 2.92
C LEU A 21 -4.99 -5.77 2.70
N LEU A 22 -4.88 -5.26 1.51
CA LEU A 22 -3.95 -4.11 1.28
C LEU A 22 -4.66 -2.77 1.52
N GLN A 23 -5.96 -2.76 1.64
CA GLN A 23 -6.67 -1.47 1.85
C GLN A 23 -6.16 -0.46 0.83
N LEU A 24 -5.75 -0.96 -0.30
CA LEU A 24 -5.24 -0.07 -1.38
C LEU A 24 -5.90 -0.48 -2.69
N ARG A 25 -6.62 0.42 -3.31
CA ARG A 25 -7.30 0.08 -4.60
C ARG A 25 -6.69 0.93 -5.72
N VAL A 26 -6.44 0.34 -6.85
CA VAL A 26 -5.85 1.10 -7.99
C VAL A 26 -6.97 1.63 -8.86
N LEU A 27 -7.11 2.94 -8.92
CA LEU A 27 -8.16 3.55 -9.74
C LEU A 27 -7.51 4.42 -10.84
N PRO A 28 -7.31 3.90 -12.04
CA PRO A 28 -6.68 4.71 -13.11
C PRO A 28 -7.57 5.88 -13.54
N GLY A 29 -6.99 7.02 -13.76
CA GLY A 29 -7.80 8.19 -14.18
C GLY A 29 -8.58 7.85 -15.46
N ALA A 30 -7.95 7.96 -16.59
CA ALA A 30 -8.65 7.63 -17.86
C ALA A 30 -7.62 7.20 -18.91
N SER A 31 -8.05 6.48 -19.92
CA SER A 31 -7.11 6.04 -20.97
C SER A 31 -6.60 7.24 -21.76
N ASP A 32 -7.35 8.31 -21.76
CA ASP A 32 -6.92 9.53 -22.52
C ASP A 32 -5.61 10.05 -21.93
N VAL A 33 -5.44 9.94 -20.64
CA VAL A 33 -4.19 10.43 -20.00
C VAL A 33 -3.69 9.39 -18.99
N HIS A 34 -2.41 9.19 -18.91
CA HIS A 34 -1.87 8.18 -17.95
C HIS A 34 -1.93 8.75 -16.54
N ASP A 35 -2.72 8.14 -15.69
CA ASP A 35 -2.82 8.64 -14.28
C ASP A 35 -3.25 7.50 -13.36
N VAL A 36 -2.61 7.38 -12.22
CA VAL A 36 -2.96 6.29 -11.26
C VAL A 36 -3.39 6.91 -9.93
N ARG A 37 -4.58 6.58 -9.48
CA ARG A 37 -5.08 7.12 -8.20
C ARG A 37 -5.02 6.04 -7.12
N PHE A 38 -4.15 6.20 -6.16
CA PHE A 38 -4.05 5.20 -5.06
C PHE A 38 -5.14 5.50 -4.03
N VAL A 39 -6.04 4.58 -3.80
CA VAL A 39 -7.14 4.84 -2.81
C VAL A 39 -6.92 4.02 -1.53
N PHE A 40 -6.87 4.69 -0.41
CA PHE A 40 -6.67 3.97 0.89
C PHE A 40 -8.04 3.59 1.47
N GLY A 41 -8.31 2.31 1.65
CA GLY A 41 -9.62 1.90 2.20
C GLY A 41 -9.69 2.28 3.70
N ASP A 42 -10.62 1.70 4.46
CA ASP A 42 -10.72 2.02 5.92
C ASP A 42 -11.53 3.31 6.16
N ASP A 43 -12.84 3.21 6.09
CA ASP A 43 -13.73 4.38 6.34
C ASP A 43 -13.23 5.65 5.62
N SER A 44 -13.97 6.72 5.73
CA SER A 44 -13.58 8.02 5.11
C SER A 44 -13.33 7.91 3.60
N ARG A 45 -12.45 7.05 3.17
CA ARG A 45 -12.14 6.93 1.72
C ARG A 45 -11.19 8.07 1.35
N CYS A 46 -9.92 7.79 1.24
CA CYS A 46 -8.94 8.87 0.88
C CYS A 46 -8.09 8.39 -0.30
N TRP A 47 -7.62 9.30 -1.11
CA TRP A 47 -6.80 8.89 -2.29
C TRP A 47 -5.83 9.98 -2.74
N ILE A 48 -4.78 9.60 -3.42
CA ILE A 48 -3.79 10.59 -3.94
C ILE A 48 -3.46 10.24 -5.40
N GLU A 49 -3.28 11.21 -6.27
CA GLU A 49 -2.98 10.89 -7.70
C GLU A 49 -1.49 11.05 -7.97
N VAL A 50 -0.83 10.01 -8.41
CA VAL A 50 0.62 10.10 -8.70
C VAL A 50 1.00 9.00 -9.71
N ALA A 51 1.81 9.31 -10.68
CA ALA A 51 2.21 8.30 -11.69
C ALA A 51 3.56 7.68 -11.32
N MET A 52 3.94 6.63 -11.98
CA MET A 52 5.25 5.99 -11.67
C MET A 52 6.38 6.75 -12.36
N HIS A 53 6.76 6.35 -13.54
CA HIS A 53 7.84 7.05 -14.26
C HIS A 53 7.25 8.20 -15.09
N GLY A 54 5.94 8.26 -15.17
CA GLY A 54 5.29 9.34 -15.96
C GLY A 54 5.71 10.71 -15.41
N ASP A 55 5.96 11.65 -16.27
CA ASP A 55 6.37 13.01 -15.79
C ASP A 55 5.12 13.85 -15.52
N HIS A 56 4.79 14.06 -14.28
CA HIS A 56 3.59 14.88 -13.95
C HIS A 56 3.79 15.58 -12.61
N VAL A 57 3.24 16.76 -12.45
CA VAL A 57 3.37 17.51 -11.17
C VAL A 57 1.99 17.95 -10.69
N ILE A 58 0.96 17.23 -11.06
CA ILE A 58 -0.41 17.61 -10.64
C ILE A 58 -0.57 17.32 -9.14
N GLY A 59 -0.58 18.34 -8.33
CA GLY A 59 -0.72 18.12 -6.87
C GLY A 59 -2.20 17.88 -6.52
N ASN A 60 -2.61 16.64 -6.47
CA ASN A 60 -4.03 16.33 -6.13
C ASN A 60 -4.08 15.29 -5.00
N SER A 61 -4.46 15.73 -3.82
CA SER A 61 -4.54 14.81 -2.65
C SER A 61 -5.92 14.86 -2.02
N HIS A 62 -6.36 13.77 -1.46
CA HIS A 62 -7.69 13.75 -0.80
C HIS A 62 -7.61 12.89 0.47
N PRO A 63 -6.96 13.41 1.49
CA PRO A 63 -6.80 12.68 2.78
C PRO A 63 -8.00 12.90 3.72
N ALA A 64 -7.91 13.87 4.60
CA ALA A 64 -9.03 14.14 5.54
C ALA A 64 -8.55 15.06 6.66
N LEU A 65 -7.62 14.61 7.46
CA LEU A 65 -7.14 15.45 8.59
C LEU A 65 -6.75 16.85 8.08
N ASP A 66 -5.60 16.98 7.48
CA ASP A 66 -5.17 18.33 6.98
C ASP A 66 -4.15 18.15 5.84
N PRO A 67 -3.93 19.18 5.05
CA PRO A 67 -2.94 19.08 3.91
C PRO A 67 -1.55 18.65 4.39
N LYS A 68 -1.23 18.92 5.62
CA LYS A 68 0.11 18.53 6.15
C LYS A 68 0.42 17.08 5.76
N SER A 69 -0.60 16.26 5.68
CA SER A 69 -0.36 14.83 5.31
C SER A 69 0.19 14.75 3.89
N ARG A 70 -0.63 14.98 2.90
CA ARG A 70 -0.13 14.90 1.50
C ARG A 70 1.19 15.66 1.38
N ALA A 71 1.41 16.63 2.21
CA ALA A 71 2.70 17.39 2.14
C ALA A 71 3.82 16.53 2.72
N THR A 72 3.62 15.96 3.87
CA THR A 72 4.69 15.11 4.47
C THR A 72 4.89 13.85 3.64
N LEU A 73 3.82 13.32 3.08
CA LEU A 73 3.94 12.09 2.25
C LEU A 73 4.76 12.39 1.01
N GLU A 74 4.56 13.53 0.40
CA GLU A 74 5.34 13.86 -0.82
C GLU A 74 6.81 14.01 -0.46
N HIS A 75 7.12 14.90 0.45
CA HIS A 75 8.56 15.08 0.84
C HIS A 75 9.15 13.73 1.26
N VAL A 76 8.35 12.89 1.86
CA VAL A 76 8.86 11.56 2.30
C VAL A 76 9.37 10.74 1.11
N LEU A 77 8.56 10.59 0.10
CA LEU A 77 9.01 9.76 -1.06
C LEU A 77 10.22 10.39 -1.77
N THR A 78 10.22 11.67 -1.98
CA THR A 78 11.38 12.29 -2.69
C THR A 78 12.60 12.35 -1.77
N VAL A 79 12.39 12.43 -0.49
CA VAL A 79 13.54 12.52 0.44
C VAL A 79 14.07 11.13 0.84
N GLN A 80 13.20 10.17 1.12
CA GLN A 80 13.69 8.83 1.55
C GLN A 80 14.04 7.95 0.35
N GLY A 81 13.39 8.13 -0.75
CA GLY A 81 13.69 7.27 -1.94
C GLY A 81 13.30 5.82 -1.62
N ASP A 82 12.87 5.56 -0.40
CA ASP A 82 12.45 4.19 -0.02
C ASP A 82 10.94 4.13 -0.09
N LEU A 83 10.42 3.72 -1.22
CA LEU A 83 8.95 3.67 -1.38
C LEU A 83 8.34 2.88 -0.22
N ALA A 84 9.15 2.26 0.59
CA ALA A 84 8.56 1.49 1.75
C ALA A 84 8.18 2.48 2.85
N ALA A 85 9.04 3.41 3.16
CA ALA A 85 8.71 4.38 4.24
C ALA A 85 7.56 5.28 3.79
N PHE A 86 7.27 5.31 2.51
CA PHE A 86 6.14 6.16 2.05
C PHE A 86 4.79 5.47 2.37
N LEU A 87 4.44 4.35 1.76
CA LEU A 87 3.15 3.72 2.10
C LEU A 87 3.11 3.39 3.60
N VAL A 88 4.21 3.05 4.19
CA VAL A 88 4.20 2.73 5.65
C VAL A 88 3.74 3.99 6.40
N VAL A 89 4.32 5.12 6.09
CA VAL A 89 3.91 6.39 6.76
C VAL A 89 2.50 6.77 6.30
N ALA A 90 2.12 6.38 5.10
CA ALA A 90 0.76 6.70 4.61
C ALA A 90 -0.26 6.11 5.57
N ARG A 91 -0.09 4.86 5.92
CA ARG A 91 -1.02 4.21 6.88
C ARG A 91 -0.94 4.94 8.23
N ASP A 92 0.23 5.13 8.75
CA ASP A 92 0.35 5.84 10.06
C ASP A 92 -0.38 7.16 9.95
N MET A 93 -0.41 7.75 8.77
CA MET A 93 -1.12 9.04 8.59
C MET A 93 -2.63 8.82 8.71
N LEU A 94 -3.13 7.75 8.15
CA LEU A 94 -4.60 7.50 8.26
C LEU A 94 -5.00 7.43 9.72
N LEU A 95 -4.31 6.64 10.50
CA LEU A 95 -4.64 6.51 11.94
C LEU A 95 -4.52 7.88 12.61
N ALA A 96 -3.43 8.56 12.39
CA ALA A 96 -3.25 9.89 13.01
C ALA A 96 -4.45 10.77 12.70
N SER A 97 -5.15 10.48 11.62
CA SER A 97 -6.34 11.31 11.27
C SER A 97 -7.44 11.06 12.30
N LEU A 98 -7.58 9.85 12.76
CA LEU A 98 -8.65 9.55 13.76
C LEU A 98 -8.12 9.83 15.17
N ASN B 20 -5.01 -6.41 -17.13
CA ASN B 20 -3.80 -5.84 -17.77
C ASN B 20 -2.90 -5.20 -16.71
N GLU B 21 -3.24 -4.02 -16.27
CA GLU B 21 -2.41 -3.33 -15.24
C GLU B 21 -2.19 -4.24 -14.03
N ASN B 22 -2.83 -5.37 -14.00
CA ASN B 22 -2.66 -6.28 -12.83
C ASN B 22 -1.17 -6.48 -12.56
N ILE B 23 -0.38 -6.67 -13.59
CA ILE B 23 1.08 -6.87 -13.38
C ILE B 23 1.67 -5.69 -12.63
N LEU B 24 1.10 -4.53 -12.78
CA LEU B 24 1.64 -3.35 -12.05
C LEU B 24 1.18 -3.40 -10.58
N LYS B 25 0.00 -3.90 -10.34
CA LYS B 25 -0.49 -3.99 -8.94
C LYS B 25 0.35 -5.02 -8.17
N LEU B 26 0.46 -6.21 -8.69
CA LEU B 26 1.27 -7.25 -7.99
C LEU B 26 2.70 -6.73 -7.86
N LYS B 27 3.20 -6.08 -8.87
CA LYS B 27 4.58 -5.52 -8.78
C LYS B 27 4.60 -4.56 -7.60
N LEU B 28 3.50 -3.91 -7.34
CA LEU B 28 3.44 -2.96 -6.20
C LEU B 28 3.65 -3.73 -4.90
N TYR B 29 2.73 -4.58 -4.53
CA TYR B 29 2.92 -5.34 -3.26
C TYR B 29 4.30 -5.99 -3.26
N ARG B 30 4.70 -6.53 -4.38
CA ARG B 30 6.04 -7.17 -4.45
C ARG B 30 7.10 -6.15 -4.02
N SER B 31 6.84 -4.89 -4.27
CA SER B 31 7.82 -3.84 -3.89
C SER B 31 7.87 -3.73 -2.36
N LEU B 32 6.82 -4.09 -1.68
CA LEU B 32 6.83 -3.99 -0.20
C LEU B 32 7.58 -5.19 0.38
N GLY B 33 7.87 -6.19 -0.42
CA GLY B 33 8.60 -7.36 0.12
C GLY B 33 7.58 -8.40 0.61
N VAL B 34 6.34 -8.27 0.22
CA VAL B 34 5.31 -9.29 0.63
C VAL B 34 5.20 -10.33 -0.47
N ILE B 35 4.98 -11.57 -0.12
CA ILE B 35 4.87 -12.64 -1.15
C ILE B 35 3.75 -13.60 -0.73
N LEU B 36 2.53 -13.26 -1.07
CA LEU B 36 1.38 -14.13 -0.67
C LEU B 36 1.49 -15.49 -1.33
N ASP B 37 1.01 -16.52 -0.68
CA ASP B 37 1.09 -17.89 -1.27
C ASP B 37 -0.16 -18.70 -0.91
N LEU B 38 -0.94 -19.05 -1.90
CA LEU B 38 -2.18 -19.86 -1.65
C LEU B 38 -1.78 -21.32 -1.50
N GLU B 39 -2.70 -22.24 -1.75
CA GLU B 39 -2.35 -23.70 -1.60
C GLU B 39 -1.90 -23.94 -0.16
N ASN B 40 -2.44 -23.19 0.75
CA ASN B 40 -2.06 -23.34 2.19
C ASN B 40 -2.58 -22.13 2.97
N ASP B 41 -2.79 -21.02 2.32
CA ASP B 41 -3.29 -19.80 3.01
C ASP B 41 -2.18 -19.25 3.90
N GLN B 42 -1.05 -18.94 3.32
CA GLN B 42 0.08 -18.39 4.12
C GLN B 42 0.64 -17.13 3.47
N VAL B 43 1.01 -16.16 4.27
CA VAL B 43 1.59 -14.90 3.72
C VAL B 43 3.10 -14.95 3.93
N LEU B 44 3.88 -14.78 2.90
CA LEU B 44 5.36 -14.82 3.09
C LEU B 44 5.87 -13.38 3.06
N ILE B 45 6.98 -13.13 3.67
CA ILE B 45 7.50 -11.73 3.68
C ILE B 45 9.02 -11.69 3.75
N ASN B 46 9.55 -10.54 3.46
CA ASN B 46 11.02 -10.33 3.49
C ASN B 46 11.33 -9.04 4.27
N ARG B 47 12.25 -9.10 5.21
CA ARG B 47 12.60 -7.88 6.00
C ARG B 47 14.12 -7.71 6.02
N LYS B 48 14.60 -6.54 6.36
CA LYS B 48 16.07 -6.31 6.39
C LYS B 48 16.64 -6.38 4.96
N ASN B 49 17.52 -5.48 4.63
CA ASN B 49 18.11 -5.49 3.26
C ASN B 49 18.83 -6.81 3.01
N ASP B 50 19.42 -7.38 4.02
CA ASP B 50 20.14 -8.68 3.81
C ASP B 50 20.05 -9.52 5.09
N GLY B 51 19.16 -10.48 5.10
CA GLY B 51 19.02 -11.34 6.30
C GLY B 51 18.29 -12.63 5.93
N ASN B 52 16.99 -12.63 6.04
CA ASN B 52 16.21 -13.86 5.69
C ASN B 52 14.79 -13.47 5.33
N ILE B 53 13.87 -14.39 5.42
CA ILE B 53 12.45 -14.09 5.09
C ILE B 53 11.55 -14.49 6.26
N ASP B 54 10.39 -13.90 6.34
CA ASP B 54 9.45 -14.24 7.44
C ASP B 54 8.22 -14.90 6.85
N ILE B 55 7.57 -15.75 7.58
CA ILE B 55 6.35 -16.43 7.05
C ILE B 55 5.20 -16.24 8.03
N LEU B 56 4.00 -16.05 7.55
CA LEU B 56 2.84 -15.85 8.48
C LEU B 56 1.64 -16.69 8.02
N PRO B 57 1.24 -17.72 8.75
CA PRO B 57 0.08 -18.57 8.36
C PRO B 57 -1.25 -17.91 8.76
N LEU B 58 -2.26 -18.06 7.94
CA LEU B 58 -3.58 -17.44 8.29
C LEU B 58 -4.27 -18.27 9.37
N ASP B 59 -4.53 -19.52 9.10
CA ASP B 59 -5.21 -20.38 10.11
C ASP B 59 -6.39 -19.62 10.71
N ASN B 60 -6.18 -18.94 11.81
CA ASN B 60 -7.29 -18.18 12.45
C ASN B 60 -6.74 -16.88 13.02
N ASN B 61 -7.57 -15.88 13.16
CA ASN B 61 -7.09 -14.58 13.73
C ASN B 61 -8.28 -13.75 14.20
N LEU B 62 -8.09 -12.90 15.17
CA LEU B 62 -9.20 -12.05 15.67
C LEU B 62 -9.37 -10.83 14.76
N SER B 63 -8.28 -10.26 14.32
CA SER B 63 -8.36 -9.06 13.44
C SER B 63 -7.23 -9.11 12.41
N ASP B 64 -7.49 -9.67 11.26
CA ASP B 64 -6.43 -9.75 10.22
C ASP B 64 -5.95 -8.32 9.87
N PHE B 65 -6.84 -7.37 9.94
CA PHE B 65 -6.44 -5.97 9.62
C PHE B 65 -5.29 -5.54 10.53
N TYR B 66 -5.35 -5.89 11.79
CA TYR B 66 -4.26 -5.51 12.73
C TYR B 66 -3.01 -6.33 12.39
N LYS B 67 -3.18 -7.59 12.14
CA LYS B 67 -2.00 -8.44 11.81
C LYS B 67 -1.31 -7.90 10.56
N THR B 68 -2.06 -7.51 9.57
CA THR B 68 -1.44 -6.98 8.32
C THR B 68 -0.74 -5.65 8.61
N LYS B 69 -1.30 -4.84 9.46
CA LYS B 69 -0.64 -3.53 9.77
C LYS B 69 0.66 -3.81 10.54
N TYR B 70 0.71 -4.92 11.23
CA TYR B 70 1.94 -5.25 12.01
C TYR B 70 3.07 -5.67 11.06
N ILE B 71 2.83 -6.64 10.21
CA ILE B 71 3.91 -7.07 9.28
C ILE B 71 4.29 -5.94 8.35
N TRP B 72 3.39 -5.05 8.07
CA TRP B 72 3.73 -3.96 7.12
C TRP B 72 4.49 -2.84 7.84
N GLU B 73 4.18 -2.58 9.08
CA GLU B 73 4.92 -1.52 9.81
C GLU B 73 6.37 -1.98 10.00
N ARG B 74 6.58 -3.25 10.24
CA ARG B 74 7.96 -3.75 10.42
C ARG B 74 8.65 -3.84 9.05
N LEU B 75 7.91 -4.17 8.03
CA LEU B 75 8.51 -4.24 6.68
C LEU B 75 9.21 -2.91 6.41
N GLY B 76 8.55 -1.84 6.77
CA GLY B 76 9.17 -0.50 6.57
C GLY B 76 10.51 -0.44 7.30
N LYS B 77 10.91 -1.50 7.95
CA LYS B 77 12.22 -1.46 8.67
C LYS B 77 12.60 -2.90 9.08
N ASN A 10 -8.28 -18.98 -7.40
CA ASN A 10 -8.09 -18.55 -8.82
C ASN A 10 -7.59 -17.11 -8.84
N ASP A 11 -7.37 -16.57 -10.01
CA ASP A 11 -6.88 -15.16 -10.10
C ASP A 11 -7.82 -14.26 -9.32
N ALA A 12 -9.08 -14.58 -9.28
CA ALA A 12 -10.03 -13.72 -8.53
C ALA A 12 -9.85 -13.91 -7.03
N ALA A 13 -9.51 -15.09 -6.59
CA ALA A 13 -9.33 -15.31 -5.12
C ALA A 13 -8.02 -14.64 -4.66
N GLU A 14 -6.95 -14.80 -5.39
CA GLU A 14 -5.68 -14.14 -4.97
C GLU A 14 -5.87 -12.62 -5.06
N VAL A 15 -6.47 -12.16 -6.12
CA VAL A 15 -6.70 -10.69 -6.27
C VAL A 15 -7.63 -10.20 -5.16
N ALA A 16 -8.49 -11.04 -4.65
CA ALA A 16 -9.40 -10.61 -3.56
C ALA A 16 -8.57 -10.34 -2.31
N LEU A 17 -7.69 -11.24 -1.99
CA LEU A 17 -6.82 -11.05 -0.79
C LEU A 17 -5.89 -9.85 -1.05
N TYR A 18 -5.51 -9.66 -2.29
CA TYR A 18 -4.61 -8.51 -2.64
C TYR A 18 -5.31 -7.19 -2.30
N GLU A 19 -6.52 -7.01 -2.73
CA GLU A 19 -7.23 -5.73 -2.48
C GLU A 19 -7.80 -5.69 -1.05
N ARG A 20 -8.54 -6.69 -0.68
CA ARG A 20 -9.17 -6.70 0.67
C ARG A 20 -8.13 -6.45 1.77
N LEU A 21 -6.91 -6.89 1.61
CA LEU A 21 -5.91 -6.68 2.70
C LEU A 21 -5.15 -5.34 2.56
N LEU A 22 -4.69 -5.01 1.39
CA LEU A 22 -3.91 -3.73 1.24
C LEU A 22 -4.80 -2.51 1.49
N GLN A 23 -6.10 -2.66 1.43
CA GLN A 23 -6.98 -1.48 1.64
C GLN A 23 -6.49 -0.36 0.74
N LEU A 24 -5.90 -0.72 -0.36
CA LEU A 24 -5.38 0.29 -1.33
C LEU A 24 -5.79 -0.16 -2.73
N ARG A 25 -6.61 0.62 -3.41
CA ARG A 25 -7.06 0.21 -4.77
C ARG A 25 -6.41 1.11 -5.81
N VAL A 26 -5.97 0.55 -6.91
CA VAL A 26 -5.34 1.37 -7.98
C VAL A 26 -6.43 1.79 -8.95
N LEU A 27 -6.67 3.06 -9.03
CA LEU A 27 -7.71 3.58 -9.96
C LEU A 27 -7.04 4.49 -11.01
N PRO A 28 -6.71 3.98 -12.18
CA PRO A 28 -6.06 4.83 -13.22
C PRO A 28 -7.00 5.94 -13.69
N GLY A 29 -6.47 7.11 -13.94
CA GLY A 29 -7.32 8.23 -14.41
C GLY A 29 -7.66 8.03 -15.89
N ALA A 30 -8.51 7.08 -16.19
CA ALA A 30 -8.88 6.83 -17.62
C ALA A 30 -7.62 6.46 -18.41
N SER A 31 -7.77 5.64 -19.42
CA SER A 31 -6.60 5.24 -20.24
C SER A 31 -5.97 6.47 -20.87
N ASP A 32 -6.73 7.52 -21.05
CA ASP A 32 -6.17 8.75 -21.66
C ASP A 32 -5.08 9.34 -20.75
N VAL A 33 -3.95 9.67 -21.29
CA VAL A 33 -2.86 10.24 -20.45
C VAL A 33 -2.50 9.25 -19.34
N HIS A 34 -1.35 9.40 -18.75
CA HIS A 34 -0.94 8.47 -17.66
C HIS A 34 -1.28 9.10 -16.30
N ASP A 35 -2.13 8.47 -15.55
CA ASP A 35 -2.51 9.03 -14.21
C ASP A 35 -2.90 7.89 -13.27
N VAL A 36 -2.36 7.87 -12.08
CA VAL A 36 -2.69 6.79 -11.11
C VAL A 36 -3.29 7.41 -9.84
N ARG A 37 -4.46 6.94 -9.46
CA ARG A 37 -5.13 7.46 -8.24
C ARG A 37 -5.10 6.38 -7.15
N PHE A 38 -4.38 6.62 -6.08
CA PHE A 38 -4.34 5.62 -4.98
C PHE A 38 -5.54 5.85 -4.06
N VAL A 39 -6.38 4.85 -3.90
CA VAL A 39 -7.59 5.02 -3.01
C VAL A 39 -7.49 4.11 -1.79
N PHE A 40 -7.72 4.65 -0.61
CA PHE A 40 -7.65 3.80 0.63
C PHE A 40 -9.06 3.36 1.03
N GLY A 41 -9.32 2.07 1.06
CA GLY A 41 -10.69 1.58 1.43
C GLY A 41 -10.92 1.81 2.94
N ASP A 42 -12.11 1.55 3.44
CA ASP A 42 -12.36 1.76 4.88
C ASP A 42 -11.96 3.19 5.27
N ASP A 43 -12.32 3.62 6.44
CA ASP A 43 -11.97 5.01 6.85
C ASP A 43 -12.89 5.98 6.09
N SER A 44 -12.80 7.25 6.35
CA SER A 44 -13.67 8.22 5.61
C SER A 44 -13.34 8.21 4.13
N ARG A 45 -12.92 7.10 3.58
CA ARG A 45 -12.57 7.06 2.14
C ARG A 45 -11.53 8.14 1.89
N CYS A 46 -10.28 7.79 1.88
CA CYS A 46 -9.22 8.81 1.66
C CYS A 46 -8.38 8.42 0.45
N TRP A 47 -8.10 9.35 -0.43
CA TRP A 47 -7.31 8.99 -1.65
C TRP A 47 -6.39 10.15 -2.09
N ILE A 48 -5.30 9.79 -2.73
CA ILE A 48 -4.33 10.81 -3.24
C ILE A 48 -3.97 10.43 -4.69
N GLU A 49 -3.56 11.36 -5.51
CA GLU A 49 -3.22 11.01 -6.92
C GLU A 49 -1.80 11.47 -7.26
N VAL A 50 -1.10 10.71 -8.06
CA VAL A 50 0.30 11.11 -8.41
C VAL A 50 0.58 10.70 -9.86
N ALA A 51 1.13 11.60 -10.63
CA ALA A 51 1.44 11.28 -12.06
C ALA A 51 2.91 10.85 -12.16
N MET A 52 3.57 10.67 -11.06
CA MET A 52 5.00 10.25 -11.10
C MET A 52 5.76 11.18 -12.06
N HIS A 53 6.26 12.28 -11.55
CA HIS A 53 7.00 13.22 -12.43
C HIS A 53 8.00 14.02 -11.59
N GLY A 54 8.60 15.03 -12.17
CA GLY A 54 9.57 15.86 -11.41
C GLY A 54 9.84 17.16 -12.15
N ASP A 55 8.80 17.81 -12.63
CA ASP A 55 8.98 19.08 -13.38
C ASP A 55 7.91 20.09 -12.94
N HIS A 56 6.69 19.63 -12.77
CA HIS A 56 5.60 20.55 -12.34
C HIS A 56 4.74 19.86 -11.28
N VAL A 57 3.92 20.62 -10.59
CA VAL A 57 3.05 20.01 -9.55
C VAL A 57 1.65 19.80 -10.11
N ILE A 58 1.19 18.58 -10.15
CA ILE A 58 -0.18 18.31 -10.68
C ILE A 58 -0.75 17.07 -9.99
N GLY A 59 -2.03 17.08 -9.72
CA GLY A 59 -2.66 15.92 -9.05
C GLY A 59 -3.71 16.41 -8.06
N ASN A 60 -4.55 15.53 -7.58
CA ASN A 60 -5.60 15.93 -6.60
C ASN A 60 -5.59 14.93 -5.43
N SER A 61 -6.28 15.25 -4.36
CA SER A 61 -6.31 14.31 -3.21
C SER A 61 -7.41 14.68 -2.23
N HIS A 62 -7.77 13.73 -1.41
CA HIS A 62 -8.82 13.94 -0.40
C HIS A 62 -8.55 13.04 0.81
N PRO A 63 -7.68 13.45 1.69
CA PRO A 63 -7.37 12.65 2.91
C PRO A 63 -8.42 12.90 4.00
N ALA A 64 -8.24 13.93 4.80
CA ALA A 64 -9.25 14.25 5.86
C ALA A 64 -9.09 15.71 6.25
N LEU A 65 -7.90 16.09 6.69
CA LEU A 65 -7.65 17.50 7.09
C LEU A 65 -6.17 17.66 7.43
N ASP A 66 -5.81 18.74 8.05
CA ASP A 66 -4.37 18.93 8.40
C ASP A 66 -3.51 18.65 7.17
N PRO A 67 -3.35 19.59 6.27
CA PRO A 67 -2.54 19.37 5.04
C PRO A 67 -1.12 18.90 5.35
N LYS A 68 -0.65 19.12 6.55
CA LYS A 68 0.72 18.68 6.91
C LYS A 68 0.93 17.24 6.44
N SER A 69 -0.10 16.44 6.47
CA SER A 69 0.04 15.02 6.03
C SER A 69 0.45 15.01 4.55
N ARG A 70 -0.41 15.45 3.68
CA ARG A 70 -0.06 15.47 2.23
C ARG A 70 1.33 16.10 2.05
N ALA A 71 1.66 17.06 2.86
CA ALA A 71 2.99 17.73 2.74
C ALA A 71 4.11 16.76 3.14
N THR A 72 4.18 16.39 4.39
CA THR A 72 5.25 15.47 4.84
C THR A 72 5.26 14.18 4.01
N LEU A 73 4.11 13.74 3.58
CA LEU A 73 4.06 12.49 2.75
C LEU A 73 4.77 12.73 1.42
N GLU A 74 4.54 13.85 0.80
CA GLU A 74 5.20 14.14 -0.49
C GLU A 74 6.72 14.28 -0.29
N HIS A 75 7.13 15.19 0.55
CA HIS A 75 8.59 15.37 0.77
C HIS A 75 9.23 14.02 1.12
N VAL A 76 8.52 13.18 1.82
CA VAL A 76 9.11 11.86 2.20
C VAL A 76 9.38 11.03 0.96
N LEU A 77 8.42 10.88 0.08
CA LEU A 77 8.67 10.04 -1.12
C LEU A 77 9.75 10.66 -2.03
N THR A 78 9.73 11.94 -2.24
CA THR A 78 10.77 12.54 -3.14
C THR A 78 12.12 12.55 -2.44
N VAL A 79 12.14 12.66 -1.14
CA VAL A 79 13.45 12.69 -0.42
C VAL A 79 13.97 11.27 -0.15
N GLN A 80 13.14 10.37 0.29
CA GLN A 80 13.64 8.99 0.60
C GLN A 80 13.56 8.06 -0.62
N GLY A 81 12.73 8.36 -1.58
CA GLY A 81 12.62 7.46 -2.77
C GLY A 81 12.47 6.02 -2.29
N ASP A 82 12.07 5.84 -1.06
CA ASP A 82 11.93 4.48 -0.50
C ASP A 82 10.55 3.90 -0.82
N LEU A 83 10.52 2.74 -1.42
CA LEU A 83 9.22 2.10 -1.77
C LEU A 83 8.61 1.53 -0.50
N ALA A 84 9.23 1.84 0.62
CA ALA A 84 8.71 1.32 1.94
C ALA A 84 8.44 2.46 2.92
N ALA A 85 9.43 3.25 3.32
CA ALA A 85 9.13 4.34 4.29
C ALA A 85 7.99 5.21 3.80
N PHE A 86 7.90 5.41 2.52
CA PHE A 86 6.79 6.27 1.99
C PHE A 86 5.43 5.60 2.28
N LEU A 87 5.14 4.45 1.75
CA LEU A 87 3.81 3.83 2.03
C LEU A 87 3.67 3.55 3.53
N VAL A 88 4.73 3.11 4.16
CA VAL A 88 4.63 2.84 5.63
C VAL A 88 4.17 4.12 6.33
N VAL A 89 4.74 5.24 5.98
CA VAL A 89 4.31 6.53 6.61
C VAL A 89 2.90 6.89 6.10
N ALA A 90 2.63 6.62 4.84
CA ALA A 90 1.28 6.93 4.28
C ALA A 90 0.21 6.20 5.09
N ARG A 91 0.46 4.96 5.44
CA ARG A 91 -0.53 4.19 6.24
C ARG A 91 -0.67 4.83 7.63
N ASP A 92 0.42 5.03 8.32
CA ASP A 92 0.33 5.65 9.67
C ASP A 92 -0.37 7.01 9.55
N MET A 93 -0.17 7.68 8.45
CA MET A 93 -0.80 9.02 8.26
C MET A 93 -2.30 8.84 7.99
N LEU A 94 -2.67 7.90 7.18
CA LEU A 94 -4.10 7.68 6.89
C LEU A 94 -4.83 7.36 8.19
N LEU A 95 -4.15 6.70 9.10
CA LEU A 95 -4.79 6.36 10.41
C LEU A 95 -4.97 7.63 11.23
N ALA A 96 -3.95 8.44 11.30
CA ALA A 96 -4.05 9.70 12.09
C ALA A 96 -5.27 10.48 11.62
N SER A 97 -5.65 10.32 10.38
CA SER A 97 -6.84 11.06 9.86
C SER A 97 -8.08 10.65 10.67
N LEU A 98 -8.19 9.39 10.99
CA LEU A 98 -9.37 8.92 11.77
C LEU A 98 -9.21 9.34 13.23
N ASN B 20 -5.05 -8.38 -16.22
CA ASN B 20 -3.88 -7.60 -16.69
C ASN B 20 -3.33 -6.73 -15.56
N GLU B 21 -4.01 -5.66 -15.24
CA GLU B 21 -3.53 -4.76 -14.16
C GLU B 21 -3.13 -5.59 -12.94
N ASN B 22 -3.68 -6.76 -12.80
CA ASN B 22 -3.31 -7.61 -11.63
C ASN B 22 -1.79 -7.69 -11.49
N ILE B 23 -1.08 -7.78 -12.59
CA ILE B 23 0.40 -7.85 -12.51
C ILE B 23 0.94 -6.58 -11.84
N LEU B 24 0.30 -5.46 -12.10
CA LEU B 24 0.77 -4.19 -11.47
C LEU B 24 0.50 -4.25 -9.98
N LYS B 25 -0.61 -4.82 -9.58
CA LYS B 25 -0.93 -4.91 -8.14
C LYS B 25 0.12 -5.79 -7.46
N LEU B 26 0.41 -6.93 -8.03
CA LEU B 26 1.42 -7.83 -7.43
C LEU B 26 2.76 -7.10 -7.40
N LYS B 27 3.00 -6.24 -8.36
CA LYS B 27 4.28 -5.49 -8.37
C LYS B 27 4.34 -4.58 -7.14
N LEU B 28 3.23 -4.01 -6.78
CA LEU B 28 3.21 -3.11 -5.58
C LEU B 28 3.47 -3.95 -4.33
N TYR B 29 2.86 -5.11 -4.24
CA TYR B 29 3.09 -5.97 -3.04
C TYR B 29 4.58 -6.30 -2.93
N ARG B 30 5.21 -6.62 -4.03
CA ARG B 30 6.67 -6.94 -3.99
C ARG B 30 7.40 -5.74 -3.39
N SER B 31 6.94 -4.55 -3.65
CA SER B 31 7.60 -3.35 -3.10
C SER B 31 7.52 -3.36 -1.57
N LEU B 32 6.48 -3.95 -1.03
CA LEU B 32 6.34 -4.00 0.45
C LEU B 32 7.17 -5.16 1.00
N GLY B 33 7.75 -5.95 0.16
CA GLY B 33 8.55 -7.09 0.67
C GLY B 33 7.60 -8.22 1.08
N VAL B 34 6.43 -8.26 0.50
CA VAL B 34 5.44 -9.34 0.84
C VAL B 34 5.41 -10.35 -0.30
N ILE B 35 5.31 -11.63 0.00
CA ILE B 35 5.24 -12.67 -1.06
C ILE B 35 4.04 -13.57 -0.76
N LEU B 36 2.87 -13.15 -1.15
CA LEU B 36 1.64 -13.94 -0.88
C LEU B 36 1.76 -15.33 -1.52
N ASP B 37 1.20 -16.33 -0.89
CA ASP B 37 1.30 -17.70 -1.46
C ASP B 37 0.05 -18.51 -1.09
N LEU B 38 -0.77 -18.82 -2.07
CA LEU B 38 -2.01 -19.61 -1.78
C LEU B 38 -1.66 -21.09 -1.80
N GLU B 39 -0.41 -21.40 -1.75
CA GLU B 39 0.01 -22.84 -1.78
C GLU B 39 -0.27 -23.47 -0.43
N ASN B 40 -0.79 -22.69 0.44
CA ASN B 40 -1.13 -23.19 1.82
C ASN B 40 -1.83 -22.06 2.61
N ASP B 41 -2.47 -21.14 1.92
CA ASP B 41 -3.15 -20.03 2.64
C ASP B 41 -2.16 -19.36 3.58
N GLN B 42 -1.07 -18.86 3.05
CA GLN B 42 -0.06 -18.18 3.94
C GLN B 42 0.52 -16.95 3.26
N VAL B 43 0.92 -15.99 4.05
CA VAL B 43 1.56 -14.76 3.50
C VAL B 43 3.05 -14.83 3.82
N LEU B 44 3.91 -14.75 2.82
CA LEU B 44 5.36 -14.82 3.12
C LEU B 44 5.91 -13.40 3.16
N ILE B 45 6.99 -13.20 3.84
CA ILE B 45 7.57 -11.82 3.91
C ILE B 45 9.08 -11.84 4.01
N ASN B 46 9.68 -10.72 3.71
CA ASN B 46 11.16 -10.58 3.78
C ASN B 46 11.51 -9.28 4.50
N ARG B 47 12.47 -9.31 5.40
CA ARG B 47 12.85 -8.07 6.15
C ARG B 47 14.16 -7.50 5.58
N LYS B 48 14.12 -6.32 5.04
CA LYS B 48 15.35 -5.66 4.48
C LYS B 48 16.24 -6.70 3.79
N ASN B 49 17.50 -6.39 3.60
CA ASN B 49 18.41 -7.36 2.92
C ASN B 49 18.89 -8.42 3.92
N ASP B 50 19.81 -8.07 4.79
CA ASP B 50 20.29 -9.06 5.79
C ASP B 50 19.11 -9.58 6.59
N GLY B 51 19.34 -10.28 7.68
CA GLY B 51 18.21 -10.81 8.47
C GLY B 51 17.76 -12.15 7.88
N ASN B 52 16.48 -12.31 7.68
CA ASN B 52 15.99 -13.60 7.11
C ASN B 52 14.61 -13.36 6.51
N ILE B 53 13.83 -14.41 6.36
CA ILE B 53 12.47 -14.27 5.79
C ILE B 53 11.43 -14.57 6.86
N ASP B 54 10.25 -14.02 6.73
CA ASP B 54 9.18 -14.28 7.74
C ASP B 54 8.01 -14.96 7.05
N ILE B 55 7.27 -15.76 7.78
CA ILE B 55 6.10 -16.45 7.16
C ILE B 55 4.87 -16.25 8.05
N LEU B 56 3.73 -16.03 7.46
CA LEU B 56 2.49 -15.81 8.27
C LEU B 56 1.38 -16.74 7.73
N PRO B 57 1.14 -17.87 8.37
CA PRO B 57 0.08 -18.81 7.92
C PRO B 57 -1.31 -18.40 8.38
N LEU B 58 -2.32 -18.78 7.66
CA LEU B 58 -3.71 -18.41 8.05
C LEU B 58 -4.32 -19.51 8.92
N ASP B 59 -3.52 -20.44 9.35
CA ASP B 59 -4.05 -21.55 10.20
C ASP B 59 -4.85 -20.95 11.35
N ASN B 60 -4.39 -19.87 11.93
CA ASN B 60 -5.12 -19.24 13.05
C ASN B 60 -4.91 -17.73 13.00
N ASN B 61 -5.96 -16.97 13.14
CA ASN B 61 -5.81 -15.48 13.09
C ASN B 61 -7.04 -14.82 13.70
N LEU B 62 -6.87 -14.08 14.76
CA LEU B 62 -8.03 -13.39 15.39
C LEU B 62 -8.32 -12.10 14.63
N SER B 63 -7.31 -11.35 14.30
CA SER B 63 -7.52 -10.06 13.56
C SER B 63 -6.49 -9.98 12.43
N ASP B 64 -6.83 -10.49 11.27
CA ASP B 64 -5.88 -10.44 10.12
C ASP B 64 -5.55 -8.98 9.79
N PHE B 65 -6.51 -8.10 9.90
CA PHE B 65 -6.26 -6.67 9.58
C PHE B 65 -5.09 -6.15 10.44
N TYR B 66 -5.11 -6.42 11.72
CA TYR B 66 -4.01 -5.94 12.60
C TYR B 66 -2.71 -6.63 12.22
N LYS B 67 -2.77 -7.90 11.93
CA LYS B 67 -1.53 -8.64 11.56
C LYS B 67 -0.92 -8.03 10.29
N THR B 68 -1.74 -7.69 9.33
CA THR B 68 -1.19 -7.08 8.08
C THR B 68 -0.55 -5.73 8.42
N LYS B 69 -1.15 -4.99 9.30
CA LYS B 69 -0.56 -3.67 9.69
C LYS B 69 0.72 -3.92 10.48
N TYR B 70 0.84 -5.07 11.08
CA TYR B 70 2.04 -5.39 11.90
C TYR B 70 3.22 -5.73 10.97
N ILE B 71 3.06 -6.68 10.09
CA ILE B 71 4.18 -7.04 9.18
C ILE B 71 4.50 -5.87 8.27
N TRP B 72 3.54 -5.05 8.00
CA TRP B 72 3.77 -3.90 7.10
C TRP B 72 4.50 -2.77 7.85
N GLU B 73 4.18 -2.57 9.09
CA GLU B 73 4.91 -1.52 9.86
C GLU B 73 6.35 -1.98 10.08
N ARG B 74 6.54 -3.27 10.28
CA ARG B 74 7.93 -3.78 10.50
C ARG B 74 8.65 -3.90 9.16
N LEU B 75 7.94 -4.23 8.12
CA LEU B 75 8.60 -4.33 6.79
C LEU B 75 9.25 -2.99 6.52
N GLY B 76 8.57 -1.94 6.88
CA GLY B 76 9.13 -0.59 6.67
C GLY B 76 10.49 -0.49 7.39
N LYS B 77 10.92 -1.55 8.05
CA LYS B 77 12.23 -1.49 8.76
C LYS B 77 12.93 -2.84 8.64
N ASN A 10 -7.84 -18.90 -7.81
CA ASN A 10 -7.69 -18.37 -9.19
C ASN A 10 -7.05 -16.98 -9.13
N ASP A 11 -6.62 -16.45 -10.24
CA ASP A 11 -5.98 -15.10 -10.23
C ASP A 11 -6.90 -14.11 -9.51
N ALA A 12 -8.17 -14.19 -9.72
CA ALA A 12 -9.10 -13.24 -9.05
C ALA A 12 -9.09 -13.47 -7.54
N ALA A 13 -8.86 -14.68 -7.11
CA ALA A 13 -8.84 -14.94 -5.64
C ALA A 13 -7.63 -14.22 -5.02
N GLU A 14 -6.46 -14.37 -5.58
CA GLU A 14 -5.28 -13.65 -5.03
C GLU A 14 -5.57 -12.16 -5.07
N VAL A 15 -5.99 -11.67 -6.20
CA VAL A 15 -6.31 -10.21 -6.33
C VAL A 15 -7.35 -9.83 -5.27
N ALA A 16 -8.21 -10.74 -4.91
CA ALA A 16 -9.23 -10.41 -3.87
C ALA A 16 -8.51 -10.17 -2.54
N LEU A 17 -7.51 -10.97 -2.27
CA LEU A 17 -6.73 -10.79 -1.02
C LEU A 17 -5.98 -9.46 -1.08
N TYR A 18 -5.60 -9.05 -2.26
CA TYR A 18 -4.86 -7.76 -2.40
C TYR A 18 -5.76 -6.59 -1.97
N GLU A 19 -6.96 -6.54 -2.47
CA GLU A 19 -7.86 -5.40 -2.12
C GLU A 19 -8.49 -5.59 -0.73
N ARG A 20 -8.95 -6.77 -0.44
CA ARG A 20 -9.61 -7.01 0.87
C ARG A 20 -8.67 -6.72 2.06
N LEU A 21 -7.41 -7.08 1.95
CA LEU A 21 -6.49 -6.84 3.12
C LEU A 21 -5.72 -5.52 3.04
N LEU A 22 -5.46 -5.01 1.86
CA LEU A 22 -4.69 -3.72 1.78
C LEU A 22 -5.65 -2.53 1.84
N GLN A 23 -6.93 -2.76 1.73
CA GLN A 23 -7.87 -1.59 1.76
C GLN A 23 -7.36 -0.57 0.75
N LEU A 24 -6.84 -1.06 -0.35
CA LEU A 24 -6.28 -0.16 -1.40
C LEU A 24 -6.83 -0.58 -2.75
N ARG A 25 -7.43 0.34 -3.46
CA ARG A 25 -7.99 0.02 -4.81
C ARG A 25 -7.36 0.98 -5.82
N VAL A 26 -6.95 0.48 -6.95
CA VAL A 26 -6.34 1.36 -7.98
C VAL A 26 -7.41 1.86 -8.93
N LEU A 27 -7.60 3.14 -8.96
CA LEU A 27 -8.63 3.73 -9.86
C LEU A 27 -7.94 4.66 -10.88
N PRO A 28 -7.59 4.17 -12.06
CA PRO A 28 -6.93 5.03 -13.08
C PRO A 28 -7.86 6.12 -13.60
N GLY A 29 -7.34 7.30 -13.82
CA GLY A 29 -8.19 8.41 -14.32
C GLY A 29 -8.38 8.28 -15.83
N ALA A 30 -9.09 9.20 -16.43
CA ALA A 30 -9.32 9.13 -17.91
C ALA A 30 -7.97 9.06 -18.62
N SER A 31 -7.97 8.57 -19.84
CA SER A 31 -6.69 8.47 -20.60
C SER A 31 -6.35 9.82 -21.22
N ASP A 32 -7.15 10.82 -20.96
CA ASP A 32 -6.86 12.16 -21.54
C ASP A 32 -5.43 12.57 -21.20
N VAL A 33 -4.99 12.26 -20.01
CA VAL A 33 -3.59 12.61 -19.62
C VAL A 33 -3.05 11.51 -18.70
N HIS A 34 -3.76 10.43 -18.58
CA HIS A 34 -3.29 9.31 -17.71
C HIS A 34 -3.20 9.78 -16.25
N ASP A 35 -3.62 8.97 -15.32
CA ASP A 35 -3.56 9.37 -13.89
C ASP A 35 -3.90 8.18 -13.00
N VAL A 36 -3.33 8.13 -11.82
CA VAL A 36 -3.60 6.99 -10.89
C VAL A 36 -4.20 7.53 -9.59
N ARG A 37 -5.36 7.03 -9.23
CA ARG A 37 -6.02 7.48 -7.97
C ARG A 37 -5.97 6.36 -6.93
N PHE A 38 -5.21 6.55 -5.88
CA PHE A 38 -5.15 5.49 -4.82
C PHE A 38 -6.32 5.68 -3.86
N VAL A 39 -7.17 4.67 -3.74
CA VAL A 39 -8.34 4.79 -2.81
C VAL A 39 -8.10 3.93 -1.57
N PHE A 40 -8.14 4.52 -0.40
CA PHE A 40 -7.90 3.76 0.87
C PHE A 40 -9.23 3.41 1.54
N GLY A 41 -9.54 2.14 1.66
CA GLY A 41 -10.82 1.75 2.33
C GLY A 41 -10.98 2.54 3.65
N ASP A 42 -10.51 2.03 4.78
CA ASP A 42 -10.67 2.79 6.05
C ASP A 42 -12.13 3.23 6.17
N ASP A 43 -12.40 4.48 5.99
CA ASP A 43 -13.81 4.97 6.08
C ASP A 43 -13.89 6.39 5.53
N SER A 44 -15.07 6.85 5.19
CA SER A 44 -15.22 8.22 4.65
C SER A 44 -14.62 8.30 3.25
N ARG A 45 -14.18 7.19 2.70
CA ARG A 45 -13.57 7.21 1.35
C ARG A 45 -12.38 8.17 1.36
N CYS A 46 -11.19 7.64 1.46
CA CYS A 46 -9.98 8.52 1.49
C CYS A 46 -9.13 8.19 0.26
N TRP A 47 -8.71 9.19 -0.48
CA TRP A 47 -7.89 8.86 -1.69
C TRP A 47 -6.96 10.02 -2.06
N ILE A 48 -5.89 9.69 -2.74
CA ILE A 48 -4.93 10.73 -3.19
C ILE A 48 -4.45 10.37 -4.60
N GLU A 49 -4.42 11.32 -5.49
CA GLU A 49 -4.00 11.02 -6.90
C GLU A 49 -2.56 11.47 -7.13
N VAL A 50 -1.80 10.68 -7.84
CA VAL A 50 -0.38 11.05 -8.11
C VAL A 50 0.03 10.53 -9.48
N ALA A 51 0.66 11.35 -10.27
CA ALA A 51 1.10 10.90 -11.62
C ALA A 51 2.52 10.33 -11.52
N MET A 52 2.73 9.16 -12.07
CA MET A 52 4.09 8.56 -12.01
C MET A 52 5.09 9.47 -12.71
N HIS A 53 6.34 9.11 -12.73
CA HIS A 53 7.36 9.97 -13.40
C HIS A 53 6.85 10.39 -14.78
N GLY A 54 7.39 11.46 -15.32
CA GLY A 54 6.93 11.92 -16.65
C GLY A 54 5.80 12.94 -16.48
N ASP A 55 5.24 13.42 -17.56
CA ASP A 55 4.14 14.41 -17.45
C ASP A 55 4.56 15.55 -16.52
N HIS A 56 3.70 15.94 -15.63
CA HIS A 56 4.05 17.05 -14.69
C HIS A 56 3.42 16.77 -13.32
N VAL A 57 3.63 17.64 -12.37
CA VAL A 57 3.05 17.42 -11.02
C VAL A 57 1.54 17.72 -11.07
N ILE A 58 0.73 16.74 -10.79
CA ILE A 58 -0.75 16.96 -10.81
C ILE A 58 -1.42 15.95 -9.90
N GLY A 59 -2.57 16.29 -9.37
CA GLY A 59 -3.29 15.36 -8.46
C GLY A 59 -3.80 16.13 -7.25
N ASN A 60 -4.60 15.50 -6.44
CA ASN A 60 -5.15 16.19 -5.24
C ASN A 60 -5.11 15.21 -4.06
N SER A 61 -5.44 15.69 -2.89
CA SER A 61 -5.43 14.80 -1.68
C SER A 61 -6.79 14.87 -0.99
N HIS A 62 -7.32 13.74 -0.58
CA HIS A 62 -8.64 13.74 0.11
C HIS A 62 -8.63 12.71 1.25
N PRO A 63 -7.91 13.01 2.31
CA PRO A 63 -7.84 12.09 3.48
C PRO A 63 -8.99 12.36 4.47
N ALA A 64 -8.77 13.24 5.42
CA ALA A 64 -9.85 13.59 6.39
C ALA A 64 -9.50 14.93 7.05
N LEU A 65 -8.33 15.03 7.61
CA LEU A 65 -7.92 16.31 8.26
C LEU A 65 -6.42 16.26 8.55
N ASP A 66 -5.60 16.75 7.65
CA ASP A 66 -4.12 16.72 7.88
C ASP A 66 -3.37 17.06 6.59
N PRO A 67 -3.16 18.33 6.30
CA PRO A 67 -2.40 18.70 5.06
C PRO A 67 -0.99 18.11 5.10
N LYS A 68 -0.38 18.13 6.25
CA LYS A 68 1.00 17.57 6.39
C LYS A 68 1.06 16.21 5.72
N SER A 69 -0.08 15.63 5.38
CA SER A 69 -0.07 14.30 4.72
C SER A 69 0.59 14.44 3.35
N ARG A 70 -0.13 14.88 2.37
CA ARG A 70 0.46 15.03 1.01
C ARG A 70 1.83 15.71 1.11
N ALA A 71 1.99 16.61 2.04
CA ALA A 71 3.30 17.31 2.19
C ALA A 71 4.38 16.31 2.66
N THR A 72 4.36 15.94 3.91
CA THR A 72 5.40 14.98 4.43
C THR A 72 5.51 13.76 3.50
N LEU A 73 4.42 13.34 2.94
CA LEU A 73 4.45 12.16 2.03
C LEU A 73 5.33 12.47 0.83
N GLU A 74 5.18 13.63 0.25
CA GLU A 74 6.02 13.98 -0.93
C GLU A 74 7.48 14.09 -0.51
N HIS A 75 7.78 14.94 0.42
CA HIS A 75 9.19 15.09 0.86
C HIS A 75 9.74 13.72 1.26
N VAL A 76 8.91 12.89 1.83
CA VAL A 76 9.39 11.54 2.26
C VAL A 76 9.91 10.74 1.06
N LEU A 77 9.13 10.60 0.03
CA LEU A 77 9.58 9.78 -1.13
C LEU A 77 10.79 10.42 -1.83
N THR A 78 10.79 11.71 -2.01
CA THR A 78 11.95 12.35 -2.71
C THR A 78 13.16 12.41 -1.79
N VAL A 79 12.96 12.42 -0.51
CA VAL A 79 14.11 12.53 0.43
C VAL A 79 14.62 11.14 0.90
N GLN A 80 13.77 10.18 1.15
CA GLN A 80 14.28 8.87 1.67
C GLN A 80 14.73 7.95 0.53
N GLY A 81 14.10 7.99 -0.60
CA GLY A 81 14.50 7.11 -1.71
C GLY A 81 14.12 5.66 -1.37
N ASP A 82 13.56 5.44 -0.20
CA ASP A 82 13.14 4.07 0.18
C ASP A 82 11.63 3.99 0.02
N LEU A 83 11.19 3.70 -1.17
CA LEU A 83 9.74 3.65 -1.45
C LEU A 83 9.02 2.83 -0.37
N ALA A 84 9.77 2.14 0.45
CA ALA A 84 9.08 1.34 1.53
C ALA A 84 8.61 2.27 2.63
N ALA A 85 9.43 3.20 3.03
CA ALA A 85 9.02 4.13 4.11
C ALA A 85 7.91 5.05 3.61
N PHE A 86 7.73 5.13 2.32
CA PHE A 86 6.64 5.99 1.79
C PHE A 86 5.26 5.30 1.98
N LEU A 87 4.96 4.22 1.30
CA LEU A 87 3.62 3.60 1.49
C LEU A 87 3.46 3.18 2.95
N VAL A 88 4.53 2.82 3.63
CA VAL A 88 4.40 2.44 5.06
C VAL A 88 3.91 3.68 5.85
N VAL A 89 4.53 4.80 5.64
CA VAL A 89 4.10 6.05 6.34
C VAL A 89 2.73 6.50 5.78
N ALA A 90 2.46 6.21 4.53
CA ALA A 90 1.15 6.60 3.93
C ALA A 90 0.03 5.88 4.69
N ARG A 91 0.25 4.63 5.00
CA ARG A 91 -0.78 3.85 5.75
C ARG A 91 -0.95 4.46 7.14
N ASP A 92 0.13 4.62 7.86
CA ASP A 92 -0.01 5.21 9.24
C ASP A 92 -0.66 6.59 9.11
N MET A 93 -0.34 7.31 8.06
CA MET A 93 -0.95 8.66 7.88
C MET A 93 -2.45 8.50 7.68
N LEU A 94 -2.86 7.48 6.98
CA LEU A 94 -4.32 7.26 6.77
C LEU A 94 -4.98 7.06 8.14
N LEU A 95 -4.36 6.30 9.00
CA LEU A 95 -4.94 6.06 10.35
C LEU A 95 -5.19 7.41 11.02
N ALA A 96 -4.21 8.27 10.99
CA ALA A 96 -4.38 9.61 11.62
C ALA A 96 -5.63 10.29 11.05
N SER A 97 -6.01 9.95 9.84
CA SER A 97 -7.21 10.59 9.24
C SER A 97 -8.47 10.11 9.95
N LEU A 98 -8.51 8.86 10.35
CA LEU A 98 -9.72 8.34 11.05
C LEU A 98 -9.59 8.62 12.54
N ASN B 20 -4.32 -6.69 -16.34
CA ASN B 20 -2.96 -6.10 -16.28
C ASN B 20 -2.75 -5.44 -14.91
N GLU B 21 -3.68 -4.63 -14.49
CA GLU B 21 -3.55 -3.95 -13.16
C GLU B 21 -3.06 -4.95 -12.11
N ASN B 22 -3.40 -6.20 -12.27
CA ASN B 22 -2.96 -7.22 -11.27
C ASN B 22 -1.44 -7.17 -11.11
N ILE B 23 -0.71 -7.10 -12.18
CA ILE B 23 0.78 -7.06 -12.06
C ILE B 23 1.20 -5.82 -11.26
N LEU B 24 0.49 -4.73 -11.40
CA LEU B 24 0.86 -3.52 -10.63
C LEU B 24 0.66 -3.79 -9.13
N LYS B 25 -0.42 -4.43 -8.78
CA LYS B 25 -0.65 -4.73 -7.34
C LYS B 25 0.47 -5.65 -6.86
N LEU B 26 0.75 -6.68 -7.61
CA LEU B 26 1.84 -7.62 -7.21
C LEU B 26 3.14 -6.83 -7.04
N LYS B 27 3.39 -5.88 -7.90
CA LYS B 27 4.63 -5.07 -7.76
C LYS B 27 4.63 -4.40 -6.39
N LEU B 28 3.50 -3.90 -5.95
CA LEU B 28 3.46 -3.26 -4.61
C LEU B 28 3.86 -4.29 -3.57
N TYR B 29 3.06 -5.32 -3.40
CA TYR B 29 3.38 -6.39 -2.41
C TYR B 29 4.89 -6.69 -2.42
N ARG B 30 5.46 -6.92 -3.59
CA ARG B 30 6.90 -7.24 -3.66
C ARG B 30 7.74 -6.03 -3.21
N SER B 31 7.39 -4.86 -3.66
CA SER B 31 8.17 -3.66 -3.26
C SER B 31 8.25 -3.58 -1.74
N LEU B 32 7.28 -4.09 -1.04
CA LEU B 32 7.32 -4.02 0.45
C LEU B 32 8.05 -5.24 1.03
N GLY B 33 8.43 -6.19 0.22
CA GLY B 33 9.13 -7.37 0.78
C GLY B 33 8.14 -8.49 1.11
N VAL B 34 6.97 -8.49 0.51
CA VAL B 34 5.97 -9.57 0.79
C VAL B 34 5.87 -10.50 -0.40
N ILE B 35 5.63 -11.77 -0.16
CA ILE B 35 5.46 -12.73 -1.28
C ILE B 35 4.27 -13.64 -0.92
N LEU B 36 3.12 -13.28 -1.38
CA LEU B 36 1.89 -14.07 -1.05
C LEU B 36 1.95 -15.45 -1.70
N ASP B 37 1.38 -16.42 -1.05
CA ASP B 37 1.38 -17.81 -1.60
C ASP B 37 0.07 -18.50 -1.25
N LEU B 38 -0.75 -18.76 -2.23
CA LEU B 38 -2.06 -19.42 -1.95
C LEU B 38 -1.85 -20.94 -1.94
N GLU B 39 -0.61 -21.35 -2.00
CA GLU B 39 -0.32 -22.81 -2.01
C GLU B 39 -0.56 -23.37 -0.61
N ASN B 40 -1.03 -22.53 0.24
CA ASN B 40 -1.32 -22.94 1.64
C ASN B 40 -1.98 -21.78 2.39
N ASP B 41 -2.65 -20.90 1.68
CA ASP B 41 -3.31 -19.74 2.35
C ASP B 41 -2.34 -19.09 3.34
N GLN B 42 -1.22 -18.61 2.88
CA GLN B 42 -0.24 -17.97 3.82
C GLN B 42 0.49 -16.81 3.15
N VAL B 43 0.94 -15.86 3.93
CA VAL B 43 1.69 -14.70 3.38
C VAL B 43 3.16 -14.88 3.77
N LEU B 44 4.07 -14.85 2.84
CA LEU B 44 5.50 -15.00 3.20
C LEU B 44 6.14 -13.62 3.17
N ILE B 45 7.13 -13.37 4.01
CA ILE B 45 7.75 -12.02 4.04
C ILE B 45 9.26 -12.12 4.19
N ASN B 46 9.93 -11.04 3.89
CA ASN B 46 11.41 -11.00 4.01
C ASN B 46 11.82 -9.67 4.64
N ARG B 47 11.80 -9.60 5.95
CA ARG B 47 12.18 -8.32 6.65
C ARG B 47 13.49 -7.79 6.05
N LYS B 48 13.49 -6.56 5.63
CA LYS B 48 14.72 -5.97 5.06
C LYS B 48 15.58 -5.37 6.18
N ASN B 49 16.87 -5.33 5.99
CA ASN B 49 17.77 -4.76 7.04
C ASN B 49 17.86 -5.74 8.22
N ASP B 50 18.90 -6.51 8.26
CA ASP B 50 19.06 -7.50 9.38
C ASP B 50 17.76 -8.31 9.51
N GLY B 51 17.61 -9.02 10.59
CA GLY B 51 16.38 -9.83 10.78
C GLY B 51 16.49 -11.14 10.00
N ASN B 52 15.42 -11.56 9.38
CA ASN B 52 15.46 -12.82 8.60
C ASN B 52 14.18 -12.94 7.77
N ILE B 53 13.76 -14.14 7.47
CA ILE B 53 12.51 -14.32 6.67
C ILE B 53 11.34 -14.56 7.62
N ASP B 54 10.15 -14.14 7.24
CA ASP B 54 8.99 -14.35 8.16
C ASP B 54 7.84 -15.01 7.40
N ILE B 55 7.06 -15.80 8.09
CA ILE B 55 5.91 -16.48 7.44
C ILE B 55 4.63 -16.14 8.22
N LEU B 56 3.54 -15.86 7.55
CA LEU B 56 2.29 -15.49 8.28
C LEU B 56 1.09 -16.28 7.73
N PRO B 57 0.88 -17.49 8.19
CA PRO B 57 -0.27 -18.33 7.75
C PRO B 57 -1.62 -17.63 7.97
N LEU B 58 -2.52 -17.74 7.02
CA LEU B 58 -3.84 -17.08 7.18
C LEU B 58 -4.84 -18.08 7.77
N ASP B 59 -5.72 -17.63 8.63
CA ASP B 59 -6.72 -18.55 9.25
C ASP B 59 -8.11 -17.90 9.22
N ASN B 60 -8.71 -17.72 10.36
CA ASN B 60 -10.07 -17.10 10.41
C ASN B 60 -10.18 -16.21 11.65
N ASN B 61 -9.08 -15.74 12.16
CA ASN B 61 -9.14 -14.87 13.37
C ASN B 61 -9.19 -13.40 12.95
N LEU B 62 -10.17 -12.68 13.43
CA LEU B 62 -10.30 -11.24 13.07
C LEU B 62 -8.97 -10.51 13.33
N SER B 63 -8.98 -9.21 13.22
CA SER B 63 -7.72 -8.44 13.46
C SER B 63 -6.76 -8.63 12.29
N ASP B 64 -7.16 -9.38 11.30
CA ASP B 64 -6.26 -9.60 10.14
C ASP B 64 -5.72 -8.25 9.65
N PHE B 65 -6.52 -7.22 9.74
CA PHE B 65 -6.06 -5.88 9.28
C PHE B 65 -4.84 -5.43 10.10
N TYR B 66 -4.87 -5.67 11.39
CA TYR B 66 -3.73 -5.26 12.25
C TYR B 66 -2.53 -6.16 11.94
N LYS B 67 -2.77 -7.39 11.61
CA LYS B 67 -1.63 -8.31 11.30
C LYS B 67 -0.88 -7.76 10.08
N THR B 68 -1.58 -7.41 9.04
CA THR B 68 -0.90 -6.89 7.82
C THR B 68 -0.26 -5.54 8.15
N LYS B 69 -0.85 -4.78 9.03
CA LYS B 69 -0.25 -3.46 9.39
C LYS B 69 0.99 -3.70 10.25
N TYR B 70 1.02 -4.82 10.93
CA TYR B 70 2.18 -5.14 11.80
C TYR B 70 3.37 -5.56 10.94
N ILE B 71 3.19 -6.49 10.04
CA ILE B 71 4.34 -6.92 9.19
C ILE B 71 4.77 -5.77 8.28
N TRP B 72 3.85 -5.00 7.79
CA TRP B 72 4.21 -3.90 6.88
C TRP B 72 4.95 -2.80 7.65
N GLU B 73 4.57 -2.56 8.88
CA GLU B 73 5.27 -1.52 9.68
C GLU B 73 6.71 -1.98 9.95
N ARG B 74 6.89 -3.25 10.20
CA ARG B 74 8.27 -3.77 10.46
C ARG B 74 9.03 -3.89 9.15
N LEU B 75 8.34 -4.18 8.08
CA LEU B 75 9.04 -4.29 6.77
C LEU B 75 9.70 -2.95 6.48
N GLY B 76 9.01 -1.88 6.77
CA GLY B 76 9.61 -0.55 6.53
C GLY B 76 10.96 -0.46 7.26
N LYS B 77 11.31 -1.48 8.01
CA LYS B 77 12.60 -1.44 8.74
C LYS B 77 13.70 -2.03 7.85
N ASN A 10 -6.00 -18.40 -8.71
CA ASN A 10 -5.86 -17.63 -9.99
C ASN A 10 -5.57 -16.16 -9.66
N ASP A 11 -5.21 -15.39 -10.66
CA ASP A 11 -4.89 -13.95 -10.41
C ASP A 11 -6.11 -13.25 -9.83
N ALA A 12 -7.30 -13.68 -10.18
CA ALA A 12 -8.52 -13.02 -9.64
C ALA A 12 -8.67 -13.33 -8.15
N ALA A 13 -8.32 -14.51 -7.74
CA ALA A 13 -8.45 -14.84 -6.29
C ALA A 13 -7.36 -14.08 -5.52
N GLU A 14 -6.15 -14.09 -6.02
CA GLU A 14 -5.05 -13.35 -5.36
C GLU A 14 -5.36 -11.84 -5.36
N VAL A 15 -5.73 -11.30 -6.49
CA VAL A 15 -6.04 -9.83 -6.56
C VAL A 15 -7.23 -9.53 -5.64
N ALA A 16 -8.07 -10.49 -5.44
CA ALA A 16 -9.24 -10.27 -4.55
C ALA A 16 -8.74 -10.05 -3.12
N LEU A 17 -7.86 -10.90 -2.67
CA LEU A 17 -7.31 -10.74 -1.30
C LEU A 17 -6.48 -9.45 -1.24
N TYR A 18 -5.87 -9.08 -2.33
CA TYR A 18 -5.05 -7.84 -2.37
C TYR A 18 -5.93 -6.63 -2.02
N GLU A 19 -7.08 -6.53 -2.64
CA GLU A 19 -7.96 -5.35 -2.38
C GLU A 19 -8.61 -5.43 -1.00
N ARG A 20 -8.94 -6.60 -0.54
CA ARG A 20 -9.61 -6.71 0.78
C ARG A 20 -8.63 -6.49 1.95
N LEU A 21 -7.37 -6.79 1.79
CA LEU A 21 -6.42 -6.63 2.93
C LEU A 21 -5.67 -5.28 2.93
N LEU A 22 -5.40 -4.71 1.78
CA LEU A 22 -4.65 -3.42 1.76
C LEU A 22 -5.62 -2.23 1.88
N GLN A 23 -6.91 -2.44 1.83
CA GLN A 23 -7.85 -1.29 1.90
C GLN A 23 -7.40 -0.27 0.87
N LEU A 24 -6.95 -0.75 -0.27
CA LEU A 24 -6.48 0.16 -1.36
C LEU A 24 -7.13 -0.27 -2.67
N ARG A 25 -7.86 0.62 -3.29
CA ARG A 25 -8.53 0.29 -4.58
C ARG A 25 -7.87 1.08 -5.71
N VAL A 26 -7.67 0.45 -6.85
CA VAL A 26 -7.04 1.17 -7.99
C VAL A 26 -8.13 1.75 -8.87
N LEU A 27 -8.18 3.06 -8.95
CA LEU A 27 -9.20 3.74 -9.79
C LEU A 27 -8.50 4.50 -10.93
N PRO A 28 -8.32 3.91 -12.09
CA PRO A 28 -7.65 4.61 -13.21
C PRO A 28 -8.51 5.76 -13.75
N GLY A 29 -7.90 6.86 -14.08
CA GLY A 29 -8.69 8.02 -14.62
C GLY A 29 -9.43 7.58 -15.88
N ALA A 30 -10.34 8.39 -16.35
CA ALA A 30 -11.10 8.03 -17.58
C ALA A 30 -10.12 7.84 -18.74
N SER A 31 -10.50 7.04 -19.70
CA SER A 31 -9.59 6.79 -20.86
C SER A 31 -9.18 8.14 -21.48
N ASP A 32 -10.05 9.10 -21.44
CA ASP A 32 -9.72 10.44 -22.02
C ASP A 32 -8.35 10.88 -21.51
N VAL A 33 -8.03 10.54 -20.28
CA VAL A 33 -6.72 10.94 -19.71
C VAL A 33 -6.13 9.75 -18.93
N HIS A 34 -4.86 9.52 -19.06
CA HIS A 34 -4.23 8.38 -18.34
C HIS A 34 -3.84 8.84 -16.92
N ASP A 35 -4.37 8.20 -15.92
CA ASP A 35 -4.03 8.61 -14.53
C ASP A 35 -4.37 7.47 -13.56
N VAL A 36 -3.74 7.45 -12.41
CA VAL A 36 -4.00 6.37 -11.41
C VAL A 36 -4.39 7.01 -10.08
N ARG A 37 -5.55 6.65 -9.57
CA ARG A 37 -6.01 7.20 -8.27
C ARG A 37 -6.02 6.11 -7.20
N PHE A 38 -5.19 6.26 -6.19
CA PHE A 38 -5.17 5.24 -5.11
C PHE A 38 -6.24 5.61 -4.09
N VAL A 39 -7.19 4.75 -3.86
CA VAL A 39 -8.28 5.06 -2.87
C VAL A 39 -8.10 4.20 -1.61
N PHE A 40 -8.02 4.83 -0.47
CA PHE A 40 -7.86 4.06 0.81
C PHE A 40 -9.24 3.78 1.42
N GLY A 41 -9.61 2.53 1.59
CA GLY A 41 -10.95 2.22 2.18
C GLY A 41 -10.95 2.54 3.68
N ASP A 42 -11.28 3.75 4.11
CA ASP A 42 -11.27 4.01 5.58
C ASP A 42 -12.09 5.27 5.94
N ASP A 43 -13.39 5.14 6.05
CA ASP A 43 -14.27 6.28 6.43
C ASP A 43 -13.99 7.54 5.57
N SER A 44 -15.00 8.35 5.32
CA SER A 44 -14.79 9.59 4.51
C SER A 44 -14.22 9.29 3.12
N ARG A 45 -13.69 8.11 2.91
CA ARG A 45 -13.10 7.80 1.58
C ARG A 45 -11.93 8.74 1.36
N CYS A 46 -10.72 8.23 1.34
CA CYS A 46 -9.55 9.12 1.13
C CYS A 46 -8.75 8.62 -0.07
N TRP A 47 -8.17 9.50 -0.84
CA TRP A 47 -7.42 9.04 -2.05
C TRP A 47 -6.38 10.07 -2.50
N ILE A 48 -5.38 9.61 -3.20
CA ILE A 48 -4.33 10.52 -3.74
C ILE A 48 -4.09 10.16 -5.21
N GLU A 49 -4.00 11.13 -6.09
CA GLU A 49 -3.79 10.83 -7.53
C GLU A 49 -2.33 11.05 -7.89
N VAL A 50 -1.78 10.19 -8.72
CA VAL A 50 -0.34 10.34 -9.11
C VAL A 50 -0.20 10.17 -10.63
N ALA A 51 0.61 10.99 -11.24
CA ALA A 51 0.81 10.88 -12.72
C ALA A 51 1.96 9.91 -13.00
N MET A 52 2.41 9.20 -12.00
CA MET A 52 3.53 8.24 -12.21
C MET A 52 4.72 8.96 -12.87
N HIS A 53 4.72 9.04 -14.17
CA HIS A 53 5.84 9.74 -14.86
C HIS A 53 5.63 11.24 -14.81
N GLY A 54 6.65 11.99 -14.47
CA GLY A 54 6.51 13.47 -14.41
C GLY A 54 5.77 13.85 -13.11
N ASP A 55 5.85 13.00 -12.12
CA ASP A 55 5.15 13.31 -10.84
C ASP A 55 6.07 14.13 -9.93
N HIS A 56 5.71 15.35 -9.67
CA HIS A 56 6.56 16.20 -8.78
C HIS A 56 5.70 17.32 -8.17
N VAL A 57 5.38 18.33 -8.94
CA VAL A 57 4.55 19.45 -8.42
C VAL A 57 3.13 19.32 -9.01
N ILE A 58 2.81 18.16 -9.53
CA ILE A 58 1.46 17.94 -10.11
C ILE A 58 0.79 16.78 -9.39
N GLY A 59 -0.45 16.93 -9.03
CA GLY A 59 -1.16 15.84 -8.33
C GLY A 59 -2.14 16.43 -7.31
N ASN A 60 -3.03 15.62 -6.81
CA ASN A 60 -4.03 16.12 -5.80
C ASN A 60 -4.10 15.15 -4.63
N SER A 61 -4.22 15.66 -3.43
CA SER A 61 -4.31 14.78 -2.23
C SER A 61 -5.64 15.01 -1.52
N HIS A 62 -6.30 13.96 -1.12
CA HIS A 62 -7.61 14.11 -0.41
C HIS A 62 -7.71 13.10 0.71
N PRO A 63 -6.96 13.30 1.77
CA PRO A 63 -6.99 12.37 2.94
C PRO A 63 -8.16 12.68 3.89
N ALA A 64 -7.93 13.51 4.88
CA ALA A 64 -9.01 13.86 5.84
C ALA A 64 -8.37 14.46 7.10
N LEU A 65 -7.33 15.23 6.94
CA LEU A 65 -6.65 15.84 8.11
C LEU A 65 -6.11 17.22 7.74
N ASP A 66 -4.94 17.29 7.17
CA ASP A 66 -4.37 18.62 6.79
C ASP A 66 -3.35 18.43 5.66
N PRO A 67 -3.01 19.48 4.95
CA PRO A 67 -2.02 19.36 3.84
C PRO A 67 -0.70 18.74 4.30
N LYS A 68 -0.44 18.77 5.58
CA LYS A 68 0.82 18.18 6.10
C LYS A 68 1.00 16.79 5.49
N SER A 69 -0.02 15.97 5.51
CA SER A 69 0.10 14.62 4.93
C SER A 69 0.74 14.71 3.54
N ARG A 70 0.06 15.29 2.59
CA ARG A 70 0.66 15.41 1.22
C ARG A 70 2.08 15.95 1.34
N ALA A 71 2.36 16.75 2.33
CA ALA A 71 3.73 17.31 2.48
C ALA A 71 4.71 16.22 2.97
N THR A 72 4.61 15.82 4.21
CA THR A 72 5.53 14.77 4.74
C THR A 72 5.55 13.55 3.82
N LEU A 73 4.42 13.19 3.28
CA LEU A 73 4.36 12.01 2.37
C LEU A 73 5.24 12.29 1.15
N GLU A 74 5.12 13.45 0.55
CA GLU A 74 5.96 13.76 -0.63
C GLU A 74 7.43 13.76 -0.23
N HIS A 75 7.80 14.58 0.71
CA HIS A 75 9.22 14.63 1.15
C HIS A 75 9.71 13.21 1.45
N VAL A 76 8.88 12.43 2.11
CA VAL A 76 9.29 11.04 2.46
C VAL A 76 9.70 10.26 1.22
N LEU A 77 8.88 10.23 0.22
CA LEU A 77 9.23 9.44 -1.00
C LEU A 77 10.46 10.00 -1.72
N THR A 78 10.59 11.29 -1.83
CA THR A 78 11.78 11.84 -2.55
C THR A 78 13.03 11.72 -1.68
N VAL A 79 12.88 11.68 -0.39
CA VAL A 79 14.07 11.59 0.49
C VAL A 79 14.42 10.13 0.84
N GLN A 80 13.47 9.28 1.13
CA GLN A 80 13.82 7.87 1.50
C GLN A 80 14.08 7.02 0.26
N GLY A 81 13.44 7.32 -0.82
CA GLY A 81 13.66 6.51 -2.06
C GLY A 81 13.30 5.05 -1.77
N ASP A 82 12.41 4.81 -0.84
CA ASP A 82 11.99 3.42 -0.50
C ASP A 82 10.50 3.29 -0.75
N LEU A 83 10.12 2.49 -1.70
CA LEU A 83 8.67 2.35 -2.01
C LEU A 83 7.96 1.79 -0.77
N ALA A 84 8.71 1.35 0.19
CA ALA A 84 8.06 0.77 1.42
C ALA A 84 7.84 1.85 2.49
N ALA A 85 8.83 2.65 2.81
CA ALA A 85 8.63 3.68 3.87
C ALA A 85 7.52 4.64 3.45
N PHE A 86 7.23 4.74 2.20
CA PHE A 86 6.14 5.66 1.77
C PHE A 86 4.77 5.07 2.12
N LEU A 87 4.37 3.94 1.56
CA LEU A 87 3.04 3.39 1.90
C LEU A 87 2.98 3.05 3.40
N VAL A 88 4.06 2.63 3.98
CA VAL A 88 4.03 2.31 5.43
C VAL A 88 3.66 3.59 6.20
N VAL A 89 4.30 4.70 5.88
CA VAL A 89 3.95 5.97 6.57
C VAL A 89 2.56 6.44 6.10
N ALA A 90 2.23 6.20 4.86
CA ALA A 90 0.89 6.60 4.34
C ALA A 90 -0.19 5.91 5.17
N ARG A 91 0.04 4.67 5.50
CA ARG A 91 -0.95 3.91 6.31
C ARG A 91 -1.06 4.57 7.69
N ASP A 92 0.02 4.67 8.41
CA ASP A 92 -0.05 5.30 9.77
C ASP A 92 -0.65 6.69 9.65
N MET A 93 -0.38 7.37 8.57
CA MET A 93 -0.94 8.75 8.39
C MET A 93 -2.46 8.67 8.22
N LEU A 94 -2.93 7.67 7.52
CA LEU A 94 -4.40 7.52 7.30
C LEU A 94 -5.09 7.35 8.66
N LEU A 95 -4.63 6.44 9.47
CA LEU A 95 -5.29 6.24 10.80
C LEU A 95 -5.14 7.52 11.61
N ALA A 96 -4.04 8.19 11.43
CA ALA A 96 -3.79 9.46 12.18
C ALA A 96 -4.91 10.46 11.87
N SER A 97 -5.56 10.33 10.74
CA SER A 97 -6.65 11.27 10.39
C SER A 97 -7.79 11.12 11.41
N LEU A 98 -8.08 9.91 11.81
CA LEU A 98 -9.17 9.70 12.80
C LEU A 98 -8.61 9.86 14.22
N ASN B 20 -5.31 -6.47 -16.01
CA ASN B 20 -4.06 -5.75 -16.36
C ASN B 20 -3.49 -5.07 -15.11
N GLU B 21 -4.14 -4.05 -14.64
CA GLU B 21 -3.64 -3.32 -13.43
C GLU B 21 -3.12 -4.31 -12.39
N ASN B 22 -3.56 -5.54 -12.44
CA ASN B 22 -3.07 -6.55 -11.46
C ASN B 22 -1.54 -6.54 -11.45
N ILE B 23 -0.93 -6.43 -12.59
CA ILE B 23 0.56 -6.41 -12.65
C ILE B 23 1.09 -5.29 -11.75
N LEU B 24 0.44 -4.17 -11.75
CA LEU B 24 0.91 -3.04 -10.90
C LEU B 24 0.67 -3.39 -9.43
N LYS B 25 -0.43 -4.04 -9.13
CA LYS B 25 -0.70 -4.42 -7.71
C LYS B 25 0.36 -5.42 -7.26
N LEU B 26 0.57 -6.46 -8.03
CA LEU B 26 1.59 -7.46 -7.65
C LEU B 26 2.92 -6.74 -7.40
N LYS B 27 3.21 -5.75 -8.20
CA LYS B 27 4.48 -5.00 -7.99
C LYS B 27 4.46 -4.35 -6.61
N LEU B 28 3.33 -3.84 -6.19
CA LEU B 28 3.28 -3.21 -4.84
C LEU B 28 3.60 -4.28 -3.80
N TYR B 29 2.77 -5.29 -3.69
CA TYR B 29 3.05 -6.38 -2.70
C TYR B 29 4.54 -6.76 -2.72
N ARG B 30 5.08 -6.99 -3.88
CA ARG B 30 6.52 -7.37 -3.99
C ARG B 30 7.39 -6.20 -3.53
N SER B 31 7.07 -5.01 -3.93
CA SER B 31 7.89 -3.83 -3.54
C SER B 31 7.99 -3.71 -2.01
N LEU B 32 7.02 -4.21 -1.28
CA LEU B 32 7.09 -4.10 0.21
C LEU B 32 7.90 -5.25 0.79
N GLY B 33 8.31 -6.20 -0.01
CA GLY B 33 9.09 -7.33 0.56
C GLY B 33 8.16 -8.46 1.00
N VAL B 34 6.94 -8.47 0.51
CA VAL B 34 6.00 -9.59 0.89
C VAL B 34 6.01 -10.65 -0.20
N ILE B 35 6.00 -11.89 0.19
CA ILE B 35 5.96 -13.02 -0.78
C ILE B 35 4.73 -13.86 -0.45
N LEU B 36 3.59 -13.44 -0.92
CA LEU B 36 2.33 -14.16 -0.60
C LEU B 36 2.35 -15.57 -1.16
N ASP B 37 1.74 -16.49 -0.45
CA ASP B 37 1.71 -17.91 -0.90
C ASP B 37 0.28 -18.44 -0.72
N LEU B 38 -0.53 -18.37 -1.74
CA LEU B 38 -1.94 -18.85 -1.62
C LEU B 38 -1.97 -20.37 -1.81
N GLU B 39 -0.91 -21.04 -1.51
CA GLU B 39 -0.91 -22.53 -1.66
C GLU B 39 -1.27 -23.14 -0.31
N ASN B 40 -1.54 -22.30 0.61
CA ASN B 40 -1.92 -22.74 1.99
C ASN B 40 -2.36 -21.52 2.82
N ASP B 41 -2.80 -20.46 2.19
CA ASP B 41 -3.23 -19.25 2.95
C ASP B 41 -2.10 -18.80 3.87
N GLN B 42 -0.93 -18.55 3.32
CA GLN B 42 0.23 -18.10 4.15
C GLN B 42 0.88 -16.87 3.52
N VAL B 43 1.39 -15.97 4.34
CA VAL B 43 2.06 -14.75 3.81
C VAL B 43 3.53 -14.82 4.19
N LEU B 44 4.43 -14.75 3.24
CA LEU B 44 5.87 -14.81 3.59
C LEU B 44 6.42 -13.40 3.50
N ILE B 45 7.48 -13.12 4.20
CA ILE B 45 8.03 -11.73 4.16
C ILE B 45 9.55 -11.71 4.32
N ASN B 46 10.14 -10.60 3.97
CA ASN B 46 11.61 -10.43 4.09
C ASN B 46 11.87 -9.18 4.94
N ARG B 47 12.60 -9.33 6.02
CA ARG B 47 12.89 -8.15 6.89
C ARG B 47 14.21 -7.50 6.45
N LYS B 48 14.17 -6.25 6.09
CA LYS B 48 15.40 -5.56 5.65
C LYS B 48 16.09 -4.91 6.85
N ASN B 49 17.36 -4.60 6.73
CA ASN B 49 18.10 -3.97 7.86
C ASN B 49 18.47 -5.02 8.91
N ASP B 50 17.50 -5.70 9.46
CA ASP B 50 17.79 -6.74 10.48
C ASP B 50 16.94 -7.97 10.19
N GLY B 51 17.03 -8.99 10.99
CA GLY B 51 16.23 -10.22 10.75
C GLY B 51 16.50 -10.72 9.34
N ASN B 52 15.79 -11.74 8.91
CA ASN B 52 16.00 -12.29 7.54
C ASN B 52 14.64 -12.55 6.88
N ILE B 53 14.22 -13.78 6.80
CA ILE B 53 12.91 -14.09 6.18
C ILE B 53 11.87 -14.35 7.27
N ASP B 54 10.71 -13.78 7.14
CA ASP B 54 9.64 -13.99 8.17
C ASP B 54 8.46 -14.70 7.51
N ILE B 55 7.74 -15.50 8.26
CA ILE B 55 6.57 -16.22 7.68
C ILE B 55 5.36 -15.99 8.58
N LEU B 56 4.19 -15.82 8.01
CA LEU B 56 2.98 -15.58 8.87
C LEU B 56 1.76 -16.32 8.28
N PRO B 57 1.21 -17.30 8.96
CA PRO B 57 0.01 -18.03 8.46
C PRO B 57 -1.27 -17.23 8.67
N LEU B 58 -2.22 -17.36 7.78
CA LEU B 58 -3.48 -16.59 7.94
C LEU B 58 -4.39 -17.27 8.97
N ASP B 59 -5.10 -16.50 9.74
CA ASP B 59 -6.00 -17.09 10.78
C ASP B 59 -7.11 -16.09 11.12
N ASN B 60 -6.99 -15.44 12.24
CA ASN B 60 -8.03 -14.45 12.64
C ASN B 60 -7.55 -13.67 13.87
N ASN B 61 -7.59 -14.28 15.02
CA ASN B 61 -7.13 -13.58 16.25
C ASN B 61 -7.79 -12.20 16.34
N LEU B 62 -7.04 -11.20 16.70
CA LEU B 62 -7.63 -9.83 16.83
C LEU B 62 -8.14 -9.37 15.46
N SER B 63 -7.41 -9.65 14.41
CA SER B 63 -7.86 -9.23 13.05
C SER B 63 -6.69 -9.31 12.06
N ASP B 64 -6.88 -9.99 10.96
CA ASP B 64 -5.79 -10.09 9.95
C ASP B 64 -5.43 -8.67 9.49
N PHE B 65 -6.39 -7.79 9.44
CA PHE B 65 -6.10 -6.40 9.01
C PHE B 65 -5.02 -5.82 9.92
N TYR B 66 -5.15 -6.01 11.20
CA TYR B 66 -4.13 -5.50 12.14
C TYR B 66 -2.80 -6.21 11.87
N LYS B 67 -2.85 -7.48 11.58
CA LYS B 67 -1.60 -8.23 11.29
C LYS B 67 -0.90 -7.59 10.08
N THR B 68 -1.60 -7.46 8.98
CA THR B 68 -0.97 -6.84 7.79
C THR B 68 -0.34 -5.50 8.18
N LYS B 69 -0.98 -4.77 9.04
CA LYS B 69 -0.41 -3.46 9.46
C LYS B 69 0.84 -3.71 10.32
N TYR B 70 0.85 -4.79 11.05
CA TYR B 70 2.02 -5.09 11.93
C TYR B 70 3.23 -5.49 11.07
N ILE B 71 3.08 -6.48 10.22
CA ILE B 71 4.22 -6.92 9.38
C ILE B 71 4.66 -5.80 8.46
N TRP B 72 3.76 -4.95 8.07
CA TRP B 72 4.13 -3.88 7.13
C TRP B 72 4.86 -2.75 7.87
N GLU B 73 4.50 -2.51 9.09
CA GLU B 73 5.21 -1.45 9.87
C GLU B 73 6.64 -1.92 10.14
N ARG B 74 6.82 -3.20 10.37
CA ARG B 74 8.18 -3.73 10.61
C ARG B 74 8.94 -3.79 9.29
N LEU B 75 8.27 -4.16 8.23
CA LEU B 75 8.95 -4.23 6.91
C LEU B 75 9.62 -2.89 6.66
N GLY B 76 8.94 -1.83 6.98
CA GLY B 76 9.54 -0.48 6.76
C GLY B 76 10.89 -0.41 7.48
N LYS B 77 11.25 -1.44 8.22
CA LYS B 77 12.55 -1.44 8.95
C LYS B 77 13.45 -2.54 8.38
N ASN A 10 -6.70 -18.29 -8.91
CA ASN A 10 -6.80 -17.50 -10.18
C ASN A 10 -6.42 -16.05 -9.90
N ASP A 11 -6.02 -15.33 -10.91
CA ASP A 11 -5.63 -13.91 -10.71
C ASP A 11 -6.75 -13.20 -9.95
N ALA A 12 -7.98 -13.55 -10.21
CA ALA A 12 -9.11 -12.89 -9.51
C ALA A 12 -9.04 -13.20 -8.01
N ALA A 13 -8.75 -14.43 -7.67
CA ALA A 13 -8.65 -14.79 -6.22
C ALA A 13 -7.51 -13.98 -5.60
N GLU A 14 -6.38 -13.97 -6.23
CA GLU A 14 -5.22 -13.18 -5.72
C GLU A 14 -5.63 -11.71 -5.60
N VAL A 15 -6.29 -11.20 -6.59
CA VAL A 15 -6.71 -9.76 -6.55
C VAL A 15 -7.68 -9.52 -5.40
N ALA A 16 -8.40 -10.52 -4.97
CA ALA A 16 -9.36 -10.30 -3.84
C ALA A 16 -8.58 -10.23 -2.53
N LEU A 17 -7.71 -11.17 -2.30
CA LEU A 17 -6.91 -11.13 -1.05
C LEU A 17 -5.96 -9.94 -1.08
N TYR A 18 -5.49 -9.59 -2.25
CA TYR A 18 -4.55 -8.45 -2.38
C TYR A 18 -5.27 -7.16 -1.96
N GLU A 19 -6.44 -6.91 -2.49
CA GLU A 19 -7.16 -5.65 -2.13
C GLU A 19 -7.80 -5.77 -0.74
N ARG A 20 -8.46 -6.87 -0.47
CA ARG A 20 -9.14 -7.04 0.84
C ARG A 20 -8.19 -6.76 2.01
N LEU A 21 -6.99 -7.29 1.98
CA LEU A 21 -6.07 -7.05 3.13
C LEU A 21 -5.26 -5.75 2.97
N LEU A 22 -4.91 -5.38 1.77
CA LEU A 22 -4.12 -4.13 1.59
C LEU A 22 -5.04 -2.90 1.74
N GLN A 23 -6.32 -3.08 1.64
CA GLN A 23 -7.23 -1.91 1.75
C GLN A 23 -6.72 -0.82 0.82
N LEU A 24 -6.11 -1.23 -0.25
CA LEU A 24 -5.57 -0.26 -1.25
C LEU A 24 -6.00 -0.72 -2.64
N ARG A 25 -6.70 0.12 -3.34
CA ARG A 25 -7.17 -0.23 -4.72
C ARG A 25 -6.53 0.74 -5.72
N VAL A 26 -6.09 0.23 -6.84
CA VAL A 26 -5.47 1.12 -7.86
C VAL A 26 -6.55 1.60 -8.82
N LEU A 27 -6.76 2.88 -8.83
CA LEU A 27 -7.79 3.48 -9.74
C LEU A 27 -7.08 4.42 -10.74
N PRO A 28 -6.70 3.94 -11.90
CA PRO A 28 -6.00 4.82 -12.90
C PRO A 28 -6.92 5.92 -13.42
N GLY A 29 -6.38 7.09 -13.64
CA GLY A 29 -7.23 8.21 -14.16
C GLY A 29 -7.49 8.02 -15.65
N ALA A 30 -7.60 9.09 -16.39
CA ALA A 30 -7.87 8.97 -17.86
C ALA A 30 -6.61 8.52 -18.58
N SER A 31 -6.75 7.90 -19.72
CA SER A 31 -5.57 7.44 -20.49
C SER A 31 -4.87 8.64 -21.14
N ASP A 32 -5.58 9.72 -21.35
CA ASP A 32 -4.95 10.91 -21.99
C ASP A 32 -3.66 11.25 -21.24
N VAL A 33 -3.67 11.10 -19.94
CA VAL A 33 -2.46 11.41 -19.13
C VAL A 33 -2.24 10.28 -18.13
N HIS A 34 -1.01 9.98 -17.80
CA HIS A 34 -0.75 8.88 -16.83
C HIS A 34 -1.10 9.36 -15.41
N ASP A 35 -2.15 8.82 -14.85
CA ASP A 35 -2.56 9.23 -13.47
C ASP A 35 -2.94 8.00 -12.65
N VAL A 36 -2.44 7.91 -11.45
CA VAL A 36 -2.75 6.74 -10.57
C VAL A 36 -3.36 7.24 -9.26
N ARG A 37 -4.55 6.78 -8.95
CA ARG A 37 -5.23 7.20 -7.70
C ARG A 37 -5.23 6.06 -6.68
N PHE A 38 -4.55 6.23 -5.58
CA PHE A 38 -4.53 5.15 -4.54
C PHE A 38 -5.75 5.34 -3.63
N VAL A 39 -6.63 4.36 -3.59
CA VAL A 39 -7.85 4.49 -2.72
C VAL A 39 -7.68 3.63 -1.46
N PHE A 40 -7.77 4.25 -0.30
CA PHE A 40 -7.63 3.48 0.97
C PHE A 40 -9.00 3.01 1.45
N GLY A 41 -9.22 1.72 1.49
CA GLY A 41 -10.56 1.20 1.94
C GLY A 41 -10.74 1.49 3.43
N ASP A 42 -10.72 2.74 3.82
CA ASP A 42 -10.90 3.08 5.26
C ASP A 42 -12.28 3.71 5.45
N ASP A 43 -12.44 4.48 6.49
CA ASP A 43 -13.77 5.13 6.73
C ASP A 43 -13.79 6.47 5.98
N SER A 44 -14.94 6.93 5.56
CA SER A 44 -15.00 8.24 4.84
C SER A 44 -14.35 8.10 3.46
N ARG A 45 -13.72 6.97 3.19
CA ARG A 45 -13.03 6.78 1.88
C ARG A 45 -11.92 7.81 1.75
N CYS A 46 -10.69 7.37 1.74
CA CYS A 46 -9.56 8.33 1.63
C CYS A 46 -8.69 7.97 0.42
N TRP A 47 -8.18 8.94 -0.30
CA TRP A 47 -7.33 8.61 -1.49
C TRP A 47 -6.29 9.68 -1.78
N ILE A 48 -5.22 9.28 -2.39
CA ILE A 48 -4.11 10.22 -2.76
C ILE A 48 -3.68 9.91 -4.20
N GLU A 49 -3.42 10.90 -5.02
CA GLU A 49 -3.04 10.62 -6.44
C GLU A 49 -1.59 11.04 -6.70
N VAL A 50 -0.92 10.33 -7.57
CA VAL A 50 0.49 10.68 -7.91
C VAL A 50 0.65 10.63 -9.43
N ALA A 51 1.33 11.58 -10.00
CA ALA A 51 1.52 11.58 -11.47
C ALA A 51 2.68 10.66 -11.84
N MET A 52 3.33 10.08 -10.86
CA MET A 52 4.47 9.17 -11.16
C MET A 52 5.40 9.82 -12.18
N HIS A 53 6.41 10.51 -11.73
CA HIS A 53 7.33 11.18 -12.68
C HIS A 53 6.52 12.03 -13.67
N GLY A 54 7.02 12.27 -14.85
CA GLY A 54 6.28 13.09 -15.84
C GLY A 54 6.71 14.55 -15.71
N ASP A 55 6.41 15.35 -16.71
CA ASP A 55 6.80 16.78 -16.66
C ASP A 55 5.65 17.61 -16.10
N HIS A 56 4.59 16.98 -15.68
CA HIS A 56 3.44 17.74 -15.12
C HIS A 56 2.78 16.92 -14.00
N VAL A 57 2.34 17.58 -12.96
CA VAL A 57 1.68 16.87 -11.84
C VAL A 57 0.51 17.69 -11.33
N ILE A 58 -0.58 17.05 -10.96
CA ILE A 58 -1.76 17.79 -10.46
C ILE A 58 -1.81 17.70 -8.93
N GLY A 59 -2.89 18.12 -8.35
CA GLY A 59 -3.01 18.07 -6.86
C GLY A 59 -4.33 17.41 -6.45
N ASN A 60 -4.29 16.16 -6.07
CA ASN A 60 -5.53 15.45 -5.65
C ASN A 60 -5.26 14.69 -4.34
N SER A 61 -5.82 15.15 -3.25
CA SER A 61 -5.60 14.46 -1.95
C SER A 61 -6.85 14.56 -1.09
N HIS A 62 -7.27 13.45 -0.55
CA HIS A 62 -8.48 13.45 0.31
C HIS A 62 -8.26 12.48 1.47
N PRO A 63 -7.47 12.88 2.44
CA PRO A 63 -7.18 12.04 3.63
C PRO A 63 -8.24 12.23 4.72
N ALA A 64 -8.01 13.15 5.63
CA ALA A 64 -8.97 13.42 6.73
C ALA A 64 -8.25 14.16 7.86
N LEU A 65 -7.29 14.98 7.52
CA LEU A 65 -6.54 15.74 8.56
C LEU A 65 -6.12 17.10 8.01
N ASP A 66 -4.83 17.37 8.00
CA ASP A 66 -4.34 18.69 7.48
C ASP A 66 -3.36 18.44 6.32
N PRO A 67 -3.10 19.45 5.51
CA PRO A 67 -2.17 19.29 4.36
C PRO A 67 -0.80 18.71 4.76
N LYS A 68 -0.44 18.84 6.01
CA LYS A 68 0.86 18.29 6.46
C LYS A 68 1.02 16.86 5.94
N SER A 69 -0.06 16.14 5.86
CA SER A 69 0.02 14.73 5.36
C SER A 69 0.44 14.75 3.89
N ARG A 70 -0.27 15.47 3.06
CA ARG A 70 0.09 15.52 1.62
C ARG A 70 1.50 16.11 1.48
N ALA A 71 1.85 17.02 2.33
CA ALA A 71 3.21 17.64 2.26
C ALA A 71 4.28 16.61 2.66
N THR A 72 4.21 16.09 3.86
CA THR A 72 5.24 15.10 4.30
C THR A 72 5.20 13.86 3.40
N LEU A 73 4.05 13.50 2.91
CA LEU A 73 3.96 12.30 2.04
C LEU A 73 4.68 12.56 0.72
N GLU A 74 4.57 13.76 0.21
CA GLU A 74 5.25 14.07 -1.08
C GLU A 74 6.76 14.04 -0.88
N HIS A 75 7.27 14.83 0.02
CA HIS A 75 8.74 14.83 0.26
C HIS A 75 9.19 13.42 0.59
N VAL A 76 8.35 12.66 1.25
CA VAL A 76 8.72 11.27 1.63
C VAL A 76 9.03 10.45 0.38
N LEU A 77 8.13 10.40 -0.56
CA LEU A 77 8.38 9.57 -1.78
C LEU A 77 9.58 10.09 -2.58
N THR A 78 9.73 11.37 -2.73
CA THR A 78 10.89 11.88 -3.52
C THR A 78 12.20 11.71 -2.75
N VAL A 79 12.13 11.71 -1.44
CA VAL A 79 13.35 11.59 -0.63
C VAL A 79 13.71 10.13 -0.30
N GLN A 80 12.76 9.30 0.05
CA GLN A 80 13.09 7.89 0.41
C GLN A 80 13.33 7.03 -0.82
N GLY A 81 12.60 7.24 -1.86
CA GLY A 81 12.80 6.42 -3.09
C GLY A 81 12.40 4.96 -2.82
N ASP A 82 12.21 4.59 -1.58
CA ASP A 82 11.80 3.19 -1.28
C ASP A 82 10.28 3.15 -1.21
N LEU A 83 9.65 2.55 -2.16
CA LEU A 83 8.17 2.53 -2.13
C LEU A 83 7.70 1.92 -0.81
N ALA A 84 8.59 1.34 -0.07
CA ALA A 84 8.15 0.73 1.24
C ALA A 84 7.83 1.84 2.22
N ALA A 85 8.66 2.84 2.29
CA ALA A 85 8.39 3.94 3.25
C ALA A 85 7.16 4.74 2.81
N PHE A 86 6.75 4.62 1.58
CA PHE A 86 5.55 5.38 1.14
C PHE A 86 4.26 4.64 1.54
N LEU A 87 4.01 3.44 1.07
CA LEU A 87 2.76 2.75 1.47
C LEU A 87 2.76 2.52 2.98
N VAL A 88 3.91 2.44 3.60
CA VAL A 88 3.93 2.22 5.08
C VAL A 88 3.59 3.53 5.81
N VAL A 89 4.24 4.61 5.48
CA VAL A 89 3.90 5.90 6.18
C VAL A 89 2.52 6.36 5.73
N ALA A 90 2.19 6.17 4.47
CA ALA A 90 0.86 6.57 3.98
C ALA A 90 -0.21 5.91 4.85
N ARG A 91 -0.15 4.59 4.99
CA ARG A 91 -1.14 3.89 5.84
C ARG A 91 -1.19 4.55 7.22
N ASP A 92 -0.06 4.67 7.88
CA ASP A 92 -0.05 5.30 9.22
C ASP A 92 -0.64 6.71 9.12
N MET A 93 -0.63 7.30 7.96
CA MET A 93 -1.16 8.68 7.82
C MET A 93 -2.70 8.67 7.81
N LEU A 94 -3.32 7.75 7.12
CA LEU A 94 -4.81 7.73 7.12
C LEU A 94 -5.31 7.39 8.52
N LEU A 95 -4.69 6.45 9.17
CA LEU A 95 -5.10 6.06 10.54
C LEU A 95 -4.96 7.26 11.48
N ALA A 96 -3.86 7.94 11.40
CA ALA A 96 -3.65 9.12 12.30
C ALA A 96 -4.75 10.15 12.06
N SER A 97 -5.28 10.21 10.87
CA SER A 97 -6.36 11.19 10.57
C SER A 97 -7.55 10.94 11.50
N LEU A 98 -7.87 9.69 11.74
CA LEU A 98 -9.03 9.38 12.62
C LEU A 98 -8.89 10.17 13.92
N ASN B 20 -4.46 -6.18 -16.59
CA ASN B 20 -3.30 -5.40 -17.09
C ASN B 20 -2.60 -4.70 -15.92
N GLU B 21 -3.12 -3.58 -15.48
CA GLU B 21 -2.47 -2.87 -14.34
C GLU B 21 -2.24 -3.85 -13.18
N ASN B 22 -2.80 -5.03 -13.28
CA ASN B 22 -2.61 -6.02 -12.19
C ASN B 22 -1.12 -6.19 -11.91
N ILE B 23 -0.32 -6.38 -12.92
CA ILE B 23 1.14 -6.55 -12.69
C ILE B 23 1.67 -5.36 -11.90
N LEU B 24 1.05 -4.22 -12.02
CA LEU B 24 1.52 -3.03 -11.26
C LEU B 24 1.11 -3.20 -9.81
N LYS B 25 0.00 -3.84 -9.57
CA LYS B 25 -0.48 -4.05 -8.17
C LYS B 25 0.45 -5.04 -7.44
N LEU B 26 0.65 -6.20 -7.99
CA LEU B 26 1.52 -7.20 -7.32
C LEU B 26 2.93 -6.63 -7.22
N LYS B 27 3.38 -5.94 -8.24
CA LYS B 27 4.74 -5.35 -8.18
C LYS B 27 4.77 -4.35 -7.03
N LEU B 28 3.66 -3.69 -6.79
CA LEU B 28 3.61 -2.71 -5.68
C LEU B 28 3.87 -3.45 -4.36
N TYR B 29 2.96 -4.28 -3.94
CA TYR B 29 3.17 -5.03 -2.67
C TYR B 29 4.56 -5.68 -2.69
N ARG B 30 4.99 -6.15 -3.82
CA ARG B 30 6.34 -6.78 -3.88
C ARG B 30 7.39 -5.77 -3.38
N SER B 31 7.14 -4.51 -3.56
CA SER B 31 8.10 -3.48 -3.08
C SER B 31 8.04 -3.39 -1.56
N LEU B 32 6.98 -3.88 -0.97
CA LEU B 32 6.83 -3.81 0.51
C LEU B 32 7.54 -5.02 1.15
N GLY B 33 8.04 -5.93 0.37
CA GLY B 33 8.72 -7.12 0.96
C GLY B 33 7.69 -8.18 1.35
N VAL B 34 6.51 -8.15 0.76
CA VAL B 34 5.47 -9.18 1.10
C VAL B 34 5.38 -10.20 -0.04
N ILE B 35 5.29 -11.47 0.28
CA ILE B 35 5.15 -12.52 -0.77
C ILE B 35 3.92 -13.35 -0.43
N LEU B 36 2.76 -12.89 -0.82
CA LEU B 36 1.51 -13.60 -0.50
C LEU B 36 1.52 -15.02 -1.07
N ASP B 37 0.89 -15.94 -0.39
CA ASP B 37 0.86 -17.35 -0.86
C ASP B 37 -0.53 -17.95 -0.60
N LEU B 38 -1.38 -17.95 -1.60
CA LEU B 38 -2.75 -18.51 -1.42
C LEU B 38 -2.73 -20.01 -1.67
N GLU B 39 -1.64 -20.67 -1.38
CA GLU B 39 -1.59 -22.15 -1.58
C GLU B 39 -1.94 -22.80 -0.26
N ASN B 40 -2.26 -21.99 0.70
CA ASN B 40 -2.66 -22.48 2.05
C ASN B 40 -3.10 -21.29 2.91
N ASP B 41 -3.55 -20.22 2.31
CA ASP B 41 -4.01 -19.04 3.09
C ASP B 41 -2.89 -18.54 4.02
N GLN B 42 -1.76 -18.18 3.47
CA GLN B 42 -0.64 -17.69 4.33
C GLN B 42 0.08 -16.53 3.64
N VAL B 43 0.66 -15.64 4.40
CA VAL B 43 1.41 -14.50 3.81
C VAL B 43 2.88 -14.69 4.13
N LEU B 44 3.75 -14.58 3.16
CA LEU B 44 5.20 -14.75 3.44
C LEU B 44 5.82 -13.39 3.48
N ILE B 45 6.94 -13.24 4.12
CA ILE B 45 7.57 -11.90 4.20
C ILE B 45 9.07 -11.98 4.20
N ASN B 46 9.70 -10.90 3.80
CA ASN B 46 11.18 -10.84 3.77
C ASN B 46 11.66 -9.52 4.39
N ARG B 47 11.82 -9.49 5.69
CA ARG B 47 12.30 -8.24 6.35
C ARG B 47 13.72 -7.93 5.89
N LYS B 48 14.05 -6.67 5.72
CA LYS B 48 15.43 -6.32 5.27
C LYS B 48 16.41 -6.84 6.31
N ASN B 49 16.09 -6.69 7.56
CA ASN B 49 16.99 -7.18 8.64
C ASN B 49 16.13 -7.84 9.72
N ASP B 50 16.73 -8.51 10.66
CA ASP B 50 15.91 -9.17 11.72
C ASP B 50 15.11 -10.31 11.09
N GLY B 51 15.49 -11.53 11.38
CA GLY B 51 14.75 -12.69 10.80
C GLY B 51 15.13 -12.86 9.33
N ASN B 52 15.22 -11.78 8.59
CA ASN B 52 15.58 -11.88 7.14
C ASN B 52 14.42 -12.50 6.37
N ILE B 53 13.73 -13.43 6.96
CA ILE B 53 12.57 -14.08 6.27
C ILE B 53 11.51 -14.44 7.29
N ASP B 54 10.26 -14.11 7.03
CA ASP B 54 9.20 -14.43 8.02
C ASP B 54 7.97 -15.02 7.31
N ILE B 55 7.18 -15.75 8.04
CA ILE B 55 5.96 -16.37 7.45
C ILE B 55 4.78 -16.12 8.38
N LEU B 56 3.60 -15.88 7.85
CA LEU B 56 2.42 -15.62 8.74
C LEU B 56 1.18 -16.32 8.18
N PRO B 57 0.61 -17.29 8.87
CA PRO B 57 -0.61 -17.99 8.38
C PRO B 57 -1.87 -17.14 8.58
N LEU B 58 -2.73 -17.08 7.61
CA LEU B 58 -3.96 -16.26 7.75
C LEU B 58 -4.89 -16.93 8.78
N ASP B 59 -5.38 -16.16 9.71
CA ASP B 59 -6.29 -16.73 10.75
C ASP B 59 -7.47 -15.77 10.95
N ASN B 60 -8.65 -16.30 11.20
CA ASN B 60 -9.83 -15.43 11.38
C ASN B 60 -10.10 -15.24 12.89
N ASN B 61 -9.26 -15.80 13.72
CA ASN B 61 -9.47 -15.65 15.19
C ASN B 61 -8.66 -14.44 15.70
N LEU B 62 -7.80 -13.90 14.88
CA LEU B 62 -6.98 -12.72 15.31
C LEU B 62 -7.21 -11.57 14.33
N SER B 63 -7.24 -10.36 14.82
CA SER B 63 -7.46 -9.20 13.91
C SER B 63 -6.42 -9.23 12.79
N ASP B 64 -6.78 -9.80 11.66
CA ASP B 64 -5.81 -9.88 10.53
C ASP B 64 -5.37 -8.46 10.15
N PHE B 65 -6.27 -7.52 10.19
CA PHE B 65 -5.91 -6.12 9.82
C PHE B 65 -4.79 -5.62 10.74
N TYR B 66 -4.85 -5.95 12.00
CA TYR B 66 -3.78 -5.49 12.93
C TYR B 66 -2.47 -6.20 12.60
N LYS B 67 -2.51 -7.48 12.39
CA LYS B 67 -1.26 -8.22 12.06
C LYS B 67 -0.69 -7.68 10.75
N THR B 68 -1.52 -7.48 9.77
CA THR B 68 -1.01 -6.94 8.47
C THR B 68 -0.32 -5.61 8.71
N LYS B 69 -0.84 -4.81 9.61
CA LYS B 69 -0.19 -3.50 9.88
C LYS B 69 1.10 -3.72 10.67
N TYR B 70 1.18 -4.82 11.38
CA TYR B 70 2.41 -5.10 12.17
C TYR B 70 3.56 -5.51 11.24
N ILE B 71 3.33 -6.49 10.39
CA ILE B 71 4.43 -6.91 9.47
C ILE B 71 4.78 -5.77 8.52
N TRP B 72 3.79 -5.06 8.08
CA TRP B 72 4.03 -3.93 7.15
C TRP B 72 4.78 -2.81 7.88
N GLU B 73 4.51 -2.60 9.13
CA GLU B 73 5.25 -1.54 9.87
C GLU B 73 6.70 -1.99 10.05
N ARG B 74 6.93 -3.27 10.24
CA ARG B 74 8.32 -3.77 10.41
C ARG B 74 9.02 -3.82 9.05
N LEU B 75 8.29 -4.18 8.02
CA LEU B 75 8.92 -4.24 6.67
C LEU B 75 9.47 -2.87 6.35
N GLY B 76 8.76 -1.84 6.72
CA GLY B 76 9.27 -0.48 6.46
C GLY B 76 10.57 -0.28 7.26
N LYS B 77 11.05 -1.32 7.93
CA LYS B 77 12.30 -1.17 8.72
C LYS B 77 12.78 -2.54 9.17
N ASN A 10 -8.00 -19.47 -6.69
CA ASN A 10 -7.90 -19.05 -8.12
C ASN A 10 -7.32 -17.63 -8.19
N ASP A 11 -7.03 -17.15 -9.37
CA ASP A 11 -6.48 -15.78 -9.50
C ASP A 11 -7.45 -14.78 -8.89
N ALA A 12 -8.73 -15.01 -9.02
CA ALA A 12 -9.72 -14.06 -8.45
C ALA A 12 -9.60 -14.05 -6.93
N ALA A 13 -9.46 -15.19 -6.32
CA ALA A 13 -9.32 -15.21 -4.83
C ALA A 13 -8.00 -14.52 -4.47
N GLU A 14 -6.93 -14.86 -5.15
CA GLU A 14 -5.63 -14.22 -4.86
C GLU A 14 -5.79 -12.70 -5.00
N VAL A 15 -6.28 -12.24 -6.13
CA VAL A 15 -6.48 -10.78 -6.34
C VAL A 15 -7.43 -10.23 -5.27
N ALA A 16 -8.31 -11.06 -4.75
CA ALA A 16 -9.24 -10.58 -3.70
C ALA A 16 -8.44 -10.15 -2.48
N LEU A 17 -7.53 -10.96 -2.04
CA LEU A 17 -6.71 -10.57 -0.86
C LEU A 17 -5.78 -9.41 -1.23
N TYR A 18 -5.41 -9.31 -2.49
CA TYR A 18 -4.53 -8.18 -2.92
C TYR A 18 -5.25 -6.85 -2.68
N GLU A 19 -6.53 -6.81 -2.93
CA GLU A 19 -7.27 -5.51 -2.75
C GLU A 19 -7.84 -5.39 -1.32
N ARG A 20 -8.68 -6.30 -0.93
CA ARG A 20 -9.29 -6.22 0.43
C ARG A 20 -8.22 -6.18 1.53
N LEU A 21 -7.19 -6.96 1.41
CA LEU A 21 -6.15 -6.97 2.48
C LEU A 21 -5.33 -5.68 2.49
N LEU A 22 -4.94 -5.19 1.35
CA LEU A 22 -4.11 -3.94 1.33
C LEU A 22 -4.99 -2.69 1.48
N GLN A 23 -6.28 -2.83 1.42
CA GLN A 23 -7.15 -1.63 1.53
C GLN A 23 -6.64 -0.57 0.57
N LEU A 24 -6.05 -1.01 -0.50
CA LEU A 24 -5.51 -0.05 -1.51
C LEU A 24 -6.00 -0.49 -2.89
N ARG A 25 -6.71 0.37 -3.58
CA ARG A 25 -7.22 0.02 -4.92
C ARG A 25 -6.57 0.94 -5.96
N VAL A 26 -6.11 0.40 -7.05
CA VAL A 26 -5.47 1.22 -8.10
C VAL A 26 -6.56 1.68 -9.07
N LEU A 27 -6.80 2.95 -9.13
CA LEU A 27 -7.85 3.49 -10.04
C LEU A 27 -7.21 4.51 -11.01
N PRO A 28 -6.96 4.15 -12.26
CA PRO A 28 -6.35 5.11 -13.21
C PRO A 28 -7.25 6.34 -13.42
N GLY A 29 -6.67 7.50 -13.49
CA GLY A 29 -7.49 8.73 -13.69
C GLY A 29 -8.32 8.59 -14.96
N ALA A 30 -7.75 8.07 -16.01
CA ALA A 30 -8.52 7.91 -17.28
C ALA A 30 -7.75 6.97 -18.22
N SER A 31 -6.63 6.48 -17.79
CA SER A 31 -5.83 5.56 -18.65
C SER A 31 -5.28 6.34 -19.85
N ASP A 32 -6.13 7.06 -20.54
CA ASP A 32 -5.65 7.84 -21.71
C ASP A 32 -4.49 8.75 -21.27
N VAL A 33 -4.58 9.30 -20.09
CA VAL A 33 -3.51 10.19 -19.58
C VAL A 33 -2.83 9.53 -18.38
N HIS A 34 -1.52 9.51 -18.36
CA HIS A 34 -0.80 8.87 -17.23
C HIS A 34 -1.33 9.42 -15.89
N ASP A 35 -2.28 8.75 -15.30
CA ASP A 35 -2.84 9.23 -14.01
C ASP A 35 -3.16 8.04 -13.10
N VAL A 36 -2.52 7.95 -11.97
CA VAL A 36 -2.78 6.81 -11.03
C VAL A 36 -3.41 7.34 -9.74
N ARG A 37 -4.57 6.84 -9.42
CA ARG A 37 -5.28 7.30 -8.19
C ARG A 37 -5.23 6.20 -7.12
N PHE A 38 -4.46 6.40 -6.09
CA PHE A 38 -4.39 5.39 -5.00
C PHE A 38 -5.56 5.61 -4.06
N VAL A 39 -6.43 4.64 -3.94
CA VAL A 39 -7.63 4.81 -3.04
C VAL A 39 -7.51 3.94 -1.79
N PHE A 40 -7.70 4.52 -0.63
CA PHE A 40 -7.62 3.73 0.64
C PHE A 40 -9.03 3.24 1.02
N GLY A 41 -9.24 1.95 1.05
CA GLY A 41 -10.58 1.40 1.40
C GLY A 41 -10.86 1.58 2.89
N ASP A 42 -10.87 2.79 3.37
CA ASP A 42 -11.13 3.02 4.82
C ASP A 42 -11.41 4.50 5.01
N ASP A 43 -12.39 4.83 5.81
CA ASP A 43 -12.75 6.27 6.00
C ASP A 43 -13.61 6.71 4.83
N SER A 44 -14.02 7.94 4.77
CA SER A 44 -14.89 8.41 3.63
C SER A 44 -14.20 8.21 2.29
N ARG A 45 -13.76 7.02 1.97
CA ARG A 45 -13.06 6.81 0.68
C ARG A 45 -11.99 7.89 0.56
N CYS A 46 -10.79 7.60 0.99
CA CYS A 46 -9.71 8.62 0.89
C CYS A 46 -8.75 8.23 -0.23
N TRP A 47 -8.24 9.17 -0.95
CA TRP A 47 -7.34 8.81 -2.08
C TRP A 47 -6.38 9.95 -2.42
N ILE A 48 -5.26 9.61 -3.00
CA ILE A 48 -4.26 10.63 -3.43
C ILE A 48 -3.87 10.33 -4.88
N GLU A 49 -3.74 11.33 -5.72
CA GLU A 49 -3.39 11.07 -7.15
C GLU A 49 -1.94 11.48 -7.42
N VAL A 50 -1.19 10.61 -8.03
CA VAL A 50 0.24 10.95 -8.34
C VAL A 50 0.85 9.82 -9.16
N ALA A 51 1.34 10.13 -10.33
CA ALA A 51 1.96 9.07 -11.20
C ALA A 51 3.48 9.18 -11.14
N MET A 52 4.17 8.10 -11.36
CA MET A 52 5.66 8.14 -11.31
C MET A 52 6.19 8.98 -12.47
N HIS A 53 5.51 9.00 -13.57
CA HIS A 53 5.97 9.80 -14.74
C HIS A 53 5.63 11.27 -14.52
N GLY A 54 4.40 11.57 -14.18
CA GLY A 54 4.01 12.99 -13.98
C GLY A 54 4.37 13.45 -12.56
N ASP A 55 5.40 14.23 -12.43
CA ASP A 55 5.81 14.71 -11.08
C ASP A 55 5.11 16.06 -10.82
N HIS A 56 4.31 16.12 -9.78
CA HIS A 56 3.60 17.40 -9.47
C HIS A 56 3.69 17.69 -7.97
N VAL A 57 3.80 18.93 -7.61
CA VAL A 57 3.90 19.28 -6.16
C VAL A 57 2.64 18.81 -5.44
N ILE A 58 1.49 18.98 -6.05
CA ILE A 58 0.23 18.54 -5.38
C ILE A 58 -0.90 18.41 -6.41
N GLY A 59 -1.23 17.21 -6.80
CA GLY A 59 -2.34 17.01 -7.79
C GLY A 59 -3.67 16.99 -7.03
N ASN A 60 -4.36 15.87 -7.03
CA ASN A 60 -5.66 15.79 -6.29
C ASN A 60 -5.40 15.12 -4.93
N SER A 61 -6.00 15.63 -3.88
CA SER A 61 -5.79 15.02 -2.54
C SER A 61 -7.09 14.98 -1.76
N HIS A 62 -7.45 13.84 -1.25
CA HIS A 62 -8.71 13.72 -0.45
C HIS A 62 -8.49 12.73 0.69
N PRO A 63 -7.73 13.11 1.69
CA PRO A 63 -7.44 12.23 2.85
C PRO A 63 -8.52 12.35 3.94
N ALA A 64 -8.32 13.22 4.90
CA ALA A 64 -9.33 13.40 5.99
C ALA A 64 -8.70 14.20 7.13
N LEU A 65 -7.73 15.02 6.83
CA LEU A 65 -7.08 15.84 7.89
C LEU A 65 -6.68 17.19 7.30
N ASP A 66 -5.64 17.24 6.51
CA ASP A 66 -5.20 18.52 5.89
C ASP A 66 -4.09 18.24 4.87
N PRO A 67 -3.87 19.13 3.94
CA PRO A 67 -2.80 18.93 2.92
C PRO A 67 -1.45 18.55 3.55
N LYS A 68 -1.32 18.71 4.84
CA LYS A 68 -0.03 18.36 5.51
C LYS A 68 0.32 16.91 5.18
N SER A 69 -0.63 16.02 5.25
CA SER A 69 -0.34 14.59 4.94
C SER A 69 0.24 14.48 3.53
N ARG A 70 -0.50 14.87 2.54
CA ARG A 70 0.04 14.77 1.15
C ARG A 70 1.39 15.48 1.08
N ALA A 71 1.47 16.68 1.60
CA ALA A 71 2.76 17.42 1.57
C ALA A 71 3.87 16.56 2.17
N THR A 72 3.82 16.31 3.45
CA THR A 72 4.89 15.48 4.09
C THR A 72 5.07 14.17 3.33
N LEU A 73 4.02 13.64 2.76
CA LEU A 73 4.14 12.36 2.01
C LEU A 73 5.02 12.57 0.79
N GLU A 74 4.83 13.65 0.07
CA GLU A 74 5.65 13.92 -1.13
C GLU A 74 7.11 14.14 -0.72
N HIS A 75 7.33 15.08 0.15
CA HIS A 75 8.73 15.35 0.60
C HIS A 75 9.36 14.05 1.11
N VAL A 76 8.58 13.21 1.72
CA VAL A 76 9.12 11.92 2.25
C VAL A 76 9.68 11.08 1.11
N LEU A 77 8.92 10.86 0.08
CA LEU A 77 9.40 10.01 -1.04
C LEU A 77 10.66 10.61 -1.71
N THR A 78 10.66 11.88 -1.98
CA THR A 78 11.85 12.48 -2.66
C THR A 78 13.01 12.62 -1.68
N VAL A 79 12.72 12.73 -0.41
CA VAL A 79 13.81 12.91 0.58
C VAL A 79 14.38 11.55 1.05
N GLN A 80 13.56 10.55 1.26
CA GLN A 80 14.11 9.25 1.76
C GLN A 80 14.53 8.32 0.62
N GLY A 81 13.90 8.39 -0.50
CA GLY A 81 14.28 7.49 -1.62
C GLY A 81 13.86 6.05 -1.29
N ASP A 82 13.52 5.80 -0.05
CA ASP A 82 13.08 4.43 0.33
C ASP A 82 11.57 4.38 0.17
N LEU A 83 11.11 3.89 -0.94
CA LEU A 83 9.65 3.83 -1.18
C LEU A 83 8.98 3.06 -0.04
N ALA A 84 9.76 2.50 0.84
CA ALA A 84 9.13 1.75 1.98
C ALA A 84 8.66 2.74 3.04
N ALA A 85 9.47 3.71 3.38
CA ALA A 85 9.06 4.68 4.43
C ALA A 85 7.90 5.53 3.92
N PHE A 86 7.69 5.58 2.63
CA PHE A 86 6.55 6.39 2.12
C PHE A 86 5.23 5.63 2.37
N LEU A 87 5.00 4.49 1.77
CA LEU A 87 3.72 3.77 2.03
C LEU A 87 3.60 3.48 3.53
N VAL A 88 4.67 3.08 4.18
CA VAL A 88 4.57 2.78 5.63
C VAL A 88 4.05 4.04 6.35
N VAL A 89 4.60 5.18 6.06
CA VAL A 89 4.12 6.43 6.71
C VAL A 89 2.73 6.79 6.16
N ALA A 90 2.40 6.32 4.97
CA ALA A 90 1.06 6.61 4.38
C ALA A 90 -0.02 5.93 5.24
N ARG A 91 0.20 4.70 5.61
CA ARG A 91 -0.79 3.97 6.45
C ARG A 91 -0.84 4.65 7.82
N ASP A 92 0.29 4.81 8.46
CA ASP A 92 0.28 5.47 9.80
C ASP A 92 -0.44 6.81 9.67
N MET A 93 -0.27 7.48 8.57
CA MET A 93 -0.95 8.80 8.40
C MET A 93 -2.46 8.58 8.24
N LEU A 94 -2.86 7.51 7.60
CA LEU A 94 -4.32 7.25 7.42
C LEU A 94 -4.98 7.14 8.80
N LEU A 95 -4.42 6.34 9.67
CA LEU A 95 -5.01 6.18 11.02
C LEU A 95 -4.93 7.52 11.77
N ALA A 96 -3.85 8.22 11.59
CA ALA A 96 -3.68 9.53 12.27
C ALA A 96 -4.82 10.46 11.84
N SER A 97 -5.37 10.26 10.68
CA SER A 97 -6.48 11.12 10.22
C SER A 97 -7.69 10.95 11.13
N LEU A 98 -7.93 9.73 11.57
CA LEU A 98 -9.09 9.47 12.47
C LEU A 98 -8.59 8.84 13.77
N ASN B 20 -6.44 -6.98 -15.45
CA ASN B 20 -5.23 -6.62 -16.21
C ASN B 20 -4.23 -5.92 -15.28
N GLU B 21 -4.48 -4.68 -14.95
CA GLU B 21 -3.53 -3.95 -14.05
C GLU B 21 -3.21 -4.80 -12.81
N ASN B 22 -3.91 -5.90 -12.63
CA ASN B 22 -3.64 -6.76 -11.44
C ASN B 22 -2.12 -6.96 -11.30
N ILE B 23 -1.43 -7.13 -12.40
CA ILE B 23 0.04 -7.32 -12.33
C ILE B 23 0.68 -6.10 -11.66
N LEU B 24 0.13 -4.94 -11.90
CA LEU B 24 0.69 -3.71 -11.27
C LEU B 24 0.45 -3.79 -9.76
N LYS B 25 -0.72 -4.24 -9.37
CA LYS B 25 -1.01 -4.35 -7.92
C LYS B 25 0.03 -5.28 -7.29
N LEU B 26 0.32 -6.37 -7.95
CA LEU B 26 1.34 -7.31 -7.41
C LEU B 26 2.67 -6.58 -7.31
N LYS B 27 2.95 -5.69 -8.22
CA LYS B 27 4.22 -4.93 -8.17
C LYS B 27 4.26 -4.15 -6.85
N LEU B 28 3.15 -3.59 -6.45
CA LEU B 28 3.12 -2.83 -5.17
C LEU B 28 3.43 -3.78 -4.02
N TYR B 29 2.81 -4.94 -4.02
CA TYR B 29 3.05 -5.92 -2.93
C TYR B 29 4.54 -6.28 -2.88
N ARG B 30 5.13 -6.59 -4.00
CA ARG B 30 6.57 -6.94 -4.02
C ARG B 30 7.39 -5.79 -3.43
N SER B 31 7.00 -4.58 -3.71
CA SER B 31 7.75 -3.41 -3.16
C SER B 31 7.70 -3.46 -1.64
N LEU B 32 6.67 -4.04 -1.08
CA LEU B 32 6.58 -4.12 0.40
C LEU B 32 7.36 -5.33 0.93
N GLY B 33 7.87 -6.15 0.06
CA GLY B 33 8.62 -7.34 0.56
C GLY B 33 7.62 -8.41 0.97
N VAL B 34 6.42 -8.37 0.44
CA VAL B 34 5.40 -9.40 0.77
C VAL B 34 5.40 -10.43 -0.36
N ILE B 35 5.20 -11.69 -0.06
CA ILE B 35 5.18 -12.72 -1.13
C ILE B 35 4.05 -13.70 -0.83
N LEU B 36 2.85 -13.36 -1.25
CA LEU B 36 1.68 -14.23 -0.98
C LEU B 36 1.81 -15.59 -1.65
N ASP B 37 1.21 -16.59 -1.05
CA ASP B 37 1.27 -17.96 -1.65
C ASP B 37 -0.01 -18.72 -1.31
N LEU B 38 -0.80 -19.06 -2.31
CA LEU B 38 -2.06 -19.79 -2.05
C LEU B 38 -1.76 -21.29 -1.95
N GLU B 39 -0.51 -21.63 -1.84
CA GLU B 39 -0.14 -23.08 -1.75
C GLU B 39 -0.60 -23.65 -0.42
N ASN B 40 -1.27 -22.85 0.33
CA ASN B 40 -1.78 -23.28 1.67
C ASN B 40 -2.37 -22.06 2.41
N ASP B 41 -2.90 -21.10 1.69
CA ASP B 41 -3.47 -19.90 2.36
C ASP B 41 -2.43 -19.32 3.33
N GLN B 42 -1.28 -18.92 2.83
CA GLN B 42 -0.24 -18.35 3.74
C GLN B 42 0.41 -17.11 3.10
N VAL B 43 0.84 -16.18 3.91
CA VAL B 43 1.51 -14.96 3.38
C VAL B 43 3.00 -15.06 3.70
N LEU B 44 3.86 -14.96 2.72
CA LEU B 44 5.32 -15.06 3.01
C LEU B 44 5.88 -13.65 3.03
N ILE B 45 6.98 -13.46 3.70
CA ILE B 45 7.55 -12.08 3.78
C ILE B 45 9.06 -12.09 3.90
N ASN B 46 9.63 -10.96 3.57
CA ASN B 46 11.10 -10.78 3.67
C ASN B 46 11.38 -9.48 4.43
N ARG B 47 12.19 -9.54 5.45
CA ARG B 47 12.50 -8.30 6.25
C ARG B 47 13.90 -7.79 5.92
N LYS B 48 14.03 -6.50 5.70
CA LYS B 48 15.35 -5.93 5.39
C LYS B 48 16.28 -6.08 6.60
N ASN B 49 15.78 -5.81 7.77
CA ASN B 49 16.62 -5.93 8.99
C ASN B 49 17.09 -7.38 9.14
N ASP B 50 17.58 -7.73 10.30
CA ASP B 50 18.06 -9.13 10.50
C ASP B 50 16.85 -10.07 10.67
N GLY B 51 16.32 -10.56 9.58
CA GLY B 51 15.15 -11.47 9.65
C GLY B 51 15.28 -12.54 8.57
N ASN B 52 16.05 -12.27 7.55
CA ASN B 52 16.23 -13.26 6.44
C ASN B 52 14.90 -13.52 5.73
N ILE B 53 13.93 -14.07 6.41
CA ILE B 53 12.62 -14.34 5.76
C ILE B 53 11.57 -14.65 6.82
N ASP B 54 10.33 -14.28 6.59
CA ASP B 54 9.27 -14.55 7.60
C ASP B 54 8.06 -15.18 6.91
N ILE B 55 7.30 -15.96 7.62
CA ILE B 55 6.10 -16.61 7.03
C ILE B 55 4.90 -16.39 7.96
N LEU B 56 3.72 -16.22 7.42
CA LEU B 56 2.53 -16.00 8.30
C LEU B 56 1.29 -16.73 7.77
N PRO B 57 1.04 -17.94 8.20
CA PRO B 57 -0.14 -18.72 7.75
C PRO B 57 -1.44 -17.95 8.01
N LEU B 58 -2.41 -18.07 7.15
CA LEU B 58 -3.69 -17.33 7.36
C LEU B 58 -4.59 -18.11 8.32
N ASP B 59 -5.09 -17.45 9.33
CA ASP B 59 -5.97 -18.15 10.32
C ASP B 59 -7.07 -17.19 10.77
N ASN B 60 -8.17 -17.72 11.24
CA ASN B 60 -9.27 -16.82 11.71
C ASN B 60 -9.13 -16.56 13.21
N ASN B 61 -9.11 -15.32 13.61
CA ASN B 61 -8.98 -14.99 15.05
C ASN B 61 -9.33 -13.52 15.28
N LEU B 62 -10.06 -12.94 14.37
CA LEU B 62 -10.44 -11.50 14.53
C LEU B 62 -9.19 -10.67 14.86
N SER B 63 -8.45 -10.29 13.86
CA SER B 63 -7.23 -9.49 14.11
C SER B 63 -6.41 -9.40 12.80
N ASP B 64 -6.99 -9.80 11.71
CA ASP B 64 -6.26 -9.75 10.42
C ASP B 64 -5.76 -8.32 10.17
N PHE B 65 -6.58 -7.34 10.47
CA PHE B 65 -6.15 -5.92 10.25
C PHE B 65 -4.87 -5.66 11.05
N TYR B 66 -4.83 -6.09 12.29
CA TYR B 66 -3.60 -5.86 13.11
C TYR B 66 -2.46 -6.69 12.53
N LYS B 67 -2.76 -7.88 12.08
CA LYS B 67 -1.69 -8.74 11.51
C LYS B 67 -1.01 -8.02 10.35
N THR B 68 -1.76 -7.63 9.36
CA THR B 68 -1.17 -6.92 8.19
C THR B 68 -0.40 -5.70 8.65
N LYS B 69 -0.92 -4.96 9.59
CA LYS B 69 -0.20 -3.75 10.07
C LYS B 69 1.09 -4.16 10.79
N TYR B 70 1.12 -5.34 11.35
CA TYR B 70 2.35 -5.78 12.06
C TYR B 70 3.43 -6.14 11.05
N ILE B 71 3.13 -6.96 10.08
CA ILE B 71 4.17 -7.33 9.09
C ILE B 71 4.50 -6.14 8.22
N TRP B 72 3.52 -5.35 7.89
CA TRP B 72 3.75 -4.17 7.02
C TRP B 72 4.48 -3.07 7.80
N GLU B 73 4.13 -2.85 9.03
CA GLU B 73 4.85 -1.79 9.80
C GLU B 73 6.29 -2.24 10.05
N ARG B 74 6.51 -3.51 10.22
CA ARG B 74 7.89 -4.01 10.46
C ARG B 74 8.63 -4.14 9.13
N LEU B 75 7.91 -4.38 8.06
CA LEU B 75 8.58 -4.50 6.74
C LEU B 75 9.22 -3.15 6.46
N GLY B 76 8.54 -2.09 6.84
CA GLY B 76 9.12 -0.74 6.62
C GLY B 76 10.53 -0.69 7.21
N LYS B 77 10.94 -1.72 7.90
CA LYS B 77 12.31 -1.71 8.50
C LYS B 77 12.80 -3.15 8.67
N ASN A 10 -7.97 -19.01 -8.16
CA ASN A 10 -8.20 -18.26 -9.43
C ASN A 10 -7.69 -16.82 -9.27
N ASP A 11 -7.38 -16.17 -10.35
CA ASP A 11 -6.89 -14.76 -10.25
C ASP A 11 -7.86 -13.94 -9.41
N ALA A 12 -9.12 -14.29 -9.44
CA ALA A 12 -10.12 -13.51 -8.65
C ALA A 12 -9.85 -13.73 -7.15
N ALA A 13 -9.50 -14.93 -6.76
CA ALA A 13 -9.21 -15.17 -5.32
C ALA A 13 -7.96 -14.39 -4.93
N GLU A 14 -6.93 -14.47 -5.72
CA GLU A 14 -5.68 -13.71 -5.43
C GLU A 14 -6.02 -12.22 -5.31
N VAL A 15 -6.69 -11.69 -6.29
CA VAL A 15 -7.07 -10.25 -6.27
C VAL A 15 -7.98 -9.96 -5.07
N ALA A 16 -8.69 -10.95 -4.58
CA ALA A 16 -9.59 -10.70 -3.42
C ALA A 16 -8.73 -10.47 -2.17
N LEU A 17 -7.74 -11.30 -1.96
CA LEU A 17 -6.87 -11.12 -0.76
C LEU A 17 -6.02 -9.86 -0.94
N TYR A 18 -5.58 -9.60 -2.15
CA TYR A 18 -4.76 -8.38 -2.40
C TYR A 18 -5.56 -7.12 -2.04
N GLU A 19 -6.82 -7.10 -2.34
CA GLU A 19 -7.63 -5.87 -2.04
C GLU A 19 -8.24 -5.94 -0.63
N ARG A 20 -8.99 -6.97 -0.36
CA ARG A 20 -9.66 -7.09 0.97
C ARG A 20 -8.67 -6.89 2.13
N LEU A 21 -7.46 -7.40 2.02
CA LEU A 21 -6.52 -7.25 3.18
C LEU A 21 -5.61 -6.01 3.07
N LEU A 22 -5.28 -5.57 1.89
CA LEU A 22 -4.38 -4.37 1.78
C LEU A 22 -5.20 -3.09 1.92
N GLN A 23 -6.50 -3.17 1.83
CA GLN A 23 -7.31 -1.92 1.94
C GLN A 23 -6.75 -0.90 0.97
N LEU A 24 -6.25 -1.35 -0.14
CA LEU A 24 -5.67 -0.43 -1.14
C LEU A 24 -6.03 -0.92 -2.55
N ARG A 25 -6.58 -0.06 -3.36
CA ARG A 25 -6.95 -0.45 -4.75
C ARG A 25 -6.34 0.53 -5.75
N VAL A 26 -5.99 0.05 -6.91
CA VAL A 26 -5.40 0.94 -7.95
C VAL A 26 -6.48 1.37 -8.92
N LEU A 27 -6.75 2.64 -8.97
CA LEU A 27 -7.78 3.16 -9.90
C LEU A 27 -7.12 4.15 -10.89
N PRO A 28 -6.78 3.73 -12.09
CA PRO A 28 -6.14 4.66 -13.06
C PRO A 28 -7.09 5.79 -13.45
N GLY A 29 -6.58 6.99 -13.54
CA GLY A 29 -7.47 8.13 -13.92
C GLY A 29 -7.97 7.92 -15.35
N ALA A 30 -7.08 7.92 -16.31
CA ALA A 30 -7.51 7.73 -17.72
C ALA A 30 -6.31 7.29 -18.57
N SER A 31 -6.54 6.43 -19.52
CA SER A 31 -5.41 5.97 -20.38
C SER A 31 -4.85 7.16 -21.16
N ASP A 32 -5.67 8.14 -21.42
CA ASP A 32 -5.17 9.33 -22.18
C ASP A 32 -3.94 9.91 -21.50
N VAL A 33 -3.92 9.92 -20.19
CA VAL A 33 -2.75 10.47 -19.45
C VAL A 33 -2.39 9.53 -18.29
N HIS A 34 -1.13 9.36 -18.02
CA HIS A 34 -0.71 8.47 -16.90
C HIS A 34 -1.20 9.06 -15.57
N ASP A 35 -2.23 8.49 -15.02
CA ASP A 35 -2.76 9.01 -13.72
C ASP A 35 -3.12 7.83 -12.81
N VAL A 36 -2.51 7.75 -11.67
CA VAL A 36 -2.79 6.61 -10.73
C VAL A 36 -3.49 7.14 -9.48
N ARG A 37 -4.66 6.61 -9.20
CA ARG A 37 -5.42 7.06 -8.00
C ARG A 37 -5.39 5.94 -6.94
N PHE A 38 -4.69 6.16 -5.85
CA PHE A 38 -4.65 5.12 -4.79
C PHE A 38 -5.88 5.28 -3.89
N VAL A 39 -6.70 4.27 -3.79
CA VAL A 39 -7.92 4.36 -2.93
C VAL A 39 -7.73 3.52 -1.67
N PHE A 40 -7.88 4.12 -0.51
CA PHE A 40 -7.70 3.36 0.77
C PHE A 40 -9.08 2.99 1.34
N GLY A 41 -9.38 1.72 1.46
CA GLY A 41 -10.70 1.30 2.00
C GLY A 41 -10.75 1.48 3.53
N ASP A 42 -10.51 2.67 4.03
CA ASP A 42 -10.57 2.85 5.51
C ASP A 42 -11.99 3.26 5.88
N ASP A 43 -12.26 4.52 5.86
CA ASP A 43 -13.63 5.00 6.17
C ASP A 43 -13.87 6.34 5.46
N SER A 44 -15.08 6.61 5.01
CA SER A 44 -15.34 7.89 4.31
C SER A 44 -14.70 7.90 2.93
N ARG A 45 -14.21 6.77 2.48
CA ARG A 45 -13.56 6.71 1.14
C ARG A 45 -12.41 7.69 1.11
N CYS A 46 -11.18 7.22 1.15
CA CYS A 46 -10.03 8.15 1.14
C CYS A 46 -9.11 7.80 -0.02
N TRP A 47 -8.59 8.78 -0.71
CA TRP A 47 -7.70 8.46 -1.87
C TRP A 47 -6.78 9.62 -2.20
N ILE A 48 -5.68 9.32 -2.85
CA ILE A 48 -4.71 10.39 -3.25
C ILE A 48 -4.15 10.02 -4.63
N GLU A 49 -4.06 10.96 -5.53
CA GLU A 49 -3.53 10.67 -6.90
C GLU A 49 -2.10 11.16 -7.04
N VAL A 50 -1.30 10.43 -7.77
CA VAL A 50 0.12 10.84 -7.96
C VAL A 50 0.58 10.51 -9.39
N ALA A 51 1.34 11.36 -10.00
CA ALA A 51 1.82 11.08 -11.39
C ALA A 51 2.95 10.08 -11.34
N MET A 52 3.38 9.69 -10.16
CA MET A 52 4.49 8.71 -10.05
C MET A 52 5.70 9.23 -10.84
N HIS A 53 6.67 9.79 -10.16
CA HIS A 53 7.87 10.31 -10.87
C HIS A 53 7.45 11.33 -11.93
N GLY A 54 6.49 12.16 -11.62
CA GLY A 54 6.04 13.17 -12.61
C GLY A 54 6.85 14.45 -12.44
N ASP A 55 6.77 15.36 -13.37
CA ASP A 55 7.54 16.64 -13.24
C ASP A 55 6.71 17.66 -12.48
N HIS A 56 5.51 17.32 -12.11
CA HIS A 56 4.65 18.27 -11.36
C HIS A 56 3.70 17.50 -10.44
N VAL A 57 2.96 18.20 -9.62
CA VAL A 57 2.01 17.50 -8.70
C VAL A 57 0.97 16.76 -9.54
N ILE A 58 0.00 17.46 -10.08
CA ILE A 58 -1.05 16.81 -10.90
C ILE A 58 -1.71 15.68 -10.10
N GLY A 59 -2.92 15.88 -9.66
CA GLY A 59 -3.61 14.81 -8.88
C GLY A 59 -4.51 15.45 -7.82
N ASN A 60 -5.44 14.69 -7.30
CA ASN A 60 -6.37 15.23 -6.25
C ASN A 60 -5.95 14.69 -4.89
N SER A 61 -6.50 15.23 -3.83
CA SER A 61 -6.13 14.75 -2.46
C SER A 61 -7.39 14.69 -1.59
N HIS A 62 -7.68 13.53 -1.06
CA HIS A 62 -8.87 13.40 -0.19
C HIS A 62 -8.57 12.40 0.94
N PRO A 63 -7.75 12.81 1.89
CA PRO A 63 -7.40 11.95 3.04
C PRO A 63 -8.38 12.15 4.20
N ALA A 64 -8.04 13.03 5.12
CA ALA A 64 -8.93 13.30 6.29
C ALA A 64 -8.10 13.98 7.40
N LEU A 65 -7.09 14.72 7.03
CA LEU A 65 -6.25 15.40 8.05
C LEU A 65 -5.81 16.78 7.54
N ASP A 66 -4.61 17.20 7.90
CA ASP A 66 -4.12 18.54 7.45
C ASP A 66 -3.05 18.36 6.36
N PRO A 67 -2.71 19.41 5.63
CA PRO A 67 -1.69 19.31 4.57
C PRO A 67 -0.33 18.82 5.08
N LYS A 68 -0.05 19.01 6.34
CA LYS A 68 1.25 18.55 6.90
C LYS A 68 1.46 17.09 6.50
N SER A 69 0.43 16.30 6.57
CA SER A 69 0.57 14.86 6.20
C SER A 69 0.90 14.76 4.71
N ARG A 70 0.01 15.24 3.88
CA ARG A 70 0.27 15.17 2.40
C ARG A 70 1.65 15.74 2.11
N ALA A 71 2.00 16.83 2.76
CA ALA A 71 3.34 17.44 2.52
C ALA A 71 4.43 16.49 2.99
N THR A 72 4.28 15.90 4.14
CA THR A 72 5.33 14.97 4.66
C THR A 72 5.40 13.73 3.77
N LEU A 73 4.30 13.33 3.19
CA LEU A 73 4.31 12.12 2.32
C LEU A 73 5.15 12.41 1.08
N GLU A 74 4.98 13.55 0.47
CA GLU A 74 5.77 13.88 -0.74
C GLU A 74 7.25 13.94 -0.38
N HIS A 75 7.60 14.76 0.57
CA HIS A 75 9.03 14.87 0.98
C HIS A 75 9.58 13.48 1.31
N VAL A 76 8.76 12.64 1.88
CA VAL A 76 9.23 11.27 2.26
C VAL A 76 9.68 10.50 1.02
N LEU A 77 8.86 10.44 0.01
CA LEU A 77 9.25 9.67 -1.21
C LEU A 77 10.49 10.26 -1.87
N THR A 78 10.58 11.55 -2.03
CA THR A 78 11.78 12.12 -2.72
C THR A 78 12.99 12.10 -1.78
N VAL A 79 12.76 12.12 -0.50
CA VAL A 79 13.91 12.12 0.46
C VAL A 79 14.39 10.69 0.77
N GLN A 80 13.49 9.74 0.94
CA GLN A 80 13.96 8.36 1.30
C GLN A 80 14.28 7.53 0.06
N GLY A 81 13.62 7.75 -1.03
CA GLY A 81 13.91 6.94 -2.25
C GLY A 81 13.46 5.50 -2.02
N ASP A 82 13.08 5.16 -0.81
CA ASP A 82 12.61 3.78 -0.53
C ASP A 82 11.09 3.80 -0.54
N LEU A 83 10.52 3.53 -1.68
CA LEU A 83 9.04 3.57 -1.80
C LEU A 83 8.40 2.75 -0.68
N ALA A 84 9.19 2.02 0.05
CA ALA A 84 8.60 1.21 1.17
C ALA A 84 8.23 2.13 2.32
N ALA A 85 9.08 3.05 2.66
CA ALA A 85 8.79 3.97 3.79
C ALA A 85 7.66 4.92 3.39
N PHE A 86 7.40 5.05 2.12
CA PHE A 86 6.30 5.97 1.71
C PHE A 86 4.93 5.32 1.94
N LEU A 87 4.56 4.25 1.26
CA LEU A 87 3.22 3.65 1.52
C LEU A 87 3.14 3.19 2.97
N VAL A 88 4.24 2.77 3.56
CA VAL A 88 4.18 2.33 4.99
C VAL A 88 3.76 3.55 5.84
N VAL A 89 4.41 4.67 5.65
CA VAL A 89 4.03 5.89 6.43
C VAL A 89 2.66 6.39 5.94
N ALA A 90 2.31 6.15 4.70
CA ALA A 90 0.99 6.58 4.18
C ALA A 90 -0.11 5.81 4.92
N ARG A 91 0.11 4.54 5.12
CA ARG A 91 -0.90 3.71 5.83
C ARG A 91 -1.06 4.20 7.27
N ASP A 92 0.00 4.31 8.02
CA ASP A 92 -0.16 4.78 9.43
C ASP A 92 -0.62 6.24 9.45
N MET A 93 -0.30 6.99 8.43
CA MET A 93 -0.72 8.42 8.39
C MET A 93 -2.23 8.50 8.14
N LEU A 94 -2.73 7.68 7.24
CA LEU A 94 -4.19 7.73 6.94
C LEU A 94 -4.98 7.19 8.14
N LEU A 95 -4.41 6.26 8.88
CA LEU A 95 -5.13 5.72 10.06
C LEU A 95 -5.18 6.77 11.17
N ALA A 96 -4.12 7.50 11.37
CA ALA A 96 -4.11 8.54 12.43
C ALA A 96 -5.25 9.51 12.20
N SER A 97 -5.71 9.66 10.98
CA SER A 97 -6.83 10.60 10.70
C SER A 97 -8.10 10.05 11.36
N LEU A 98 -8.29 8.77 11.35
CA LEU A 98 -9.51 8.17 11.96
C LEU A 98 -9.40 8.25 13.48
N ASN B 20 -3.30 -5.93 -17.66
CA ASN B 20 -2.03 -5.15 -17.82
C ASN B 20 -1.65 -4.49 -16.49
N GLU B 21 -2.39 -3.51 -16.07
CA GLU B 21 -2.07 -2.83 -14.79
C GLU B 21 -1.94 -3.86 -13.67
N ASN B 22 -2.26 -5.09 -13.92
CA ASN B 22 -2.15 -6.12 -12.86
C ASN B 22 -0.69 -6.26 -12.43
N ILE B 23 0.21 -6.43 -13.37
CA ILE B 23 1.65 -6.56 -12.99
C ILE B 23 2.07 -5.37 -12.13
N LEU B 24 1.41 -4.26 -12.26
CA LEU B 24 1.78 -3.07 -11.44
C LEU B 24 1.20 -3.24 -10.04
N LYS B 25 0.04 -3.83 -9.93
CA LYS B 25 -0.58 -4.04 -8.59
C LYS B 25 0.20 -5.09 -7.82
N LEU B 26 0.38 -6.25 -8.40
CA LEU B 26 1.12 -7.33 -7.69
C LEU B 26 2.55 -6.83 -7.42
N LYS B 27 3.17 -6.20 -8.37
CA LYS B 27 4.54 -5.67 -8.12
C LYS B 27 4.45 -4.68 -6.97
N LEU B 28 3.33 -4.02 -6.83
CA LEU B 28 3.17 -3.05 -5.72
C LEU B 28 3.35 -3.79 -4.39
N TYR B 29 2.43 -4.66 -4.05
CA TYR B 29 2.57 -5.40 -2.77
C TYR B 29 3.95 -6.06 -2.71
N ARG B 30 4.41 -6.60 -3.80
CA ARG B 30 5.74 -7.26 -3.80
C ARG B 30 6.84 -6.24 -3.58
N SER B 31 6.69 -5.05 -4.09
CA SER B 31 7.73 -4.01 -3.91
C SER B 31 7.93 -3.77 -2.41
N LEU B 32 6.96 -4.09 -1.60
CA LEU B 32 7.11 -3.86 -0.13
C LEU B 32 7.86 -5.04 0.49
N GLY B 33 8.20 -6.04 -0.27
CA GLY B 33 8.92 -7.19 0.31
C GLY B 33 7.90 -8.22 0.83
N VAL B 34 6.73 -8.28 0.21
CA VAL B 34 5.67 -9.27 0.64
C VAL B 34 5.52 -10.35 -0.42
N ILE B 35 5.39 -11.58 0.00
CA ILE B 35 5.20 -12.71 -0.97
C ILE B 35 3.97 -13.51 -0.53
N LEU B 36 2.80 -13.05 -0.87
CA LEU B 36 1.56 -13.74 -0.44
C LEU B 36 1.46 -15.13 -1.08
N ASP B 37 0.93 -16.08 -0.36
CA ASP B 37 0.77 -17.45 -0.90
C ASP B 37 -0.54 -18.06 -0.40
N LEU B 38 -1.47 -18.28 -1.30
CA LEU B 38 -2.78 -18.86 -0.89
C LEU B 38 -2.71 -20.38 -0.97
N GLU B 39 -1.53 -20.90 -1.07
CA GLU B 39 -1.36 -22.38 -1.15
C GLU B 39 -1.52 -22.97 0.24
N ASN B 40 -1.85 -22.13 1.17
CA ASN B 40 -2.05 -22.58 2.58
C ASN B 40 -2.52 -21.39 3.43
N ASP B 41 -3.14 -20.40 2.83
CA ASP B 41 -3.61 -19.23 3.62
C ASP B 41 -2.47 -18.67 4.46
N GLN B 42 -1.37 -18.31 3.84
CA GLN B 42 -0.23 -17.74 4.63
C GLN B 42 0.40 -16.60 3.85
N VAL B 43 1.01 -15.67 4.55
CA VAL B 43 1.69 -14.52 3.88
C VAL B 43 3.18 -14.63 4.15
N LEU B 44 4.01 -14.52 3.15
CA LEU B 44 5.48 -14.61 3.39
C LEU B 44 6.04 -13.20 3.33
N ILE B 45 7.15 -12.95 3.96
CA ILE B 45 7.70 -11.56 3.93
C ILE B 45 9.22 -11.56 4.02
N ASN B 46 9.80 -10.44 3.71
CA ASN B 46 11.28 -10.28 3.76
C ASN B 46 11.61 -9.15 4.75
N ARG B 47 12.14 -9.49 5.89
CA ARG B 47 12.50 -8.45 6.92
C ARG B 47 14.01 -8.26 6.94
N LYS B 48 14.47 -7.07 7.24
CA LYS B 48 15.93 -6.81 7.29
C LYS B 48 16.47 -7.11 8.69
N ASN B 49 17.77 -7.21 8.83
CA ASN B 49 18.36 -7.49 10.17
C ASN B 49 18.23 -8.99 10.49
N ASP B 50 18.25 -9.34 11.75
CA ASP B 50 18.15 -10.78 12.11
C ASP B 50 16.74 -11.29 11.80
N GLY B 51 16.17 -10.85 10.72
CA GLY B 51 14.81 -11.30 10.34
C GLY B 51 14.92 -12.41 9.28
N ASN B 52 15.66 -12.16 8.23
CA ASN B 52 15.85 -13.18 7.16
C ASN B 52 14.52 -13.88 6.85
N ILE B 53 13.84 -13.45 5.81
CA ILE B 53 12.52 -14.05 5.40
C ILE B 53 11.63 -14.37 6.60
N ASP B 54 10.50 -13.71 6.70
CA ASP B 54 9.56 -13.98 7.80
C ASP B 54 8.30 -14.62 7.22
N ILE B 55 7.60 -15.41 7.99
CA ILE B 55 6.37 -16.06 7.47
C ILE B 55 5.22 -15.79 8.43
N LEU B 56 4.04 -15.52 7.91
CA LEU B 56 2.88 -15.24 8.79
C LEU B 56 1.66 -16.10 8.36
N PRO B 57 1.41 -17.20 9.03
CA PRO B 57 0.26 -18.09 8.69
C PRO B 57 -1.06 -17.56 9.24
N LEU B 58 -2.15 -17.78 8.55
CA LEU B 58 -3.47 -17.29 9.04
C LEU B 58 -4.09 -18.34 9.96
N ASP B 59 -4.47 -17.96 11.15
CA ASP B 59 -5.09 -18.94 12.08
C ASP B 59 -5.91 -18.21 13.14
N ASN B 60 -7.21 -18.25 13.03
CA ASN B 60 -8.07 -17.57 14.04
C ASN B 60 -7.63 -16.11 14.19
N ASN B 61 -7.44 -15.42 13.10
CA ASN B 61 -7.01 -14.00 13.17
C ASN B 61 -8.19 -13.14 13.65
N LEU B 62 -7.98 -12.31 14.63
CA LEU B 62 -9.09 -11.46 15.14
C LEU B 62 -9.08 -10.12 14.39
N SER B 63 -7.94 -9.69 13.92
CA SER B 63 -7.87 -8.40 13.18
C SER B 63 -6.83 -8.50 12.07
N ASP B 64 -7.22 -8.98 10.92
CA ASP B 64 -6.24 -9.11 9.80
C ASP B 64 -5.78 -7.72 9.35
N PHE B 65 -6.63 -6.74 9.44
CA PHE B 65 -6.23 -5.37 9.01
C PHE B 65 -5.05 -4.88 9.87
N TYR B 66 -5.14 -5.03 11.16
CA TYR B 66 -4.02 -4.56 12.04
C TYR B 66 -2.79 -5.45 11.79
N LYS B 67 -3.01 -6.72 11.55
CA LYS B 67 -1.85 -7.62 11.31
C LYS B 67 -1.10 -7.17 10.06
N THR B 68 -1.80 -6.96 8.98
CA THR B 68 -1.11 -6.49 7.73
C THR B 68 -0.41 -5.16 8.02
N LYS B 69 -0.99 -4.34 8.83
CA LYS B 69 -0.34 -3.04 9.15
C LYS B 69 0.89 -3.30 10.03
N TYR B 70 0.85 -4.32 10.84
CA TYR B 70 2.02 -4.62 11.71
C TYR B 70 3.18 -5.13 10.88
N ILE B 71 2.98 -6.14 10.08
CA ILE B 71 4.11 -6.66 9.26
C ILE B 71 4.59 -5.59 8.30
N TRP B 72 3.72 -4.73 7.89
CA TRP B 72 4.13 -3.69 6.92
C TRP B 72 4.91 -2.59 7.63
N GLU B 73 4.59 -2.31 8.86
CA GLU B 73 5.36 -1.27 9.60
C GLU B 73 6.77 -1.80 9.84
N ARG B 74 6.89 -3.08 10.11
CA ARG B 74 8.25 -3.67 10.32
C ARG B 74 8.97 -3.74 8.98
N LEU B 75 8.27 -4.09 7.94
CA LEU B 75 8.91 -4.15 6.59
C LEU B 75 9.67 -2.85 6.38
N GLY B 76 9.03 -1.75 6.66
CA GLY B 76 9.70 -0.43 6.48
C GLY B 76 10.98 -0.38 7.32
N LYS B 77 11.30 -1.45 8.02
CA LYS B 77 12.54 -1.44 8.84
C LYS B 77 13.15 -2.84 8.86
#